data_4QSM
#
_entry.id   4QSM
#
_cell.length_a   147.310
_cell.length_b   147.310
_cell.length_c   334.490
_cell.angle_alpha   90.00
_cell.angle_beta   90.00
_cell.angle_gamma   120.00
#
_symmetry.space_group_name_H-M   'P 31 2 1'
#
loop_
_entity.id
_entity.type
_entity.pdbx_description
1 polymer 'L-lactate dehydrogenase A chain'
2 non-polymer '3-{[7-(2,4-dimethoxypyrimidin-5-yl)-3-sulfamoylquinolin-4-yl]amino}benzoic acid'
3 water water
#
_entity_poly.entity_id   1
_entity_poly.type   'polypeptide(L)'
_entity_poly.pdbx_seq_one_letter_code
;ATLKDQLIYNLLKEEQTPQNKITVVGVGAVGMACAISILMKDLADELALVDVIEDKLKGEMMDLQHGSLFLRTPKIVSGK
DYNVTANSKLVIITAGARQQEGESRLNLVQRNVNIFKFIIPNVVKYSPNCKLLIVSNPVDILTYVAWKISGFPKNRVIGS
GCNLDSARFRYLMGERLGVHPLSCHGWVLGEHGDSSVPVWSGMNVAGVSLKTLHPDLGTDKDKEQWKEVHKQVVESAYEV
IKLKGYTSWAIGLSVADLAESIMKNLRRVHPVSTMIKGLYGIKDDVFLSVPCILGQNGISDLVKVTLTSEEEARLKKSAD
TLWGIQKELQFHHHHHH
;
_entity_poly.pdbx_strand_id   A,B,C,D,E,F,G,H
#
# COMPACT_ATOMS: atom_id res chain seq x y z
N ALA A 1 13.82 -49.57 -29.93
CA ALA A 1 13.98 -48.09 -29.84
C ALA A 1 13.40 -47.71 -28.49
N THR A 2 13.08 -46.42 -28.34
CA THR A 2 12.58 -45.87 -27.09
C THR A 2 11.13 -46.31 -26.78
N LEU A 3 10.61 -45.85 -25.64
CA LEU A 3 9.24 -46.12 -25.23
C LEU A 3 8.28 -45.49 -26.22
N LYS A 4 8.48 -44.21 -26.52
CA LYS A 4 7.65 -43.49 -27.48
C LYS A 4 7.51 -44.27 -28.79
N ASP A 5 8.63 -44.79 -29.30
CA ASP A 5 8.66 -45.48 -30.58
C ASP A 5 8.03 -46.87 -30.50
N GLN A 6 8.14 -47.53 -29.35
CA GLN A 6 7.47 -48.82 -29.11
C GLN A 6 5.96 -48.69 -29.02
N LEU A 7 5.50 -47.62 -28.37
CA LEU A 7 4.09 -47.37 -28.13
C LEU A 7 3.37 -46.94 -29.39
N ILE A 8 3.97 -45.93 -30.02
CA ILE A 8 3.35 -45.15 -31.07
C ILE A 8 4.07 -45.38 -32.38
N TYR A 9 3.38 -45.86 -33.41
CA TYR A 9 3.91 -45.94 -34.77
C TYR A 9 3.52 -44.63 -35.49
N ASN A 10 4.47 -44.06 -36.23
CA ASN A 10 4.29 -42.75 -36.89
C ASN A 10 4.05 -42.87 -38.39
N LEU A 11 2.92 -42.36 -38.87
CA LEU A 11 2.57 -42.37 -40.29
C LEU A 11 3.17 -41.19 -41.02
N LEU A 12 3.57 -40.15 -40.29
CA LEU A 12 3.65 -38.83 -40.90
C LEU A 12 4.39 -37.82 -39.98
N LYS A 13 5.56 -37.31 -40.37
CA LYS A 13 6.21 -36.22 -39.61
C LYS A 13 5.77 -34.91 -40.24
N GLU A 14 5.45 -33.94 -39.41
CA GLU A 14 4.38 -33.00 -39.74
C GLU A 14 4.78 -31.56 -39.96
N GLU A 15 4.27 -31.00 -41.05
CA GLU A 15 4.60 -29.66 -41.51
C GLU A 15 4.57 -28.58 -40.41
N GLN A 16 3.63 -28.69 -39.46
CA GLN A 16 3.20 -27.62 -38.50
C GLN A 16 2.16 -26.71 -39.17
N THR A 17 2.43 -25.41 -39.25
CA THR A 17 1.43 -24.39 -39.68
C THR A 17 0.13 -24.47 -38.86
N PRO A 18 0.01 -23.61 -37.82
CA PRO A 18 -1.17 -23.66 -36.98
C PRO A 18 -2.29 -22.93 -37.66
N GLN A 19 -3.50 -23.42 -37.56
CA GLN A 19 -4.59 -22.83 -38.35
C GLN A 19 -5.31 -21.66 -37.68
N ASN A 20 -5.40 -21.65 -36.36
CA ASN A 20 -6.13 -20.60 -35.67
C ASN A 20 -5.30 -20.08 -34.55
N LYS A 21 -4.19 -19.46 -34.92
CA LYS A 21 -3.23 -18.97 -33.93
C LYS A 21 -3.50 -17.53 -33.58
N ILE A 22 -3.39 -17.28 -32.27
CA ILE A 22 -3.53 -15.98 -31.65
C ILE A 22 -2.28 -15.70 -30.84
N THR A 23 -1.78 -14.48 -30.96
CA THR A 23 -0.62 -14.01 -30.19
C THR A 23 -1.06 -12.85 -29.29
N VAL A 24 -0.64 -12.90 -28.03
CA VAL A 24 -0.88 -11.79 -27.08
C VAL A 24 0.47 -11.15 -26.78
N VAL A 25 0.58 -9.86 -27.08
CA VAL A 25 1.79 -9.11 -26.77
C VAL A 25 1.64 -8.38 -25.44
N GLY A 26 2.52 -8.71 -24.50
CA GLY A 26 2.53 -8.09 -23.19
C GLY A 26 1.81 -9.02 -22.26
N VAL A 27 2.49 -9.47 -21.20
CA VAL A 27 1.92 -10.41 -20.23
C VAL A 27 1.72 -9.79 -18.86
N GLY A 28 1.19 -8.58 -18.82
CA GLY A 28 0.81 -8.00 -17.56
C GLY A 28 -0.53 -8.54 -17.19
N ALA A 29 -1.23 -7.89 -16.27
CA ALA A 29 -2.53 -8.35 -15.85
C ALA A 29 -3.53 -8.32 -17.01
N VAL A 30 -3.45 -7.30 -17.85
CA VAL A 30 -4.37 -7.18 -18.98
C VAL A 30 -4.09 -8.29 -19.99
N GLY A 31 -2.81 -8.53 -20.27
CA GLY A 31 -2.42 -9.56 -21.23
C GLY A 31 -2.81 -10.96 -20.78
N MET A 32 -2.51 -11.30 -19.53
CA MET A 32 -2.86 -12.61 -19.03
C MET A 32 -4.38 -12.77 -18.91
N ALA A 33 -5.08 -11.72 -18.54
CA ALA A 33 -6.52 -11.79 -18.50
C ALA A 33 -7.06 -12.05 -19.91
N CYS A 34 -6.53 -11.34 -20.91
CA CYS A 34 -6.89 -11.67 -22.29
C CYS A 34 -6.54 -13.13 -22.62
N ALA A 35 -5.36 -13.58 -22.20
CA ALA A 35 -4.94 -14.94 -22.51
C ALA A 35 -5.85 -15.96 -21.83
N ILE A 36 -6.08 -15.85 -20.53
CA ILE A 36 -6.86 -16.88 -19.87
C ILE A 36 -8.24 -16.91 -20.46
N SER A 37 -8.83 -15.75 -20.76
CA SER A 37 -10.20 -15.71 -21.30
C SER A 37 -10.25 -16.34 -22.67
N ILE A 38 -9.27 -16.08 -23.51
CA ILE A 38 -9.19 -16.73 -24.83
C ILE A 38 -9.08 -18.27 -24.71
N LEU A 39 -8.24 -18.74 -23.79
CA LEU A 39 -8.00 -20.16 -23.63
C LEU A 39 -9.25 -20.87 -23.23
N MET A 40 -10.01 -20.27 -22.34
CA MET A 40 -11.28 -20.84 -21.88
C MET A 40 -12.46 -20.64 -22.80
N LYS A 41 -12.32 -19.99 -23.95
CA LYS A 41 -13.40 -19.94 -24.93
C LYS A 41 -13.05 -20.71 -26.18
N ASP A 42 -12.04 -21.57 -26.05
CA ASP A 42 -11.60 -22.49 -27.09
C ASP A 42 -11.53 -21.77 -28.43
N LEU A 43 -10.82 -20.63 -28.51
CA LEU A 43 -10.81 -19.79 -29.73
C LEU A 43 -9.56 -19.99 -30.59
N ALA A 44 -8.56 -20.65 -30.04
CA ALA A 44 -7.29 -20.77 -30.74
C ALA A 44 -6.68 -22.15 -30.58
N ASP A 45 -5.94 -22.60 -31.59
CA ASP A 45 -5.18 -23.86 -31.52
C ASP A 45 -3.70 -23.66 -31.15
N GLU A 46 -3.27 -22.40 -31.20
CA GLU A 46 -1.99 -22.01 -30.68
C GLU A 46 -2.08 -20.61 -30.07
N LEU A 47 -1.58 -20.50 -28.84
CA LEU A 47 -1.43 -19.22 -28.18
C LEU A 47 0.05 -18.92 -28.05
N ALA A 48 0.44 -17.71 -28.46
CA ALA A 48 1.82 -17.20 -28.30
C ALA A 48 1.83 -15.94 -27.45
N LEU A 49 2.68 -15.94 -26.43
CA LEU A 49 2.89 -14.78 -25.58
C LEU A 49 4.25 -14.15 -25.90
N VAL A 50 4.31 -12.81 -25.89
CA VAL A 50 5.56 -12.06 -26.13
C VAL A 50 5.70 -10.87 -25.17
N ASP A 51 6.81 -10.80 -24.45
CA ASP A 51 7.13 -9.65 -23.60
C ASP A 51 8.65 -9.42 -23.72
N VAL A 52 9.18 -8.42 -23.02
CA VAL A 52 10.64 -8.24 -22.94
C VAL A 52 11.20 -8.79 -21.64
N ILE A 53 10.33 -8.94 -20.64
CA ILE A 53 10.72 -9.41 -19.32
C ILE A 53 10.72 -10.93 -19.35
N GLU A 54 11.91 -11.53 -19.43
CA GLU A 54 12.02 -12.94 -19.78
C GLU A 54 11.51 -13.94 -18.74
N ASP A 55 11.86 -13.74 -17.47
CA ASP A 55 11.45 -14.65 -16.40
C ASP A 55 9.91 -14.74 -16.25
N LYS A 56 9.29 -13.57 -16.21
CA LYS A 56 7.84 -13.40 -16.16
C LYS A 56 7.10 -14.17 -17.27
N LEU A 57 7.57 -13.94 -18.48
CA LEU A 57 7.03 -14.53 -19.70
C LEU A 57 7.11 -16.06 -19.67
N LYS A 58 8.23 -16.59 -19.22
CA LYS A 58 8.39 -18.05 -19.12
C LYS A 58 7.55 -18.66 -17.99
N GLY A 59 7.50 -17.99 -16.85
CA GLY A 59 6.67 -18.45 -15.73
C GLY A 59 5.17 -18.50 -16.06
N GLU A 60 4.67 -17.52 -16.82
CA GLU A 60 3.26 -17.48 -17.18
C GLU A 60 2.97 -18.58 -18.21
N MET A 61 3.88 -18.71 -19.16
CA MET A 61 3.75 -19.75 -20.16
C MET A 61 3.73 -21.12 -19.51
N MET A 62 4.58 -21.36 -18.54
CA MET A 62 4.60 -22.68 -17.88
C MET A 62 3.31 -22.91 -17.10
N ASP A 63 2.87 -21.89 -16.37
CA ASP A 63 1.65 -21.95 -15.55
C ASP A 63 0.47 -22.30 -16.46
N LEU A 64 0.33 -21.61 -17.59
CA LEU A 64 -0.74 -21.94 -18.53
C LEU A 64 -0.62 -23.39 -19.03
N GLN A 65 0.58 -23.76 -19.51
CA GLN A 65 0.87 -25.14 -19.94
C GLN A 65 0.38 -26.21 -18.91
N HIS A 66 0.52 -25.92 -17.61
CA HIS A 66 0.22 -26.94 -16.62
C HIS A 66 -1.27 -27.17 -16.46
N GLY A 67 -2.08 -26.26 -17.00
CA GLY A 67 -3.52 -26.46 -17.07
C GLY A 67 -3.96 -27.02 -18.41
N SER A 68 -3.02 -27.40 -19.27
CA SER A 68 -3.33 -27.96 -20.57
C SER A 68 -4.45 -29.02 -20.56
N LEU A 69 -4.44 -29.88 -19.55
CA LEU A 69 -5.43 -30.96 -19.39
C LEU A 69 -6.87 -30.48 -19.22
N PHE A 70 -7.06 -29.24 -18.83
CA PHE A 70 -8.38 -28.64 -18.70
C PHE A 70 -8.74 -27.68 -19.84
N LEU A 71 -7.93 -27.66 -20.89
CA LEU A 71 -8.11 -26.76 -21.99
C LEU A 71 -8.07 -27.57 -23.28
N ARG A 72 -8.17 -26.83 -24.37
CA ARG A 72 -8.32 -27.35 -25.72
C ARG A 72 -7.45 -26.57 -26.69
N THR A 73 -6.42 -25.91 -26.18
CA THR A 73 -5.47 -25.20 -27.01
C THR A 73 -4.16 -25.99 -26.93
N PRO A 74 -3.92 -26.90 -27.90
CA PRO A 74 -2.83 -27.84 -27.70
C PRO A 74 -1.46 -27.19 -27.59
N LYS A 75 -1.20 -26.09 -28.30
CA LYS A 75 0.12 -25.47 -28.29
C LYS A 75 0.10 -24.06 -27.69
N ILE A 76 0.93 -23.86 -26.66
CA ILE A 76 1.09 -22.56 -25.98
C ILE A 76 2.57 -22.23 -25.99
N VAL A 77 2.98 -21.14 -26.64
CA VAL A 77 4.41 -20.80 -26.70
C VAL A 77 4.70 -19.37 -26.22
N SER A 78 5.96 -19.08 -25.90
CA SER A 78 6.38 -17.72 -25.64
C SER A 78 7.84 -17.46 -25.96
N GLY A 79 8.24 -16.21 -25.87
CA GLY A 79 9.58 -15.85 -26.24
C GLY A 79 9.72 -14.36 -26.39
N LYS A 80 10.95 -13.92 -26.17
CA LYS A 80 11.41 -12.57 -26.40
C LYS A 80 11.31 -12.25 -27.91
N ASP A 81 11.50 -13.28 -28.73
CA ASP A 81 11.60 -13.16 -30.19
C ASP A 81 10.27 -13.33 -30.91
N TYR A 82 9.95 -12.41 -31.81
CA TYR A 82 8.65 -12.45 -32.48
C TYR A 82 8.50 -13.62 -33.44
N ASN A 83 9.58 -14.38 -33.66
CA ASN A 83 9.46 -15.63 -34.42
C ASN A 83 8.47 -16.64 -33.77
N VAL A 84 8.17 -16.50 -32.47
CA VAL A 84 7.15 -17.36 -31.85
C VAL A 84 5.71 -16.96 -32.26
N THR A 85 5.60 -15.85 -32.98
CA THR A 85 4.31 -15.27 -33.32
C THR A 85 3.96 -15.52 -34.78
N ALA A 86 4.79 -16.27 -35.50
CA ALA A 86 4.57 -16.50 -36.95
C ALA A 86 3.18 -17.12 -37.21
N ASN A 87 2.56 -16.68 -38.32
CA ASN A 87 1.26 -17.22 -38.79
C ASN A 87 0.12 -17.04 -37.79
N SER A 88 0.12 -15.91 -37.11
CA SER A 88 -0.97 -15.55 -36.26
C SER A 88 -2.14 -15.04 -37.09
N LYS A 89 -3.34 -15.29 -36.61
CA LYS A 89 -4.49 -14.73 -37.29
C LYS A 89 -4.83 -13.42 -36.62
N LEU A 90 -4.58 -13.36 -35.32
CA LEU A 90 -4.90 -12.21 -34.53
C LEU A 90 -3.76 -11.96 -33.57
N VAL A 91 -3.23 -10.74 -33.57
CA VAL A 91 -2.17 -10.37 -32.64
C VAL A 91 -2.74 -9.23 -31.85
N ILE A 92 -2.79 -9.44 -30.55
CA ILE A 92 -3.43 -8.54 -29.60
C ILE A 92 -2.32 -7.85 -28.82
N ILE A 93 -2.20 -6.54 -28.99
CA ILE A 93 -1.14 -5.75 -28.37
C ILE A 93 -1.64 -5.16 -27.06
N THR A 94 -0.96 -5.51 -25.95
CA THR A 94 -1.22 -4.88 -24.65
C THR A 94 -0.05 -4.06 -24.17
N ALA A 95 1.07 -4.15 -24.87
CA ALA A 95 2.32 -3.54 -24.45
C ALA A 95 2.20 -2.06 -24.45
N GLY A 96 2.95 -1.42 -23.56
CA GLY A 96 3.03 0.01 -23.55
C GLY A 96 3.97 0.54 -22.49
N ALA A 97 4.14 1.85 -22.47
CA ALA A 97 5.04 2.51 -21.53
C ALA A 97 4.42 2.70 -20.15
N ARG A 98 5.22 2.52 -19.10
CA ARG A 98 4.78 2.81 -17.72
C ARG A 98 4.86 4.29 -17.53
N GLN A 99 3.83 4.87 -16.92
CA GLN A 99 3.70 6.32 -16.69
C GLN A 99 4.69 6.78 -15.66
N GLN A 100 5.21 7.98 -15.88
CA GLN A 100 6.22 8.53 -15.03
C GLN A 100 5.62 9.80 -14.45
N GLU A 101 5.64 9.97 -13.14
CA GLU A 101 5.11 11.17 -12.56
C GLU A 101 5.72 12.46 -13.12
N GLY A 102 4.86 13.36 -13.60
CA GLY A 102 5.24 14.71 -14.00
C GLY A 102 5.54 14.81 -15.46
N GLU A 103 5.36 13.72 -16.18
CA GLU A 103 5.58 13.64 -17.62
C GLU A 103 4.34 14.14 -18.34
N SER A 104 4.52 14.91 -19.40
CA SER A 104 3.40 15.37 -20.22
C SER A 104 2.72 14.22 -20.94
N ARG A 105 1.46 14.44 -21.31
CA ARG A 105 0.67 13.45 -22.03
C ARG A 105 1.30 13.16 -23.40
N LEU A 106 2.02 14.12 -23.95
CA LEU A 106 2.62 13.93 -25.25
C LEU A 106 3.80 12.95 -25.16
N ASN A 107 4.71 13.17 -24.23
CA ASN A 107 5.87 12.28 -24.09
C ASN A 107 5.46 10.85 -23.76
N LEU A 108 4.38 10.69 -23.02
CA LEU A 108 3.86 9.37 -22.75
C LEU A 108 3.48 8.68 -24.06
N VAL A 109 2.72 9.38 -24.87
CA VAL A 109 2.29 8.84 -26.15
C VAL A 109 3.56 8.52 -26.98
N GLN A 110 4.51 9.46 -27.03
CA GLN A 110 5.67 9.24 -27.86
C GLN A 110 6.45 7.97 -27.46
N ARG A 111 6.56 7.74 -26.15
CA ARG A 111 7.33 6.62 -25.62
C ARG A 111 6.62 5.37 -26.03
N ASN A 112 5.29 5.42 -25.99
CA ASN A 112 4.47 4.30 -26.52
C ASN A 112 4.72 4.10 -28.02
N VAL A 113 4.81 5.19 -28.76
CA VAL A 113 5.15 5.10 -30.18
C VAL A 113 6.55 4.49 -30.42
N ASN A 114 7.54 4.83 -29.60
CA ASN A 114 8.87 4.26 -29.80
C ASN A 114 8.86 2.77 -29.55
N ILE A 115 7.93 2.31 -28.72
CA ILE A 115 7.79 0.88 -28.46
C ILE A 115 7.15 0.26 -29.69
N PHE A 116 6.04 0.82 -30.13
CA PHE A 116 5.32 0.28 -31.27
C PHE A 116 6.20 0.23 -32.51
N LYS A 117 7.10 1.20 -32.62
CA LYS A 117 8.09 1.24 -33.70
C LYS A 117 8.95 0.00 -33.74
N PHE A 118 9.14 -0.64 -32.60
CA PHE A 118 9.88 -1.90 -32.54
C PHE A 118 8.92 -3.09 -32.66
N ILE A 119 7.79 -3.03 -31.96
CA ILE A 119 6.87 -4.16 -31.89
C ILE A 119 6.13 -4.39 -33.22
N ILE A 120 5.41 -3.38 -33.69
CA ILE A 120 4.55 -3.53 -34.88
C ILE A 120 5.25 -4.13 -36.11
N PRO A 121 6.43 -3.64 -36.50
CA PRO A 121 7.08 -4.24 -37.68
C PRO A 121 7.54 -5.69 -37.45
N ASN A 122 7.91 -6.04 -36.24
CA ASN A 122 8.08 -7.45 -35.92
C ASN A 122 6.79 -8.27 -36.05
N VAL A 123 5.68 -7.76 -35.53
CA VAL A 123 4.40 -8.48 -35.69
C VAL A 123 4.09 -8.71 -37.17
N VAL A 124 4.30 -7.72 -38.05
CA VAL A 124 4.02 -7.92 -39.48
C VAL A 124 5.10 -8.73 -40.17
N LYS A 125 6.33 -8.63 -39.72
CA LYS A 125 7.41 -9.43 -40.30
C LYS A 125 6.91 -10.86 -40.37
N TYR A 126 6.51 -11.38 -39.22
CA TYR A 126 6.07 -12.78 -39.06
C TYR A 126 4.57 -13.12 -39.23
N SER A 127 3.70 -12.14 -39.41
CA SER A 127 2.26 -12.44 -39.60
C SER A 127 1.69 -11.34 -40.46
N PRO A 128 2.19 -11.28 -41.71
CA PRO A 128 1.80 -10.26 -42.67
C PRO A 128 0.30 -10.19 -42.91
N ASN A 129 -0.44 -11.28 -42.65
CA ASN A 129 -1.88 -11.27 -42.87
C ASN A 129 -2.73 -11.25 -41.62
N CYS A 130 -2.13 -10.98 -40.48
CA CYS A 130 -2.89 -10.99 -39.24
C CYS A 130 -3.78 -9.76 -39.18
N LYS A 131 -4.70 -9.80 -38.22
CA LYS A 131 -5.43 -8.64 -37.79
C LYS A 131 -4.78 -8.17 -36.53
N LEU A 132 -4.70 -6.84 -36.35
CA LEU A 132 -4.17 -6.29 -35.10
C LEU A 132 -5.33 -5.81 -34.25
N LEU A 133 -5.28 -6.16 -32.98
CA LEU A 133 -6.20 -5.65 -32.03
C LEU A 133 -5.34 -4.94 -31.03
N ILE A 134 -5.44 -3.63 -30.99
CA ILE A 134 -4.75 -2.79 -30.04
C ILE A 134 -5.60 -2.55 -28.77
N VAL A 135 -4.99 -2.75 -27.61
CA VAL A 135 -5.63 -2.51 -26.31
C VAL A 135 -4.90 -1.40 -25.50
N SER A 136 -3.59 -1.32 -25.76
CA SER A 136 -2.72 -0.36 -25.12
C SER A 136 -3.35 1.02 -25.13
N ASN A 137 -3.08 1.79 -24.09
CA ASN A 137 -3.63 3.13 -23.94
C ASN A 137 -2.61 4.22 -24.18
N PRO A 138 -3.04 5.35 -24.77
CA PRO A 138 -4.40 5.66 -25.25
C PRO A 138 -4.80 4.87 -26.51
N VAL A 139 -5.88 4.10 -26.42
CA VAL A 139 -6.21 3.18 -27.50
C VAL A 139 -6.49 3.83 -28.87
N ASP A 140 -7.22 4.95 -28.94
CA ASP A 140 -7.54 5.46 -30.28
C ASP A 140 -6.26 5.98 -30.97
N ILE A 141 -5.40 6.65 -30.21
CA ILE A 141 -4.14 7.16 -30.75
C ILE A 141 -3.19 6.02 -31.11
N LEU A 142 -3.07 5.05 -30.23
CA LEU A 142 -2.16 3.94 -30.47
C LEU A 142 -2.67 2.99 -31.53
N THR A 143 -3.94 3.11 -31.91
CA THR A 143 -4.43 2.33 -33.04
C THR A 143 -3.94 2.98 -34.32
N TYR A 144 -4.17 4.29 -34.45
CA TYR A 144 -3.60 5.08 -35.54
C TYR A 144 -2.11 4.77 -35.74
N VAL A 145 -1.37 4.80 -34.62
CA VAL A 145 0.06 4.49 -34.64
C VAL A 145 0.39 3.12 -35.24
N ALA A 146 -0.34 2.09 -34.84
CA ALA A 146 -0.09 0.73 -35.36
C ALA A 146 -0.47 0.66 -36.81
N TRP A 147 -1.58 1.30 -37.14
CA TRP A 147 -2.02 1.48 -38.52
C TRP A 147 -0.90 2.04 -39.39
N LYS A 148 -0.29 3.14 -38.95
CA LYS A 148 0.75 3.82 -39.72
C LYS A 148 1.97 2.94 -39.85
N ILE A 149 2.40 2.37 -38.75
CA ILE A 149 3.65 1.63 -38.76
C ILE A 149 3.54 0.35 -39.58
N SER A 150 2.49 -0.44 -39.33
CA SER A 150 2.24 -1.72 -40.03
C SER A 150 2.11 -1.60 -41.55
N GLY A 151 1.45 -0.55 -42.01
CA GLY A 151 1.07 -0.44 -43.41
C GLY A 151 -0.10 -1.33 -43.77
N PHE A 152 -0.71 -1.97 -42.78
CA PHE A 152 -1.91 -2.77 -43.04
C PHE A 152 -3.05 -1.87 -43.47
N PRO A 153 -3.99 -2.42 -44.27
CA PRO A 153 -5.22 -1.70 -44.52
C PRO A 153 -6.06 -1.63 -43.26
N LYS A 154 -7.01 -0.72 -43.27
CA LYS A 154 -7.64 -0.25 -42.05
C LYS A 154 -8.58 -1.25 -41.46
N ASN A 155 -9.11 -2.11 -42.31
CA ASN A 155 -9.97 -3.18 -41.84
C ASN A 155 -9.24 -4.13 -40.88
N ARG A 156 -7.91 -4.27 -41.04
CA ARG A 156 -7.10 -5.20 -40.23
C ARG A 156 -6.35 -4.56 -39.07
N VAL A 157 -6.71 -3.33 -38.71
CA VAL A 157 -6.17 -2.68 -37.52
C VAL A 157 -7.33 -2.09 -36.74
N ILE A 158 -7.57 -2.66 -35.57
CA ILE A 158 -8.76 -2.41 -34.74
C ILE A 158 -8.32 -2.04 -33.33
N GLY A 159 -8.91 -1.02 -32.75
CA GLY A 159 -8.67 -0.69 -31.35
C GLY A 159 -9.83 -1.20 -30.53
N SER A 160 -9.55 -1.71 -29.34
CA SER A 160 -10.63 -2.15 -28.44
C SER A 160 -11.60 -1.01 -28.12
N GLY A 161 -11.19 0.21 -28.41
CA GLY A 161 -12.10 1.35 -28.44
C GLY A 161 -12.95 1.41 -27.19
N CYS A 162 -14.23 1.75 -27.39
CA CYS A 162 -15.23 1.81 -26.33
C CYS A 162 -16.02 0.51 -26.24
N ASN A 163 -15.40 -0.60 -26.59
CA ASN A 163 -16.03 -1.91 -26.40
C ASN A 163 -16.39 -2.17 -24.93
N LEU A 164 -15.43 -2.11 -24.02
CA LEU A 164 -15.71 -2.37 -22.62
C LEU A 164 -16.54 -1.23 -22.04
N ASP A 165 -16.33 -0.01 -22.54
CA ASP A 165 -17.11 1.13 -22.06
C ASP A 165 -18.56 0.77 -22.14
N SER A 166 -18.96 0.24 -23.30
CA SER A 166 -20.36 -0.11 -23.57
C SER A 166 -20.82 -1.36 -22.78
N ALA A 167 -19.94 -2.32 -22.57
CA ALA A 167 -20.22 -3.37 -21.59
C ALA A 167 -20.51 -2.83 -20.21
N ARG A 168 -19.70 -1.89 -19.73
CA ARG A 168 -19.92 -1.38 -18.40
C ARG A 168 -21.23 -0.63 -18.37
N PHE A 169 -21.48 0.14 -19.44
CA PHE A 169 -22.69 0.94 -19.58
C PHE A 169 -23.90 0.05 -19.53
N ARG A 170 -23.78 -1.10 -20.15
CA ARG A 170 -24.87 -2.03 -20.21
C ARG A 170 -25.09 -2.69 -18.87
N TYR A 171 -24.00 -3.10 -18.21
CA TYR A 171 -24.04 -3.60 -16.84
C TYR A 171 -24.78 -2.62 -15.93
N LEU A 172 -24.42 -1.35 -15.99
CA LEU A 172 -25.02 -0.36 -15.09
C LEU A 172 -26.50 -0.18 -15.38
N MET A 173 -26.82 -0.09 -16.66
CA MET A 173 -28.19 0.02 -17.14
C MET A 173 -29.01 -1.12 -16.57
N GLY A 174 -28.40 -2.30 -16.66
CA GLY A 174 -28.96 -3.51 -16.08
C GLY A 174 -29.25 -3.46 -14.60
N GLU A 175 -28.34 -2.95 -13.77
CA GLU A 175 -28.66 -2.85 -12.32
C GLU A 175 -29.89 -2.01 -12.10
N ARG A 176 -29.93 -0.87 -12.76
CA ARG A 176 -31.04 0.06 -12.59
C ARG A 176 -32.40 -0.54 -12.98
N LEU A 177 -32.43 -1.21 -14.13
CA LEU A 177 -33.66 -1.79 -14.67
C LEU A 177 -34.07 -3.16 -14.06
N GLY A 178 -33.11 -3.95 -13.61
CA GLY A 178 -33.39 -5.24 -12.99
C GLY A 178 -33.33 -6.36 -14.01
N VAL A 179 -32.39 -6.26 -14.93
CA VAL A 179 -32.39 -6.99 -16.19
C VAL A 179 -30.93 -7.21 -16.57
N HIS A 180 -30.65 -8.39 -17.14
CA HIS A 180 -29.30 -8.76 -17.53
C HIS A 180 -28.72 -7.82 -18.60
N PRO A 181 -27.43 -7.51 -18.50
CA PRO A 181 -26.91 -6.59 -19.50
C PRO A 181 -27.14 -7.05 -20.95
N LEU A 182 -27.38 -8.35 -21.14
CA LEU A 182 -27.70 -8.90 -22.45
C LEU A 182 -28.99 -8.29 -23.01
N SER A 183 -29.94 -7.96 -22.16
CA SER A 183 -31.24 -7.50 -22.65
C SER A 183 -31.44 -5.99 -22.64
N CYS A 184 -30.48 -5.28 -22.03
CA CYS A 184 -30.35 -3.80 -22.04
C CYS A 184 -29.41 -3.39 -23.15
N HIS A 185 -29.76 -2.35 -23.89
CA HIS A 185 -29.04 -1.99 -25.09
C HIS A 185 -28.69 -0.52 -25.10
N GLY A 186 -27.42 -0.25 -25.37
CA GLY A 186 -26.86 1.06 -25.25
C GLY A 186 -25.43 1.10 -25.75
N TRP A 187 -25.14 2.20 -26.41
CA TRP A 187 -23.90 2.39 -27.09
C TRP A 187 -23.17 3.62 -26.56
N VAL A 188 -21.91 3.40 -26.18
CA VAL A 188 -20.96 4.45 -25.91
C VAL A 188 -19.95 4.46 -27.01
N LEU A 189 -19.80 5.62 -27.63
CA LEU A 189 -19.12 5.79 -28.90
C LEU A 189 -18.11 6.93 -28.80
N GLY A 190 -17.20 6.96 -29.75
CA GLY A 190 -16.24 8.06 -29.90
C GLY A 190 -14.89 7.72 -29.30
N GLU A 191 -14.36 8.71 -28.57
CA GLU A 191 -13.04 8.62 -28.01
C GLU A 191 -13.08 7.95 -26.65
N HIS A 192 -12.46 6.77 -26.51
CA HIS A 192 -12.44 6.04 -25.23
C HIS A 192 -11.86 6.82 -24.07
N GLY A 193 -12.68 7.15 -23.07
CA GLY A 193 -12.25 8.01 -21.97
C GLY A 193 -13.20 9.16 -21.75
N ASP A 194 -12.73 10.20 -21.07
CA ASP A 194 -13.62 11.26 -20.55
C ASP A 194 -14.60 11.84 -21.55
N SER A 195 -14.26 11.81 -22.84
CA SER A 195 -15.10 12.45 -23.86
C SER A 195 -16.03 11.51 -24.66
N SER A 196 -16.10 10.23 -24.26
CA SER A 196 -16.94 9.27 -24.94
C SER A 196 -18.39 9.69 -24.90
N VAL A 197 -19.16 9.33 -25.92
CA VAL A 197 -20.54 9.76 -26.06
C VAL A 197 -21.60 8.66 -25.79
N PRO A 198 -22.36 8.76 -24.67
CA PRO A 198 -23.48 7.86 -24.49
C PRO A 198 -24.68 8.27 -25.37
N VAL A 199 -25.05 7.39 -26.28
CA VAL A 199 -26.04 7.71 -27.30
C VAL A 199 -27.39 7.37 -26.74
N TRP A 200 -27.97 8.30 -26.02
CA TRP A 200 -29.24 8.10 -25.33
C TRP A 200 -30.32 7.64 -26.28
N SER A 201 -30.33 8.25 -27.46
CA SER A 201 -31.31 7.97 -28.51
C SER A 201 -31.43 6.50 -28.82
N GLY A 202 -30.36 5.75 -28.72
CA GLY A 202 -30.37 4.31 -28.96
C GLY A 202 -30.57 3.36 -27.79
N MET A 203 -30.62 3.85 -26.58
CA MET A 203 -30.87 2.98 -25.44
C MET A 203 -32.25 2.39 -25.48
N ASN A 204 -32.32 1.07 -25.43
CA ASN A 204 -33.60 0.38 -25.34
C ASN A 204 -33.54 -0.90 -24.52
N VAL A 205 -34.72 -1.40 -24.18
CA VAL A 205 -34.96 -2.78 -23.76
C VAL A 205 -36.09 -3.31 -24.63
N ALA A 206 -35.95 -4.52 -25.16
CA ALA A 206 -36.97 -5.13 -26.03
C ALA A 206 -37.37 -4.26 -27.23
N GLY A 207 -36.48 -3.35 -27.62
CA GLY A 207 -36.75 -2.42 -28.71
C GLY A 207 -37.72 -1.28 -28.38
N VAL A 208 -37.86 -0.97 -27.10
CA VAL A 208 -38.54 0.24 -26.68
C VAL A 208 -37.52 1.29 -26.20
N SER A 209 -37.50 2.41 -26.92
CA SER A 209 -36.65 3.58 -26.67
C SER A 209 -36.90 4.15 -25.29
N LEU A 210 -35.85 4.14 -24.47
CA LEU A 210 -35.91 4.79 -23.17
C LEU A 210 -36.04 6.28 -23.39
N LYS A 211 -35.33 6.83 -24.36
CA LYS A 211 -35.48 8.24 -24.74
C LYS A 211 -36.94 8.69 -25.05
N THR A 212 -37.67 7.98 -25.89
CA THR A 212 -39.08 8.30 -26.17
C THR A 212 -39.91 8.21 -24.86
N LEU A 213 -39.66 7.17 -24.09
CA LEU A 213 -40.42 6.93 -22.85
C LEU A 213 -40.16 7.99 -21.79
N HIS A 214 -38.90 8.43 -21.74
CA HIS A 214 -38.44 9.41 -20.76
C HIS A 214 -37.64 10.51 -21.49
N PRO A 215 -38.35 11.45 -22.17
CA PRO A 215 -37.71 12.47 -23.05
C PRO A 215 -36.48 13.16 -22.42
N ASP A 216 -36.51 13.40 -21.12
CA ASP A 216 -35.39 14.03 -20.40
C ASP A 216 -34.25 13.07 -20.19
N LEU A 217 -34.32 11.87 -20.72
CA LEU A 217 -33.19 10.96 -20.55
C LEU A 217 -31.90 11.65 -21.02
N GLY A 218 -30.92 11.75 -20.11
CA GLY A 218 -29.58 12.22 -20.45
C GLY A 218 -29.35 13.74 -20.42
N THR A 219 -30.34 14.47 -19.91
CA THR A 219 -30.23 15.91 -19.81
C THR A 219 -30.02 16.22 -18.34
N ASP A 220 -29.78 17.49 -18.02
CA ASP A 220 -29.50 17.85 -16.61
C ASP A 220 -30.78 18.02 -15.79
N LYS A 221 -31.90 18.32 -16.44
CA LYS A 221 -33.19 18.30 -15.76
C LYS A 221 -33.79 16.89 -15.61
N ASP A 222 -33.05 15.84 -16.00
CA ASP A 222 -33.47 14.46 -15.79
C ASP A 222 -33.65 14.19 -14.32
N LYS A 223 -34.90 14.08 -13.88
CA LYS A 223 -35.22 13.63 -12.52
C LYS A 223 -34.43 12.38 -12.05
N GLU A 224 -34.09 11.47 -12.95
CA GLU A 224 -33.40 10.24 -12.55
C GLU A 224 -31.87 10.28 -12.78
N GLN A 225 -31.37 11.42 -13.26
CA GLN A 225 -29.94 11.66 -13.40
C GLN A 225 -29.26 10.50 -14.11
N TRP A 226 -29.82 10.08 -15.25
CA TRP A 226 -29.24 8.94 -16.00
C TRP A 226 -27.89 9.34 -16.53
N LYS A 227 -27.66 10.64 -16.70
CA LYS A 227 -26.35 11.16 -17.03
C LYS A 227 -25.28 10.57 -16.12
N GLU A 228 -25.58 10.37 -14.84
CA GLU A 228 -24.62 9.76 -13.89
C GLU A 228 -24.07 8.42 -14.37
N VAL A 229 -24.88 7.68 -15.13
CA VAL A 229 -24.51 6.32 -15.53
C VAL A 229 -23.27 6.33 -16.43
N HIS A 230 -23.26 7.25 -17.37
CA HIS A 230 -22.10 7.48 -18.22
C HIS A 230 -20.89 7.93 -17.39
N LYS A 231 -21.12 8.84 -16.44
N LYS A 231 -21.14 8.84 -16.43
CA LYS A 231 -20.02 9.28 -15.59
CA LYS A 231 -20.10 9.29 -15.49
C LYS A 231 -19.46 8.10 -14.78
C LYS A 231 -19.47 8.07 -14.84
N GLN A 232 -20.32 7.18 -14.32
CA GLN A 232 -19.87 5.94 -13.69
C GLN A 232 -19.01 5.14 -14.62
N VAL A 233 -19.43 5.06 -15.88
CA VAL A 233 -18.72 4.30 -16.92
C VAL A 233 -17.34 4.84 -17.16
N VAL A 234 -17.29 6.14 -17.42
CA VAL A 234 -16.03 6.88 -17.62
C VAL A 234 -15.04 6.74 -16.47
N GLU A 235 -15.56 6.69 -15.23
CA GLU A 235 -14.75 6.71 -14.01
C GLU A 235 -14.48 5.37 -13.34
N SER A 236 -14.96 4.27 -13.93
CA SER A 236 -14.87 2.93 -13.29
C SER A 236 -13.45 2.43 -13.25
N ALA A 237 -12.74 2.48 -14.38
CA ALA A 237 -11.32 2.11 -14.43
C ALA A 237 -10.55 2.80 -13.31
N TYR A 238 -10.62 4.12 -13.22
CA TYR A 238 -10.03 4.85 -12.09
C TYR A 238 -10.37 4.19 -10.73
N GLU A 239 -11.67 3.99 -10.49
CA GLU A 239 -12.16 3.45 -9.23
C GLU A 239 -11.71 2.03 -8.93
N VAL A 240 -11.66 1.16 -9.92
CA VAL A 240 -11.16 -0.20 -9.74
C VAL A 240 -9.66 -0.15 -9.42
N ILE A 241 -8.94 0.68 -10.18
CA ILE A 241 -7.48 0.85 -10.04
C ILE A 241 -7.17 1.30 -8.62
N LYS A 242 -7.94 2.26 -8.14
CA LYS A 242 -7.79 2.77 -6.81
C LYS A 242 -8.01 1.65 -5.79
N LEU A 243 -8.96 0.75 -6.04
CA LEU A 243 -9.26 -0.33 -5.08
C LEU A 243 -8.29 -1.50 -5.16
N LYS A 244 -7.92 -1.93 -6.36
CA LYS A 244 -7.08 -3.12 -6.50
C LYS A 244 -5.74 -2.92 -7.19
N GLY A 245 -5.54 -1.77 -7.85
CA GLY A 245 -4.26 -1.45 -8.48
C GLY A 245 -4.29 -1.31 -9.99
N TYR A 246 -4.96 -2.25 -10.66
CA TYR A 246 -5.09 -2.27 -12.13
C TYR A 246 -6.54 -2.61 -12.35
N THR A 247 -6.95 -2.73 -13.61
CA THR A 247 -8.10 -3.55 -13.97
C THR A 247 -7.61 -4.65 -14.91
N SER A 248 -8.29 -5.80 -14.93
CA SER A 248 -7.82 -6.90 -15.75
C SER A 248 -8.95 -7.80 -16.28
N TRP A 249 -9.79 -8.29 -15.39
CA TRP A 249 -10.81 -9.26 -15.79
C TRP A 249 -11.78 -8.73 -16.86
N ALA A 250 -12.37 -7.57 -16.61
CA ALA A 250 -13.38 -7.07 -17.51
C ALA A 250 -12.78 -6.75 -18.87
N ILE A 251 -11.61 -6.17 -18.90
CA ILE A 251 -10.93 -5.92 -20.18
C ILE A 251 -10.64 -7.25 -20.92
N GLY A 252 -10.15 -8.26 -20.19
CA GLY A 252 -9.89 -9.61 -20.78
C GLY A 252 -11.11 -10.29 -21.44
N LEU A 253 -12.25 -10.24 -20.75
CA LEU A 253 -13.51 -10.78 -21.26
C LEU A 253 -13.98 -10.00 -22.46
N SER A 254 -13.81 -8.68 -22.41
N SER A 254 -13.85 -8.67 -22.39
CA SER A 254 -14.18 -7.83 -23.54
CA SER A 254 -14.11 -7.80 -23.54
C SER A 254 -13.25 -8.08 -24.76
C SER A 254 -13.26 -8.22 -24.73
N VAL A 255 -11.95 -8.32 -24.52
CA VAL A 255 -11.06 -8.69 -25.64
C VAL A 255 -11.38 -10.09 -26.20
N ALA A 256 -11.65 -11.06 -25.34
CA ALA A 256 -12.02 -12.40 -25.79
C ALA A 256 -13.25 -12.40 -26.66
N ASP A 257 -14.17 -11.49 -26.37
CA ASP A 257 -15.40 -11.39 -27.13
C ASP A 257 -15.11 -10.91 -28.54
N LEU A 258 -14.30 -9.85 -28.67
CA LEU A 258 -13.90 -9.34 -29.99
C LEU A 258 -13.11 -10.38 -30.84
N ALA A 259 -12.24 -11.14 -30.20
CA ALA A 259 -11.58 -12.26 -30.85
C ALA A 259 -12.59 -13.31 -31.31
N GLU A 260 -13.60 -13.61 -30.48
CA GLU A 260 -14.61 -14.58 -30.87
C GLU A 260 -15.22 -14.19 -32.22
N SER A 261 -15.62 -12.94 -32.39
CA SER A 261 -16.19 -12.49 -33.66
C SER A 261 -15.19 -12.58 -34.82
N ILE A 262 -13.94 -12.21 -34.53
CA ILE A 262 -12.91 -12.22 -35.57
C ILE A 262 -12.55 -13.66 -35.95
N MET A 263 -12.16 -14.45 -34.95
CA MET A 263 -11.75 -15.80 -35.20
C MET A 263 -12.87 -16.65 -35.80
N LYS A 264 -14.13 -16.37 -35.47
CA LYS A 264 -15.23 -17.18 -36.01
C LYS A 264 -16.05 -16.51 -37.11
N ASN A 265 -15.62 -15.34 -37.59
CA ASN A 265 -16.32 -14.67 -38.69
C ASN A 265 -17.84 -14.43 -38.45
N LEU A 266 -18.17 -14.04 -37.23
CA LEU A 266 -19.52 -13.88 -36.79
C LEU A 266 -20.24 -12.70 -37.41
N ARG A 267 -19.53 -11.62 -37.67
CA ARG A 267 -20.13 -10.38 -38.17
C ARG A 267 -21.14 -9.85 -37.20
N ARG A 268 -20.78 -9.91 -35.92
CA ARG A 268 -21.49 -9.20 -34.88
C ARG A 268 -20.99 -7.76 -34.82
N VAL A 269 -21.83 -6.85 -34.36
CA VAL A 269 -21.50 -5.43 -34.30
C VAL A 269 -20.93 -5.10 -32.92
N HIS A 270 -19.75 -4.49 -32.86
CA HIS A 270 -19.10 -4.06 -31.62
C HIS A 270 -18.63 -2.62 -31.73
N PRO A 271 -18.77 -1.83 -30.65
CA PRO A 271 -18.25 -0.48 -30.75
C PRO A 271 -16.74 -0.50 -30.51
N VAL A 272 -15.95 -0.54 -31.61
CA VAL A 272 -14.48 -0.54 -31.56
C VAL A 272 -13.85 0.64 -32.29
N SER A 273 -12.60 0.94 -31.96
CA SER A 273 -11.91 2.07 -32.58
C SER A 273 -11.50 1.78 -34.01
N THR A 274 -12.07 2.52 -34.97
CA THR A 274 -11.66 2.40 -36.37
C THR A 274 -11.46 3.75 -37.05
N MET A 275 -10.96 3.73 -38.28
CA MET A 275 -10.67 4.97 -38.96
C MET A 275 -11.96 5.61 -39.48
N ILE A 276 -12.39 6.73 -38.88
CA ILE A 276 -13.63 7.42 -39.29
C ILE A 276 -13.42 8.67 -40.17
N LYS A 277 -12.24 8.84 -40.77
CA LYS A 277 -12.06 9.88 -41.78
C LYS A 277 -13.22 9.80 -42.75
N GLY A 278 -13.90 10.91 -43.00
CA GLY A 278 -14.99 10.96 -43.99
C GLY A 278 -16.41 10.90 -43.45
N LEU A 279 -16.57 10.63 -42.15
CA LEU A 279 -17.88 10.70 -41.49
C LEU A 279 -17.89 11.80 -40.44
N TYR A 280 -19.10 12.21 -40.06
CA TYR A 280 -19.30 13.21 -39.02
C TYR A 280 -18.49 14.52 -39.29
N GLY A 281 -18.19 14.76 -40.57
CA GLY A 281 -17.41 15.91 -40.99
C GLY A 281 -16.00 15.87 -40.42
N ILE A 282 -15.29 14.79 -40.68
CA ILE A 282 -13.96 14.56 -40.10
C ILE A 282 -13.02 14.22 -41.22
N LYS A 283 -11.99 15.03 -41.40
CA LYS A 283 -11.06 14.89 -42.52
C LYS A 283 -9.69 14.35 -42.12
N ASP A 284 -9.45 14.26 -40.82
CA ASP A 284 -8.14 13.84 -40.29
C ASP A 284 -8.05 12.32 -40.23
N ASP A 285 -6.84 11.79 -40.35
CA ASP A 285 -6.61 10.34 -40.22
C ASP A 285 -6.69 10.01 -38.74
N VAL A 286 -7.90 9.74 -38.27
CA VAL A 286 -8.19 9.57 -36.85
C VAL A 286 -9.05 8.34 -36.62
N PHE A 287 -8.88 7.73 -35.46
CA PHE A 287 -9.61 6.54 -35.05
C PHE A 287 -10.53 6.80 -33.86
N LEU A 288 -11.80 6.39 -33.99
CA LEU A 288 -12.76 6.48 -32.91
C LEU A 288 -13.73 5.33 -32.99
N SER A 289 -14.40 5.08 -31.88
CA SER A 289 -15.28 3.94 -31.78
C SER A 289 -16.63 4.33 -32.37
N VAL A 290 -17.18 3.41 -33.13
CA VAL A 290 -18.42 3.55 -33.84
C VAL A 290 -18.82 2.08 -34.04
N PRO A 291 -20.12 1.76 -34.21
CA PRO A 291 -20.38 0.32 -34.17
C PRO A 291 -19.94 -0.37 -35.45
N CYS A 292 -19.10 -1.39 -35.32
CA CYS A 292 -18.44 -2.03 -36.45
C CYS A 292 -18.83 -3.49 -36.60
N ILE A 293 -18.75 -4.00 -37.83
N ILE A 293 -18.76 -4.00 -37.83
CA ILE A 293 -19.03 -5.39 -38.11
CA ILE A 293 -19.05 -5.39 -38.08
C ILE A 293 -17.71 -6.14 -38.20
C ILE A 293 -17.73 -6.15 -38.20
N LEU A 294 -17.51 -7.06 -37.26
CA LEU A 294 -16.24 -7.78 -37.12
C LEU A 294 -16.31 -9.21 -37.65
N GLY A 295 -15.27 -9.58 -38.40
CA GLY A 295 -15.24 -10.87 -39.07
C GLY A 295 -13.82 -11.33 -39.24
N GLN A 296 -13.62 -12.29 -40.13
CA GLN A 296 -12.31 -12.87 -40.35
C GLN A 296 -11.42 -11.87 -41.06
N ASN A 297 -12.02 -10.89 -41.72
CA ASN A 297 -11.25 -9.83 -42.35
C ASN A 297 -11.13 -8.58 -41.51
N GLY A 298 -11.56 -8.67 -40.25
CA GLY A 298 -11.57 -7.54 -39.33
C GLY A 298 -12.83 -6.72 -39.59
N ILE A 299 -12.64 -5.42 -39.77
CA ILE A 299 -13.76 -4.51 -39.87
C ILE A 299 -14.19 -4.37 -41.32
N SER A 300 -15.24 -5.07 -41.70
CA SER A 300 -15.69 -5.11 -43.10
C SER A 300 -16.68 -4.00 -43.43
N ASP A 301 -17.51 -3.65 -42.46
CA ASP A 301 -18.47 -2.60 -42.65
C ASP A 301 -18.63 -1.91 -41.31
N LEU A 302 -19.31 -0.76 -41.27
CA LEU A 302 -19.59 -0.14 -40.00
C LEU A 302 -20.93 0.54 -40.06
N VAL A 303 -21.54 0.76 -38.90
CA VAL A 303 -22.90 1.23 -38.79
C VAL A 303 -22.92 2.75 -38.70
N LYS A 304 -23.82 3.37 -39.46
CA LYS A 304 -23.91 4.81 -39.45
C LYS A 304 -24.95 5.27 -38.45
N VAL A 305 -24.58 5.29 -37.18
CA VAL A 305 -25.47 5.84 -36.17
C VAL A 305 -25.84 7.30 -36.48
N THR A 306 -27.11 7.63 -36.32
CA THR A 306 -27.59 8.98 -36.53
C THR A 306 -27.29 9.76 -35.27
N LEU A 307 -26.50 10.82 -35.35
CA LEU A 307 -26.15 11.58 -34.17
C LEU A 307 -26.73 13.00 -34.19
N THR A 308 -27.17 13.46 -33.03
CA THR A 308 -27.64 14.82 -32.83
C THR A 308 -26.42 15.72 -32.84
N SER A 309 -26.57 16.98 -33.24
CA SER A 309 -25.38 17.82 -33.46
C SER A 309 -24.50 17.97 -32.21
N GLU A 310 -25.08 17.90 -31.01
CA GLU A 310 -24.27 17.85 -29.77
C GLU A 310 -23.33 16.62 -29.81
N GLU A 311 -23.91 15.47 -30.13
CA GLU A 311 -23.17 14.21 -30.25
C GLU A 311 -22.15 14.28 -31.38
N GLU A 312 -22.57 14.81 -32.52
CA GLU A 312 -21.66 14.97 -33.66
C GLU A 312 -20.51 15.95 -33.30
N ALA A 313 -20.81 17.03 -32.56
CA ALA A 313 -19.78 17.99 -32.14
C ALA A 313 -18.71 17.34 -31.24
N ARG A 314 -19.11 16.44 -30.33
CA ARG A 314 -18.11 15.80 -29.46
C ARG A 314 -17.13 14.94 -30.29
N LEU A 315 -17.64 14.22 -31.28
CA LEU A 315 -16.76 13.39 -32.12
C LEU A 315 -15.81 14.25 -32.90
N LYS A 316 -16.32 15.36 -33.41
CA LYS A 316 -15.51 16.29 -34.17
C LYS A 316 -14.45 16.87 -33.25
N LYS A 317 -14.83 17.23 -32.02
CA LYS A 317 -13.88 17.80 -31.09
C LYS A 317 -12.78 16.81 -30.80
N SER A 318 -13.15 15.57 -30.49
CA SER A 318 -12.15 14.53 -30.26
C SER A 318 -11.20 14.39 -31.46
N ALA A 319 -11.75 14.35 -32.67
CA ALA A 319 -10.92 14.23 -33.88
C ALA A 319 -9.83 15.32 -34.01
N ASP A 320 -10.11 16.50 -33.48
CA ASP A 320 -9.14 17.59 -33.51
C ASP A 320 -8.13 17.39 -32.40
N THR A 321 -8.62 17.06 -31.20
CA THR A 321 -7.72 16.83 -30.08
C THR A 321 -6.71 15.79 -30.47
N LEU A 322 -7.21 14.62 -30.89
CA LEU A 322 -6.37 13.49 -31.25
C LEU A 322 -5.34 13.83 -32.35
N TRP A 323 -5.78 14.47 -33.41
CA TRP A 323 -4.86 14.79 -34.51
C TRP A 323 -3.76 15.75 -34.07
N GLY A 324 -4.11 16.80 -33.34
CA GLY A 324 -3.14 17.75 -32.83
C GLY A 324 -2.08 17.11 -31.97
N ILE A 325 -2.42 15.95 -31.42
CA ILE A 325 -1.49 15.12 -30.68
C ILE A 325 -0.69 14.25 -31.65
N GLN A 326 -1.40 13.61 -32.58
CA GLN A 326 -0.81 12.74 -33.61
C GLN A 326 0.13 13.42 -34.62
N LYS A 327 -0.15 14.66 -35.01
CA LYS A 327 0.71 15.35 -35.97
C LYS A 327 2.10 15.59 -35.40
N GLU A 328 2.19 15.57 -34.06
CA GLU A 328 3.44 15.80 -33.31
C GLU A 328 4.26 14.51 -33.17
N LEU A 329 3.59 13.36 -33.33
CA LEU A 329 4.26 12.08 -33.16
C LEU A 329 5.34 11.85 -34.22
N GLN A 330 6.37 11.08 -33.86
CA GLN A 330 7.54 10.85 -34.69
C GLN A 330 7.77 9.37 -35.00
N PHE A 331 7.72 9.02 -36.29
CA PHE A 331 8.08 7.67 -36.77
C PHE A 331 9.16 7.70 -37.90
N HIS A 332 8.69 7.84 -39.16
CA HIS A 332 9.45 7.50 -40.39
C HIS A 332 10.60 8.47 -40.65
N ALA B 1 -44.30 9.23 -12.59
CA ALA B 1 -43.99 7.87 -13.10
C ALA B 1 -42.50 7.76 -13.44
N THR B 2 -41.76 6.88 -12.76
CA THR B 2 -40.36 6.68 -13.12
C THR B 2 -40.25 6.18 -14.57
N LEU B 3 -39.03 5.94 -15.01
CA LEU B 3 -38.82 5.30 -16.32
C LEU B 3 -39.16 3.85 -16.17
N LYS B 4 -38.82 3.34 -15.00
CA LYS B 4 -39.01 1.94 -14.68
C LYS B 4 -40.51 1.63 -14.62
N ASP B 5 -41.28 2.55 -14.06
CA ASP B 5 -42.74 2.44 -14.06
C ASP B 5 -43.22 2.26 -15.50
N GLN B 6 -42.77 3.16 -16.35
CA GLN B 6 -43.23 3.20 -17.73
C GLN B 6 -42.87 1.99 -18.60
N LEU B 7 -41.85 1.25 -18.18
CA LEU B 7 -41.19 0.22 -18.99
C LEU B 7 -41.44 -1.19 -18.52
N ILE B 8 -41.59 -1.38 -17.22
CA ILE B 8 -41.72 -2.71 -16.65
C ILE B 8 -42.97 -2.91 -15.76
N TYR B 9 -43.90 -3.75 -16.23
CA TYR B 9 -45.01 -4.22 -15.38
C TYR B 9 -44.42 -5.30 -14.48
N ASN B 10 -44.58 -5.16 -13.17
CA ASN B 10 -43.98 -6.08 -12.17
C ASN B 10 -44.98 -7.11 -11.62
N LEU B 11 -44.57 -8.37 -11.52
CA LEU B 11 -45.45 -9.41 -10.99
C LEU B 11 -45.13 -9.70 -9.55
N LEU B 12 -46.13 -10.12 -8.78
CA LEU B 12 -45.90 -10.56 -7.42
C LEU B 12 -44.63 -11.37 -7.36
N LYS B 13 -43.61 -10.89 -6.67
CA LYS B 13 -42.35 -11.64 -6.41
C LYS B 13 -42.63 -12.97 -5.71
N GLU B 14 -41.73 -13.92 -5.89
CA GLU B 14 -41.70 -15.10 -5.05
C GLU B 14 -40.26 -15.05 -4.54
N GLU B 15 -39.98 -15.71 -3.41
CA GLU B 15 -38.66 -15.68 -2.78
C GLU B 15 -37.62 -16.47 -3.56
N GLN B 16 -36.36 -16.21 -3.23
CA GLN B 16 -35.23 -16.70 -4.01
C GLN B 16 -34.03 -17.04 -3.15
N THR B 17 -33.79 -18.32 -2.91
CA THR B 17 -32.47 -18.73 -2.45
C THR B 17 -31.64 -18.88 -3.72
N PRO B 18 -30.33 -18.53 -3.67
CA PRO B 18 -29.45 -18.95 -4.78
C PRO B 18 -29.34 -20.48 -4.87
N GLN B 19 -29.29 -20.99 -6.08
CA GLN B 19 -29.47 -22.44 -6.31
C GLN B 19 -28.13 -23.21 -6.47
N ASN B 20 -27.11 -22.49 -6.92
CA ASN B 20 -25.79 -23.04 -7.15
C ASN B 20 -24.73 -22.04 -6.78
N LYS B 21 -24.72 -21.63 -5.51
CA LYS B 21 -23.76 -20.65 -5.05
C LYS B 21 -22.42 -21.27 -4.65
N ILE B 22 -21.36 -20.64 -5.17
CA ILE B 22 -20.00 -20.99 -4.79
C ILE B 22 -19.36 -19.78 -4.14
N THR B 23 -18.71 -20.03 -3.00
CA THR B 23 -17.91 -19.03 -2.30
C THR B 23 -16.44 -19.41 -2.39
N VAL B 24 -15.61 -18.37 -2.60
CA VAL B 24 -14.15 -18.46 -2.65
C VAL B 24 -13.60 -17.55 -1.57
N VAL B 25 -12.81 -18.12 -0.68
CA VAL B 25 -12.22 -17.34 0.39
C VAL B 25 -10.75 -17.07 0.10
N GLY B 26 -10.43 -15.78 0.08
CA GLY B 26 -9.07 -15.35 -0.15
C GLY B 26 -9.00 -15.00 -1.61
N VAL B 27 -8.59 -13.78 -1.91
CA VAL B 27 -8.55 -13.29 -3.28
C VAL B 27 -7.15 -12.85 -3.75
N GLY B 28 -6.14 -13.57 -3.31
CA GLY B 28 -4.85 -13.50 -3.94
C GLY B 28 -4.97 -14.24 -5.26
N ALA B 29 -3.90 -14.22 -6.04
CA ALA B 29 -3.81 -14.88 -7.34
C ALA B 29 -4.56 -16.24 -7.46
N VAL B 30 -4.35 -17.11 -6.48
CA VAL B 30 -5.03 -18.39 -6.42
C VAL B 30 -6.55 -18.27 -6.24
N GLY B 31 -6.99 -17.42 -5.35
CA GLY B 31 -8.43 -17.21 -5.17
C GLY B 31 -9.10 -16.74 -6.45
N MET B 32 -8.51 -15.74 -7.09
CA MET B 32 -9.13 -15.10 -8.24
C MET B 32 -9.01 -15.97 -9.47
N ALA B 33 -7.91 -16.69 -9.60
CA ALA B 33 -7.78 -17.66 -10.67
C ALA B 33 -8.89 -18.69 -10.53
N CYS B 34 -9.19 -19.10 -9.30
CA CYS B 34 -10.32 -19.99 -9.07
C CYS B 34 -11.61 -19.27 -9.48
N ALA B 35 -11.79 -18.03 -9.02
CA ALA B 35 -12.98 -17.24 -9.36
C ALA B 35 -13.23 -17.10 -10.87
N ILE B 36 -12.24 -16.67 -11.65
CA ILE B 36 -12.47 -16.43 -13.07
C ILE B 36 -12.76 -17.74 -13.76
N SER B 37 -12.07 -18.81 -13.38
CA SER B 37 -12.32 -20.12 -14.03
C SER B 37 -13.73 -20.69 -13.75
N ILE B 38 -14.22 -20.53 -12.54
CA ILE B 38 -15.54 -20.94 -12.19
C ILE B 38 -16.54 -20.09 -12.96
N LEU B 39 -16.28 -18.79 -13.04
CA LEU B 39 -17.19 -17.88 -13.76
C LEU B 39 -17.32 -18.31 -15.22
N MET B 40 -16.21 -18.72 -15.81
CA MET B 40 -16.19 -19.07 -17.22
C MET B 40 -16.55 -20.50 -17.55
N LYS B 41 -16.90 -21.32 -16.58
CA LYS B 41 -17.41 -22.62 -16.91
C LYS B 41 -18.87 -22.72 -16.49
N ASP B 42 -19.53 -21.56 -16.34
CA ASP B 42 -20.93 -21.45 -15.89
C ASP B 42 -21.32 -22.44 -14.79
N LEU B 43 -20.61 -22.44 -13.69
CA LEU B 43 -20.82 -23.42 -12.62
C LEU B 43 -21.70 -22.90 -11.51
N ALA B 44 -21.82 -21.60 -11.36
CA ALA B 44 -22.67 -21.04 -10.31
C ALA B 44 -23.63 -19.98 -10.85
N ASP B 45 -24.74 -19.79 -10.14
CA ASP B 45 -25.65 -18.65 -10.36
C ASP B 45 -25.29 -17.46 -9.41
N GLU B 46 -24.48 -17.75 -8.38
CA GLU B 46 -23.97 -16.71 -7.50
C GLU B 46 -22.57 -17.04 -7.11
N LEU B 47 -21.71 -16.02 -7.10
CA LEU B 47 -20.36 -16.12 -6.59
C LEU B 47 -20.11 -15.14 -5.46
N ALA B 48 -19.66 -15.65 -4.31
CA ALA B 48 -19.23 -14.83 -3.17
C ALA B 48 -17.72 -14.84 -2.97
N LEU B 49 -17.15 -13.64 -2.77
CA LEU B 49 -15.73 -13.48 -2.43
C LEU B 49 -15.57 -12.93 -1.00
N VAL B 50 -14.63 -13.50 -0.24
CA VAL B 50 -14.35 -13.06 1.12
C VAL B 50 -12.85 -13.07 1.42
N ASP B 51 -12.37 -11.99 2.01
CA ASP B 51 -11.00 -11.84 2.46
C ASP B 51 -11.03 -10.78 3.57
N VAL B 52 -9.87 -10.26 3.95
CA VAL B 52 -9.83 -9.25 4.99
C VAL B 52 -9.41 -7.88 4.52
N ILE B 53 -8.90 -7.72 3.29
CA ILE B 53 -8.64 -6.35 2.77
C ILE B 53 -9.88 -5.94 1.97
N GLU B 54 -10.62 -4.94 2.45
CA GLU B 54 -11.92 -4.58 1.89
C GLU B 54 -11.78 -3.97 0.51
N ASP B 55 -10.77 -3.12 0.37
CA ASP B 55 -10.42 -2.48 -0.89
C ASP B 55 -10.16 -3.45 -2.05
N LYS B 56 -9.20 -4.36 -1.88
CA LYS B 56 -8.89 -5.35 -2.90
C LYS B 56 -10.14 -6.16 -3.27
N LEU B 57 -10.97 -6.40 -2.27
CA LEU B 57 -12.16 -7.23 -2.41
C LEU B 57 -13.21 -6.56 -3.30
N LYS B 58 -13.52 -5.31 -2.96
CA LYS B 58 -14.49 -4.53 -3.69
C LYS B 58 -14.01 -4.28 -5.11
N GLY B 59 -12.69 -4.09 -5.30
CA GLY B 59 -12.10 -3.92 -6.61
C GLY B 59 -12.21 -5.16 -7.49
N GLU B 60 -11.98 -6.34 -6.93
CA GLU B 60 -12.06 -7.57 -7.71
C GLU B 60 -13.51 -7.90 -8.00
N MET B 61 -14.40 -7.64 -7.05
CA MET B 61 -15.85 -7.76 -7.28
C MET B 61 -16.35 -6.81 -8.37
N MET B 62 -15.92 -5.56 -8.34
CA MET B 62 -16.36 -4.64 -9.37
C MET B 62 -15.81 -5.06 -10.73
N ASP B 63 -14.49 -5.24 -10.80
CA ASP B 63 -13.82 -5.56 -12.08
C ASP B 63 -14.43 -6.80 -12.73
N LEU B 64 -14.91 -7.74 -11.93
CA LEU B 64 -15.54 -8.95 -12.45
C LEU B 64 -16.93 -8.62 -12.98
N GLN B 65 -17.75 -8.03 -12.10
CA GLN B 65 -19.10 -7.52 -12.40
C GLN B 65 -19.18 -6.76 -13.73
N HIS B 66 -18.10 -6.04 -14.05
CA HIS B 66 -18.05 -5.19 -15.23
C HIS B 66 -17.97 -6.03 -16.51
N GLY B 67 -17.62 -7.30 -16.35
CA GLY B 67 -17.57 -8.23 -17.47
C GLY B 67 -18.77 -9.16 -17.45
N SER B 68 -19.83 -8.72 -16.75
CA SER B 68 -21.08 -9.48 -16.60
C SER B 68 -21.77 -9.84 -17.90
N LEU B 69 -21.77 -8.89 -18.82
CA LEU B 69 -22.35 -9.09 -20.13
C LEU B 69 -21.78 -10.30 -20.84
N PHE B 70 -20.53 -10.64 -20.50
CA PHE B 70 -19.78 -11.72 -21.19
C PHE B 70 -19.83 -13.02 -20.40
N LEU B 71 -20.66 -13.04 -19.36
CA LEU B 71 -20.82 -14.17 -18.44
C LEU B 71 -22.29 -14.54 -18.25
N ARG B 72 -22.52 -15.69 -17.61
CA ARG B 72 -23.85 -16.19 -17.34
C ARG B 72 -24.01 -16.46 -15.81
N THR B 73 -23.29 -15.70 -15.00
CA THR B 73 -23.36 -15.77 -13.55
C THR B 73 -23.90 -14.43 -13.08
N PRO B 74 -25.19 -14.36 -12.79
CA PRO B 74 -25.84 -13.07 -12.59
C PRO B 74 -25.55 -12.31 -11.29
N LYS B 75 -24.95 -12.91 -10.28
CA LYS B 75 -24.70 -12.20 -9.01
C LYS B 75 -23.33 -12.49 -8.45
N ILE B 76 -22.52 -11.43 -8.34
CA ILE B 76 -21.21 -11.52 -7.76
C ILE B 76 -21.19 -10.59 -6.54
N VAL B 77 -20.84 -11.13 -5.38
CA VAL B 77 -20.84 -10.35 -4.17
C VAL B 77 -19.53 -10.54 -3.41
N SER B 78 -19.19 -9.56 -2.57
CA SER B 78 -18.00 -9.73 -1.75
C SER B 78 -18.14 -9.06 -0.38
N GLY B 79 -17.22 -9.35 0.53
CA GLY B 79 -17.23 -8.67 1.80
C GLY B 79 -16.43 -9.41 2.83
N LYS B 80 -16.04 -8.65 3.86
CA LYS B 80 -15.39 -9.22 5.04
C LYS B 80 -16.36 -10.02 5.87
N ASP B 81 -17.65 -9.72 5.77
CA ASP B 81 -18.64 -10.40 6.59
C ASP B 81 -19.07 -11.71 5.93
N TYR B 82 -19.05 -12.78 6.70
CA TYR B 82 -19.27 -14.08 6.12
C TYR B 82 -20.71 -14.36 5.68
N ASN B 83 -21.65 -13.49 6.05
CA ASN B 83 -23.02 -13.59 5.53
C ASN B 83 -23.15 -13.40 4.01
N VAL B 84 -22.16 -12.80 3.34
CA VAL B 84 -22.19 -12.80 1.90
C VAL B 84 -22.06 -14.23 1.40
N THR B 85 -21.69 -15.20 2.26
CA THR B 85 -21.49 -16.57 1.79
C THR B 85 -22.69 -17.53 2.00
N ALA B 86 -23.84 -16.97 2.42
CA ALA B 86 -24.93 -17.80 2.93
C ALA B 86 -25.42 -18.69 1.82
N ASN B 87 -25.70 -19.96 2.18
CA ASN B 87 -26.28 -20.94 1.26
C ASN B 87 -25.37 -21.29 0.10
N SER B 88 -24.09 -21.50 0.40
CA SER B 88 -23.17 -21.92 -0.64
C SER B 88 -23.23 -23.44 -0.72
N LYS B 89 -23.13 -23.97 -1.92
CA LYS B 89 -23.09 -25.42 -2.11
C LYS B 89 -21.65 -25.87 -1.91
N LEU B 90 -20.74 -24.99 -2.27
CA LEU B 90 -19.35 -25.30 -2.23
C LEU B 90 -18.59 -24.06 -1.77
N VAL B 91 -17.70 -24.24 -0.79
CA VAL B 91 -16.81 -23.16 -0.32
C VAL B 91 -15.37 -23.59 -0.54
N ILE B 92 -14.67 -22.81 -1.35
CA ILE B 92 -13.30 -23.07 -1.69
C ILE B 92 -12.50 -22.17 -0.76
N ILE B 93 -11.66 -22.75 0.10
CA ILE B 93 -10.80 -21.98 1.02
C ILE B 93 -9.35 -21.94 0.52
N THR B 94 -8.89 -20.77 0.06
CA THR B 94 -7.48 -20.53 -0.26
C THR B 94 -6.75 -19.72 0.79
N ALA B 95 -7.41 -19.34 1.89
CA ALA B 95 -6.82 -18.49 2.93
C ALA B 95 -5.76 -19.18 3.77
N GLY B 96 -4.80 -18.41 4.28
CA GLY B 96 -3.79 -18.92 5.20
C GLY B 96 -2.67 -17.94 5.48
N ALA B 97 -1.70 -18.39 6.25
CA ALA B 97 -0.56 -17.57 6.59
C ALA B 97 0.57 -17.90 5.65
N ARG B 98 1.32 -16.89 5.21
CA ARG B 98 2.61 -17.09 4.56
C ARG B 98 3.63 -17.49 5.61
N GLN B 99 4.32 -18.62 5.42
CA GLN B 99 5.49 -18.94 6.25
C GLN B 99 6.46 -17.74 6.21
N GLN B 100 7.13 -17.46 7.32
CA GLN B 100 8.10 -16.38 7.34
C GLN B 100 9.50 -17.01 7.33
N GLU B 101 10.49 -16.20 6.96
CA GLU B 101 11.91 -16.61 6.85
C GLU B 101 12.36 -17.53 8.00
N GLY B 102 12.34 -17.03 9.24
CA GLY B 102 12.67 -17.86 10.38
C GLY B 102 11.42 -18.39 11.03
N GLU B 103 10.88 -19.50 10.54
CA GLU B 103 9.65 -20.08 11.11
C GLU B 103 9.59 -21.58 10.90
N SER B 104 9.25 -22.31 11.95
CA SER B 104 9.22 -23.76 11.88
C SER B 104 7.94 -24.22 11.22
N ARG B 105 7.95 -25.49 10.85
CA ARG B 105 6.81 -26.12 10.22
C ARG B 105 5.65 -26.23 11.24
N LEU B 106 5.99 -26.41 12.52
CA LEU B 106 4.97 -26.57 13.56
C LEU B 106 4.21 -25.27 13.87
N ASN B 107 4.92 -24.12 13.91
CA ASN B 107 4.28 -22.81 14.17
C ASN B 107 3.50 -22.33 12.98
N LEU B 108 3.93 -22.66 11.76
CA LEU B 108 3.17 -22.27 10.58
C LEU B 108 1.79 -22.91 10.63
N VAL B 109 1.73 -24.23 10.70
CA VAL B 109 0.42 -24.88 10.65
C VAL B 109 -0.38 -24.54 11.92
N GLN B 110 0.28 -24.11 12.99
CA GLN B 110 -0.44 -23.66 14.19
C GLN B 110 -1.05 -22.26 13.97
N ARG B 111 -0.38 -21.40 13.21
CA ARG B 111 -0.96 -20.08 12.89
C ARG B 111 -2.13 -20.26 11.96
N ASN B 112 -1.98 -21.18 11.02
CA ASN B 112 -3.03 -21.51 10.09
C ASN B 112 -4.22 -22.11 10.83
N VAL B 113 -3.97 -22.93 11.86
CA VAL B 113 -5.05 -23.43 12.72
C VAL B 113 -5.85 -22.26 13.28
N ASN B 114 -5.14 -21.30 13.86
CA ASN B 114 -5.78 -20.15 14.48
C ASN B 114 -6.60 -19.32 13.51
N ILE B 115 -6.11 -19.20 12.28
CA ILE B 115 -6.86 -18.49 11.25
C ILE B 115 -8.07 -19.30 10.86
N PHE B 116 -7.88 -20.61 10.73
CA PHE B 116 -8.99 -21.52 10.42
C PHE B 116 -10.06 -21.55 11.52
N LYS B 117 -9.68 -21.33 12.78
CA LYS B 117 -10.67 -21.25 13.85
C LYS B 117 -11.60 -20.05 13.72
N PHE B 118 -11.16 -19.05 12.98
CA PHE B 118 -12.03 -17.92 12.72
C PHE B 118 -12.86 -18.19 11.49
N ILE B 119 -12.26 -18.72 10.44
CA ILE B 119 -12.95 -18.82 9.14
C ILE B 119 -13.99 -19.94 9.14
N ILE B 120 -13.60 -21.10 9.60
CA ILE B 120 -14.37 -22.29 9.32
C ILE B 120 -15.70 -22.24 10.07
N PRO B 121 -15.66 -21.94 11.38
CA PRO B 121 -16.91 -21.71 12.09
C PRO B 121 -17.82 -20.70 11.42
N ASN B 122 -17.26 -19.64 10.86
CA ASN B 122 -18.04 -18.62 10.17
C ASN B 122 -18.65 -19.21 8.90
N VAL B 123 -17.88 -20.04 8.22
CA VAL B 123 -18.36 -20.64 6.97
C VAL B 123 -19.55 -21.55 7.28
N VAL B 124 -19.40 -22.46 8.24
CA VAL B 124 -20.49 -23.37 8.58
C VAL B 124 -21.69 -22.64 9.20
N LYS B 125 -21.44 -21.53 9.87
CA LYS B 125 -22.55 -20.78 10.42
C LYS B 125 -23.52 -20.45 9.27
N TYR B 126 -23.07 -19.77 8.22
CA TYR B 126 -24.00 -19.29 7.19
C TYR B 126 -24.35 -20.30 6.10
N SER B 127 -23.67 -21.43 6.06
CA SER B 127 -23.81 -22.39 4.94
C SER B 127 -23.42 -23.81 5.45
N PRO B 128 -24.27 -24.37 6.35
CA PRO B 128 -23.96 -25.60 7.08
C PRO B 128 -23.99 -26.90 6.26
N ASN B 129 -24.56 -26.85 5.04
CA ASN B 129 -24.64 -28.03 4.15
C ASN B 129 -23.67 -27.96 2.95
N CYS B 130 -22.68 -27.08 3.04
CA CYS B 130 -21.75 -26.90 1.93
C CYS B 130 -20.70 -28.03 1.90
N LYS B 131 -19.99 -28.10 0.79
CA LYS B 131 -18.74 -28.87 0.78
C LYS B 131 -17.59 -27.87 0.83
N LEU B 132 -16.64 -28.17 1.70
CA LEU B 132 -15.46 -27.38 1.87
C LEU B 132 -14.43 -27.97 0.94
N LEU B 133 -13.76 -27.12 0.17
CA LEU B 133 -12.63 -27.52 -0.66
C LEU B 133 -11.46 -26.71 -0.17
N ILE B 134 -10.54 -27.36 0.53
CA ILE B 134 -9.35 -26.70 1.00
C ILE B 134 -8.24 -26.71 -0.06
N VAL B 135 -7.76 -25.52 -0.41
CA VAL B 135 -6.67 -25.36 -1.37
C VAL B 135 -5.38 -24.87 -0.72
N SER B 136 -5.52 -24.15 0.38
CA SER B 136 -4.41 -23.60 1.14
C SER B 136 -3.41 -24.66 1.49
N ASN B 137 -2.12 -24.30 1.44
CA ASN B 137 -1.03 -25.16 1.93
C ASN B 137 -0.54 -24.85 3.34
N PRO B 138 0.02 -25.85 4.05
CA PRO B 138 0.22 -27.27 3.65
C PRO B 138 -1.11 -28.02 3.65
N VAL B 139 -1.57 -28.36 2.45
CA VAL B 139 -2.97 -28.71 2.26
C VAL B 139 -3.45 -29.97 2.97
N ASP B 140 -2.62 -31.01 3.02
CA ASP B 140 -3.09 -32.29 3.56
C ASP B 140 -3.40 -32.11 5.08
N ILE B 141 -2.78 -31.11 5.70
CA ILE B 141 -2.95 -30.89 7.13
C ILE B 141 -4.11 -29.95 7.37
N LEU B 142 -4.15 -28.87 6.59
CA LEU B 142 -5.22 -27.89 6.73
C LEU B 142 -6.56 -28.49 6.35
N THR B 143 -6.60 -29.38 5.36
CA THR B 143 -7.81 -30.15 5.10
C THR B 143 -8.26 -30.91 6.37
N TYR B 144 -7.36 -31.68 6.96
CA TYR B 144 -7.59 -32.25 8.30
C TYR B 144 -8.07 -31.18 9.31
N VAL B 145 -7.52 -29.97 9.22
CA VAL B 145 -7.83 -28.95 10.21
C VAL B 145 -9.25 -28.42 10.00
N ALA B 146 -9.61 -28.15 8.75
CA ALA B 146 -10.98 -27.74 8.41
C ALA B 146 -11.98 -28.78 8.90
N TRP B 147 -11.67 -30.03 8.58
CA TRP B 147 -12.45 -31.17 9.05
C TRP B 147 -12.72 -31.14 10.55
N LYS B 148 -11.66 -31.02 11.33
CA LYS B 148 -11.77 -30.99 12.79
C LYS B 148 -12.65 -29.86 13.25
N ILE B 149 -12.41 -28.66 12.72
CA ILE B 149 -13.07 -27.45 13.24
C ILE B 149 -14.52 -27.38 12.78
N SER B 150 -14.77 -27.71 11.51
CA SER B 150 -16.14 -27.67 10.96
C SER B 150 -17.03 -28.73 11.58
N GLY B 151 -16.43 -29.86 11.98
CA GLY B 151 -17.18 -31.05 12.46
C GLY B 151 -18.03 -31.62 11.34
N PHE B 152 -17.59 -31.46 10.12
CA PHE B 152 -18.32 -32.02 9.00
C PHE B 152 -17.96 -33.51 8.93
N PRO B 153 -18.86 -34.32 8.34
CA PRO B 153 -18.57 -35.71 7.95
C PRO B 153 -17.43 -35.74 6.97
N LYS B 154 -16.57 -36.77 7.03
CA LYS B 154 -15.33 -36.70 6.25
C LYS B 154 -15.60 -36.46 4.74
N ASN B 155 -16.78 -36.85 4.26
CA ASN B 155 -17.08 -36.73 2.83
C ASN B 155 -17.22 -35.30 2.33
N ARG B 156 -17.54 -34.37 3.21
CA ARG B 156 -17.73 -32.99 2.77
C ARG B 156 -16.49 -32.08 2.95
N VAL B 157 -15.36 -32.67 3.34
CA VAL B 157 -14.12 -31.91 3.52
C VAL B 157 -13.02 -32.46 2.64
N ILE B 158 -12.79 -31.76 1.54
CA ILE B 158 -11.98 -32.25 0.46
C ILE B 158 -10.76 -31.35 0.30
N GLY B 159 -9.60 -31.94 0.11
CA GLY B 159 -8.40 -31.13 -0.09
C GLY B 159 -8.01 -31.20 -1.55
N SER B 160 -7.46 -30.12 -2.09
CA SER B 160 -7.05 -30.17 -3.50
C SER B 160 -5.95 -31.21 -3.76
N GLY B 161 -5.06 -31.43 -2.79
CA GLY B 161 -4.07 -32.51 -2.85
C GLY B 161 -3.36 -32.59 -4.18
N CYS B 162 -3.36 -33.77 -4.78
CA CYS B 162 -2.51 -34.01 -5.95
C CYS B 162 -3.26 -33.87 -7.25
N ASN B 163 -4.37 -33.15 -7.24
CA ASN B 163 -5.19 -33.00 -8.44
C ASN B 163 -4.45 -32.22 -9.52
N LEU B 164 -3.73 -31.19 -9.11
CA LEU B 164 -2.87 -30.45 -10.02
C LEU B 164 -1.56 -31.18 -10.32
N ASP B 165 -1.02 -31.87 -9.32
CA ASP B 165 0.22 -32.62 -9.49
C ASP B 165 0.03 -33.66 -10.59
N SER B 166 -1.15 -34.28 -10.56
CA SER B 166 -1.48 -35.29 -11.55
C SER B 166 -1.66 -34.64 -12.93
N ALA B 167 -2.25 -33.46 -13.00
CA ALA B 167 -2.43 -32.77 -14.25
C ALA B 167 -1.10 -32.33 -14.84
N ARG B 168 -0.20 -31.81 -14.00
CA ARG B 168 1.15 -31.48 -14.45
C ARG B 168 1.87 -32.71 -14.96
N PHE B 169 1.69 -33.83 -14.26
CA PHE B 169 2.27 -35.12 -14.65
C PHE B 169 1.85 -35.45 -16.06
N ARG B 170 0.57 -35.28 -16.31
CA ARG B 170 -0.04 -35.69 -17.57
C ARG B 170 0.34 -34.79 -18.74
N TYR B 171 0.39 -33.48 -18.48
CA TYR B 171 1.01 -32.52 -19.41
C TYR B 171 2.43 -32.92 -19.83
N LEU B 172 3.24 -33.33 -18.85
CA LEU B 172 4.65 -33.63 -19.08
C LEU B 172 4.84 -34.95 -19.79
N MET B 173 4.04 -35.93 -19.36
CA MET B 173 3.92 -37.22 -20.03
C MET B 173 3.48 -37.01 -21.49
N GLY B 174 2.55 -36.05 -21.66
CA GLY B 174 2.10 -35.64 -22.98
C GLY B 174 3.19 -35.08 -23.87
N GLU B 175 4.01 -34.18 -23.33
CA GLU B 175 5.10 -33.59 -24.09
C GLU B 175 6.05 -34.64 -24.64
N ARG B 176 6.34 -35.66 -23.85
CA ARG B 176 7.29 -36.68 -24.27
C ARG B 176 6.74 -37.57 -25.39
N LEU B 177 5.45 -37.90 -25.29
CA LEU B 177 4.80 -38.86 -26.18
C LEU B 177 4.21 -38.22 -27.44
N GLY B 178 3.98 -36.92 -27.43
CA GLY B 178 3.44 -36.22 -28.58
C GLY B 178 1.94 -36.44 -28.65
N VAL B 179 1.32 -36.51 -27.46
CA VAL B 179 -0.08 -36.89 -27.27
C VAL B 179 -0.68 -35.90 -26.27
N HIS B 180 -1.95 -35.60 -26.42
CA HIS B 180 -2.60 -34.60 -25.59
C HIS B 180 -2.79 -35.22 -24.20
N PRO B 181 -2.75 -34.39 -23.15
CA PRO B 181 -2.83 -34.93 -21.79
C PRO B 181 -4.10 -35.72 -21.44
N LEU B 182 -5.25 -35.31 -21.95
CA LEU B 182 -6.48 -36.09 -21.88
C LEU B 182 -6.29 -37.58 -22.20
N SER B 183 -5.40 -37.87 -23.15
CA SER B 183 -5.24 -39.23 -23.61
C SER B 183 -4.11 -39.91 -22.91
N CYS B 184 -3.39 -39.16 -22.07
CA CYS B 184 -2.22 -39.69 -21.35
C CYS B 184 -2.63 -39.94 -19.92
N HIS B 185 -2.28 -41.06 -19.33
CA HIS B 185 -2.83 -41.42 -18.03
C HIS B 185 -1.71 -41.79 -17.07
N GLY B 186 -1.74 -41.13 -15.92
CA GLY B 186 -0.77 -41.36 -14.86
C GLY B 186 -1.26 -40.63 -13.65
N TRP B 187 -0.96 -41.17 -12.48
CA TRP B 187 -1.54 -40.72 -11.23
C TRP B 187 -0.48 -40.34 -10.19
N VAL B 188 -0.60 -39.14 -9.64
CA VAL B 188 0.26 -38.80 -8.48
C VAL B 188 -0.60 -38.76 -7.23
N LEU B 189 -0.18 -39.53 -6.23
CA LEU B 189 -0.95 -39.80 -5.01
C LEU B 189 -0.14 -39.48 -3.71
N GLY B 190 -0.87 -39.34 -2.60
CA GLY B 190 -0.30 -39.20 -1.26
C GLY B 190 -0.13 -37.78 -0.78
N GLU B 191 0.95 -37.53 -0.03
CA GLU B 191 1.22 -36.21 0.49
C GLU B 191 1.58 -35.31 -0.68
N HIS B 192 0.93 -34.16 -0.78
CA HIS B 192 1.22 -33.18 -1.83
C HIS B 192 2.60 -32.57 -1.58
N GLY B 193 3.41 -32.46 -2.63
CA GLY B 193 4.73 -31.85 -2.54
C GLY B 193 5.86 -32.83 -2.79
N ASP B 194 6.92 -32.73 -2.01
CA ASP B 194 8.17 -33.48 -2.23
C ASP B 194 7.99 -34.97 -2.07
N SER B 195 6.94 -35.36 -1.37
CA SER B 195 6.78 -36.73 -0.97
C SER B 195 5.65 -37.44 -1.71
N SER B 196 5.05 -36.77 -2.68
CA SER B 196 4.01 -37.38 -3.50
C SER B 196 4.55 -38.64 -4.16
N VAL B 197 3.65 -39.52 -4.55
CA VAL B 197 4.02 -40.78 -5.14
C VAL B 197 3.47 -40.92 -6.56
N PRO B 198 4.33 -41.11 -7.57
CA PRO B 198 3.85 -41.34 -8.93
C PRO B 198 3.68 -42.83 -9.20
N VAL B 199 2.45 -43.25 -9.48
CA VAL B 199 2.14 -44.69 -9.62
C VAL B 199 2.50 -45.19 -11.05
N TRP B 200 3.76 -45.57 -11.22
CA TRP B 200 4.28 -45.96 -12.53
C TRP B 200 3.50 -47.10 -13.20
N SER B 201 3.01 -48.04 -12.38
CA SER B 201 2.19 -49.20 -12.82
C SER B 201 0.92 -48.77 -13.55
N GLY B 202 0.29 -47.72 -13.04
CA GLY B 202 -0.88 -47.14 -13.68
C GLY B 202 -0.68 -46.22 -14.88
N MET B 203 0.56 -45.96 -15.30
CA MET B 203 0.79 -45.10 -16.46
C MET B 203 0.47 -45.82 -17.78
N ASN B 204 -0.42 -45.23 -18.58
CA ASN B 204 -0.82 -45.83 -19.85
C ASN B 204 -1.29 -44.82 -20.87
N VAL B 205 -1.49 -45.33 -22.08
CA VAL B 205 -2.10 -44.59 -23.16
C VAL B 205 -2.95 -45.66 -23.84
N ALA B 206 -4.23 -45.33 -24.12
CA ALA B 206 -5.16 -46.32 -24.66
C ALA B 206 -5.06 -47.68 -23.98
N GLY B 207 -4.70 -47.68 -22.69
CA GLY B 207 -4.73 -48.90 -21.89
C GLY B 207 -3.51 -49.79 -22.04
N VAL B 208 -2.58 -49.39 -22.90
CA VAL B 208 -1.31 -50.08 -22.98
C VAL B 208 -0.39 -49.48 -21.91
N SER B 209 0.00 -50.35 -20.97
CA SER B 209 0.81 -50.01 -19.82
C SER B 209 2.25 -49.68 -20.21
N LEU B 210 2.72 -48.53 -19.77
CA LEU B 210 4.08 -48.10 -20.03
C LEU B 210 5.15 -48.95 -19.28
N LYS B 211 4.90 -49.24 -18.01
CA LYS B 211 5.77 -50.05 -17.16
C LYS B 211 5.97 -51.46 -17.66
N THR B 212 5.01 -52.03 -18.39
CA THR B 212 5.21 -53.40 -18.93
C THR B 212 6.04 -53.30 -20.22
N LEU B 213 5.81 -52.21 -20.96
CA LEU B 213 6.48 -51.98 -22.24
C LEU B 213 7.98 -51.61 -22.03
N HIS B 214 8.28 -50.99 -20.89
CA HIS B 214 9.60 -50.42 -20.56
C HIS B 214 9.80 -50.55 -19.05
N PRO B 215 10.20 -51.77 -18.58
CA PRO B 215 10.25 -52.08 -17.14
C PRO B 215 11.16 -51.20 -16.26
N ASP B 216 12.16 -50.54 -16.84
CA ASP B 216 12.98 -49.57 -16.09
C ASP B 216 12.23 -48.28 -15.69
N LEU B 217 11.23 -47.90 -16.47
CA LEU B 217 10.41 -46.71 -16.21
C LEU B 217 10.28 -46.37 -14.71
N GLY B 218 10.86 -45.25 -14.31
CA GLY B 218 10.67 -44.75 -12.95
C GLY B 218 11.77 -45.19 -12.00
N THR B 219 12.42 -46.31 -12.29
CA THR B 219 13.63 -46.69 -11.56
C THR B 219 14.78 -45.77 -12.00
N ASP B 220 15.89 -45.81 -11.28
CA ASP B 220 17.08 -44.98 -11.57
C ASP B 220 17.78 -45.40 -12.86
N LYS B 221 18.04 -46.70 -12.99
CA LYS B 221 18.66 -47.29 -14.18
C LYS B 221 18.01 -46.95 -15.55
N ASP B 222 16.71 -46.62 -15.55
CA ASP B 222 15.99 -46.03 -16.72
C ASP B 222 16.83 -45.06 -17.57
N LYS B 223 17.19 -45.49 -18.77
CA LYS B 223 18.00 -44.68 -19.69
C LYS B 223 17.27 -43.39 -20.13
N GLU B 224 15.94 -43.41 -20.25
CA GLU B 224 15.18 -42.20 -20.61
C GLU B 224 14.84 -41.30 -19.43
N GLN B 225 15.23 -41.74 -18.22
N GLN B 225 15.24 -41.69 -18.22
CA GLN B 225 15.09 -40.98 -16.99
CA GLN B 225 15.09 -40.87 -17.02
C GLN B 225 13.68 -40.40 -16.80
C GLN B 225 13.66 -40.39 -16.79
N TRP B 226 12.69 -41.30 -16.82
CA TRP B 226 11.27 -40.92 -16.65
C TRP B 226 10.96 -40.50 -15.22
N LYS B 227 11.80 -40.93 -14.29
CA LYS B 227 11.75 -40.47 -12.91
C LYS B 227 11.73 -38.93 -12.84
N GLU B 228 12.44 -38.26 -13.76
CA GLU B 228 12.53 -36.78 -13.75
C GLU B 228 11.24 -36.11 -14.17
N VAL B 229 10.31 -36.85 -14.76
CA VAL B 229 8.98 -36.32 -15.01
C VAL B 229 8.34 -35.99 -13.67
N HIS B 230 8.39 -36.93 -12.73
CA HIS B 230 7.87 -36.69 -11.37
C HIS B 230 8.67 -35.62 -10.60
N LYS B 231 9.98 -35.66 -10.72
CA LYS B 231 10.80 -34.68 -10.04
C LYS B 231 10.45 -33.27 -10.53
N GLN B 232 10.15 -33.14 -11.82
CA GLN B 232 9.70 -31.88 -12.38
C GLN B 232 8.37 -31.42 -11.78
N VAL B 233 7.47 -32.37 -11.61
CA VAL B 233 6.15 -32.12 -11.02
C VAL B 233 6.31 -31.61 -9.59
N VAL B 234 7.26 -32.18 -8.88
CA VAL B 234 7.58 -31.76 -7.52
C VAL B 234 8.09 -30.33 -7.49
N GLU B 235 8.99 -29.98 -8.42
CA GLU B 235 9.59 -28.64 -8.47
C GLU B 235 8.97 -27.70 -9.52
N SER B 236 7.67 -27.77 -9.73
CA SER B 236 7.06 -26.93 -10.76
C SER B 236 6.61 -25.63 -10.16
N ALA B 237 5.80 -25.70 -9.10
CA ALA B 237 5.42 -24.50 -8.34
C ALA B 237 6.65 -23.69 -7.92
N TYR B 238 7.66 -24.37 -7.36
CA TYR B 238 8.90 -23.69 -7.01
C TYR B 238 9.43 -22.93 -8.25
N GLU B 239 9.64 -23.65 -9.35
CA GLU B 239 10.20 -23.09 -10.59
C GLU B 239 9.39 -21.95 -11.18
N VAL B 240 8.09 -21.95 -10.94
CA VAL B 240 7.18 -20.94 -11.48
C VAL B 240 7.14 -19.72 -10.58
N ILE B 241 7.08 -19.97 -9.27
CA ILE B 241 7.15 -18.92 -8.27
C ILE B 241 8.46 -18.18 -8.44
N LYS B 242 9.55 -18.93 -8.59
CA LYS B 242 10.85 -18.35 -8.91
C LYS B 242 10.78 -17.40 -10.11
N LEU B 243 10.03 -17.77 -11.14
CA LEU B 243 10.01 -17.06 -12.41
C LEU B 243 8.97 -15.96 -12.47
N LYS B 244 7.74 -16.21 -12.00
CA LYS B 244 6.70 -15.14 -12.02
C LYS B 244 6.26 -14.60 -10.66
N GLY B 245 6.70 -15.25 -9.56
CA GLY B 245 6.32 -14.87 -8.20
C GLY B 245 5.33 -15.80 -7.50
N TYR B 246 4.49 -16.50 -8.25
CA TYR B 246 3.42 -17.31 -7.67
C TYR B 246 2.85 -18.21 -8.75
N THR B 247 1.92 -19.08 -8.36
CA THR B 247 1.22 -19.88 -9.34
C THR B 247 -0.27 -19.62 -9.13
N SER B 248 -0.98 -19.41 -10.25
CA SER B 248 -2.39 -19.05 -10.20
C SER B 248 -3.25 -19.79 -11.27
N TRP B 249 -2.90 -19.64 -12.54
CA TRP B 249 -3.71 -20.18 -13.64
C TRP B 249 -3.94 -21.67 -13.52
N ALA B 250 -2.87 -22.45 -13.39
CA ALA B 250 -3.01 -23.94 -13.33
C ALA B 250 -3.88 -24.41 -12.15
N ILE B 251 -3.57 -23.90 -10.96
CA ILE B 251 -4.31 -24.26 -9.77
C ILE B 251 -5.77 -23.87 -10.01
N GLY B 252 -6.01 -22.73 -10.65
CA GLY B 252 -7.38 -22.21 -10.82
C GLY B 252 -8.25 -23.10 -11.71
N LEU B 253 -7.64 -23.56 -12.80
CA LEU B 253 -8.28 -24.50 -13.68
C LEU B 253 -8.53 -25.84 -12.97
N SER B 254 -7.48 -26.38 -12.33
CA SER B 254 -7.56 -27.61 -11.49
C SER B 254 -8.78 -27.59 -10.52
N VAL B 255 -9.01 -26.41 -9.93
CA VAL B 255 -10.00 -26.26 -8.87
C VAL B 255 -11.39 -26.16 -9.47
N ALA B 256 -11.49 -25.40 -10.57
CA ALA B 256 -12.74 -25.34 -11.28
C ALA B 256 -13.14 -26.76 -11.67
N ASP B 257 -12.16 -27.56 -12.07
CA ASP B 257 -12.44 -28.91 -12.53
C ASP B 257 -13.04 -29.78 -11.42
N LEU B 258 -12.47 -29.68 -10.21
CA LEU B 258 -13.03 -30.35 -9.05
C LEU B 258 -14.42 -29.79 -8.77
N ALA B 259 -14.60 -28.49 -9.01
CA ALA B 259 -15.87 -27.82 -8.77
C ALA B 259 -16.94 -28.28 -9.75
N GLU B 260 -16.54 -28.50 -11.01
CA GLU B 260 -17.47 -29.01 -12.02
C GLU B 260 -17.99 -30.37 -11.62
N SER B 261 -17.11 -31.26 -11.18
CA SER B 261 -17.57 -32.57 -10.71
C SER B 261 -18.55 -32.50 -9.51
N ILE B 262 -18.23 -31.66 -8.53
CA ILE B 262 -19.05 -31.53 -7.33
C ILE B 262 -20.39 -30.87 -7.65
N MET B 263 -20.33 -29.81 -8.43
CA MET B 263 -21.52 -29.04 -8.73
C MET B 263 -22.46 -29.71 -9.71
N LYS B 264 -21.94 -30.51 -10.63
CA LYS B 264 -22.77 -31.23 -11.62
C LYS B 264 -22.88 -32.72 -11.32
N ASN B 265 -22.36 -33.14 -10.16
CA ASN B 265 -22.53 -34.51 -9.71
C ASN B 265 -22.02 -35.55 -10.72
N LEU B 266 -20.86 -35.30 -11.29
CA LEU B 266 -20.42 -36.13 -12.37
C LEU B 266 -19.97 -37.53 -11.94
N ARG B 267 -19.53 -37.67 -10.70
CA ARG B 267 -18.86 -38.90 -10.26
C ARG B 267 -17.68 -39.28 -11.15
N ARG B 268 -16.87 -38.27 -11.45
CA ARG B 268 -15.56 -38.47 -12.03
C ARG B 268 -14.57 -38.70 -10.89
N VAL B 269 -13.42 -39.26 -11.23
CA VAL B 269 -12.46 -39.74 -10.25
C VAL B 269 -11.31 -38.77 -10.29
N HIS B 270 -11.10 -38.05 -9.20
CA HIS B 270 -9.97 -37.11 -9.06
C HIS B 270 -9.06 -37.47 -7.86
N PRO B 271 -7.73 -37.38 -8.05
CA PRO B 271 -6.85 -37.62 -6.91
C PRO B 271 -6.92 -36.39 -6.01
N VAL B 272 -7.68 -36.50 -4.93
CA VAL B 272 -7.83 -35.43 -3.97
C VAL B 272 -7.53 -35.93 -2.55
N SER B 273 -7.28 -34.99 -1.64
CA SER B 273 -6.86 -35.30 -0.27
C SER B 273 -8.07 -35.64 0.60
N THR B 274 -8.09 -36.85 1.15
CA THR B 274 -9.20 -37.33 1.96
C THR B 274 -8.70 -38.16 3.14
N MET B 275 -9.60 -38.41 4.08
CA MET B 275 -9.26 -39.03 5.35
C MET B 275 -9.07 -40.53 5.13
N ILE B 276 -7.87 -40.98 4.77
N ILE B 276 -7.84 -40.94 4.82
CA ILE B 276 -7.66 -42.40 4.50
CA ILE B 276 -7.53 -42.34 4.49
C ILE B 276 -7.14 -43.24 5.67
C ILE B 276 -7.22 -43.29 5.65
N LYS B 277 -7.58 -42.95 6.89
CA LYS B 277 -7.43 -43.90 8.00
C LYS B 277 -8.13 -45.21 7.58
N GLY B 278 -7.46 -46.36 7.75
CA GLY B 278 -8.02 -47.65 7.32
C GLY B 278 -7.23 -48.32 6.20
N LEU B 279 -6.75 -47.56 5.22
CA LEU B 279 -5.95 -48.13 4.12
C LEU B 279 -4.44 -47.96 4.34
N TYR B 280 -3.66 -48.81 3.68
CA TYR B 280 -2.19 -48.68 3.58
C TYR B 280 -1.34 -48.76 4.88
N GLY B 281 -1.90 -49.32 5.94
CA GLY B 281 -1.20 -49.43 7.21
C GLY B 281 -1.63 -48.31 8.13
N ILE B 282 -2.28 -47.29 7.57
CA ILE B 282 -2.46 -46.01 8.26
C ILE B 282 -3.54 -46.12 9.34
N LYS B 283 -3.13 -45.88 10.58
CA LYS B 283 -4.03 -46.03 11.69
C LYS B 283 -4.31 -44.72 12.36
N ASP B 284 -4.08 -43.61 11.67
CA ASP B 284 -4.22 -42.28 12.26
C ASP B 284 -5.16 -41.36 11.44
N ASP B 285 -5.80 -40.39 12.10
CA ASP B 285 -6.68 -39.43 11.43
C ASP B 285 -5.84 -38.50 10.54
N VAL B 286 -5.57 -38.95 9.32
CA VAL B 286 -4.67 -38.26 8.41
C VAL B 286 -5.36 -38.18 7.05
N PHE B 287 -5.11 -37.11 6.32
CA PHE B 287 -5.67 -36.91 5.01
C PHE B 287 -4.57 -36.99 3.96
N LEU B 288 -4.70 -37.88 2.98
CA LEU B 288 -3.75 -37.96 1.85
C LEU B 288 -4.54 -38.16 0.57
N SER B 289 -3.91 -37.89 -0.57
CA SER B 289 -4.58 -37.94 -1.87
C SER B 289 -4.60 -39.38 -2.34
N VAL B 290 -5.81 -39.85 -2.59
CA VAL B 290 -6.10 -41.16 -3.14
C VAL B 290 -7.02 -40.83 -4.31
N PRO B 291 -7.23 -41.73 -5.27
CA PRO B 291 -8.23 -41.34 -6.30
C PRO B 291 -9.66 -41.44 -5.75
N CYS B 292 -10.42 -40.36 -5.84
CA CYS B 292 -11.73 -40.28 -5.20
C CYS B 292 -12.86 -39.94 -6.16
N ILE B 293 -14.04 -40.47 -5.91
CA ILE B 293 -15.19 -40.18 -6.75
C ILE B 293 -15.91 -38.95 -6.22
N LEU B 294 -15.91 -37.87 -7.00
CA LEU B 294 -16.52 -36.60 -6.60
C LEU B 294 -17.86 -36.35 -7.22
N GLY B 295 -18.87 -36.19 -6.39
CA GLY B 295 -20.15 -35.74 -6.86
C GLY B 295 -20.75 -34.72 -5.92
N GLN B 296 -22.08 -34.70 -5.86
CA GLN B 296 -22.78 -33.63 -5.19
C GLN B 296 -22.69 -33.75 -3.69
N ASN B 297 -22.45 -34.95 -3.19
CA ASN B 297 -22.14 -35.11 -1.77
C ASN B 297 -20.66 -35.09 -1.42
N GLY B 298 -19.82 -34.62 -2.35
CA GLY B 298 -18.39 -34.56 -2.16
C GLY B 298 -17.78 -35.92 -2.46
N ILE B 299 -17.15 -36.54 -1.47
CA ILE B 299 -16.41 -37.77 -1.69
C ILE B 299 -17.26 -38.94 -1.23
N SER B 300 -17.93 -39.57 -2.20
CA SER B 300 -18.86 -40.68 -1.95
C SER B 300 -18.15 -42.02 -1.82
N ASP B 301 -17.09 -42.20 -2.59
CA ASP B 301 -16.43 -43.46 -2.68
C ASP B 301 -14.99 -43.15 -3.01
N LEU B 302 -14.13 -44.15 -2.89
CA LEU B 302 -12.74 -43.99 -3.32
C LEU B 302 -12.15 -45.28 -3.93
N VAL B 303 -11.11 -45.12 -4.74
CA VAL B 303 -10.50 -46.24 -5.43
C VAL B 303 -9.33 -46.75 -4.61
N LYS B 304 -9.29 -48.05 -4.48
CA LYS B 304 -8.25 -48.72 -3.77
C LYS B 304 -7.24 -49.09 -4.83
N VAL B 305 -6.21 -48.26 -4.95
CA VAL B 305 -5.08 -48.52 -5.86
C VAL B 305 -4.17 -49.63 -5.30
N THR B 306 -3.80 -50.56 -6.17
CA THR B 306 -2.78 -51.55 -5.85
C THR B 306 -1.41 -50.87 -5.84
N LEU B 307 -0.78 -50.79 -4.66
CA LEU B 307 0.48 -50.08 -4.48
C LEU B 307 1.62 -51.05 -4.15
N THR B 308 2.83 -50.76 -4.65
CA THR B 308 4.03 -51.50 -4.25
C THR B 308 4.32 -51.31 -2.75
N SER B 309 5.08 -52.22 -2.14
CA SER B 309 5.39 -52.11 -0.71
C SER B 309 6.16 -50.85 -0.48
N GLU B 310 6.92 -50.45 -1.50
CA GLU B 310 7.67 -49.20 -1.48
C GLU B 310 6.79 -47.97 -1.62
N GLU B 311 5.78 -48.02 -2.49
CA GLU B 311 4.78 -46.94 -2.60
C GLU B 311 3.96 -46.83 -1.31
N GLU B 312 3.54 -47.97 -0.78
CA GLU B 312 2.84 -48.07 0.52
C GLU B 312 3.64 -47.43 1.68
N ALA B 313 4.92 -47.77 1.76
CA ALA B 313 5.85 -47.16 2.72
C ALA B 313 5.85 -45.61 2.66
N ARG B 314 5.85 -45.01 1.46
CA ARG B 314 5.93 -43.56 1.31
C ARG B 314 4.69 -42.92 1.88
N LEU B 315 3.54 -43.49 1.57
CA LEU B 315 2.30 -43.04 2.18
C LEU B 315 2.34 -43.21 3.69
N LYS B 316 2.78 -44.36 4.18
CA LYS B 316 2.76 -44.63 5.62
C LYS B 316 3.69 -43.65 6.37
N LYS B 317 4.84 -43.35 5.76
CA LYS B 317 5.81 -42.43 6.35
C LYS B 317 5.23 -41.04 6.37
N SER B 318 4.63 -40.63 5.25
CA SER B 318 3.87 -39.37 5.17
C SER B 318 2.86 -39.28 6.32
N ALA B 319 2.08 -40.34 6.49
CA ALA B 319 1.00 -40.36 7.48
C ALA B 319 1.56 -40.20 8.86
N ASP B 320 2.65 -40.90 9.15
CA ASP B 320 3.38 -40.68 10.42
C ASP B 320 3.83 -39.21 10.60
N THR B 321 4.68 -38.75 9.69
CA THR B 321 5.07 -37.34 9.60
C THR B 321 3.92 -36.40 9.97
N LEU B 322 2.83 -36.48 9.22
CA LEU B 322 1.68 -35.61 9.42
C LEU B 322 1.06 -35.76 10.81
N TRP B 323 0.78 -36.97 11.24
CA TRP B 323 0.27 -37.14 12.60
C TRP B 323 1.25 -36.53 13.62
N GLY B 324 2.56 -36.63 13.34
CA GLY B 324 3.61 -36.12 14.24
C GLY B 324 3.54 -34.63 14.48
N ILE B 325 2.99 -33.93 13.49
CA ILE B 325 2.66 -32.51 13.56
C ILE B 325 1.25 -32.27 14.14
N GLN B 326 0.24 -32.97 13.60
CA GLN B 326 -1.12 -32.84 14.09
C GLN B 326 -1.30 -33.11 15.58
N LYS B 327 -0.50 -34.00 16.15
CA LYS B 327 -0.64 -34.31 17.57
C LYS B 327 -0.18 -33.12 18.43
N GLU B 328 0.71 -32.29 17.92
CA GLU B 328 1.17 -31.13 18.70
C GLU B 328 0.19 -29.95 18.61
N LEU B 329 -0.61 -29.89 17.54
CA LEU B 329 -1.68 -28.88 17.39
C LEU B 329 -2.67 -28.84 18.57
N GLN B 330 -3.29 -27.67 18.76
CA GLN B 330 -4.30 -27.49 19.82
C GLN B 330 -5.44 -26.59 19.32
N PHE B 331 -6.67 -27.05 19.55
CA PHE B 331 -7.89 -26.46 18.96
C PHE B 331 -8.76 -25.73 20.00
N ALA C 1 -15.03 -61.21 -2.63
CA ALA C 1 -15.81 -59.99 -2.95
C ALA C 1 -15.87 -59.77 -4.45
N THR C 2 -16.84 -58.94 -4.87
CA THR C 2 -17.00 -58.54 -6.28
C THR C 2 -15.74 -57.80 -6.82
N LEU C 3 -15.76 -57.43 -8.10
CA LEU C 3 -14.67 -56.63 -8.65
C LEU C 3 -14.95 -55.21 -8.22
N LYS C 4 -16.17 -54.75 -8.44
CA LYS C 4 -16.56 -53.43 -7.97
C LYS C 4 -15.97 -53.15 -6.60
N ASP C 5 -16.21 -54.09 -5.68
CA ASP C 5 -15.86 -53.92 -4.26
C ASP C 5 -14.38 -54.03 -3.94
N GLN C 6 -13.63 -54.82 -4.69
CA GLN C 6 -12.16 -54.84 -4.55
C GLN C 6 -11.49 -53.58 -5.06
N LEU C 7 -12.19 -52.86 -5.93
CA LEU C 7 -11.69 -51.65 -6.57
C LEU C 7 -12.17 -50.36 -5.91
N ILE C 8 -13.41 -50.34 -5.44
CA ILE C 8 -14.02 -49.13 -4.88
C ILE C 8 -14.50 -49.34 -3.46
N TYR C 9 -13.93 -48.62 -2.50
CA TYR C 9 -14.50 -48.51 -1.17
C TYR C 9 -15.57 -47.45 -1.13
N ASN C 10 -16.77 -47.83 -0.68
CA ASN C 10 -17.92 -46.93 -0.53
C ASN C 10 -17.94 -46.27 0.84
N LEU C 11 -18.02 -44.94 0.88
CA LEU C 11 -17.94 -44.16 2.11
C LEU C 11 -19.32 -43.92 2.66
N LEU C 12 -20.20 -43.46 1.80
CA LEU C 12 -21.60 -43.45 2.13
C LEU C 12 -22.46 -43.70 0.91
N LYS C 13 -23.17 -44.81 0.97
CA LYS C 13 -24.41 -44.93 0.22
C LYS C 13 -25.30 -43.90 0.91
N GLU C 14 -25.92 -43.06 0.10
CA GLU C 14 -26.80 -42.03 0.61
C GLU C 14 -27.62 -41.51 -0.56
N GLU C 15 -28.82 -41.03 -0.24
CA GLU C 15 -29.80 -40.75 -1.24
C GLU C 15 -29.44 -39.49 -2.03
N GLN C 16 -29.63 -39.58 -3.34
CA GLN C 16 -29.55 -38.43 -4.20
C GLN C 16 -30.96 -37.85 -4.32
N THR C 17 -31.13 -36.59 -3.92
CA THR C 17 -32.17 -35.76 -4.46
C THR C 17 -31.47 -34.95 -5.53
N PRO C 18 -32.08 -34.83 -6.72
CA PRO C 18 -31.34 -34.23 -7.82
C PRO C 18 -31.45 -32.72 -7.70
N GLN C 19 -30.47 -32.01 -8.26
CA GLN C 19 -30.33 -30.60 -7.93
C GLN C 19 -30.72 -29.64 -9.07
N ASN C 20 -30.63 -30.06 -10.32
CA ASN C 20 -31.02 -29.19 -11.44
C ASN C 20 -31.71 -30.01 -12.50
N LYS C 21 -32.80 -30.64 -12.10
CA LYS C 21 -33.45 -31.61 -12.94
C LYS C 21 -34.39 -30.96 -13.92
N ILE C 22 -34.29 -31.38 -15.18
CA ILE C 22 -35.22 -30.98 -16.22
C ILE C 22 -35.95 -32.22 -16.74
N THR C 23 -37.27 -32.12 -16.85
CA THR C 23 -38.08 -33.15 -17.45
C THR C 23 -38.58 -32.67 -18.83
N VAL C 24 -38.54 -33.55 -19.82
CA VAL C 24 -39.12 -33.25 -21.13
C VAL C 24 -40.19 -34.29 -21.35
N VAL C 25 -41.40 -33.83 -21.71
CA VAL C 25 -42.56 -34.70 -21.94
C VAL C 25 -42.94 -34.71 -23.42
N GLY C 26 -42.81 -35.88 -24.05
CA GLY C 26 -43.09 -36.05 -25.47
C GLY C 26 -41.76 -36.17 -26.15
N VAL C 27 -41.48 -37.33 -26.72
CA VAL C 27 -40.21 -37.62 -27.38
C VAL C 27 -40.31 -37.75 -28.89
N GLY C 28 -41.19 -36.96 -29.51
CA GLY C 28 -41.19 -36.83 -30.96
C GLY C 28 -40.08 -35.87 -31.34
N ALA C 29 -40.06 -35.42 -32.58
CA ALA C 29 -38.96 -34.58 -33.02
C ALA C 29 -38.80 -33.33 -32.15
N VAL C 30 -39.88 -32.65 -31.84
CA VAL C 30 -39.75 -31.45 -31.05
C VAL C 30 -39.09 -31.74 -29.70
N GLY C 31 -39.65 -32.71 -28.95
CA GLY C 31 -39.17 -33.08 -27.63
C GLY C 31 -37.73 -33.54 -27.58
N MET C 32 -37.33 -34.39 -28.52
CA MET C 32 -35.92 -34.83 -28.52
C MET C 32 -34.96 -33.71 -28.93
N ALA C 33 -35.40 -32.82 -29.81
CA ALA C 33 -34.59 -31.68 -30.20
C ALA C 33 -34.37 -30.68 -29.03
N CYS C 34 -35.34 -30.56 -28.14
CA CYS C 34 -35.16 -29.89 -26.85
C CYS C 34 -34.18 -30.70 -25.97
N ALA C 35 -34.30 -32.01 -25.94
CA ALA C 35 -33.49 -32.77 -25.01
C ALA C 35 -32.03 -32.70 -25.43
N ILE C 36 -31.74 -32.83 -26.72
CA ILE C 36 -30.34 -32.79 -27.19
C ILE C 36 -29.79 -31.35 -27.01
N SER C 37 -30.56 -30.34 -27.36
CA SER C 37 -30.14 -28.98 -27.10
C SER C 37 -29.73 -28.74 -25.62
N ILE C 38 -30.46 -29.32 -24.68
CA ILE C 38 -30.24 -29.08 -23.26
C ILE C 38 -29.01 -29.87 -22.78
N LEU C 39 -28.89 -31.08 -23.27
CA LEU C 39 -27.77 -31.89 -22.87
C LEU C 39 -26.47 -31.20 -23.26
N MET C 40 -26.51 -30.52 -24.40
CA MET C 40 -25.34 -29.93 -24.97
C MET C 40 -25.05 -28.56 -24.45
N LYS C 41 -25.99 -27.94 -23.75
CA LYS C 41 -25.73 -26.68 -23.06
C LYS C 41 -25.48 -26.88 -21.56
N ASP C 42 -25.22 -28.13 -21.20
CA ASP C 42 -25.07 -28.54 -19.83
C ASP C 42 -25.98 -27.82 -18.83
N LEU C 43 -27.28 -27.72 -19.10
CA LEU C 43 -28.19 -26.99 -18.21
C LEU C 43 -28.67 -27.77 -17.00
N ALA C 44 -28.62 -29.11 -17.08
CA ALA C 44 -29.19 -30.02 -16.07
C ALA C 44 -28.21 -31.11 -15.62
N ASP C 45 -28.36 -31.56 -14.38
CA ASP C 45 -27.59 -32.70 -13.82
C ASP C 45 -28.39 -34.00 -13.88
N GLU C 46 -29.67 -33.88 -14.26
CA GLU C 46 -30.57 -35.03 -14.44
C GLU C 46 -31.67 -34.68 -15.45
N LEU C 47 -31.85 -35.54 -16.44
CA LEU C 47 -32.85 -35.33 -17.48
C LEU C 47 -33.81 -36.53 -17.51
N ALA C 48 -35.10 -36.25 -17.34
CA ALA C 48 -36.14 -37.29 -17.38
C ALA C 48 -36.97 -37.13 -18.64
N LEU C 49 -37.12 -38.21 -19.40
CA LEU C 49 -38.06 -38.28 -20.53
C LEU C 49 -39.37 -39.04 -20.14
N VAL C 50 -40.51 -38.52 -20.55
CA VAL C 50 -41.80 -39.21 -20.37
C VAL C 50 -42.63 -39.21 -21.64
N ASP C 51 -43.20 -40.36 -21.97
CA ASP C 51 -44.17 -40.48 -23.05
C ASP C 51 -45.00 -41.76 -22.78
N VAL C 52 -46.05 -41.98 -23.59
CA VAL C 52 -46.88 -43.23 -23.50
C VAL C 52 -46.39 -44.31 -24.50
N ILE C 53 -45.52 -43.91 -25.43
CA ILE C 53 -45.04 -44.83 -26.43
C ILE C 53 -43.73 -45.42 -25.87
N GLU C 54 -43.82 -46.59 -25.22
CA GLU C 54 -42.73 -47.11 -24.39
C GLU C 54 -41.51 -47.56 -25.18
N ASP C 55 -41.73 -48.17 -26.34
N ASP C 55 -41.76 -48.13 -26.36
CA ASP C 55 -40.63 -48.57 -27.20
CA ASP C 55 -40.70 -48.58 -27.27
C ASP C 55 -39.82 -47.35 -27.62
C ASP C 55 -39.84 -47.40 -27.71
N LYS C 56 -40.49 -46.37 -28.25
CA LYS C 56 -39.82 -45.11 -28.64
C LYS C 56 -39.03 -44.50 -27.48
N LEU C 57 -39.59 -44.58 -26.29
CA LEU C 57 -39.11 -43.86 -25.13
C LEU C 57 -37.86 -44.53 -24.62
N LYS C 58 -37.91 -45.85 -24.51
CA LYS C 58 -36.73 -46.59 -24.07
C LYS C 58 -35.62 -46.44 -25.12
N GLY C 59 -36.00 -46.37 -26.39
CA GLY C 59 -35.05 -46.26 -27.48
C GLY C 59 -34.31 -44.96 -27.43
N GLU C 60 -35.03 -43.87 -27.17
CA GLU C 60 -34.41 -42.55 -27.10
C GLU C 60 -33.53 -42.38 -25.88
N MET C 61 -34.03 -42.78 -24.72
CA MET C 61 -33.21 -42.80 -23.51
C MET C 61 -31.91 -43.58 -23.71
N MET C 62 -32.00 -44.75 -24.33
CA MET C 62 -30.79 -45.55 -24.51
C MET C 62 -29.80 -44.87 -25.45
N ASP C 63 -30.33 -44.15 -26.45
CA ASP C 63 -29.50 -43.57 -27.48
C ASP C 63 -28.73 -42.36 -26.92
N LEU C 64 -29.44 -41.51 -26.18
CA LEU C 64 -28.83 -40.43 -25.42
C LEU C 64 -27.81 -40.99 -24.42
N GLN C 65 -28.21 -41.98 -23.63
CA GLN C 65 -27.32 -42.56 -22.64
C GLN C 65 -26.02 -42.98 -23.30
N HIS C 66 -26.11 -43.56 -24.49
CA HIS C 66 -24.91 -44.10 -25.13
C HIS C 66 -23.91 -43.03 -25.54
N GLY C 67 -24.32 -41.78 -25.60
CA GLY C 67 -23.36 -40.71 -25.82
C GLY C 67 -22.96 -39.96 -24.57
N SER C 68 -23.08 -40.62 -23.41
CA SER C 68 -22.82 -40.05 -22.09
C SER C 68 -21.42 -39.57 -21.89
N LEU C 69 -20.46 -40.35 -22.41
N LEU C 69 -20.47 -40.36 -22.41
CA LEU C 69 -19.05 -40.02 -22.36
CA LEU C 69 -19.04 -40.04 -22.42
C LEU C 69 -18.77 -38.64 -22.93
C LEU C 69 -18.77 -38.64 -22.93
N PHE C 70 -19.64 -38.15 -23.81
CA PHE C 70 -19.47 -36.87 -24.49
C PHE C 70 -20.33 -35.75 -23.90
N LEU C 71 -20.87 -35.99 -22.70
CA LEU C 71 -21.86 -35.08 -22.05
C LEU C 71 -21.56 -34.92 -20.56
N ARG C 72 -22.05 -33.87 -19.94
CA ARG C 72 -21.75 -33.63 -18.53
C ARG C 72 -23.08 -33.50 -17.82
N THR C 73 -23.93 -34.48 -18.11
CA THR C 73 -25.26 -34.58 -17.53
C THR C 73 -25.45 -36.00 -17.11
N PRO C 74 -25.03 -36.37 -15.90
CA PRO C 74 -24.77 -37.76 -15.51
C PRO C 74 -25.94 -38.72 -15.39
N LYS C 75 -27.18 -38.24 -15.37
CA LYS C 75 -28.32 -39.14 -15.26
C LYS C 75 -29.43 -38.79 -16.24
N ILE C 76 -29.76 -39.78 -17.06
CA ILE C 76 -30.85 -39.70 -17.99
C ILE C 76 -31.77 -40.87 -17.64
N VAL C 77 -33.06 -40.59 -17.52
CA VAL C 77 -34.02 -41.62 -17.17
C VAL C 77 -35.28 -41.45 -18.01
N SER C 78 -36.09 -42.49 -18.07
CA SER C 78 -37.36 -42.37 -18.76
C SER C 78 -38.40 -43.33 -18.25
N GLY C 79 -39.65 -43.05 -18.55
CA GLY C 79 -40.71 -43.93 -18.16
C GLY C 79 -42.04 -43.31 -18.47
N LYS C 80 -43.09 -44.14 -18.44
CA LYS C 80 -44.46 -43.66 -18.61
C LYS C 80 -44.99 -43.14 -17.28
N ASP C 81 -44.41 -43.60 -16.18
CA ASP C 81 -44.78 -43.18 -14.84
C ASP C 81 -44.14 -41.86 -14.41
N TYR C 82 -44.95 -40.86 -14.06
CA TYR C 82 -44.43 -39.52 -13.75
C TYR C 82 -43.58 -39.50 -12.47
N ASN C 83 -43.51 -40.61 -11.75
CA ASN C 83 -42.58 -40.65 -10.62
C ASN C 83 -41.11 -40.36 -11.05
N VAL C 84 -40.76 -40.65 -12.30
CA VAL C 84 -39.44 -40.33 -12.82
C VAL C 84 -39.21 -38.83 -13.04
N THR C 85 -40.27 -38.03 -12.92
CA THR C 85 -40.15 -36.58 -13.10
C THR C 85 -39.92 -35.85 -11.77
N ALA C 86 -39.79 -36.61 -10.68
CA ALA C 86 -39.85 -36.03 -9.34
C ALA C 86 -38.75 -35.02 -9.13
N ASN C 87 -39.08 -33.92 -8.48
CA ASN C 87 -38.11 -32.90 -8.09
C ASN C 87 -37.47 -32.21 -9.30
N SER C 88 -38.27 -31.95 -10.32
CA SER C 88 -37.79 -31.27 -11.51
C SER C 88 -37.90 -29.79 -11.22
N LYS C 89 -36.87 -29.04 -11.61
CA LYS C 89 -36.93 -27.58 -11.58
C LYS C 89 -37.79 -27.05 -12.72
N LEU C 90 -37.76 -27.73 -13.86
CA LEU C 90 -38.43 -27.23 -15.03
C LEU C 90 -38.98 -28.40 -15.83
N VAL C 91 -40.23 -28.27 -16.25
CA VAL C 91 -40.89 -29.32 -17.00
C VAL C 91 -41.41 -28.74 -18.32
N ILE C 92 -40.84 -29.25 -19.40
CA ILE C 92 -41.12 -28.83 -20.75
C ILE C 92 -42.15 -29.79 -21.34
N ILE C 93 -43.30 -29.28 -21.76
CA ILE C 93 -44.38 -30.10 -22.25
C ILE C 93 -44.44 -29.92 -23.76
N THR C 94 -44.09 -30.96 -24.50
CA THR C 94 -44.27 -31.00 -25.96
C THR C 94 -45.41 -31.91 -26.43
N ALA C 95 -45.98 -32.69 -25.50
CA ALA C 95 -47.08 -33.63 -25.78
C ALA C 95 -48.32 -32.98 -26.33
N GLY C 96 -49.08 -33.72 -27.13
CA GLY C 96 -50.39 -33.26 -27.53
C GLY C 96 -51.21 -34.26 -28.33
N ALA C 97 -52.32 -33.77 -28.85
CA ALA C 97 -53.22 -34.61 -29.64
C ALA C 97 -52.72 -34.72 -31.07
N ARG C 98 -52.87 -35.88 -31.71
CA ARG C 98 -52.58 -35.95 -33.15
C ARG C 98 -53.75 -35.38 -33.94
N GLN C 99 -53.46 -34.41 -34.80
CA GLN C 99 -54.50 -33.75 -35.57
C GLN C 99 -55.22 -34.77 -36.44
N GLN C 100 -56.49 -34.54 -36.74
CA GLN C 100 -57.35 -35.55 -37.37
C GLN C 100 -57.96 -35.16 -38.71
N GLU C 101 -57.72 -33.93 -39.15
CA GLU C 101 -58.27 -33.40 -40.43
C GLU C 101 -59.77 -33.74 -40.67
N GLY C 102 -60.52 -32.67 -40.89
CA GLY C 102 -61.95 -32.65 -40.67
C GLY C 102 -62.12 -31.84 -39.41
N GLU C 103 -61.49 -32.33 -38.34
CA GLU C 103 -61.57 -31.76 -37.02
C GLU C 103 -61.64 -30.23 -37.02
N SER C 104 -62.59 -29.67 -36.27
CA SER C 104 -62.61 -28.23 -35.99
C SER C 104 -61.43 -27.94 -35.12
N ARG C 105 -60.98 -26.70 -35.11
CA ARG C 105 -59.86 -26.30 -34.22
C ARG C 105 -60.24 -26.53 -32.76
N LEU C 106 -61.45 -26.10 -32.38
CA LEU C 106 -62.04 -26.38 -31.04
C LEU C 106 -61.86 -27.83 -30.55
N ASN C 107 -62.36 -28.79 -31.32
CA ASN C 107 -62.23 -30.17 -30.92
C ASN C 107 -60.78 -30.60 -30.71
N LEU C 108 -59.90 -30.17 -31.61
CA LEU C 108 -58.49 -30.45 -31.48
C LEU C 108 -57.98 -29.93 -30.15
N VAL C 109 -58.39 -28.73 -29.76
CA VAL C 109 -57.88 -28.16 -28.55
C VAL C 109 -58.44 -28.93 -27.34
N GLN C 110 -59.72 -29.33 -27.42
CA GLN C 110 -60.36 -30.12 -26.36
C GLN C 110 -59.68 -31.46 -26.12
N ARG C 111 -59.14 -32.06 -27.16
CA ARG C 111 -58.44 -33.32 -26.97
C ARG C 111 -57.09 -33.07 -26.32
N ASN C 112 -56.47 -31.97 -26.69
CA ASN C 112 -55.29 -31.54 -25.96
C ASN C 112 -55.70 -31.29 -24.51
N VAL C 113 -56.85 -30.65 -24.27
CA VAL C 113 -57.27 -30.40 -22.89
C VAL C 113 -57.32 -31.72 -22.12
N ASN C 114 -57.88 -32.74 -22.74
CA ASN C 114 -58.06 -34.00 -22.05
C ASN C 114 -56.76 -34.71 -21.76
N ILE C 115 -55.77 -34.50 -22.61
CA ILE C 115 -54.44 -35.04 -22.39
C ILE C 115 -53.78 -34.29 -21.24
N PHE C 116 -53.92 -32.98 -21.24
CA PHE C 116 -53.33 -32.18 -20.18
C PHE C 116 -54.04 -32.51 -18.86
N LYS C 117 -55.31 -32.91 -18.94
CA LYS C 117 -56.04 -33.31 -17.74
C LYS C 117 -55.35 -34.47 -17.06
N PHE C 118 -54.73 -35.34 -17.83
CA PHE C 118 -53.96 -36.44 -17.25
C PHE C 118 -52.53 -36.01 -16.87
N ILE C 119 -51.85 -35.32 -17.80
CA ILE C 119 -50.44 -34.97 -17.67
C ILE C 119 -50.15 -33.93 -16.56
N ILE C 120 -50.86 -32.82 -16.60
CA ILE C 120 -50.45 -31.71 -15.80
C ILE C 120 -50.59 -31.99 -14.34
N PRO C 121 -51.65 -32.67 -13.91
CA PRO C 121 -51.68 -32.99 -12.48
C PRO C 121 -50.57 -33.95 -12.08
N ASN C 122 -50.22 -34.90 -12.95
CA ASN C 122 -49.11 -35.78 -12.60
C ASN C 122 -47.82 -35.00 -12.42
N VAL C 123 -47.50 -34.12 -13.37
CA VAL C 123 -46.35 -33.25 -13.21
C VAL C 123 -46.33 -32.52 -11.87
N VAL C 124 -47.40 -31.81 -11.51
CA VAL C 124 -47.36 -31.00 -10.28
C VAL C 124 -47.30 -31.90 -9.06
N LYS C 125 -47.91 -33.07 -9.14
CA LYS C 125 -47.88 -33.99 -8.02
C LYS C 125 -46.45 -34.36 -7.62
N TYR C 126 -45.54 -34.48 -8.60
CA TYR C 126 -44.18 -34.99 -8.35
C TYR C 126 -43.13 -33.90 -8.27
N SER C 127 -43.46 -32.72 -8.79
CA SER C 127 -42.53 -31.58 -8.79
C SER C 127 -43.39 -30.34 -8.55
N PRO C 128 -43.90 -30.21 -7.31
CA PRO C 128 -44.86 -29.15 -7.03
C PRO C 128 -44.31 -27.73 -7.15
N ASN C 129 -42.97 -27.59 -7.13
CA ASN C 129 -42.33 -26.26 -7.22
C ASN C 129 -41.71 -25.97 -8.60
N CYS C 130 -42.01 -26.80 -9.58
CA CYS C 130 -41.39 -26.62 -10.87
C CYS C 130 -41.97 -25.43 -11.66
N LYS C 131 -41.25 -25.03 -12.71
CA LYS C 131 -41.80 -24.18 -13.75
C LYS C 131 -42.24 -25.07 -14.91
N LEU C 132 -43.42 -24.76 -15.46
CA LEU C 132 -43.92 -25.41 -16.65
C LEU C 132 -43.66 -24.55 -17.89
N LEU C 133 -43.00 -25.15 -18.89
CA LEU C 133 -42.78 -24.55 -20.19
C LEU C 133 -43.60 -25.35 -21.18
N ILE C 134 -44.63 -24.73 -21.74
CA ILE C 134 -45.48 -25.37 -22.73
C ILE C 134 -44.98 -25.02 -24.11
N VAL C 135 -44.84 -26.04 -24.95
CA VAL C 135 -44.36 -25.92 -26.34
C VAL C 135 -45.46 -26.37 -27.27
N SER C 136 -46.18 -27.40 -26.85
CA SER C 136 -47.37 -27.89 -27.52
C SER C 136 -48.21 -26.83 -28.19
N ASN C 137 -48.55 -27.04 -29.46
CA ASN C 137 -49.52 -26.13 -30.10
C ASN C 137 -50.95 -26.61 -29.98
N PRO C 138 -51.90 -25.67 -30.05
CA PRO C 138 -51.71 -24.22 -30.17
C PRO C 138 -51.22 -23.62 -28.86
N VAL C 139 -50.02 -23.10 -28.84
CA VAL C 139 -49.32 -22.80 -27.58
C VAL C 139 -49.94 -21.71 -26.70
N ASP C 140 -50.46 -20.62 -27.27
CA ASP C 140 -50.99 -19.56 -26.44
C ASP C 140 -52.21 -20.10 -25.68
N ILE C 141 -52.96 -21.02 -26.28
CA ILE C 141 -54.15 -21.58 -25.62
C ILE C 141 -53.76 -22.67 -24.63
N LEU C 142 -52.89 -23.56 -25.06
CA LEU C 142 -52.47 -24.66 -24.19
C LEU C 142 -51.66 -24.23 -22.96
N THR C 143 -51.15 -22.99 -22.96
CA THR C 143 -50.41 -22.48 -21.81
C THR C 143 -51.42 -22.06 -20.77
N TYR C 144 -52.51 -21.46 -21.24
CA TYR C 144 -53.67 -21.18 -20.40
C TYR C 144 -54.21 -22.49 -19.84
N VAL C 145 -54.40 -23.49 -20.70
CA VAL C 145 -54.91 -24.78 -20.24
C VAL C 145 -54.07 -25.34 -19.09
N ALA C 146 -52.74 -25.33 -19.23
CA ALA C 146 -51.86 -25.89 -18.20
C ALA C 146 -51.94 -25.12 -16.90
N TRP C 147 -52.09 -23.82 -17.02
CA TRP C 147 -52.23 -22.94 -15.87
C TRP C 147 -53.50 -23.20 -15.09
N LYS C 148 -54.59 -23.33 -15.82
CA LYS C 148 -55.88 -23.48 -15.20
C LYS C 148 -55.95 -24.85 -14.49
N ILE C 149 -55.31 -25.86 -15.06
CA ILE C 149 -55.28 -27.19 -14.44
C ILE C 149 -54.27 -27.30 -13.30
N SER C 150 -53.07 -26.70 -13.46
CA SER C 150 -51.99 -26.82 -12.48
C SER C 150 -52.31 -26.07 -11.21
N GLY C 151 -53.04 -24.97 -11.35
CA GLY C 151 -53.28 -24.04 -10.26
C GLY C 151 -52.03 -23.34 -9.80
N PHE C 152 -50.92 -23.50 -10.54
CA PHE C 152 -49.71 -22.71 -10.31
C PHE C 152 -49.95 -21.22 -10.56
N PRO C 153 -49.23 -20.34 -9.88
CA PRO C 153 -49.25 -18.96 -10.30
C PRO C 153 -48.63 -18.73 -11.68
N LYS C 154 -49.07 -17.65 -12.33
CA LYS C 154 -48.80 -17.40 -13.74
C LYS C 154 -47.33 -17.23 -14.05
N ASN C 155 -46.57 -16.89 -13.01
CA ASN C 155 -45.14 -16.71 -13.16
C ASN C 155 -44.44 -18.02 -13.51
N ARG C 156 -45.02 -19.16 -13.14
CA ARG C 156 -44.43 -20.45 -13.46
C ARG C 156 -45.16 -21.22 -14.53
N VAL C 157 -46.02 -20.56 -15.29
CA VAL C 157 -46.60 -21.21 -16.46
C VAL C 157 -46.34 -20.33 -17.68
N ILE C 158 -45.38 -20.82 -18.46
CA ILE C 158 -44.78 -20.10 -19.56
C ILE C 158 -45.00 -20.86 -20.85
N GLY C 159 -45.51 -20.18 -21.86
CA GLY C 159 -45.58 -20.75 -23.20
C GLY C 159 -44.37 -20.35 -24.01
N SER C 160 -43.87 -21.23 -24.89
CA SER C 160 -42.72 -20.85 -25.70
C SER C 160 -43.10 -19.72 -26.70
N GLY C 161 -44.39 -19.62 -27.04
CA GLY C 161 -44.90 -18.39 -27.64
C GLY C 161 -44.17 -17.92 -28.89
N CYS C 162 -43.76 -16.66 -28.92
CA CYS C 162 -43.09 -16.11 -30.09
C CYS C 162 -41.55 -16.02 -29.98
N ASN C 163 -40.94 -16.75 -29.05
CA ASN C 163 -39.47 -16.85 -28.93
C ASN C 163 -38.78 -17.26 -30.24
N LEU C 164 -39.25 -18.36 -30.83
CA LEU C 164 -38.74 -18.80 -32.13
C LEU C 164 -39.15 -17.86 -33.27
N ASP C 165 -40.38 -17.35 -33.24
CA ASP C 165 -40.83 -16.40 -34.30
C ASP C 165 -39.84 -15.22 -34.38
N SER C 166 -39.55 -14.64 -33.22
CA SER C 166 -38.59 -13.57 -33.10
C SER C 166 -37.16 -13.97 -33.56
N ALA C 167 -36.66 -15.15 -33.18
CA ALA C 167 -35.39 -15.64 -33.75
C ALA C 167 -35.40 -15.74 -35.29
N ARG C 168 -36.48 -16.27 -35.86
CA ARG C 168 -36.63 -16.33 -37.34
C ARG C 168 -36.57 -14.94 -37.91
N PHE C 169 -37.34 -14.04 -37.33
CA PHE C 169 -37.33 -12.65 -37.73
C PHE C 169 -35.90 -12.06 -37.76
N ARG C 170 -35.11 -12.38 -36.74
CA ARG C 170 -33.76 -11.84 -36.63
C ARG C 170 -32.80 -12.51 -37.58
N TYR C 171 -32.93 -13.82 -37.76
CA TYR C 171 -32.14 -14.49 -38.79
C TYR C 171 -32.36 -13.82 -40.15
N LEU C 172 -33.62 -13.55 -40.47
CA LEU C 172 -34.01 -12.96 -41.77
C LEU C 172 -33.60 -11.51 -41.86
N MET C 173 -33.91 -10.74 -40.81
CA MET C 173 -33.34 -9.40 -40.65
C MET C 173 -31.85 -9.46 -40.94
N GLY C 174 -31.20 -10.48 -40.40
CA GLY C 174 -29.79 -10.74 -40.61
C GLY C 174 -29.32 -11.02 -42.03
N GLU C 175 -29.92 -11.97 -42.73
N GLU C 175 -29.97 -11.98 -42.70
CA GLU C 175 -29.48 -12.24 -44.10
CA GLU C 175 -29.69 -12.31 -44.10
C GLU C 175 -29.73 -11.03 -45.02
C GLU C 175 -29.76 -11.05 -44.97
N ARG C 176 -30.73 -10.19 -44.73
CA ARG C 176 -30.95 -8.99 -45.54
C ARG C 176 -29.86 -7.93 -45.34
N LEU C 177 -29.47 -7.74 -44.09
CA LEU C 177 -28.60 -6.67 -43.68
C LEU C 177 -27.13 -7.06 -43.69
N GLY C 178 -26.84 -8.34 -43.83
CA GLY C 178 -25.47 -8.82 -43.77
C GLY C 178 -24.81 -8.76 -42.40
N VAL C 179 -25.61 -8.89 -41.35
CA VAL C 179 -25.16 -8.82 -39.96
C VAL C 179 -25.63 -10.07 -39.19
N HIS C 180 -24.82 -10.55 -38.24
CA HIS C 180 -25.20 -11.74 -37.45
C HIS C 180 -26.47 -11.40 -36.70
N PRO C 181 -27.40 -12.36 -36.52
CA PRO C 181 -28.68 -12.04 -35.86
C PRO C 181 -28.61 -11.59 -34.40
N LEU C 182 -27.63 -12.09 -33.65
CA LEU C 182 -27.30 -11.57 -32.32
C LEU C 182 -27.26 -10.08 -32.26
N SER C 183 -26.83 -9.44 -33.35
CA SER C 183 -26.80 -7.99 -33.48
C SER C 183 -27.96 -7.35 -34.26
N CYS C 184 -28.94 -8.12 -34.72
CA CYS C 184 -30.10 -7.53 -35.39
C CYS C 184 -31.22 -7.63 -34.41
N HIS C 185 -31.95 -6.56 -34.11
CA HIS C 185 -32.96 -6.62 -33.04
C HIS C 185 -34.34 -6.28 -33.57
N GLY C 186 -35.32 -7.15 -33.31
CA GLY C 186 -36.71 -6.96 -33.74
C GLY C 186 -37.58 -7.97 -33.02
N TRP C 187 -38.80 -7.61 -32.73
CA TRP C 187 -39.63 -8.47 -31.88
C TRP C 187 -40.94 -8.82 -32.56
N VAL C 188 -41.19 -10.11 -32.71
CA VAL C 188 -42.53 -10.56 -33.06
C VAL C 188 -43.25 -10.82 -31.73
N LEU C 189 -44.45 -10.26 -31.59
CA LEU C 189 -45.24 -10.35 -30.38
C LEU C 189 -46.70 -10.75 -30.66
N GLY C 190 -47.41 -11.11 -29.59
CA GLY C 190 -48.83 -11.42 -29.64
C GLY C 190 -49.06 -12.90 -29.79
N GLU C 191 -49.97 -13.26 -30.71
CA GLU C 191 -50.34 -14.67 -30.93
C GLU C 191 -49.33 -15.38 -31.78
N HIS C 192 -48.80 -16.51 -31.29
CA HIS C 192 -47.87 -17.33 -32.08
C HIS C 192 -48.57 -17.93 -33.26
N GLY C 193 -48.36 -17.36 -34.44
CA GLY C 193 -48.96 -17.88 -35.63
C GLY C 193 -49.29 -16.83 -36.67
N ASP C 194 -50.39 -17.07 -37.36
CA ASP C 194 -50.83 -16.20 -38.43
C ASP C 194 -50.90 -14.76 -37.94
N SER C 195 -51.45 -14.58 -36.74
CA SER C 195 -51.83 -13.26 -36.25
C SER C 195 -50.75 -12.51 -35.48
N SER C 196 -49.51 -12.99 -35.54
CA SER C 196 -48.44 -12.42 -34.74
C SER C 196 -48.12 -11.01 -35.23
N VAL C 197 -47.67 -10.14 -34.33
CA VAL C 197 -47.37 -8.75 -34.68
C VAL C 197 -45.86 -8.42 -34.76
N PRO C 198 -45.38 -7.96 -35.93
CA PRO C 198 -43.99 -7.52 -36.06
C PRO C 198 -43.88 -6.06 -35.67
N VAL C 199 -43.12 -5.79 -34.62
CA VAL C 199 -43.06 -4.46 -34.08
C VAL C 199 -41.92 -3.72 -34.78
N TRP C 200 -42.29 -3.00 -35.84
CA TRP C 200 -41.33 -2.33 -36.74
C TRP C 200 -40.65 -1.18 -36.03
N SER C 201 -41.40 -0.46 -35.21
CA SER C 201 -40.83 0.61 -34.40
C SER C 201 -39.58 0.12 -33.65
N GLY C 202 -39.64 -1.10 -33.12
CA GLY C 202 -38.53 -1.66 -32.37
C GLY C 202 -37.35 -2.23 -33.14
N MET C 203 -37.45 -2.35 -34.47
CA MET C 203 -36.39 -2.97 -35.27
C MET C 203 -35.14 -2.11 -35.43
N ASN C 204 -34.00 -2.59 -34.95
CA ASN C 204 -32.78 -1.78 -34.97
C ASN C 204 -31.51 -2.57 -35.11
N VAL C 205 -30.44 -1.85 -35.41
CA VAL C 205 -29.09 -2.35 -35.31
C VAL C 205 -28.26 -1.27 -34.61
N ALA C 206 -27.58 -1.65 -33.52
CA ALA C 206 -26.76 -0.74 -32.73
C ALA C 206 -27.55 0.45 -32.26
N GLY C 207 -28.83 0.20 -32.03
CA GLY C 207 -29.72 1.21 -31.50
C GLY C 207 -30.09 2.27 -32.52
N VAL C 208 -30.00 1.93 -33.81
CA VAL C 208 -30.50 2.77 -34.90
C VAL C 208 -31.84 2.22 -35.36
N SER C 209 -32.93 2.95 -35.09
CA SER C 209 -34.29 2.58 -35.56
C SER C 209 -34.35 2.50 -37.07
N LEU C 210 -34.64 1.32 -37.61
CA LEU C 210 -34.84 1.15 -39.05
C LEU C 210 -36.08 1.94 -39.53
N LYS C 211 -37.16 1.90 -38.75
CA LYS C 211 -38.36 2.68 -39.05
C LYS C 211 -38.11 4.21 -39.19
N THR C 212 -37.21 4.77 -38.38
CA THR C 212 -36.89 6.20 -38.53
C THR C 212 -35.99 6.40 -39.76
N LEU C 213 -35.18 5.40 -40.06
CA LEU C 213 -34.30 5.48 -41.21
C LEU C 213 -35.06 5.30 -42.56
N HIS C 214 -36.15 4.55 -42.57
CA HIS C 214 -36.89 4.21 -43.79
C HIS C 214 -38.36 4.18 -43.36
N PRO C 215 -39.02 5.35 -43.32
CA PRO C 215 -40.35 5.36 -42.69
C PRO C 215 -41.40 4.46 -43.32
N ASP C 216 -41.19 4.05 -44.58
CA ASP C 216 -42.13 3.13 -45.25
C ASP C 216 -42.08 1.66 -44.76
N LEU C 217 -41.03 1.31 -44.01
CA LEU C 217 -40.86 -0.03 -43.41
C LEU C 217 -42.15 -0.64 -42.84
N GLY C 218 -42.54 -1.80 -43.37
CA GLY C 218 -43.68 -2.56 -42.83
C GLY C 218 -45.02 -2.02 -43.27
N THR C 219 -45.06 -1.56 -44.52
CA THR C 219 -46.25 -0.95 -45.10
C THR C 219 -46.39 -1.44 -46.55
N ASP C 220 -47.60 -1.30 -47.11
CA ASP C 220 -47.84 -1.68 -48.49
C ASP C 220 -46.91 -0.88 -49.40
N LYS C 221 -46.88 0.44 -49.24
CA LYS C 221 -46.06 1.29 -50.10
C LYS C 221 -44.53 1.11 -49.95
N ASP C 222 -44.07 0.22 -49.04
CA ASP C 222 -42.63 -0.08 -48.83
C ASP C 222 -42.04 -0.64 -50.10
N LYS C 223 -41.02 0.05 -50.62
CA LYS C 223 -40.36 -0.36 -51.85
C LYS C 223 -39.52 -1.66 -51.63
N GLU C 224 -38.79 -1.75 -50.52
CA GLU C 224 -38.04 -2.99 -50.16
C GLU C 224 -38.93 -4.12 -49.59
N GLN C 225 -40.25 -3.88 -49.53
CA GLN C 225 -41.24 -4.82 -48.99
C GLN C 225 -40.79 -5.61 -47.75
N TRP C 226 -40.43 -4.91 -46.69
CA TRP C 226 -40.00 -5.58 -45.48
C TRP C 226 -41.17 -6.37 -44.88
N LYS C 227 -42.41 -6.06 -45.27
CA LYS C 227 -43.55 -6.81 -44.74
C LYS C 227 -43.45 -8.32 -45.07
N GLU C 228 -42.79 -8.66 -46.18
CA GLU C 228 -42.52 -10.05 -46.59
C GLU C 228 -41.66 -10.80 -45.59
N VAL C 229 -40.82 -10.09 -44.87
CA VAL C 229 -40.01 -10.73 -43.85
C VAL C 229 -40.94 -11.34 -42.79
N HIS C 230 -41.94 -10.58 -42.38
CA HIS C 230 -42.88 -11.11 -41.40
C HIS C 230 -43.69 -12.25 -42.00
N LYS C 231 -44.01 -12.17 -43.29
CA LYS C 231 -44.78 -13.23 -43.94
C LYS C 231 -43.97 -14.52 -43.94
N GLN C 232 -42.68 -14.43 -44.26
CA GLN C 232 -41.82 -15.60 -44.22
C GLN C 232 -41.73 -16.18 -42.81
N VAL C 233 -41.81 -15.33 -41.79
CA VAL C 233 -41.76 -15.79 -40.41
C VAL C 233 -43.01 -16.61 -40.09
N VAL C 234 -44.15 -16.08 -40.49
CA VAL C 234 -45.45 -16.70 -40.22
C VAL C 234 -45.53 -18.09 -40.86
N GLU C 235 -44.93 -18.24 -42.05
CA GLU C 235 -45.10 -19.40 -42.91
C GLU C 235 -43.92 -20.38 -42.94
N SER C 236 -42.98 -20.23 -42.03
CA SER C 236 -41.76 -21.03 -42.06
C SER C 236 -42.03 -22.48 -41.65
N ALA C 237 -42.74 -22.65 -40.55
CA ALA C 237 -43.12 -23.98 -40.08
C ALA C 237 -43.98 -24.72 -41.12
N TYR C 238 -44.76 -23.99 -41.91
CA TYR C 238 -45.47 -24.62 -43.02
C TYR C 238 -44.46 -25.06 -44.10
N GLU C 239 -43.54 -24.15 -44.47
CA GLU C 239 -42.57 -24.40 -45.55
C GLU C 239 -41.53 -25.49 -45.21
N VAL C 240 -41.15 -25.52 -43.93
CA VAL C 240 -40.22 -26.51 -43.45
C VAL C 240 -40.95 -27.86 -43.36
N ILE C 241 -42.15 -27.87 -42.77
CA ILE C 241 -42.95 -29.10 -42.67
C ILE C 241 -43.24 -29.69 -44.05
N LYS C 242 -43.63 -28.84 -44.99
CA LYS C 242 -43.87 -29.27 -46.36
C LYS C 242 -42.57 -29.83 -46.95
N LEU C 243 -41.42 -29.24 -46.62
CA LEU C 243 -40.14 -29.68 -47.20
C LEU C 243 -39.50 -30.93 -46.55
N LYS C 244 -39.53 -31.04 -45.23
CA LYS C 244 -38.86 -32.14 -44.52
C LYS C 244 -39.77 -32.91 -43.54
N GLY C 245 -41.06 -32.59 -43.49
CA GLY C 245 -42.02 -33.45 -42.81
C GLY C 245 -42.39 -33.00 -41.43
N TYR C 246 -41.51 -32.30 -40.73
CA TYR C 246 -41.79 -31.79 -39.38
C TYR C 246 -40.85 -30.59 -39.20
N THR C 247 -40.85 -29.96 -38.03
CA THR C 247 -39.77 -29.03 -37.66
C THR C 247 -39.24 -29.42 -36.28
N SER C 248 -37.97 -29.13 -35.99
CA SER C 248 -37.39 -29.63 -34.75
C SER C 248 -36.22 -28.82 -34.25
N TRP C 249 -35.27 -28.55 -35.10
CA TRP C 249 -33.98 -28.07 -34.65
C TRP C 249 -34.05 -26.65 -34.11
N ALA C 250 -34.77 -25.77 -34.82
CA ALA C 250 -34.88 -24.38 -34.39
C ALA C 250 -35.65 -24.27 -33.06
N ILE C 251 -36.81 -24.95 -32.98
CA ILE C 251 -37.60 -24.98 -31.76
C ILE C 251 -36.77 -25.53 -30.60
N GLY C 252 -35.98 -26.57 -30.83
CA GLY C 252 -35.16 -27.15 -29.75
C GLY C 252 -34.17 -26.14 -29.21
N LEU C 253 -33.44 -25.50 -30.12
CA LEU C 253 -32.43 -24.50 -29.76
C LEU C 253 -33.06 -23.32 -29.04
N SER C 254 -34.22 -22.93 -29.53
CA SER C 254 -35.06 -21.90 -28.93
C SER C 254 -35.46 -22.28 -27.50
N VAL C 255 -35.87 -23.53 -27.27
CA VAL C 255 -36.43 -23.94 -25.97
C VAL C 255 -35.30 -24.16 -24.99
N ALA C 256 -34.12 -24.51 -25.50
CA ALA C 256 -32.93 -24.63 -24.64
C ALA C 256 -32.51 -23.28 -24.12
N ASP C 257 -32.76 -22.27 -24.93
CA ASP C 257 -32.42 -20.90 -24.59
C ASP C 257 -33.31 -20.42 -23.46
N LEU C 258 -34.62 -20.65 -23.56
CA LEU C 258 -35.49 -20.34 -22.43
C LEU C 258 -35.02 -21.09 -21.17
N ALA C 259 -34.79 -22.38 -21.31
CA ALA C 259 -34.27 -23.19 -20.19
C ALA C 259 -32.99 -22.62 -19.56
N GLU C 260 -32.07 -22.11 -20.37
CA GLU C 260 -30.85 -21.47 -19.82
C GLU C 260 -31.21 -20.28 -18.91
N SER C 261 -32.10 -19.41 -19.37
CA SER C 261 -32.44 -18.25 -18.57
C SER C 261 -33.09 -18.68 -17.28
N ILE C 262 -33.91 -19.72 -17.34
CA ILE C 262 -34.64 -20.14 -16.15
C ILE C 262 -33.66 -20.81 -15.19
N MET C 263 -32.99 -21.84 -15.70
CA MET C 263 -32.06 -22.63 -14.89
C MET C 263 -30.87 -21.83 -14.31
N LYS C 264 -30.34 -20.84 -15.03
CA LYS C 264 -29.20 -20.07 -14.51
C LYS C 264 -29.56 -18.67 -13.93
N ASN C 265 -30.88 -18.38 -13.89
CA ASN C 265 -31.44 -17.17 -13.29
C ASN C 265 -30.98 -15.87 -13.90
N LEU C 266 -30.83 -15.87 -15.22
CA LEU C 266 -30.22 -14.76 -15.93
C LEU C 266 -31.05 -13.48 -15.98
N ARG C 267 -32.37 -13.58 -15.89
CA ARG C 267 -33.24 -12.42 -16.04
C ARG C 267 -33.00 -11.71 -17.37
N ARG C 268 -32.85 -12.47 -18.42
CA ARG C 268 -32.89 -11.94 -19.76
C ARG C 268 -34.33 -11.78 -20.18
N VAL C 269 -34.54 -11.01 -21.24
CA VAL C 269 -35.87 -10.81 -21.80
C VAL C 269 -36.16 -11.63 -23.08
N HIS C 270 -37.11 -12.56 -22.98
CA HIS C 270 -37.60 -13.34 -24.12
C HIS C 270 -39.11 -13.05 -24.34
N PRO C 271 -39.58 -13.14 -25.61
CA PRO C 271 -40.99 -13.00 -25.89
C PRO C 271 -41.67 -14.34 -25.79
N VAL C 272 -42.31 -14.60 -24.66
CA VAL C 272 -42.94 -15.87 -24.39
C VAL C 272 -44.39 -15.62 -24.10
N SER C 273 -45.21 -16.66 -24.04
CA SER C 273 -46.65 -16.51 -23.84
C SER C 273 -46.93 -16.42 -22.37
N THR C 274 -47.57 -15.34 -21.94
CA THR C 274 -48.05 -15.29 -20.55
C THR C 274 -49.37 -14.54 -20.37
N MET C 275 -50.06 -14.78 -19.26
CA MET C 275 -51.26 -14.01 -18.89
C MET C 275 -51.11 -12.49 -19.10
N ILE C 276 -51.90 -11.87 -19.98
CA ILE C 276 -51.88 -10.40 -20.07
C ILE C 276 -53.26 -9.77 -19.86
N LYS C 277 -54.12 -10.37 -19.03
CA LYS C 277 -55.33 -9.66 -18.65
C LYS C 277 -54.89 -8.33 -18.02
N GLY C 278 -55.51 -7.22 -18.43
CA GLY C 278 -55.11 -5.90 -17.94
C GLY C 278 -54.39 -5.05 -18.98
N LEU C 279 -53.37 -5.63 -19.60
CA LEU C 279 -52.51 -4.95 -20.59
C LEU C 279 -53.19 -4.77 -21.96
N TYR C 280 -52.87 -3.67 -22.63
CA TYR C 280 -53.37 -3.30 -23.97
C TYR C 280 -54.91 -3.41 -24.11
N GLY C 281 -55.61 -3.00 -23.04
CA GLY C 281 -57.06 -3.10 -22.99
C GLY C 281 -57.60 -4.51 -23.14
N ILE C 282 -56.83 -5.50 -22.74
CA ILE C 282 -57.31 -6.88 -22.76
C ILE C 282 -58.01 -7.22 -21.43
N LYS C 283 -59.25 -7.71 -21.54
CA LYS C 283 -60.15 -7.91 -20.39
C LYS C 283 -60.25 -9.38 -19.95
N ASP C 284 -59.85 -10.31 -20.84
CA ASP C 284 -60.08 -11.75 -20.66
C ASP C 284 -58.86 -12.52 -20.18
N ASP C 285 -59.08 -13.76 -19.71
CA ASP C 285 -58.02 -14.65 -19.22
C ASP C 285 -57.22 -15.33 -20.33
N VAL C 286 -56.42 -14.52 -21.00
CA VAL C 286 -55.77 -14.90 -22.21
C VAL C 286 -54.28 -14.76 -21.98
N PHE C 287 -53.52 -15.71 -22.57
CA PHE C 287 -52.05 -15.66 -22.68
C PHE C 287 -51.64 -15.24 -24.08
N LEU C 288 -50.62 -14.39 -24.16
CA LEU C 288 -50.05 -13.99 -25.43
C LEU C 288 -48.60 -13.65 -25.18
N SER C 289 -47.87 -13.46 -26.27
CA SER C 289 -46.45 -13.30 -26.18
C SER C 289 -46.11 -11.80 -26.08
N VAL C 290 -45.39 -11.52 -25.01
CA VAL C 290 -44.89 -10.22 -24.65
C VAL C 290 -43.42 -10.40 -24.12
N PRO C 291 -42.60 -9.34 -24.14
CA PRO C 291 -41.27 -9.61 -23.64
C PRO C 291 -41.24 -9.76 -22.14
N CYS C 292 -40.76 -10.90 -21.66
CA CYS C 292 -40.79 -11.22 -20.24
C CYS C 292 -39.40 -11.46 -19.69
N ILE C 293 -39.21 -11.02 -18.46
CA ILE C 293 -37.96 -11.24 -17.75
C ILE C 293 -37.96 -12.61 -17.11
N LEU C 294 -37.23 -13.53 -17.74
CA LEU C 294 -37.14 -14.91 -17.31
C LEU C 294 -36.05 -15.12 -16.27
N GLY C 295 -36.35 -15.91 -15.26
CA GLY C 295 -35.38 -16.28 -14.24
C GLY C 295 -35.80 -17.53 -13.49
N GLN C 296 -35.23 -17.71 -12.30
CA GLN C 296 -35.43 -18.95 -11.55
C GLN C 296 -36.84 -19.19 -11.04
N ASN C 297 -37.65 -18.14 -10.93
CA ASN C 297 -39.04 -18.33 -10.60
C ASN C 297 -39.94 -18.17 -11.80
N GLY C 298 -39.38 -18.35 -12.98
CA GLY C 298 -40.12 -18.15 -14.22
C GLY C 298 -40.25 -16.69 -14.62
N ILE C 299 -41.43 -16.28 -15.02
CA ILE C 299 -41.65 -14.89 -15.39
C ILE C 299 -41.72 -14.02 -14.15
N SER C 300 -40.76 -13.14 -13.97
CA SER C 300 -40.80 -12.24 -12.82
C SER C 300 -41.53 -10.92 -13.16
N ASP C 301 -41.34 -10.42 -14.39
CA ASP C 301 -41.82 -9.11 -14.83
C ASP C 301 -42.02 -9.13 -16.37
N LEU C 302 -42.76 -8.17 -16.90
N LEU C 302 -42.79 -8.17 -16.88
CA LEU C 302 -42.90 -8.06 -18.35
CA LEU C 302 -43.07 -8.03 -18.31
C LEU C 302 -42.78 -6.64 -18.80
C LEU C 302 -42.65 -6.64 -18.74
N VAL C 303 -42.30 -6.49 -20.02
CA VAL C 303 -42.03 -5.20 -20.58
C VAL C 303 -43.30 -4.69 -21.30
N LYS C 304 -43.51 -3.39 -21.09
CA LYS C 304 -44.63 -2.65 -21.63
C LYS C 304 -44.20 -2.01 -22.92
N VAL C 305 -44.16 -2.78 -24.00
CA VAL C 305 -43.78 -2.26 -25.29
C VAL C 305 -44.88 -1.34 -25.78
N THR C 306 -44.52 -0.16 -26.26
CA THR C 306 -45.48 0.76 -26.87
C THR C 306 -45.90 0.24 -28.26
N LEU C 307 -47.20 0.05 -28.44
CA LEU C 307 -47.74 -0.36 -29.72
C LEU C 307 -48.59 0.76 -30.30
N THR C 308 -48.62 0.86 -31.63
CA THR C 308 -49.55 1.73 -32.37
C THR C 308 -50.97 1.21 -32.21
N SER C 309 -51.94 2.04 -32.56
CA SER C 309 -53.36 1.67 -32.44
C SER C 309 -53.69 0.40 -33.25
N GLU C 310 -53.13 0.37 -34.46
CA GLU C 310 -53.21 -0.78 -35.36
C GLU C 310 -52.65 -2.05 -34.73
N GLU C 311 -51.48 -1.96 -34.10
CA GLU C 311 -50.88 -3.13 -33.45
C GLU C 311 -51.70 -3.55 -32.24
N GLU C 312 -52.16 -2.56 -31.48
CA GLU C 312 -52.98 -2.83 -30.29
C GLU C 312 -54.30 -3.53 -30.65
N ALA C 313 -54.88 -3.15 -31.79
CA ALA C 313 -56.08 -3.80 -32.30
C ALA C 313 -55.82 -5.26 -32.75
N ARG C 314 -54.70 -5.49 -33.45
CA ARG C 314 -54.32 -6.82 -33.92
C ARG C 314 -54.22 -7.73 -32.71
N LEU C 315 -53.64 -7.20 -31.65
CA LEU C 315 -53.41 -7.96 -30.43
C LEU C 315 -54.71 -8.24 -29.67
N LYS C 316 -55.60 -7.25 -29.63
CA LYS C 316 -56.87 -7.37 -28.93
C LYS C 316 -57.78 -8.38 -29.67
N LYS C 317 -57.84 -8.29 -31.00
CA LYS C 317 -58.57 -9.27 -31.79
C LYS C 317 -58.02 -10.68 -31.56
N SER C 318 -56.69 -10.79 -31.48
CA SER C 318 -56.06 -12.04 -31.09
C SER C 318 -56.65 -12.59 -29.81
N ALA C 319 -56.65 -11.80 -28.74
CA ALA C 319 -57.17 -12.29 -27.47
C ALA C 319 -58.67 -12.62 -27.54
N ASP C 320 -59.40 -11.91 -28.39
CA ASP C 320 -60.79 -12.21 -28.56
C ASP C 320 -60.98 -13.58 -29.19
N THR C 321 -60.15 -13.97 -30.14
CA THR C 321 -60.27 -15.33 -30.68
C THR C 321 -59.86 -16.37 -29.66
N LEU C 322 -58.66 -16.24 -29.13
CA LEU C 322 -58.25 -17.10 -28.02
C LEU C 322 -59.35 -17.27 -26.94
N TRP C 323 -60.04 -16.21 -26.57
CA TRP C 323 -61.11 -16.33 -25.58
C TRP C 323 -62.38 -17.03 -26.17
N GLY C 324 -62.61 -16.83 -27.47
CA GLY C 324 -63.71 -17.48 -28.19
C GLY C 324 -63.58 -19.00 -28.22
N ILE C 325 -62.34 -19.48 -28.26
CA ILE C 325 -62.07 -20.89 -28.11
C ILE C 325 -62.09 -21.36 -26.66
N GLN C 326 -61.40 -20.65 -25.77
CA GLN C 326 -61.29 -21.03 -24.36
C GLN C 326 -62.65 -21.13 -23.60
N LYS C 327 -63.59 -20.23 -23.90
CA LYS C 327 -64.85 -20.23 -23.19
C LYS C 327 -65.67 -21.47 -23.54
N GLU C 328 -65.22 -22.25 -24.52
CA GLU C 328 -65.92 -23.46 -24.94
C GLU C 328 -65.18 -24.72 -24.54
N LEU C 329 -64.28 -24.62 -23.58
CA LEU C 329 -63.53 -25.77 -23.17
C LEU C 329 -64.12 -26.41 -21.92
N GLN C 330 -63.87 -27.70 -21.76
N GLN C 330 -64.04 -27.72 -21.79
CA GLN C 330 -64.43 -28.55 -20.74
CA GLN C 330 -64.52 -28.34 -20.57
C GLN C 330 -63.30 -28.97 -19.80
C GLN C 330 -63.37 -28.92 -19.80
N PHE C 331 -63.27 -28.47 -18.55
CA PHE C 331 -62.21 -28.88 -17.60
C PHE C 331 -62.66 -29.92 -16.55
N HIS C 332 -63.71 -29.59 -15.79
CA HIS C 332 -64.21 -30.40 -14.67
C HIS C 332 -65.31 -31.30 -15.19
N ALA D 1 -31.49 4.81 -52.49
CA ALA D 1 -30.91 4.99 -51.13
C ALA D 1 -31.28 3.80 -50.27
N THR D 2 -31.07 2.57 -50.76
CA THR D 2 -31.56 1.37 -50.05
C THR D 2 -31.21 1.41 -48.55
N LEU D 3 -32.11 0.89 -47.71
CA LEU D 3 -32.00 0.97 -46.23
C LEU D 3 -30.70 0.37 -45.71
N LYS D 4 -30.28 -0.75 -46.31
CA LYS D 4 -29.00 -1.36 -45.96
C LYS D 4 -27.87 -0.36 -46.14
N ASP D 5 -27.88 0.38 -47.24
CA ASP D 5 -26.81 1.34 -47.48
C ASP D 5 -26.85 2.55 -46.55
N GLN D 6 -28.03 3.05 -46.24
CA GLN D 6 -28.17 4.09 -45.22
C GLN D 6 -27.61 3.66 -43.87
N LEU D 7 -27.94 2.42 -43.46
CA LEU D 7 -27.53 1.89 -42.16
C LEU D 7 -26.04 1.58 -42.10
N ILE D 8 -25.52 0.93 -43.14
CA ILE D 8 -24.21 0.30 -43.07
C ILE D 8 -23.31 0.78 -44.17
N TYR D 9 -22.18 1.37 -43.80
CA TYR D 9 -21.18 1.80 -44.78
C TYR D 9 -20.27 0.61 -45.03
N ASN D 10 -20.16 0.17 -46.28
CA ASN D 10 -19.27 -0.94 -46.60
C ASN D 10 -17.85 -0.47 -46.73
N LEU D 11 -16.92 -1.30 -46.30
CA LEU D 11 -15.51 -0.94 -46.28
C LEU D 11 -14.68 -1.89 -47.16
N LEU D 12 -15.29 -2.96 -47.66
CA LEU D 12 -14.53 -4.11 -48.11
C LEU D 12 -15.37 -5.08 -48.94
N LYS D 13 -14.94 -5.36 -50.18
CA LYS D 13 -15.63 -6.35 -51.01
C LYS D 13 -15.25 -7.75 -50.56
N GLU D 14 -13.95 -8.04 -50.60
CA GLU D 14 -13.32 -9.40 -50.44
C GLU D 14 -14.26 -10.61 -50.32
N GLU D 15 -13.97 -11.64 -51.10
CA GLU D 15 -14.64 -12.92 -50.94
C GLU D 15 -14.26 -13.52 -49.60
N GLN D 16 -15.08 -14.46 -49.16
CA GLN D 16 -14.85 -15.15 -47.91
C GLN D 16 -14.56 -16.64 -48.18
N THR D 17 -13.41 -16.93 -48.79
CA THR D 17 -12.86 -18.30 -48.77
C THR D 17 -12.76 -18.71 -47.31
N PRO D 18 -13.59 -19.67 -46.86
CA PRO D 18 -13.81 -19.86 -45.42
C PRO D 18 -12.73 -20.71 -44.76
N GLN D 19 -12.63 -20.61 -43.44
CA GLN D 19 -11.40 -21.03 -42.76
C GLN D 19 -11.50 -22.34 -42.01
N ASN D 20 -12.71 -22.72 -41.62
CA ASN D 20 -12.93 -23.90 -40.81
C ASN D 20 -14.22 -24.55 -41.17
N LYS D 21 -14.36 -24.86 -42.46
CA LYS D 21 -15.60 -25.39 -43.02
C LYS D 21 -15.72 -26.90 -42.88
N ILE D 22 -16.86 -27.34 -42.41
CA ILE D 22 -17.19 -28.74 -42.38
C ILE D 22 -18.38 -29.00 -43.30
N THR D 23 -18.31 -30.12 -44.02
CA THR D 23 -19.38 -30.57 -44.91
C THR D 23 -19.89 -31.91 -44.38
N VAL D 24 -21.21 -32.06 -44.33
CA VAL D 24 -21.84 -33.34 -44.01
C VAL D 24 -22.59 -33.81 -45.25
N VAL D 25 -22.28 -35.01 -45.72
CA VAL D 25 -22.96 -35.56 -46.90
C VAL D 25 -23.98 -36.57 -46.43
N GLY D 26 -25.24 -36.33 -46.81
CA GLY D 26 -26.37 -37.17 -46.34
C GLY D 26 -27.08 -36.52 -45.15
N VAL D 27 -28.36 -36.16 -45.36
CA VAL D 27 -29.14 -35.56 -44.28
C VAL D 27 -30.20 -36.45 -43.64
N GLY D 28 -29.88 -37.71 -43.40
CA GLY D 28 -30.74 -38.53 -42.58
C GLY D 28 -30.51 -38.32 -41.08
N ALA D 29 -31.12 -39.20 -40.28
CA ALA D 29 -30.98 -39.13 -38.84
C ALA D 29 -29.52 -39.01 -38.41
N VAL D 30 -28.64 -39.86 -38.96
CA VAL D 30 -27.22 -39.84 -38.56
C VAL D 30 -26.55 -38.53 -38.99
N GLY D 31 -26.71 -38.19 -40.26
CA GLY D 31 -26.14 -36.95 -40.78
C GLY D 31 -26.51 -35.71 -39.99
N MET D 32 -27.80 -35.54 -39.67
CA MET D 32 -28.24 -34.32 -39.01
C MET D 32 -27.84 -34.33 -37.56
N ALA D 33 -27.77 -35.52 -36.96
CA ALA D 33 -27.28 -35.64 -35.60
C ALA D 33 -25.81 -35.19 -35.55
N CYS D 34 -25.06 -35.57 -36.58
CA CYS D 34 -23.71 -35.07 -36.75
C CYS D 34 -23.71 -33.54 -36.93
N ALA D 35 -24.65 -33.03 -37.69
CA ALA D 35 -24.75 -31.58 -37.94
C ALA D 35 -25.04 -30.80 -36.67
N ILE D 36 -26.07 -31.19 -35.93
CA ILE D 36 -26.47 -30.41 -34.75
C ILE D 36 -25.36 -30.50 -33.71
N SER D 37 -24.68 -31.64 -33.64
CA SER D 37 -23.66 -31.84 -32.61
C SER D 37 -22.47 -30.97 -32.94
N ILE D 38 -22.14 -30.90 -34.23
CA ILE D 38 -21.08 -29.99 -34.68
C ILE D 38 -21.42 -28.54 -34.40
N LEU D 39 -22.64 -28.09 -34.70
CA LEU D 39 -23.04 -26.69 -34.53
C LEU D 39 -23.03 -26.23 -33.07
N MET D 40 -23.42 -27.15 -32.20
CA MET D 40 -23.49 -26.88 -30.79
C MET D 40 -22.15 -27.05 -30.08
N LYS D 41 -21.09 -27.39 -30.80
CA LYS D 41 -19.77 -27.49 -30.22
C LYS D 41 -18.86 -26.44 -30.85
N ASP D 42 -19.45 -25.51 -31.61
CA ASP D 42 -18.72 -24.42 -32.24
C ASP D 42 -17.42 -24.84 -32.89
N LEU D 43 -17.48 -25.90 -33.69
CA LEU D 43 -16.30 -26.46 -34.35
C LEU D 43 -16.07 -25.87 -35.73
N ALA D 44 -17.11 -25.32 -36.37
CA ALA D 44 -16.99 -24.82 -37.74
C ALA D 44 -17.61 -23.45 -37.92
N ASP D 45 -17.10 -22.72 -38.92
CA ASP D 45 -17.56 -21.37 -39.24
C ASP D 45 -18.41 -21.32 -40.52
N GLU D 46 -18.48 -22.45 -41.23
CA GLU D 46 -19.38 -22.65 -42.35
C GLU D 46 -19.72 -24.13 -42.34
N LEU D 47 -21.01 -24.45 -42.46
CA LEU D 47 -21.44 -25.85 -42.60
C LEU D 47 -22.23 -26.10 -43.89
N ALA D 48 -21.79 -27.11 -44.64
CA ALA D 48 -22.39 -27.49 -45.91
C ALA D 48 -23.09 -28.85 -45.79
N LEU D 49 -24.33 -28.88 -46.26
CA LEU D 49 -25.15 -30.06 -46.29
C LEU D 49 -25.45 -30.47 -47.73
N VAL D 50 -25.28 -31.75 -48.03
CA VAL D 50 -25.40 -32.25 -49.39
C VAL D 50 -26.17 -33.58 -49.40
N ASP D 51 -27.13 -33.66 -50.30
CA ASP D 51 -27.87 -34.90 -50.48
C ASP D 51 -28.44 -34.85 -51.88
N VAL D 52 -29.10 -35.94 -52.31
CA VAL D 52 -29.90 -35.91 -53.54
C VAL D 52 -31.40 -35.74 -53.30
N ILE D 53 -31.87 -35.90 -52.08
CA ILE D 53 -33.28 -35.69 -51.80
C ILE D 53 -33.45 -34.20 -51.62
N GLU D 54 -33.83 -33.51 -52.69
CA GLU D 54 -33.66 -32.05 -52.77
C GLU D 54 -34.52 -31.28 -51.83
N ASP D 55 -35.77 -31.71 -51.66
CA ASP D 55 -36.72 -31.00 -50.81
C ASP D 55 -36.44 -31.21 -49.30
N LYS D 56 -35.94 -32.39 -48.95
CA LYS D 56 -35.63 -32.73 -47.56
C LYS D 56 -34.38 -31.98 -47.10
N LEU D 57 -33.35 -32.00 -47.93
CA LEU D 57 -32.15 -31.17 -47.78
C LEU D 57 -32.49 -29.72 -47.46
N LYS D 58 -33.33 -29.11 -48.27
CA LYS D 58 -33.63 -27.70 -48.12
C LYS D 58 -34.38 -27.43 -46.81
N GLY D 59 -35.28 -28.35 -46.44
CA GLY D 59 -35.97 -28.28 -45.15
C GLY D 59 -34.98 -28.27 -43.99
N GLU D 60 -34.03 -29.21 -43.99
CA GLU D 60 -33.12 -29.35 -42.86
C GLU D 60 -32.19 -28.13 -42.79
N MET D 61 -31.79 -27.59 -43.94
CA MET D 61 -30.97 -26.37 -43.94
C MET D 61 -31.68 -25.18 -43.33
N MET D 62 -32.88 -24.87 -43.80
CA MET D 62 -33.71 -23.80 -43.23
C MET D 62 -33.95 -23.92 -41.69
N ASP D 63 -34.14 -25.15 -41.22
CA ASP D 63 -34.51 -25.36 -39.84
C ASP D 63 -33.32 -25.02 -38.96
N LEU D 64 -32.15 -25.48 -39.36
CA LEU D 64 -30.90 -25.11 -38.69
C LEU D 64 -30.70 -23.61 -38.84
N GLN D 65 -30.80 -23.11 -40.08
CA GLN D 65 -30.64 -21.70 -40.35
C GLN D 65 -31.45 -20.85 -39.37
N HIS D 66 -32.66 -21.29 -39.04
CA HIS D 66 -33.55 -20.52 -38.18
C HIS D 66 -33.09 -20.48 -36.74
N GLY D 67 -32.18 -21.36 -36.34
CA GLY D 67 -31.64 -21.34 -34.99
C GLY D 67 -30.37 -20.51 -34.90
N SER D 68 -29.98 -19.88 -35.99
CA SER D 68 -28.72 -19.15 -36.08
C SER D 68 -28.43 -18.28 -34.91
N LEU D 69 -29.45 -17.58 -34.43
CA LEU D 69 -29.31 -16.71 -33.24
C LEU D 69 -28.71 -17.44 -32.03
N PHE D 70 -28.98 -18.75 -31.92
CA PHE D 70 -28.53 -19.54 -30.74
C PHE D 70 -27.24 -20.28 -31.04
N LEU D 71 -26.60 -19.93 -32.15
CA LEU D 71 -25.42 -20.64 -32.65
C LEU D 71 -24.33 -19.63 -32.94
N ARG D 72 -23.13 -20.15 -33.24
CA ARG D 72 -21.91 -19.37 -33.50
C ARG D 72 -21.31 -19.85 -34.80
N THR D 73 -22.18 -20.21 -35.74
CA THR D 73 -21.72 -20.75 -37.01
C THR D 73 -22.40 -19.96 -38.12
N PRO D 74 -21.77 -18.85 -38.55
CA PRO D 74 -22.47 -17.84 -39.32
C PRO D 74 -23.00 -18.28 -40.66
N LYS D 75 -22.40 -19.25 -41.31
CA LYS D 75 -22.84 -19.65 -42.65
C LYS D 75 -23.26 -21.10 -42.70
N ILE D 76 -24.54 -21.32 -43.00
CA ILE D 76 -25.06 -22.65 -43.28
C ILE D 76 -25.60 -22.67 -44.71
N VAL D 77 -25.19 -23.66 -45.49
CA VAL D 77 -25.50 -23.75 -46.93
C VAL D 77 -25.83 -25.19 -47.28
N SER D 78 -26.51 -25.40 -48.42
CA SER D 78 -26.85 -26.75 -48.86
C SER D 78 -27.05 -26.87 -50.38
N GLY D 79 -26.89 -28.06 -50.93
CA GLY D 79 -27.22 -28.27 -52.33
C GLY D 79 -26.91 -29.65 -52.82
N LYS D 80 -27.56 -30.06 -53.92
CA LYS D 80 -27.25 -31.36 -54.56
C LYS D 80 -25.89 -31.31 -55.26
N ASP D 81 -25.51 -30.11 -55.71
CA ASP D 81 -24.29 -29.86 -56.45
C ASP D 81 -23.14 -29.64 -55.49
N TYR D 82 -22.03 -30.34 -55.71
CA TYR D 82 -20.90 -30.35 -54.76
C TYR D 82 -20.05 -29.06 -54.70
N ASN D 83 -20.34 -28.04 -55.51
CA ASN D 83 -19.59 -26.80 -55.38
C ASN D 83 -19.84 -26.12 -54.03
N VAL D 84 -20.95 -26.47 -53.34
CA VAL D 84 -21.24 -25.89 -52.01
C VAL D 84 -20.38 -26.52 -50.89
N THR D 85 -19.57 -27.51 -51.24
CA THR D 85 -18.63 -28.09 -50.29
C THR D 85 -17.22 -27.50 -50.42
N ALA D 86 -17.02 -26.49 -51.27
CA ALA D 86 -15.65 -26.07 -51.62
C ALA D 86 -14.80 -25.62 -50.42
N ASN D 87 -13.56 -26.09 -50.34
CA ASN D 87 -12.64 -25.72 -49.25
C ASN D 87 -12.96 -26.26 -47.86
N SER D 88 -13.71 -27.34 -47.78
CA SER D 88 -13.98 -27.95 -46.49
C SER D 88 -12.68 -28.48 -45.88
N LYS D 89 -12.49 -28.31 -44.58
N LYS D 89 -12.50 -28.32 -44.58
CA LYS D 89 -11.40 -28.94 -43.85
CA LYS D 89 -11.38 -28.94 -43.90
C LYS D 89 -11.72 -30.41 -43.69
C LYS D 89 -11.71 -30.41 -43.65
N LEU D 90 -12.97 -30.67 -43.30
CA LEU D 90 -13.43 -32.01 -42.93
C LEU D 90 -14.72 -32.28 -43.70
N VAL D 91 -14.81 -33.46 -44.34
CA VAL D 91 -16.05 -33.87 -45.02
C VAL D 91 -16.51 -35.18 -44.41
N ILE D 92 -17.69 -35.15 -43.79
CA ILE D 92 -18.23 -36.33 -43.13
C ILE D 92 -19.22 -37.03 -44.07
N ILE D 93 -18.97 -38.30 -44.38
CA ILE D 93 -19.81 -39.04 -45.31
C ILE D 93 -20.76 -39.96 -44.53
N THR D 94 -22.05 -39.68 -44.59
CA THR D 94 -23.05 -40.59 -44.01
C THR D 94 -23.86 -41.30 -45.09
N ALA D 95 -23.62 -40.97 -46.34
CA ALA D 95 -24.47 -41.40 -47.44
C ALA D 95 -24.21 -42.84 -47.75
N GLY D 96 -25.25 -43.49 -48.26
CA GLY D 96 -25.11 -44.87 -48.68
C GLY D 96 -26.32 -45.41 -49.38
N ALA D 97 -26.27 -46.70 -49.68
CA ALA D 97 -27.33 -47.38 -50.34
C ALA D 97 -28.21 -47.79 -49.21
N ARG D 98 -29.54 -47.71 -49.42
CA ARG D 98 -30.49 -48.30 -48.48
C ARG D 98 -30.72 -49.75 -48.81
N GLN D 99 -30.79 -50.53 -47.73
CA GLN D 99 -30.99 -51.97 -47.71
C GLN D 99 -32.18 -52.43 -48.55
N GLN D 100 -31.97 -53.39 -49.44
CA GLN D 100 -33.07 -54.12 -50.11
C GLN D 100 -33.34 -55.41 -49.35
N GLU D 101 -34.51 -56.02 -49.57
CA GLU D 101 -34.99 -57.09 -48.69
C GLU D 101 -34.17 -58.37 -48.75
N GLY D 102 -34.05 -59.00 -49.92
CA GLY D 102 -33.26 -60.24 -50.02
C GLY D 102 -31.88 -60.04 -50.59
N GLU D 103 -31.19 -58.98 -50.18
CA GLU D 103 -30.00 -58.54 -50.89
C GLU D 103 -28.76 -59.04 -50.20
N SER D 104 -27.90 -59.72 -50.97
CA SER D 104 -26.63 -60.24 -50.45
C SER D 104 -25.73 -59.10 -49.99
N ARG D 105 -24.87 -59.39 -49.01
CA ARG D 105 -24.01 -58.36 -48.43
C ARG D 105 -23.11 -57.69 -49.47
N LEU D 106 -22.43 -58.50 -50.28
CA LEU D 106 -21.61 -57.96 -51.36
C LEU D 106 -22.38 -56.89 -52.12
N ASN D 107 -23.56 -57.26 -52.60
CA ASN D 107 -24.36 -56.36 -53.44
C ASN D 107 -24.69 -55.02 -52.79
N LEU D 108 -24.90 -55.04 -51.48
CA LEU D 108 -25.13 -53.82 -50.73
C LEU D 108 -23.89 -52.95 -50.80
N VAL D 109 -22.74 -53.59 -50.58
CA VAL D 109 -21.46 -52.89 -50.60
C VAL D 109 -21.22 -52.37 -52.01
N GLN D 110 -21.50 -53.21 -53.01
CA GLN D 110 -21.25 -52.82 -54.39
C GLN D 110 -21.98 -51.57 -54.73
N ARG D 111 -23.25 -51.53 -54.35
CA ARG D 111 -24.07 -50.36 -54.62
C ARG D 111 -23.62 -49.14 -53.85
N ASN D 112 -22.96 -49.34 -52.72
CA ASN D 112 -22.34 -48.24 -52.01
C ASN D 112 -21.13 -47.75 -52.78
N VAL D 113 -20.32 -48.70 -53.25
CA VAL D 113 -19.20 -48.39 -54.16
C VAL D 113 -19.68 -47.56 -55.38
N ASN D 114 -20.80 -47.91 -55.98
CA ASN D 114 -21.28 -47.15 -57.13
C ASN D 114 -21.63 -45.73 -56.78
N ILE D 115 -22.07 -45.52 -55.54
CA ILE D 115 -22.50 -44.23 -55.06
C ILE D 115 -21.25 -43.43 -54.75
N PHE D 116 -20.30 -44.10 -54.09
CA PHE D 116 -19.01 -43.49 -53.77
C PHE D 116 -18.23 -43.13 -55.07
N LYS D 117 -18.37 -43.93 -56.12
CA LYS D 117 -17.83 -43.52 -57.41
C LYS D 117 -18.31 -42.11 -57.81
N PHE D 118 -19.48 -41.70 -57.37
CA PHE D 118 -19.95 -40.34 -57.71
C PHE D 118 -19.63 -39.27 -56.64
N ILE D 119 -19.73 -39.66 -55.39
CA ILE D 119 -19.59 -38.72 -54.29
C ILE D 119 -18.14 -38.34 -54.12
N ILE D 120 -17.29 -39.34 -53.92
CA ILE D 120 -15.92 -39.09 -53.50
C ILE D 120 -15.13 -38.23 -54.51
N PRO D 121 -15.27 -38.50 -55.82
CA PRO D 121 -14.48 -37.61 -56.69
C PRO D 121 -15.03 -36.18 -56.77
N ASN D 122 -16.31 -36.01 -56.43
CA ASN D 122 -16.90 -34.67 -56.33
C ASN D 122 -16.40 -33.97 -55.08
N VAL D 123 -16.19 -34.73 -54.01
CA VAL D 123 -15.70 -34.17 -52.78
C VAL D 123 -14.26 -33.74 -52.98
N VAL D 124 -13.42 -34.59 -53.57
CA VAL D 124 -12.00 -34.21 -53.76
C VAL D 124 -11.86 -33.16 -54.84
N LYS D 125 -12.82 -33.09 -55.74
CA LYS D 125 -12.75 -32.07 -56.77
C LYS D 125 -12.77 -30.73 -56.11
N TYR D 126 -13.67 -30.53 -55.15
CA TYR D 126 -13.84 -29.23 -54.47
C TYR D 126 -13.04 -28.99 -53.17
N SER D 127 -12.55 -30.04 -52.53
CA SER D 127 -11.72 -29.88 -51.33
C SER D 127 -10.54 -30.83 -51.37
N PRO D 128 -9.63 -30.62 -52.33
CA PRO D 128 -8.45 -31.44 -52.54
C PRO D 128 -7.63 -31.72 -51.28
N ASN D 129 -7.72 -30.83 -50.29
CA ASN D 129 -6.91 -30.93 -49.06
C ASN D 129 -7.67 -31.31 -47.79
N CYS D 130 -8.94 -31.71 -47.93
CA CYS D 130 -9.78 -32.08 -46.81
C CYS D 130 -9.43 -33.40 -46.13
N LYS D 131 -10.10 -33.69 -45.02
CA LYS D 131 -10.01 -34.99 -44.39
C LYS D 131 -11.33 -35.67 -44.60
N LEU D 132 -11.33 -36.96 -44.89
CA LEU D 132 -12.56 -37.69 -45.09
C LEU D 132 -12.85 -38.48 -43.85
N LEU D 133 -13.97 -38.19 -43.20
CA LEU D 133 -14.47 -39.05 -42.14
C LEU D 133 -15.63 -39.88 -42.67
N ILE D 134 -15.43 -41.19 -42.81
CA ILE D 134 -16.50 -42.07 -43.28
C ILE D 134 -17.33 -42.68 -42.11
N VAL D 135 -18.63 -42.43 -42.12
CA VAL D 135 -19.56 -43.00 -41.13
C VAL D 135 -20.43 -44.14 -41.73
N SER D 136 -20.81 -43.98 -43.00
CA SER D 136 -21.55 -44.95 -43.79
C SER D 136 -21.17 -46.36 -43.53
N ASN D 137 -22.15 -47.24 -43.32
CA ASN D 137 -21.87 -48.65 -43.09
C ASN D 137 -21.98 -49.48 -44.34
N PRO D 138 -21.28 -50.63 -44.37
CA PRO D 138 -20.28 -51.13 -43.40
C PRO D 138 -18.98 -50.34 -43.42
N VAL D 139 -18.67 -49.68 -42.30
CA VAL D 139 -17.71 -48.60 -42.27
C VAL D 139 -16.26 -49.01 -42.60
N ASP D 140 -15.79 -50.15 -42.11
CA ASP D 140 -14.40 -50.49 -42.39
C ASP D 140 -14.19 -50.82 -43.90
N ILE D 141 -15.26 -51.21 -44.59
CA ILE D 141 -15.16 -51.50 -46.01
C ILE D 141 -15.29 -50.19 -46.80
N LEU D 142 -16.29 -49.40 -46.44
CA LEU D 142 -16.53 -48.14 -47.10
C LEU D 142 -15.40 -47.12 -46.88
N THR D 143 -14.59 -47.31 -45.85
CA THR D 143 -13.46 -46.44 -45.68
C THR D 143 -12.36 -46.80 -46.66
N TYR D 144 -12.18 -48.11 -46.86
CA TYR D 144 -11.35 -48.63 -47.95
C TYR D 144 -11.80 -48.10 -49.30
N VAL D 145 -13.11 -48.06 -49.53
CA VAL D 145 -13.62 -47.58 -50.81
C VAL D 145 -13.30 -46.08 -51.01
N ALA D 146 -13.48 -45.27 -49.96
CA ALA D 146 -13.22 -43.83 -50.12
C ALA D 146 -11.70 -43.61 -50.28
N TRP D 147 -10.92 -44.38 -49.54
CA TRP D 147 -9.50 -44.39 -49.76
C TRP D 147 -9.17 -44.64 -51.24
N LYS D 148 -9.63 -45.78 -51.79
CA LYS D 148 -9.27 -46.19 -53.17
C LYS D 148 -9.69 -45.13 -54.13
N ILE D 149 -10.93 -44.70 -53.99
CA ILE D 149 -11.52 -43.84 -54.99
C ILE D 149 -10.92 -42.43 -54.94
N SER D 150 -10.66 -41.93 -53.74
CA SER D 150 -10.09 -40.60 -53.56
C SER D 150 -8.62 -40.55 -53.97
N GLY D 151 -7.87 -41.56 -53.54
CA GLY D 151 -6.43 -41.53 -53.71
C GLY D 151 -5.72 -40.68 -52.68
N PHE D 152 -6.46 -39.97 -51.84
CA PHE D 152 -5.87 -39.37 -50.66
C PHE D 152 -4.99 -40.39 -49.96
N PRO D 153 -3.92 -39.92 -49.31
CA PRO D 153 -3.07 -40.80 -48.54
C PRO D 153 -3.79 -41.26 -47.28
N LYS D 154 -3.23 -42.25 -46.59
CA LYS D 154 -4.00 -42.96 -45.57
C LYS D 154 -4.33 -42.14 -44.32
N ASN D 155 -3.55 -41.09 -44.06
CA ASN D 155 -3.76 -40.23 -42.90
C ASN D 155 -5.00 -39.38 -43.00
N ARG D 156 -5.41 -39.05 -44.21
CA ARG D 156 -6.62 -38.27 -44.43
C ARG D 156 -7.84 -39.09 -44.84
N VAL D 157 -7.88 -40.40 -44.54
CA VAL D 157 -9.11 -41.17 -44.74
C VAL D 157 -9.36 -42.03 -43.52
N ILE D 158 -10.39 -41.64 -42.78
CA ILE D 158 -10.64 -42.10 -41.44
C ILE D 158 -12.04 -42.66 -41.41
N GLY D 159 -12.24 -43.78 -40.74
CA GLY D 159 -13.58 -44.30 -40.57
C GLY D 159 -14.00 -44.14 -39.14
N SER D 160 -15.28 -43.87 -38.88
CA SER D 160 -15.75 -43.69 -37.51
C SER D 160 -15.45 -44.95 -36.67
N GLY D 161 -15.34 -46.07 -37.34
CA GLY D 161 -14.79 -47.27 -36.73
C GLY D 161 -15.48 -47.63 -35.44
N CYS D 162 -14.67 -48.05 -34.47
CA CYS D 162 -15.14 -48.41 -33.16
C CYS D 162 -15.15 -47.24 -32.18
N ASN D 163 -15.11 -46.02 -32.71
CA ASN D 163 -15.11 -44.86 -31.82
C ASN D 163 -16.35 -44.88 -30.94
N LEU D 164 -17.52 -45.19 -31.51
CA LEU D 164 -18.76 -45.24 -30.73
C LEU D 164 -18.83 -46.48 -29.84
N ASP D 165 -18.37 -47.62 -30.36
CA ASP D 165 -18.43 -48.88 -29.63
C ASP D 165 -17.68 -48.68 -28.30
N SER D 166 -16.47 -48.14 -28.40
CA SER D 166 -15.69 -47.82 -27.20
C SER D 166 -16.47 -46.86 -26.27
N ALA D 167 -17.16 -45.89 -26.83
CA ALA D 167 -18.08 -45.06 -26.03
C ALA D 167 -19.14 -45.87 -25.28
N ARG D 168 -19.87 -46.74 -25.98
CA ARG D 168 -20.90 -47.58 -25.33
C ARG D 168 -20.28 -48.46 -24.24
N PHE D 169 -19.09 -48.98 -24.53
CA PHE D 169 -18.38 -49.88 -23.64
C PHE D 169 -18.06 -49.19 -22.32
N ARG D 170 -17.70 -47.91 -22.41
CA ARG D 170 -17.38 -47.12 -21.23
C ARG D 170 -18.61 -46.72 -20.43
N TYR D 171 -19.66 -46.31 -21.15
CA TYR D 171 -20.95 -46.08 -20.53
C TYR D 171 -21.36 -47.28 -19.67
N LEU D 172 -21.32 -48.47 -20.27
CA LEU D 172 -21.84 -49.68 -19.59
C LEU D 172 -20.98 -50.09 -18.40
N MET D 173 -19.67 -49.95 -18.60
CA MET D 173 -18.65 -50.20 -17.57
C MET D 173 -18.91 -49.26 -16.39
N GLY D 174 -19.13 -47.99 -16.76
CA GLY D 174 -19.49 -46.95 -15.80
C GLY D 174 -20.71 -47.32 -14.99
N GLU D 175 -21.78 -47.69 -15.67
N GLU D 175 -21.78 -47.67 -15.70
CA GLU D 175 -23.03 -47.98 -14.99
CA GLU D 175 -23.06 -48.09 -15.10
C GLU D 175 -22.93 -49.25 -14.09
C GLU D 175 -22.85 -49.19 -14.06
N ARG D 176 -21.96 -50.14 -14.36
CA ARG D 176 -21.63 -51.22 -13.42
C ARG D 176 -20.84 -50.76 -12.17
N LEU D 177 -19.85 -49.90 -12.39
CA LEU D 177 -18.93 -49.49 -11.32
C LEU D 177 -19.43 -48.26 -10.54
N GLY D 178 -20.44 -47.58 -11.07
CA GLY D 178 -21.01 -46.41 -10.41
C GLY D 178 -20.05 -45.24 -10.48
N VAL D 179 -19.48 -45.02 -11.66
CA VAL D 179 -18.38 -44.09 -11.94
C VAL D 179 -18.55 -43.56 -13.34
N HIS D 180 -18.28 -42.26 -13.56
CA HIS D 180 -18.52 -41.63 -14.87
C HIS D 180 -17.74 -42.30 -15.99
N PRO D 181 -18.33 -42.33 -17.18
CA PRO D 181 -17.64 -42.94 -18.32
C PRO D 181 -16.28 -42.29 -18.68
N LEU D 182 -16.10 -41.05 -18.28
CA LEU D 182 -14.86 -40.34 -18.49
C LEU D 182 -13.74 -40.94 -17.67
N SER D 183 -14.09 -41.47 -16.51
CA SER D 183 -13.15 -42.08 -15.57
C SER D 183 -13.01 -43.62 -15.68
N CYS D 184 -13.79 -44.23 -16.56
CA CYS D 184 -13.82 -45.66 -16.80
C CYS D 184 -13.14 -45.79 -18.11
N HIS D 185 -12.11 -46.60 -18.23
CA HIS D 185 -11.31 -46.64 -19.44
C HIS D 185 -11.31 -48.03 -20.00
N GLY D 186 -11.45 -48.15 -21.33
CA GLY D 186 -11.52 -49.43 -22.02
C GLY D 186 -11.68 -49.24 -23.52
N TRP D 187 -11.25 -50.26 -24.27
CA TRP D 187 -11.06 -50.12 -25.72
C TRP D 187 -11.70 -51.27 -26.47
N VAL D 188 -12.61 -50.92 -27.38
CA VAL D 188 -13.12 -51.86 -28.40
C VAL D 188 -12.44 -51.53 -29.74
N LEU D 189 -11.73 -52.54 -30.28
CA LEU D 189 -10.84 -52.43 -31.45
C LEU D 189 -11.24 -53.43 -32.50
N GLY D 190 -10.75 -53.25 -33.72
CA GLY D 190 -10.94 -54.22 -34.78
C GLY D 190 -12.09 -53.81 -35.65
N GLU D 191 -12.86 -54.79 -36.13
CA GLU D 191 -13.95 -54.51 -37.07
C GLU D 191 -15.16 -53.96 -36.34
N HIS D 192 -15.69 -52.84 -36.78
CA HIS D 192 -16.94 -52.34 -36.22
C HIS D 192 -18.09 -53.30 -36.53
N GLY D 193 -18.72 -53.86 -35.49
CA GLY D 193 -19.70 -54.92 -35.66
C GLY D 193 -19.48 -56.14 -34.77
N ASP D 194 -19.92 -57.29 -35.24
CA ASP D 194 -20.11 -58.47 -34.37
C ASP D 194 -18.79 -59.06 -33.85
N SER D 195 -17.71 -58.79 -34.59
N SER D 195 -17.69 -58.81 -34.58
CA SER D 195 -16.38 -59.36 -34.36
CA SER D 195 -16.38 -59.39 -34.29
C SER D 195 -15.39 -58.41 -33.64
C SER D 195 -15.38 -58.40 -33.65
N SER D 196 -15.87 -57.24 -33.20
CA SER D 196 -15.05 -56.27 -32.46
C SER D 196 -14.42 -56.89 -31.24
N VAL D 197 -13.24 -56.42 -30.86
CA VAL D 197 -12.50 -57.02 -29.78
C VAL D 197 -12.44 -56.11 -28.57
N PRO D 198 -13.04 -56.51 -27.44
CA PRO D 198 -12.91 -55.76 -26.18
C PRO D 198 -11.57 -56.09 -25.49
N VAL D 199 -10.65 -55.16 -25.46
CA VAL D 199 -9.32 -55.40 -24.88
C VAL D 199 -9.40 -55.29 -23.34
N TRP D 200 -9.60 -56.44 -22.70
CA TRP D 200 -9.85 -56.51 -21.27
C TRP D 200 -8.67 -56.04 -20.44
N SER D 201 -7.48 -56.50 -20.83
CA SER D 201 -6.18 -56.10 -20.24
C SER D 201 -6.09 -54.59 -19.97
N GLY D 202 -6.58 -53.80 -20.94
CA GLY D 202 -6.50 -52.35 -20.88
C GLY D 202 -7.56 -51.62 -20.09
N MET D 203 -8.50 -52.33 -19.47
CA MET D 203 -9.59 -51.68 -18.75
C MET D 203 -9.16 -51.25 -17.36
N ASN D 204 -9.31 -49.98 -17.06
CA ASN D 204 -8.83 -49.49 -15.79
C ASN D 204 -9.72 -48.40 -15.26
N VAL D 205 -9.70 -48.24 -13.95
CA VAL D 205 -10.14 -47.02 -13.33
C VAL D 205 -8.92 -46.51 -12.55
N ALA D 206 -8.52 -45.27 -12.85
CA ALA D 206 -7.40 -44.60 -12.22
C ALA D 206 -6.11 -45.42 -12.30
N GLY D 207 -5.94 -46.17 -13.39
CA GLY D 207 -4.74 -46.96 -13.63
C GLY D 207 -4.74 -48.33 -12.97
N VAL D 208 -5.80 -48.62 -12.23
CA VAL D 208 -5.97 -49.88 -11.53
C VAL D 208 -6.65 -50.87 -12.46
N SER D 209 -5.86 -51.78 -13.04
CA SER D 209 -6.30 -52.83 -13.97
C SER D 209 -7.41 -53.74 -13.44
N LEU D 210 -8.55 -53.75 -14.13
CA LEU D 210 -9.65 -54.62 -13.79
C LEU D 210 -9.26 -56.08 -14.02
N LYS D 211 -8.51 -56.31 -15.11
CA LYS D 211 -8.02 -57.63 -15.45
C LYS D 211 -7.14 -58.23 -14.34
N THR D 212 -6.28 -57.43 -13.71
CA THR D 212 -5.37 -57.92 -12.67
C THR D 212 -6.17 -58.26 -11.43
N LEU D 213 -7.15 -57.42 -11.12
CA LEU D 213 -7.94 -57.55 -9.89
C LEU D 213 -8.88 -58.74 -10.02
N HIS D 214 -9.53 -58.84 -11.18
CA HIS D 214 -10.39 -59.97 -11.54
C HIS D 214 -9.80 -60.69 -12.75
N PRO D 215 -8.85 -61.65 -12.53
CA PRO D 215 -8.10 -62.31 -13.63
C PRO D 215 -9.00 -63.03 -14.62
N ASP D 216 -10.13 -63.57 -14.14
CA ASP D 216 -11.11 -64.20 -15.01
C ASP D 216 -11.90 -63.20 -15.88
N LEU D 217 -11.59 -61.90 -15.78
CA LEU D 217 -12.33 -60.88 -16.53
C LEU D 217 -12.32 -61.17 -18.02
N GLY D 218 -13.50 -61.10 -18.64
CA GLY D 218 -13.65 -61.26 -20.08
C GLY D 218 -13.92 -62.68 -20.57
N THR D 219 -13.71 -63.66 -19.69
CA THR D 219 -13.73 -65.06 -20.07
C THR D 219 -15.06 -65.73 -19.72
N ASP D 220 -15.16 -67.00 -20.14
CA ASP D 220 -16.32 -67.84 -19.86
C ASP D 220 -16.51 -68.10 -18.39
N LYS D 221 -15.47 -68.61 -17.73
CA LYS D 221 -15.52 -68.91 -16.30
C LYS D 221 -15.68 -67.66 -15.37
N ASP D 222 -15.70 -66.45 -15.94
CA ASP D 222 -16.06 -65.20 -15.24
C ASP D 222 -17.46 -65.26 -14.64
N LYS D 223 -17.58 -65.32 -13.31
CA LYS D 223 -18.89 -65.38 -12.64
C LYS D 223 -19.67 -64.05 -12.75
N GLU D 224 -18.98 -62.94 -12.99
CA GLU D 224 -19.66 -61.65 -13.22
C GLU D 224 -20.06 -61.43 -14.69
N GLN D 225 -19.71 -62.38 -15.55
N GLN D 225 -19.68 -62.33 -15.58
CA GLN D 225 -19.97 -62.35 -17.00
CA GLN D 225 -20.11 -62.26 -16.98
C GLN D 225 -19.85 -60.94 -17.61
C GLN D 225 -19.86 -60.90 -17.63
N TRP D 226 -18.63 -60.39 -17.54
CA TRP D 226 -18.31 -59.08 -18.16
C TRP D 226 -18.34 -59.09 -19.70
N LYS D 227 -18.19 -60.26 -20.30
CA LYS D 227 -18.39 -60.40 -21.73
C LYS D 227 -19.78 -59.91 -22.17
N GLU D 228 -20.77 -59.91 -21.27
CA GLU D 228 -22.11 -59.37 -21.64
C GLU D 228 -22.04 -57.84 -21.87
N VAL D 229 -21.05 -57.18 -21.28
CA VAL D 229 -20.84 -55.78 -21.57
C VAL D 229 -20.48 -55.68 -23.05
N HIS D 230 -19.65 -56.61 -23.51
CA HIS D 230 -19.31 -56.61 -24.92
C HIS D 230 -20.50 -56.99 -25.77
N LYS D 231 -21.25 -57.99 -25.31
CA LYS D 231 -22.39 -58.47 -26.09
C LYS D 231 -23.36 -57.34 -26.25
N GLN D 232 -23.57 -56.59 -25.15
CA GLN D 232 -24.39 -55.38 -25.22
C GLN D 232 -23.85 -54.40 -26.23
N VAL D 233 -22.55 -54.15 -26.19
CA VAL D 233 -21.97 -53.16 -27.10
C VAL D 233 -22.29 -53.45 -28.57
N VAL D 234 -22.09 -54.70 -28.97
CA VAL D 234 -22.41 -55.21 -30.33
C VAL D 234 -23.92 -55.20 -30.64
N GLU D 235 -24.74 -55.63 -29.68
CA GLU D 235 -26.21 -55.64 -29.81
C GLU D 235 -26.85 -54.25 -29.77
N SER D 236 -26.09 -53.22 -29.46
CA SER D 236 -26.70 -51.98 -29.01
C SER D 236 -27.48 -51.28 -30.10
N ALA D 237 -26.87 -51.04 -31.26
CA ALA D 237 -27.62 -50.44 -32.38
C ALA D 237 -28.87 -51.29 -32.74
N TYR D 238 -28.73 -52.60 -32.73
CA TYR D 238 -29.85 -53.41 -33.12
C TYR D 238 -31.03 -53.11 -32.19
N GLU D 239 -30.77 -53.12 -30.87
CA GLU D 239 -31.84 -52.93 -29.89
C GLU D 239 -32.46 -51.54 -29.92
N VAL D 240 -31.64 -50.56 -30.30
CA VAL D 240 -32.07 -49.17 -30.40
C VAL D 240 -32.97 -49.01 -31.63
N ILE D 241 -32.49 -49.53 -32.75
CA ILE D 241 -33.30 -49.60 -33.96
C ILE D 241 -34.60 -50.37 -33.72
N LYS D 242 -34.50 -51.52 -33.05
CA LYS D 242 -35.69 -52.30 -32.70
C LYS D 242 -36.71 -51.44 -31.99
N LEU D 243 -36.22 -50.52 -31.15
CA LEU D 243 -37.07 -49.68 -30.26
C LEU D 243 -37.57 -48.36 -30.86
N LYS D 244 -36.69 -47.62 -31.51
CA LYS D 244 -37.02 -46.27 -31.96
C LYS D 244 -36.93 -46.08 -33.46
N GLY D 245 -36.48 -47.10 -34.18
CA GLY D 245 -36.42 -47.04 -35.63
C GLY D 245 -35.00 -46.97 -36.19
N TYR D 246 -34.17 -46.12 -35.60
CA TYR D 246 -32.80 -45.93 -36.11
C TYR D 246 -31.92 -45.65 -34.93
N THR D 247 -30.67 -45.25 -35.17
CA THR D 247 -29.91 -44.56 -34.13
C THR D 247 -29.38 -43.25 -34.70
N SER D 248 -29.02 -42.32 -33.83
CA SER D 248 -28.71 -40.97 -34.28
C SER D 248 -27.88 -40.20 -33.26
N TRP D 249 -28.40 -40.02 -32.05
CA TRP D 249 -27.80 -39.08 -31.07
C TRP D 249 -26.38 -39.49 -30.71
N ALA D 250 -26.21 -40.77 -30.37
CA ALA D 250 -24.92 -41.25 -29.91
C ALA D 250 -23.89 -41.12 -31.03
N ILE D 251 -24.21 -41.64 -32.20
CA ILE D 251 -23.34 -41.55 -33.36
C ILE D 251 -23.03 -40.09 -33.76
N GLY D 252 -23.98 -39.18 -33.51
CA GLY D 252 -23.78 -37.74 -33.74
C GLY D 252 -22.70 -37.17 -32.81
N LEU D 253 -22.88 -37.41 -31.53
CA LEU D 253 -21.94 -36.97 -30.51
C LEU D 253 -20.53 -37.56 -30.69
N SER D 254 -20.49 -38.81 -31.12
CA SER D 254 -19.26 -39.51 -31.37
C SER D 254 -18.47 -38.86 -32.52
N VAL D 255 -19.13 -38.63 -33.66
CA VAL D 255 -18.54 -37.95 -34.80
C VAL D 255 -18.16 -36.50 -34.48
N ALA D 256 -18.95 -35.84 -33.64
CA ALA D 256 -18.57 -34.48 -33.25
C ALA D 256 -17.26 -34.48 -32.46
N ASP D 257 -17.04 -35.51 -31.68
CA ASP D 257 -15.83 -35.61 -30.89
C ASP D 257 -14.62 -35.89 -31.80
N LEU D 258 -14.77 -36.72 -32.81
CA LEU D 258 -13.67 -36.92 -33.74
C LEU D 258 -13.37 -35.62 -34.46
N ALA D 259 -14.41 -34.89 -34.83
CA ALA D 259 -14.20 -33.61 -35.50
C ALA D 259 -13.47 -32.61 -34.56
N GLU D 260 -13.85 -32.62 -33.28
CA GLU D 260 -13.18 -31.76 -32.30
C GLU D 260 -11.67 -31.96 -32.40
N SER D 261 -11.21 -33.21 -32.36
CA SER D 261 -9.77 -33.47 -32.34
C SER D 261 -9.09 -32.99 -33.61
N ILE D 262 -9.79 -33.15 -34.73
CA ILE D 262 -9.24 -32.86 -36.04
C ILE D 262 -9.23 -31.38 -36.28
N MET D 263 -10.39 -30.76 -36.05
CA MET D 263 -10.53 -29.33 -36.31
C MET D 263 -9.70 -28.46 -35.38
N LYS D 264 -9.47 -28.89 -34.15
CA LYS D 264 -8.66 -28.09 -33.20
C LYS D 264 -7.23 -28.62 -32.99
N ASN D 265 -6.83 -29.59 -33.82
CA ASN D 265 -5.51 -30.20 -33.82
C ASN D 265 -5.10 -30.73 -32.45
N LEU D 266 -6.03 -31.41 -31.79
CA LEU D 266 -5.86 -31.82 -30.39
C LEU D 266 -4.89 -32.98 -30.11
N ARG D 267 -4.55 -33.79 -31.12
CA ARG D 267 -3.76 -35.03 -30.89
C ARG D 267 -4.30 -35.92 -29.75
N ARG D 268 -5.59 -36.21 -29.82
CA ARG D 268 -6.18 -37.16 -28.88
C ARG D 268 -6.24 -38.55 -29.50
N VAL D 269 -6.30 -39.57 -28.64
CA VAL D 269 -6.34 -40.95 -29.09
C VAL D 269 -7.80 -41.44 -29.21
N HIS D 270 -8.19 -41.86 -30.39
CA HIS D 270 -9.51 -42.37 -30.64
C HIS D 270 -9.37 -43.69 -31.34
N PRO D 271 -10.27 -44.67 -31.07
CA PRO D 271 -10.20 -45.89 -31.83
C PRO D 271 -10.99 -45.69 -33.09
N VAL D 272 -10.31 -45.37 -34.18
CA VAL D 272 -10.95 -45.20 -35.49
C VAL D 272 -10.42 -46.18 -36.52
N SER D 273 -11.10 -46.22 -37.66
CA SER D 273 -10.79 -47.20 -38.67
C SER D 273 -9.73 -46.65 -39.61
N THR D 274 -8.60 -47.36 -39.68
CA THR D 274 -7.42 -46.92 -40.46
C THR D 274 -6.74 -48.12 -41.13
N MET D 275 -6.03 -47.87 -42.23
CA MET D 275 -5.29 -48.91 -42.98
C MET D 275 -4.37 -49.71 -42.05
N ILE D 276 -4.30 -51.05 -42.09
CA ILE D 276 -3.32 -51.74 -41.21
C ILE D 276 -2.50 -52.89 -41.79
N LYS D 277 -2.41 -52.94 -43.13
CA LYS D 277 -1.38 -53.73 -43.81
C LYS D 277 -0.11 -53.49 -42.97
N GLY D 278 0.58 -54.57 -42.60
CA GLY D 278 1.81 -54.47 -41.81
C GLY D 278 1.60 -54.86 -40.36
N LEU D 279 0.58 -54.31 -39.73
CA LEU D 279 0.34 -54.52 -38.31
C LEU D 279 -0.43 -55.83 -38.09
N TYR D 280 -0.22 -56.44 -36.93
CA TYR D 280 -0.78 -57.77 -36.53
C TYR D 280 -0.72 -58.88 -37.59
N GLY D 281 0.32 -58.86 -38.42
CA GLY D 281 0.50 -59.87 -39.47
C GLY D 281 -0.52 -59.79 -40.61
N ILE D 282 -1.41 -58.80 -40.53
CA ILE D 282 -2.42 -58.58 -41.55
C ILE D 282 -1.76 -58.11 -42.84
N LYS D 283 -1.92 -58.86 -43.92
CA LYS D 283 -1.23 -58.57 -45.17
C LYS D 283 -2.10 -57.96 -46.27
N ASP D 284 -3.38 -57.72 -45.98
CA ASP D 284 -4.28 -57.20 -47.00
C ASP D 284 -4.64 -55.74 -46.78
N ASP D 285 -5.00 -55.03 -47.85
CA ASP D 285 -5.50 -53.65 -47.76
C ASP D 285 -6.85 -53.57 -47.07
N VAL D 286 -6.79 -53.35 -45.77
CA VAL D 286 -7.94 -53.54 -44.94
C VAL D 286 -7.90 -52.47 -43.85
N PHE D 287 -9.05 -51.84 -43.60
CA PHE D 287 -9.18 -50.86 -42.52
C PHE D 287 -9.78 -51.55 -41.29
N LEU D 288 -9.17 -51.30 -40.13
CA LEU D 288 -9.62 -51.85 -38.88
C LEU D 288 -9.41 -50.81 -37.82
N SER D 289 -10.02 -51.01 -36.65
CA SER D 289 -10.06 -49.93 -35.66
C SER D 289 -8.98 -50.20 -34.65
N VAL D 290 -8.20 -49.14 -34.44
CA VAL D 290 -7.00 -49.17 -33.64
C VAL D 290 -6.85 -47.75 -33.08
N PRO D 291 -6.24 -47.61 -31.86
CA PRO D 291 -6.25 -46.26 -31.27
C PRO D 291 -5.31 -45.38 -32.04
N CYS D 292 -5.85 -44.28 -32.57
CA CYS D 292 -5.09 -43.35 -33.43
C CYS D 292 -4.98 -41.95 -32.86
N ILE D 293 -3.94 -41.25 -33.25
CA ILE D 293 -3.72 -39.86 -32.83
C ILE D 293 -4.31 -38.95 -33.88
N LEU D 294 -5.34 -38.22 -33.48
CA LEU D 294 -6.14 -37.44 -34.41
C LEU D 294 -5.88 -35.94 -34.31
N GLY D 295 -5.76 -35.29 -35.46
CA GLY D 295 -5.25 -33.92 -35.54
C GLY D 295 -5.51 -33.28 -36.89
N GLN D 296 -4.99 -32.07 -37.10
CA GLN D 296 -5.29 -31.30 -38.30
C GLN D 296 -4.92 -32.04 -39.59
N ASN D 297 -4.04 -33.03 -39.50
CA ASN D 297 -3.67 -33.84 -40.66
C ASN D 297 -4.28 -35.24 -40.65
N GLY D 298 -5.38 -35.40 -39.91
CA GLY D 298 -6.04 -36.70 -39.75
C GLY D 298 -5.20 -37.60 -38.86
N ILE D 299 -5.02 -38.85 -39.27
CA ILE D 299 -4.37 -39.83 -38.43
C ILE D 299 -2.88 -39.68 -38.63
N SER D 300 -2.22 -39.12 -37.63
CA SER D 300 -0.80 -38.80 -37.75
C SER D 300 0.05 -39.95 -37.25
N ASP D 301 -0.49 -40.65 -36.26
CA ASP D 301 0.22 -41.68 -35.52
C ASP D 301 -0.83 -42.64 -35.03
N LEU D 302 -0.41 -43.88 -34.75
CA LEU D 302 -1.33 -44.82 -34.13
C LEU D 302 -0.62 -45.51 -33.01
N VAL D 303 -1.38 -46.11 -32.08
CA VAL D 303 -0.85 -46.77 -30.87
C VAL D 303 -0.81 -48.29 -31.05
N LYS D 304 0.39 -48.88 -30.98
CA LYS D 304 0.53 -50.34 -30.98
C LYS D 304 0.07 -50.85 -29.64
N VAL D 305 -1.14 -51.39 -29.58
CA VAL D 305 -1.68 -52.00 -28.36
C VAL D 305 -1.09 -53.39 -28.26
N THR D 306 -0.60 -53.80 -27.10
CA THR D 306 -0.22 -55.19 -26.97
C THR D 306 -1.51 -56.04 -26.98
N LEU D 307 -1.56 -56.96 -27.94
CA LEU D 307 -2.69 -57.88 -28.11
C LEU D 307 -2.23 -59.31 -27.84
N THR D 308 -3.10 -60.13 -27.28
CA THR D 308 -2.81 -61.57 -27.02
C THR D 308 -2.81 -62.41 -28.31
N SER D 309 -2.45 -63.68 -28.23
CA SER D 309 -2.52 -64.46 -29.46
C SER D 309 -3.95 -64.63 -29.85
N GLU D 310 -4.80 -64.80 -28.85
CA GLU D 310 -6.23 -64.91 -29.06
C GLU D 310 -6.81 -63.62 -29.72
N GLU D 311 -6.50 -62.44 -29.18
CA GLU D 311 -7.01 -61.16 -29.72
C GLU D 311 -6.43 -60.82 -31.10
N GLU D 312 -5.17 -61.20 -31.32
CA GLU D 312 -4.53 -60.97 -32.61
C GLU D 312 -5.27 -61.77 -33.67
N ALA D 313 -5.42 -63.08 -33.43
CA ALA D 313 -6.25 -63.96 -34.30
C ALA D 313 -7.66 -63.41 -34.60
N ARG D 314 -8.36 -62.79 -33.65
CA ARG D 314 -9.66 -62.19 -33.99
C ARG D 314 -9.48 -61.16 -35.10
N LEU D 315 -8.55 -60.21 -34.90
CA LEU D 315 -8.28 -59.14 -35.90
C LEU D 315 -7.92 -59.69 -37.28
N LYS D 316 -7.19 -60.80 -37.31
CA LYS D 316 -6.69 -61.35 -38.58
C LYS D 316 -7.87 -61.90 -39.41
N LYS D 317 -8.85 -62.47 -38.71
CA LYS D 317 -10.02 -63.07 -39.35
C LYS D 317 -11.00 -62.03 -39.80
N SER D 318 -11.16 -60.98 -38.99
CA SER D 318 -11.85 -59.79 -39.47
C SER D 318 -11.26 -59.30 -40.78
N ALA D 319 -9.93 -59.20 -40.88
CA ALA D 319 -9.32 -58.77 -42.15
C ALA D 319 -9.56 -59.75 -43.31
N ASP D 320 -9.40 -61.05 -43.06
CA ASP D 320 -9.72 -62.07 -44.05
C ASP D 320 -11.13 -61.88 -44.62
N THR D 321 -12.09 -61.67 -43.74
CA THR D 321 -13.47 -61.54 -44.13
C THR D 321 -13.61 -60.32 -45.00
N LEU D 322 -13.18 -59.17 -44.47
CA LEU D 322 -13.23 -57.88 -45.20
C LEU D 322 -12.60 -57.98 -46.58
N TRP D 323 -11.42 -58.63 -46.68
CA TRP D 323 -10.76 -58.74 -47.98
C TRP D 323 -11.61 -59.56 -48.95
N GLY D 324 -12.06 -60.73 -48.49
CA GLY D 324 -13.01 -61.59 -49.21
C GLY D 324 -14.15 -60.82 -49.88
N ILE D 325 -14.73 -59.88 -49.15
N ILE D 325 -14.73 -59.88 -49.12
CA ILE D 325 -15.76 -59.03 -49.73
CA ILE D 325 -15.74 -59.00 -49.67
C ILE D 325 -15.11 -57.98 -50.63
C ILE D 325 -15.07 -58.04 -50.64
N GLN D 326 -14.01 -57.38 -50.17
CA GLN D 326 -13.35 -56.27 -50.92
C GLN D 326 -12.82 -56.66 -52.32
N LYS D 327 -12.36 -57.90 -52.47
CA LYS D 327 -11.82 -58.34 -53.73
C LYS D 327 -12.86 -58.77 -54.76
N GLU D 328 -14.16 -58.60 -54.51
CA GLU D 328 -15.21 -58.89 -55.51
C GLU D 328 -15.93 -57.58 -55.85
N LEU D 329 -15.25 -56.47 -55.58
CA LEU D 329 -15.87 -55.20 -55.83
C LEU D 329 -15.52 -54.73 -57.25
N GLN D 330 -16.32 -53.87 -57.81
CA GLN D 330 -16.04 -53.38 -59.13
C GLN D 330 -15.94 -51.90 -59.01
N PHE D 331 -14.76 -51.38 -59.32
CA PHE D 331 -14.51 -49.95 -59.32
C PHE D 331 -14.51 -49.34 -60.73
N HIS D 332 -14.54 -50.17 -61.76
CA HIS D 332 -14.52 -49.72 -63.17
C HIS D 332 -15.80 -50.14 -63.89
N ALA E 1 3.83 8.15 60.30
CA ALA E 1 3.24 8.42 58.96
C ALA E 1 3.38 9.91 58.58
N THR E 2 4.59 10.37 58.27
CA THR E 2 4.79 11.77 57.75
C THR E 2 4.39 11.87 56.25
N LEU E 3 4.06 13.08 55.81
CA LEU E 3 3.51 13.33 54.48
C LEU E 3 4.44 12.95 53.32
N LYS E 4 5.74 13.16 53.49
CA LYS E 4 6.72 12.62 52.54
C LYS E 4 6.65 11.08 52.44
N ASP E 5 6.49 10.41 53.58
CA ASP E 5 6.37 8.96 53.61
C ASP E 5 5.00 8.48 53.13
N GLN E 6 3.95 9.27 53.34
CA GLN E 6 2.61 8.91 52.84
C GLN E 6 2.55 8.96 51.32
N LEU E 7 3.09 10.03 50.78
CA LEU E 7 3.14 10.28 49.35
C LEU E 7 4.19 9.43 48.62
N ILE E 8 5.28 9.10 49.29
CA ILE E 8 6.43 8.52 48.63
C ILE E 8 6.91 7.24 49.32
N TYR E 9 7.24 6.24 48.50
CA TYR E 9 7.88 5.00 48.95
C TYR E 9 9.33 5.03 48.48
N ASN E 10 10.25 4.88 49.42
CA ASN E 10 11.67 4.81 49.07
C ASN E 10 12.11 3.39 48.65
N LEU E 11 12.81 3.30 47.52
CA LEU E 11 13.42 2.05 47.06
C LEU E 11 14.88 1.94 47.54
N LEU E 12 15.62 3.05 47.58
CA LEU E 12 17.01 3.02 48.07
C LEU E 12 17.55 4.41 48.41
N LYS E 13 18.56 4.44 49.28
CA LYS E 13 19.24 5.68 49.66
C LYS E 13 20.63 5.62 49.05
N GLU E 14 21.59 6.22 49.74
CA GLU E 14 23.01 5.96 49.55
C GLU E 14 23.56 6.50 48.21
N GLU E 15 24.53 5.78 47.64
CA GLU E 15 25.17 6.10 46.37
C GLU E 15 25.80 7.49 46.43
N GLN E 16 24.99 8.56 46.34
CA GLN E 16 25.45 9.93 46.54
C GLN E 16 26.40 10.53 45.47
N THR E 17 27.25 9.73 44.80
CA THR E 17 28.35 10.30 43.97
C THR E 17 27.81 11.11 42.81
N PRO E 18 28.20 12.40 42.73
CA PRO E 18 27.77 13.20 41.57
C PRO E 18 28.66 12.89 40.38
N GLN E 19 28.18 13.20 39.17
CA GLN E 19 28.75 12.62 37.95
C GLN E 19 29.41 13.65 37.04
N ASN E 20 28.80 14.83 36.94
CA ASN E 20 29.34 15.89 36.14
C ASN E 20 29.38 17.17 36.96
N LYS E 21 30.15 17.14 38.05
CA LYS E 21 30.20 18.28 38.95
C LYS E 21 31.15 19.36 38.46
N ILE E 22 30.89 20.59 38.86
CA ILE E 22 31.72 21.72 38.52
C ILE E 22 31.70 22.64 39.70
N THR E 23 32.88 23.19 40.04
CA THR E 23 33.00 24.14 41.14
C THR E 23 33.56 25.47 40.63
N VAL E 24 32.93 26.57 41.05
CA VAL E 24 33.40 27.93 40.72
C VAL E 24 33.86 28.62 41.99
N VAL E 25 35.19 28.75 42.16
CA VAL E 25 35.78 29.42 43.30
C VAL E 25 35.78 30.91 43.03
N GLY E 26 35.22 31.69 43.95
CA GLY E 26 35.12 33.13 43.79
C GLY E 26 33.82 33.58 43.16
N VAL E 27 32.97 34.22 43.97
CA VAL E 27 31.63 34.59 43.53
C VAL E 27 31.48 36.11 43.30
N GLY E 28 32.52 36.72 42.75
CA GLY E 28 32.44 38.11 42.30
C GLY E 28 31.59 38.15 41.04
N ALA E 29 31.65 39.27 40.31
CA ALA E 29 30.91 39.40 39.07
C ALA E 29 31.30 38.29 38.07
N VAL E 30 32.59 38.09 37.89
CA VAL E 30 33.13 37.12 36.95
C VAL E 30 32.76 35.68 37.35
N GLY E 31 32.84 35.37 38.65
CA GLY E 31 32.49 34.01 39.12
C GLY E 31 31.03 33.64 38.86
N MET E 32 30.13 34.53 39.28
CA MET E 32 28.70 34.37 39.06
C MET E 32 28.36 34.44 37.58
N ALA E 33 29.04 35.26 36.79
CA ALA E 33 28.76 35.28 35.35
C ALA E 33 29.14 33.92 34.74
N CYS E 34 30.18 33.30 35.28
CA CYS E 34 30.54 31.95 34.87
C CYS E 34 29.48 30.95 35.30
N ALA E 35 28.98 31.07 36.53
CA ALA E 35 28.02 30.08 37.05
C ALA E 35 26.70 30.12 36.30
N ILE E 36 26.18 31.33 36.11
CA ILE E 36 24.91 31.45 35.42
C ILE E 36 25.06 30.94 34.00
N SER E 37 26.21 31.17 33.38
CA SER E 37 26.39 30.63 32.04
C SER E 37 26.49 29.09 31.99
N ILE E 38 27.10 28.50 33.02
CA ILE E 38 27.18 27.04 33.15
C ILE E 38 25.79 26.41 33.49
N LEU E 39 24.99 27.10 34.30
CA LEU E 39 23.67 26.59 34.63
C LEU E 39 22.78 26.55 33.40
N MET E 40 22.89 27.57 32.56
CA MET E 40 22.06 27.70 31.36
C MET E 40 22.61 26.97 30.12
N LYS E 41 23.71 26.25 30.26
CA LYS E 41 24.17 25.42 29.14
C LYS E 41 24.08 23.94 29.51
N ASP E 42 23.34 23.66 30.59
CA ASP E 42 23.23 22.33 31.16
C ASP E 42 24.53 21.56 31.10
N LEU E 43 25.60 22.12 31.63
CA LEU E 43 26.90 21.47 31.58
C LEU E 43 27.20 20.60 32.79
N ALA E 44 26.46 20.80 33.89
CA ALA E 44 26.75 20.13 35.17
C ALA E 44 25.49 19.54 35.84
N ASP E 45 25.70 18.50 36.66
CA ASP E 45 24.64 17.97 37.52
C ASP E 45 24.77 18.40 38.99
N GLU E 46 25.93 18.95 39.34
CA GLU E 46 26.14 19.58 40.66
C GLU E 46 27.02 20.79 40.41
N LEU E 47 26.66 21.94 41.01
CA LEU E 47 27.45 23.17 40.97
C LEU E 47 27.81 23.68 42.39
N ALA E 48 29.11 23.72 42.68
CA ALA E 48 29.62 24.16 43.98
C ALA E 48 30.19 25.54 43.85
N LEU E 49 29.81 26.43 44.75
CA LEU E 49 30.38 27.77 44.85
C LEU E 49 31.26 27.84 46.10
N VAL E 50 32.40 28.52 46.04
CA VAL E 50 33.22 28.70 47.26
C VAL E 50 33.77 30.10 47.25
N ASP E 51 33.65 30.78 48.39
CA ASP E 51 34.32 32.03 48.62
C ASP E 51 34.58 32.14 50.14
N VAL E 52 35.21 33.22 50.59
CA VAL E 52 35.49 33.41 52.00
C VAL E 52 34.50 34.34 52.69
N ILE E 53 33.81 35.17 51.90
CA ILE E 53 32.74 36.06 52.39
C ILE E 53 31.47 35.23 52.40
N GLU E 54 31.02 34.79 53.58
CA GLU E 54 29.98 33.75 53.69
C GLU E 54 28.57 34.22 53.31
N ASP E 55 28.22 35.46 53.63
CA ASP E 55 26.87 35.98 53.42
C ASP E 55 26.56 36.18 51.94
N LYS E 56 27.26 37.11 51.32
CA LYS E 56 27.27 37.27 49.86
C LYS E 56 27.24 35.92 49.12
N LEU E 57 27.98 34.94 49.63
CA LEU E 57 28.04 33.60 49.01
C LEU E 57 26.76 32.72 49.20
N LYS E 58 26.20 32.72 50.40
CA LYS E 58 24.94 32.03 50.66
C LYS E 58 23.80 32.73 49.92
N GLY E 59 23.87 34.06 49.90
CA GLY E 59 22.90 34.88 49.19
C GLY E 59 22.85 34.62 47.69
N GLU E 60 23.96 34.18 47.10
CA GLU E 60 24.00 33.89 45.66
C GLU E 60 23.59 32.44 45.41
N MET E 61 23.85 31.57 46.39
CA MET E 61 23.43 30.18 46.29
C MET E 61 21.92 30.16 46.29
N MET E 62 21.32 30.81 47.28
CA MET E 62 19.86 30.82 47.39
C MET E 62 19.19 31.42 46.16
N ASP E 63 19.77 32.48 45.62
CA ASP E 63 19.19 33.19 44.46
C ASP E 63 19.12 32.30 43.22
N LEU E 64 20.23 31.61 42.93
CA LEU E 64 20.29 30.61 41.87
C LEU E 64 19.32 29.47 42.11
N GLN E 65 19.31 28.98 43.34
CA GLN E 65 18.44 27.86 43.71
C GLN E 65 17.00 28.18 43.41
N HIS E 66 16.59 29.43 43.62
CA HIS E 66 15.19 29.79 43.45
C HIS E 66 14.76 29.73 41.99
N GLY E 67 15.72 29.81 41.09
CA GLY E 67 15.46 29.68 39.68
C GLY E 67 15.57 28.26 39.19
N SER E 68 15.71 27.30 40.12
CA SER E 68 15.77 25.82 39.82
C SER E 68 14.74 25.24 38.86
N LEU E 69 13.52 25.77 38.93
CA LEU E 69 12.42 25.32 38.10
C LEU E 69 12.82 25.45 36.67
N PHE E 70 13.58 26.49 36.38
CA PHE E 70 13.97 26.79 35.01
C PHE E 70 15.33 26.22 34.60
N LEU E 71 15.89 25.33 35.41
CA LEU E 71 17.23 24.77 35.17
C LEU E 71 17.25 23.25 35.30
N ARG E 72 18.19 22.63 34.60
CA ARG E 72 18.34 21.19 34.61
C ARG E 72 19.61 20.84 35.39
N THR E 73 19.87 21.58 36.46
CA THR E 73 21.05 21.34 37.30
C THR E 73 20.61 21.23 38.75
N PRO E 74 20.35 20.00 39.22
CA PRO E 74 19.53 19.74 40.40
C PRO E 74 20.13 20.05 41.78
N LYS E 75 21.45 20.05 41.93
CA LYS E 75 22.06 20.38 43.20
C LYS E 75 22.99 21.57 43.05
N ILE E 76 22.81 22.58 43.90
CA ILE E 76 23.68 23.73 43.97
C ILE E 76 24.06 23.97 45.43
N VAL E 77 25.36 24.00 45.72
CA VAL E 77 25.85 24.06 47.10
C VAL E 77 26.98 25.07 47.21
N SER E 78 27.26 25.48 48.45
CA SER E 78 28.21 26.55 48.67
C SER E 78 28.71 26.55 50.08
N GLY E 79 29.80 27.26 50.31
CA GLY E 79 30.43 27.24 51.60
C GLY E 79 31.87 27.68 51.53
N LYS E 80 32.40 28.02 52.70
CA LYS E 80 33.79 28.46 52.82
C LYS E 80 34.68 27.23 52.85
N ASP E 81 34.17 26.14 53.43
CA ASP E 81 34.90 24.85 53.51
C ASP E 81 34.95 24.16 52.15
N TYR E 82 36.13 23.69 51.76
CA TYR E 82 36.32 23.12 50.42
C TYR E 82 35.86 21.67 50.31
N ASN E 83 35.23 21.12 51.37
CA ASN E 83 34.59 19.82 51.23
C ASN E 83 33.36 19.86 50.31
N VAL E 84 32.76 21.05 50.14
CA VAL E 84 31.62 21.21 49.23
C VAL E 84 32.04 21.10 47.74
N THR E 85 33.34 20.94 47.48
CA THR E 85 33.87 20.86 46.12
C THR E 85 34.23 19.42 45.74
N ALA E 86 33.86 18.44 46.57
CA ALA E 86 34.29 17.05 46.36
C ALA E 86 33.78 16.43 45.04
N ASN E 87 34.54 15.45 44.55
CA ASN E 87 34.36 14.83 43.21
C ASN E 87 33.92 15.75 42.09
N SER E 88 34.59 16.90 42.00
CA SER E 88 34.39 17.80 40.89
C SER E 88 35.22 17.32 39.72
N LYS E 89 34.69 17.48 38.52
CA LYS E 89 35.43 17.13 37.31
C LYS E 89 36.17 18.34 36.75
N LEU E 90 35.58 19.53 36.90
CA LEU E 90 36.21 20.78 36.47
C LEU E 90 36.06 21.79 37.61
N VAL E 91 37.16 22.50 37.91
CA VAL E 91 37.20 23.52 38.96
C VAL E 91 37.74 24.79 38.33
N ILE E 92 37.04 25.89 38.57
CA ILE E 92 37.23 27.14 37.85
C ILE E 92 37.62 28.17 38.89
N ILE E 93 38.81 28.73 38.77
CA ILE E 93 39.36 29.62 39.79
C ILE E 93 39.28 31.08 39.35
N THR E 94 38.46 31.89 40.03
CA THR E 94 38.36 33.32 39.74
C THR E 94 38.84 34.16 40.90
N ALA E 95 39.42 33.54 41.92
CA ALA E 95 39.86 34.23 43.13
C ALA E 95 41.01 35.20 42.86
N GLY E 96 41.13 36.21 43.72
CA GLY E 96 42.21 37.16 43.61
C GLY E 96 42.35 38.10 44.78
N ALA E 97 43.23 39.09 44.61
CA ALA E 97 43.45 40.14 45.58
C ALA E 97 43.30 41.48 44.88
N ARG E 98 42.79 42.48 45.60
CA ARG E 98 42.37 43.76 45.00
C ARG E 98 43.43 44.89 45.03
N GLN E 99 43.61 45.50 43.85
CA GLN E 99 44.70 46.42 43.48
C GLN E 99 45.56 47.06 44.58
N GLN E 100 44.95 47.89 45.44
CA GLN E 100 45.69 48.69 46.45
C GLN E 100 46.47 49.83 45.79
N GLU E 101 46.00 51.06 45.97
CA GLU E 101 46.67 52.26 45.44
C GLU E 101 48.21 52.14 45.36
N GLY E 102 48.88 52.15 46.51
CA GLY E 102 50.35 52.15 46.53
C GLY E 102 50.98 50.78 46.60
N GLU E 103 51.02 50.05 45.47
CA GLU E 103 51.62 48.71 45.44
C GLU E 103 52.23 48.39 44.08
N SER E 104 53.42 47.76 44.08
CA SER E 104 54.07 47.28 42.85
C SER E 104 53.42 46.00 42.30
N ARG E 105 53.82 45.60 41.09
CA ARG E 105 53.26 44.42 40.40
C ARG E 105 53.81 43.09 40.93
N LEU E 106 55.11 43.03 41.21
N LEU E 106 55.11 43.02 41.19
CA LEU E 106 55.73 41.84 41.80
CA LEU E 106 55.73 41.83 41.80
C LEU E 106 55.11 41.55 43.16
C LEU E 106 55.11 41.55 43.16
N ASN E 107 54.54 42.58 43.78
CA ASN E 107 53.89 42.48 45.08
C ASN E 107 52.41 42.11 44.99
N LEU E 108 51.73 42.61 43.96
CA LEU E 108 50.33 42.26 43.70
C LEU E 108 50.27 40.77 43.32
N VAL E 109 51.19 40.36 42.45
CA VAL E 109 51.30 38.98 42.02
C VAL E 109 51.79 38.01 43.13
N GLN E 110 52.57 38.51 44.10
CA GLN E 110 53.01 37.70 45.24
C GLN E 110 51.83 37.34 46.16
N ARG E 111 50.97 38.33 46.41
CA ARG E 111 49.79 38.13 47.24
C ARG E 111 48.79 37.15 46.60
N ASN E 112 48.69 37.18 45.27
CA ASN E 112 47.90 36.19 44.55
C ASN E 112 48.50 34.79 44.66
N VAL E 113 49.82 34.70 44.80
CA VAL E 113 50.43 33.41 45.10
C VAL E 113 49.82 32.89 46.40
N ASN E 114 50.04 33.64 47.47
CA ASN E 114 49.58 33.24 48.81
C ASN E 114 48.15 32.72 48.87
N ILE E 115 47.22 33.48 48.27
CA ILE E 115 45.83 33.03 48.23
C ILE E 115 45.82 31.63 47.62
N PHE E 116 46.54 31.44 46.51
CA PHE E 116 46.58 30.15 45.80
C PHE E 116 47.16 29.03 46.66
N LYS E 117 48.11 29.40 47.52
CA LYS E 117 48.73 28.45 48.44
C LYS E 117 47.69 27.83 49.36
N PHE E 118 46.70 28.61 49.78
CA PHE E 118 45.56 28.07 50.54
C PHE E 118 44.50 27.37 49.65
N ILE E 119 44.23 27.94 48.48
CA ILE E 119 43.14 27.46 47.64
C ILE E 119 43.51 26.14 46.98
N ILE E 120 44.64 26.10 46.26
CA ILE E 120 44.87 25.01 45.32
C ILE E 120 45.01 23.63 46.02
N PRO E 121 45.68 23.59 47.18
CA PRO E 121 45.76 22.27 47.83
C PRO E 121 44.40 21.77 48.35
N ASN E 122 43.53 22.70 48.74
CA ASN E 122 42.16 22.34 49.13
C ASN E 122 41.37 21.81 47.93
N VAL E 123 41.55 22.46 46.78
CA VAL E 123 40.93 21.99 45.56
C VAL E 123 41.41 20.57 45.27
N VAL E 124 42.72 20.33 45.30
CA VAL E 124 43.23 18.99 44.90
C VAL E 124 43.03 17.94 45.98
N LYS E 125 42.84 18.37 47.23
CA LYS E 125 42.55 17.42 48.30
C LYS E 125 41.24 16.71 48.00
N TYR E 126 40.22 17.50 47.65
CA TYR E 126 38.84 17.03 47.52
C TYR E 126 38.46 16.64 46.08
N SER E 127 39.33 16.93 45.12
CA SER E 127 39.11 16.54 43.73
C SER E 127 40.44 16.28 43.02
N PRO E 128 41.19 15.24 43.47
CA PRO E 128 42.45 14.80 42.84
C PRO E 128 42.45 14.78 41.31
N ASN E 129 41.36 14.28 40.70
CA ASN E 129 41.27 14.06 39.25
C ASN E 129 40.55 15.19 38.48
N CYS E 130 40.41 16.37 39.08
CA CYS E 130 39.75 17.47 38.37
C CYS E 130 40.66 18.13 37.34
N LYS E 131 40.07 19.04 36.55
CA LYS E 131 40.81 19.96 35.70
C LYS E 131 40.72 21.36 36.31
N LEU E 132 41.87 21.98 36.51
CA LEU E 132 41.89 23.37 36.94
C LEU E 132 41.77 24.29 35.75
N LEU E 133 40.90 25.29 35.87
CA LEU E 133 40.71 26.33 34.85
C LEU E 133 40.93 27.67 35.53
N ILE E 134 42.08 28.30 35.28
CA ILE E 134 42.41 29.55 35.97
C ILE E 134 41.91 30.73 35.15
N VAL E 135 41.20 31.63 35.81
CA VAL E 135 40.68 32.85 35.18
C VAL E 135 41.23 34.12 35.82
N SER E 136 41.63 34.00 37.08
CA SER E 136 42.24 35.09 37.84
C SER E 136 43.41 35.70 37.10
N ASN E 137 43.71 36.97 37.38
CA ASN E 137 44.82 37.64 36.72
C ASN E 137 45.93 38.13 37.65
N PRO E 138 47.17 38.27 37.13
CA PRO E 138 47.60 37.99 35.75
C PRO E 138 47.56 36.50 35.45
N VAL E 139 46.82 36.13 34.40
CA VAL E 139 46.41 34.73 34.22
C VAL E 139 47.52 33.77 33.82
N ASP E 140 48.44 34.21 32.97
CA ASP E 140 49.48 33.31 32.50
C ASP E 140 50.43 32.94 33.65
N ILE E 141 50.66 33.89 34.55
CA ILE E 141 51.55 33.67 35.71
C ILE E 141 50.87 32.83 36.81
N LEU E 142 49.57 33.08 37.02
CA LEU E 142 48.78 32.34 38.01
C LEU E 142 48.33 30.94 37.54
N THR E 143 48.43 30.66 36.24
CA THR E 143 48.18 29.31 35.73
C THR E 143 49.46 28.52 35.93
N TYR E 144 50.60 29.20 35.89
CA TYR E 144 51.87 28.57 36.26
C TYR E 144 51.84 28.21 37.75
N VAL E 145 51.38 29.14 38.57
CA VAL E 145 51.28 28.94 40.02
C VAL E 145 50.35 27.77 40.41
N ALA E 146 49.21 27.65 39.74
CA ALA E 146 48.32 26.50 39.98
C ALA E 146 49.00 25.16 39.66
N TRP E 147 49.67 25.11 38.50
CA TRP E 147 50.42 23.92 38.08
C TRP E 147 51.50 23.46 39.07
N LYS E 148 52.24 24.41 39.61
CA LYS E 148 53.28 24.12 40.58
C LYS E 148 52.69 23.63 41.91
N ILE E 149 51.72 24.36 42.46
CA ILE E 149 51.20 24.01 43.78
C ILE E 149 50.36 22.73 43.72
N SER E 150 49.48 22.62 42.74
CA SER E 150 48.68 21.42 42.56
C SER E 150 49.54 20.18 42.35
N GLY E 151 50.68 20.37 41.68
CA GLY E 151 51.54 19.27 41.28
C GLY E 151 50.93 18.44 40.17
N PHE E 152 49.92 18.99 39.50
CA PHE E 152 49.19 18.30 38.44
C PHE E 152 50.07 18.15 37.20
N PRO E 153 49.71 17.22 36.29
CA PRO E 153 50.35 17.19 34.99
C PRO E 153 49.77 18.32 34.16
N LYS E 154 50.50 18.76 33.13
CA LYS E 154 50.21 20.04 32.49
C LYS E 154 48.90 20.09 31.70
N ASN E 155 48.45 18.92 31.23
CA ASN E 155 47.15 18.80 30.55
C ASN E 155 45.96 19.22 31.41
N ARG E 156 46.01 18.92 32.71
CA ARG E 156 44.88 19.21 33.59
C ARG E 156 44.96 20.56 34.24
N VAL E 157 45.90 21.40 33.81
CA VAL E 157 45.96 22.77 34.26
C VAL E 157 45.93 23.71 33.09
N ILE E 158 44.84 24.49 33.01
CA ILE E 158 44.50 25.32 31.87
C ILE E 158 44.22 26.74 32.35
N GLY E 159 44.72 27.72 31.62
CA GLY E 159 44.43 29.11 31.93
C GLY E 159 43.55 29.66 30.83
N SER E 160 42.60 30.53 31.18
CA SER E 160 41.64 31.07 30.20
C SER E 160 42.34 31.89 29.11
N GLY E 161 43.40 32.59 29.47
CA GLY E 161 44.33 33.16 28.48
C GLY E 161 43.75 34.08 27.42
N CYS E 162 43.92 33.74 26.13
CA CYS E 162 43.45 34.59 25.05
C CYS E 162 42.16 34.06 24.37
N ASN E 163 41.38 33.24 25.07
CA ASN E 163 40.12 32.70 24.54
C ASN E 163 39.09 33.82 24.42
N LEU E 164 38.95 34.65 25.43
CA LEU E 164 38.07 35.82 25.27
C LEU E 164 38.71 36.89 24.38
N ASP E 165 40.03 36.99 24.44
CA ASP E 165 40.72 37.91 23.57
C ASP E 165 40.34 37.60 22.12
N SER E 166 40.51 36.34 21.72
CA SER E 166 40.18 35.93 20.34
C SER E 166 38.69 36.14 20.04
N ALA E 167 37.82 35.91 21.02
CA ALA E 167 36.39 36.18 20.78
C ALA E 167 36.13 37.63 20.40
N ARG E 168 36.66 38.56 21.20
CA ARG E 168 36.46 40.00 20.97
C ARG E 168 36.96 40.36 19.59
N PHE E 169 38.07 39.71 19.19
CA PHE E 169 38.73 39.96 17.91
C PHE E 169 37.84 39.59 16.74
N ARG E 170 37.22 38.43 16.85
CA ARG E 170 36.17 37.98 15.92
C ARG E 170 34.93 38.85 16.00
N TYR E 171 34.49 39.24 17.19
CA TYR E 171 33.37 40.19 17.26
C TYR E 171 33.72 41.46 16.44
N LEU E 172 34.92 41.99 16.64
CA LEU E 172 35.28 43.27 16.01
C LEU E 172 35.50 43.12 14.53
N MET E 173 36.13 42.01 14.15
CA MET E 173 36.26 41.59 12.76
C MET E 173 34.89 41.54 12.06
N GLY E 174 33.94 40.93 12.75
CA GLY E 174 32.58 40.74 12.24
C GLY E 174 31.82 42.02 11.98
N GLU E 175 31.89 42.95 12.94
N GLU E 175 31.89 42.96 12.92
CA GLU E 175 31.30 44.28 12.78
CA GLU E 175 31.24 44.26 12.76
C GLU E 175 31.89 44.98 11.56
C GLU E 175 31.89 45.05 11.62
N ARG E 176 33.20 44.93 11.43
CA ARG E 176 33.85 45.56 10.28
C ARG E 176 33.40 44.93 8.95
N LEU E 177 33.28 43.61 8.92
CA LEU E 177 32.99 42.85 7.69
C LEU E 177 31.50 42.64 7.38
N GLY E 178 30.67 42.70 8.40
CA GLY E 178 29.23 42.57 8.21
C GLY E 178 28.84 41.11 8.21
N VAL E 179 29.50 40.32 9.05
CA VAL E 179 29.40 38.85 9.07
C VAL E 179 29.45 38.42 10.52
N HIS E 180 28.61 37.47 10.92
CA HIS E 180 28.66 36.96 12.29
C HIS E 180 30.07 36.48 12.65
N PRO E 181 30.47 36.65 13.93
CA PRO E 181 31.77 36.19 14.42
C PRO E 181 32.00 34.71 14.18
N LEU E 182 30.95 33.93 14.28
CA LEU E 182 31.05 32.52 13.98
C LEU E 182 31.72 32.30 12.63
N SER E 183 31.43 33.12 11.62
CA SER E 183 31.98 32.91 10.27
C SER E 183 33.26 33.70 9.95
N CYS E 184 33.66 34.55 10.90
CA CYS E 184 34.91 35.30 10.90
C CYS E 184 35.91 34.55 11.76
N HIS E 185 37.15 34.42 11.28
CA HIS E 185 38.15 33.65 11.99
C HIS E 185 39.40 34.44 12.15
N GLY E 186 39.95 34.39 13.35
CA GLY E 186 41.16 35.10 13.68
C GLY E 186 41.57 34.73 15.07
N TRP E 187 42.89 34.67 15.28
CA TRP E 187 43.47 34.26 16.56
C TRP E 187 44.33 35.37 17.22
N VAL E 188 44.17 35.52 18.53
CA VAL E 188 45.04 36.33 19.36
C VAL E 188 45.76 35.40 20.32
N LEU E 189 47.08 35.49 20.31
CA LEU E 189 47.94 34.46 20.88
C LEU E 189 49.02 35.00 21.82
N GLY E 190 49.43 34.16 22.76
CA GLY E 190 50.56 34.44 23.63
C GLY E 190 50.18 34.90 25.02
N GLU E 191 50.84 35.98 25.45
CA GLU E 191 50.64 36.59 26.77
C GLU E 191 49.36 37.44 26.78
N HIS E 192 48.34 37.02 27.56
CA HIS E 192 47.08 37.78 27.71
C HIS E 192 47.33 39.19 28.29
N GLY E 193 47.20 40.22 27.45
CA GLY E 193 47.73 41.55 27.81
C GLY E 193 48.12 42.43 26.63
N ASP E 194 48.93 43.45 26.91
CA ASP E 194 49.26 44.49 25.93
C ASP E 194 50.11 44.01 24.75
N SER E 195 50.85 42.92 24.94
CA SER E 195 51.66 42.36 23.86
C SER E 195 51.22 40.92 23.57
N SER E 196 49.92 40.78 23.34
CA SER E 196 49.33 39.59 22.74
C SER E 196 49.43 39.75 21.22
N VAL E 197 49.77 38.67 20.52
CA VAL E 197 49.96 38.72 19.07
C VAL E 197 48.66 38.37 18.36
N PRO E 198 48.21 39.24 17.42
CA PRO E 198 47.19 38.88 16.43
C PRO E 198 47.84 38.30 15.17
N VAL E 199 47.41 37.10 14.80
CA VAL E 199 48.10 36.36 13.76
C VAL E 199 47.41 36.58 12.41
N TRP E 200 47.70 37.73 11.82
CA TRP E 200 47.14 38.16 10.53
C TRP E 200 47.09 37.08 9.44
N SER E 201 48.08 36.19 9.40
CA SER E 201 48.08 35.07 8.44
C SER E 201 46.86 34.17 8.63
N GLY E 202 46.53 33.87 9.88
CA GLY E 202 45.38 33.02 10.19
C GLY E 202 44.02 33.64 9.92
N MET E 203 43.96 34.94 9.63
CA MET E 203 42.67 35.65 9.49
C MET E 203 41.95 35.40 8.17
N ASN E 204 40.70 34.96 8.24
CA ASN E 204 39.91 34.63 7.03
C ASN E 204 38.39 34.66 7.21
N VAL E 205 37.70 34.80 6.09
CA VAL E 205 36.29 34.43 6.01
C VAL E 205 36.21 33.33 4.96
N ALA E 206 35.55 32.21 5.27
CA ALA E 206 35.37 31.15 4.26
C ALA E 206 36.72 30.61 3.69
N GLY E 207 37.77 30.66 4.49
CA GLY E 207 39.06 30.14 4.09
C GLY E 207 39.72 31.01 3.04
N VAL E 208 39.38 32.29 3.01
CA VAL E 208 40.11 33.24 2.17
C VAL E 208 40.85 34.15 3.11
N SER E 209 42.17 34.18 2.91
CA SER E 209 43.14 34.99 3.65
C SER E 209 42.94 36.47 3.35
N LEU E 210 42.64 37.23 4.41
CA LEU E 210 42.52 38.68 4.34
C LEU E 210 43.87 39.32 4.05
N LYS E 211 44.95 38.65 4.48
CA LYS E 211 46.33 39.11 4.28
C LYS E 211 46.82 38.92 2.81
N THR E 212 46.46 37.80 2.18
CA THR E 212 46.77 37.59 0.76
C THR E 212 45.94 38.57 -0.07
N LEU E 213 44.69 38.75 0.35
CA LEU E 213 43.78 39.71 -0.27
C LEU E 213 44.39 41.10 -0.14
N HIS E 214 44.69 41.48 1.10
CA HIS E 214 45.16 42.82 1.45
C HIS E 214 46.56 42.67 2.08
N PRO E 215 47.62 42.81 1.24
CA PRO E 215 48.98 42.55 1.75
C PRO E 215 49.44 43.46 2.88
N ASP E 216 48.94 44.69 2.90
CA ASP E 216 49.27 45.66 3.94
C ASP E 216 48.62 45.38 5.31
N LEU E 217 47.70 44.42 5.36
CA LEU E 217 46.99 44.08 6.61
C LEU E 217 47.92 43.93 7.85
N GLY E 218 47.72 44.79 8.86
CA GLY E 218 48.40 44.65 10.16
C GLY E 218 49.64 45.51 10.37
N THR E 219 50.30 45.87 9.26
CA THR E 219 51.42 46.80 9.28
C THR E 219 50.93 48.22 9.59
N ASP E 220 51.88 49.12 9.87
CA ASP E 220 51.59 50.54 10.13
C ASP E 220 50.99 51.26 8.92
N LYS E 221 51.60 51.06 7.76
CA LYS E 221 51.10 51.64 6.50
C LYS E 221 49.68 51.21 6.05
N ASP E 222 49.10 50.18 6.70
CA ASP E 222 47.70 49.77 6.44
C ASP E 222 46.77 50.99 6.43
N LYS E 223 46.31 51.32 5.22
CA LYS E 223 45.46 52.46 4.99
C LYS E 223 44.11 52.30 5.75
N GLU E 224 43.78 51.10 6.22
CA GLU E 224 42.53 50.87 7.00
C GLU E 224 42.71 50.77 8.54
N GLN E 225 43.96 50.84 9.00
N GLN E 225 43.94 50.87 9.02
CA GLN E 225 44.31 50.76 10.41
CA GLN E 225 44.23 50.80 10.46
C GLN E 225 43.63 49.57 11.09
C GLN E 225 43.61 49.55 11.10
N TRP E 226 43.91 48.37 10.57
CA TRP E 226 43.39 47.11 11.14
C TRP E 226 44.15 46.73 12.40
N LYS E 227 45.34 47.31 12.62
CA LYS E 227 46.02 47.11 13.88
C LYS E 227 45.17 47.71 15.01
N GLU E 228 44.37 48.74 14.73
CA GLU E 228 43.43 49.29 15.75
C GLU E 228 42.41 48.26 16.22
N VAL E 229 42.11 47.25 15.40
CA VAL E 229 41.22 46.19 15.84
C VAL E 229 41.89 45.35 16.93
N HIS E 230 43.22 45.20 16.90
CA HIS E 230 43.93 44.54 18.02
C HIS E 230 44.07 45.46 19.24
N LYS E 231 44.27 46.76 19.01
CA LYS E 231 44.36 47.73 20.09
C LYS E 231 43.06 47.79 20.85
N GLN E 232 41.95 47.82 20.11
CA GLN E 232 40.59 47.74 20.67
C GLN E 232 40.39 46.50 21.50
N VAL E 233 41.02 45.40 21.09
CA VAL E 233 40.92 44.16 21.84
C VAL E 233 41.63 44.36 23.15
N VAL E 234 42.92 44.63 23.09
CA VAL E 234 43.71 44.86 24.31
C VAL E 234 43.00 45.76 25.33
N GLU E 235 42.52 46.91 24.86
CA GLU E 235 41.92 47.96 25.72
C GLU E 235 40.41 47.88 26.01
N SER E 236 39.68 46.89 25.50
CA SER E 236 38.24 46.89 25.76
C SER E 236 37.84 46.40 27.17
N ALA E 237 38.62 45.53 27.80
CA ALA E 237 38.37 45.19 29.20
C ALA E 237 38.64 46.41 30.15
N TYR E 238 39.42 47.38 29.68
CA TYR E 238 39.57 48.67 30.39
C TYR E 238 38.36 49.57 30.12
N GLU E 239 37.94 49.62 28.85
CA GLU E 239 36.86 50.50 28.42
C GLU E 239 35.49 50.13 28.97
N VAL E 240 35.27 48.84 29.14
CA VAL E 240 34.05 48.32 29.72
C VAL E 240 34.08 48.72 31.18
N ILE E 241 35.16 48.36 31.87
CA ILE E 241 35.39 48.69 33.29
C ILE E 241 35.20 50.19 33.58
N LYS E 242 35.82 51.04 32.77
CA LYS E 242 35.60 52.49 32.84
C LYS E 242 34.10 52.84 32.73
N LEU E 243 33.36 52.09 31.91
CA LEU E 243 31.97 52.44 31.62
C LEU E 243 30.99 51.92 32.66
N LYS E 244 31.17 50.68 33.12
CA LYS E 244 30.19 50.01 34.02
C LYS E 244 30.74 49.48 35.34
N GLY E 245 32.06 49.50 35.50
CA GLY E 245 32.72 49.18 36.78
C GLY E 245 33.65 47.97 36.74
N TYR E 246 33.22 46.93 36.03
CA TYR E 246 33.89 45.63 36.00
C TYR E 246 33.56 45.08 34.63
N THR E 247 33.94 43.85 34.35
CA THR E 247 33.38 43.11 33.20
C THR E 247 32.92 41.75 33.72
N SER E 248 32.09 41.04 32.98
CA SER E 248 31.53 39.81 33.48
C SER E 248 30.90 38.93 32.41
N TRP E 249 29.97 39.49 31.63
CA TRP E 249 29.16 38.69 30.70
C TRP E 249 30.01 37.97 29.63
N ALA E 250 30.86 38.71 28.94
CA ALA E 250 31.70 38.13 27.92
C ALA E 250 32.67 37.10 28.50
N ILE E 251 33.23 37.39 29.67
CA ILE E 251 34.20 36.45 30.27
C ILE E 251 33.49 35.21 30.81
N GLY E 252 32.25 35.39 31.27
CA GLY E 252 31.42 34.26 31.73
C GLY E 252 30.98 33.32 30.61
N LEU E 253 30.60 33.89 29.46
CA LEU E 253 30.21 33.06 28.31
C LEU E 253 31.42 32.39 27.69
N SER E 254 32.53 33.10 27.74
CA SER E 254 33.81 32.58 27.28
C SER E 254 34.21 31.33 28.08
N VAL E 255 34.10 31.43 29.40
CA VAL E 255 34.51 30.35 30.28
C VAL E 255 33.56 29.15 30.12
N ALA E 256 32.27 29.45 29.97
CA ALA E 256 31.26 28.41 29.78
C ALA E 256 31.54 27.58 28.52
N ASP E 257 32.03 28.24 27.47
CA ASP E 257 32.40 27.58 26.22
C ASP E 257 33.56 26.59 26.49
N LEU E 258 34.59 27.05 27.19
CA LEU E 258 35.72 26.19 27.51
C LEU E 258 35.20 24.99 28.26
N ALA E 259 34.37 25.25 29.27
CA ALA E 259 33.77 24.19 30.08
C ALA E 259 33.00 23.16 29.26
N GLU E 260 32.15 23.62 28.35
CA GLU E 260 31.42 22.73 27.44
C GLU E 260 32.39 21.78 26.69
N SER E 261 33.44 22.32 26.08
CA SER E 261 34.40 21.49 25.34
C SER E 261 34.99 20.42 26.25
N ILE E 262 35.31 20.84 27.47
CA ILE E 262 35.90 19.95 28.44
C ILE E 262 34.91 18.94 28.98
N MET E 263 33.72 19.36 29.39
CA MET E 263 32.77 18.42 30.03
C MET E 263 32.14 17.42 29.06
N LYS E 264 32.21 17.71 27.77
CA LYS E 264 31.56 16.86 26.79
C LYS E 264 32.57 16.26 25.82
N ASN E 265 33.85 16.38 26.14
CA ASN E 265 34.91 15.76 25.38
C ASN E 265 34.90 16.12 23.89
N LEU E 266 34.55 17.36 23.60
CA LEU E 266 34.33 17.80 22.23
C LEU E 266 35.58 17.83 21.34
N ARG E 267 36.74 18.12 21.92
CA ARG E 267 37.97 18.22 21.16
C ARG E 267 37.91 19.38 20.18
N ARG E 268 37.43 20.51 20.65
CA ARG E 268 37.48 21.74 19.89
C ARG E 268 38.76 22.51 20.19
N VAL E 269 39.12 23.41 19.30
CA VAL E 269 40.39 24.12 19.44
C VAL E 269 40.10 25.50 20.00
N HIS E 270 40.62 25.75 21.20
CA HIS E 270 40.48 27.05 21.89
C HIS E 270 41.87 27.58 22.19
N PRO E 271 42.05 28.92 22.17
CA PRO E 271 43.31 29.53 22.57
C PRO E 271 43.33 29.79 24.06
N VAL E 272 43.93 28.87 24.80
CA VAL E 272 44.02 28.97 26.24
C VAL E 272 45.50 28.88 26.68
N SER E 273 45.80 29.41 27.85
CA SER E 273 47.17 29.49 28.33
C SER E 273 47.64 28.09 28.80
N THR E 274 48.71 27.58 28.20
CA THR E 274 49.26 26.25 28.55
C THR E 274 50.81 26.22 28.55
N MET E 275 51.40 25.36 29.39
CA MET E 275 52.86 25.23 29.57
C MET E 275 53.61 24.87 28.29
N ILE E 276 54.20 25.86 27.61
CA ILE E 276 54.78 25.67 26.24
C ILE E 276 56.27 25.28 26.16
N LYS E 277 56.95 25.19 27.30
CA LYS E 277 58.38 24.81 27.33
C LYS E 277 58.81 23.82 26.21
N GLY E 278 59.36 24.36 25.13
CA GLY E 278 59.92 23.54 24.06
C GLY E 278 59.51 24.08 22.72
N LEU E 279 58.25 24.47 22.63
CA LEU E 279 57.72 25.01 21.41
C LEU E 279 58.20 26.48 21.28
N TYR E 280 58.41 26.93 20.04
CA TYR E 280 58.85 28.30 19.71
C TYR E 280 60.13 28.71 20.42
N GLY E 281 61.08 27.79 20.55
CA GLY E 281 62.39 28.10 21.15
C GLY E 281 62.33 28.74 22.52
N ILE E 282 61.38 28.31 23.34
CA ILE E 282 61.25 28.77 24.71
C ILE E 282 61.64 27.60 25.61
N LYS E 283 62.73 27.74 26.37
CA LYS E 283 63.18 26.67 27.27
C LYS E 283 62.85 26.91 28.76
N ASP E 284 62.08 27.96 29.05
CA ASP E 284 61.70 28.29 30.43
C ASP E 284 60.27 27.81 30.75
N ASP E 285 60.01 27.50 32.02
CA ASP E 285 58.70 26.97 32.46
C ASP E 285 57.58 28.03 32.45
N VAL E 286 57.15 28.44 31.27
CA VAL E 286 56.22 29.56 31.15
C VAL E 286 54.93 29.12 30.45
N PHE E 287 53.81 29.73 30.83
CA PHE E 287 52.51 29.47 30.18
C PHE E 287 52.15 30.56 29.18
N LEU E 288 51.66 30.16 28.02
CA LEU E 288 51.27 31.10 26.98
C LEU E 288 50.12 30.52 26.20
N SER E 289 49.33 31.37 25.56
CA SER E 289 48.17 30.90 24.83
C SER E 289 48.53 30.49 23.40
N VAL E 290 48.09 29.28 23.05
CA VAL E 290 48.36 28.61 21.78
C VAL E 290 47.12 27.80 21.50
N PRO E 291 46.72 27.68 20.24
CA PRO E 291 45.46 26.97 20.07
C PRO E 291 45.52 25.56 20.66
N CYS E 292 44.61 25.23 21.57
CA CYS E 292 44.63 23.91 22.20
C CYS E 292 43.39 23.07 21.95
N ILE E 293 43.59 21.76 21.90
CA ILE E 293 42.51 20.81 21.74
C ILE E 293 42.01 20.38 23.12
N LEU E 294 40.88 20.98 23.54
CA LEU E 294 40.32 20.75 24.87
C LEU E 294 39.42 19.54 24.88
N GLY E 295 39.65 18.65 25.84
CA GLY E 295 38.83 17.44 25.98
C GLY E 295 38.41 17.15 27.41
N GLN E 296 37.95 15.93 27.62
CA GLN E 296 37.65 15.46 28.96
C GLN E 296 38.93 15.35 29.82
N ASN E 297 40.13 15.30 29.22
CA ASN E 297 41.38 15.33 29.99
C ASN E 297 42.07 16.68 30.01
N GLY E 298 41.33 17.75 29.74
CA GLY E 298 41.93 19.06 29.54
C GLY E 298 42.57 19.09 28.17
N ILE E 299 43.76 19.69 28.11
CA ILE E 299 44.54 19.84 26.87
C ILE E 299 45.24 18.52 26.51
N SER E 300 44.84 17.90 25.40
CA SER E 300 45.42 16.62 24.95
C SER E 300 46.51 16.82 23.87
N ASP E 301 46.39 17.94 23.18
CA ASP E 301 47.06 18.15 21.91
C ASP E 301 47.06 19.67 21.72
N LEU E 302 48.00 20.21 20.95
CA LEU E 302 47.95 21.63 20.64
C LEU E 302 48.52 21.94 19.27
N VAL E 303 48.15 23.10 18.76
CA VAL E 303 48.45 23.48 17.38
C VAL E 303 49.75 24.30 17.27
N LYS E 304 50.62 23.79 16.42
CA LYS E 304 51.83 24.47 16.06
C LYS E 304 51.42 25.48 14.97
N VAL E 305 51.10 26.71 15.38
CA VAL E 305 50.85 27.77 14.41
C VAL E 305 52.17 28.11 13.75
N THR E 306 52.15 28.39 12.44
CA THR E 306 53.35 28.93 11.77
C THR E 306 53.42 30.44 12.01
N LEU E 307 54.54 30.88 12.58
CA LEU E 307 54.66 32.26 13.02
C LEU E 307 55.83 32.94 12.32
N THR E 308 55.72 34.23 12.09
CA THR E 308 56.79 35.03 11.47
C THR E 308 57.93 35.13 12.50
N SER E 309 59.14 35.56 12.12
CA SER E 309 60.16 35.72 13.19
C SER E 309 59.81 36.94 14.04
N GLU E 310 59.06 37.87 13.46
CA GLU E 310 58.58 39.02 14.21
C GLU E 310 57.57 38.63 15.29
N GLU E 311 56.61 37.78 14.92
CA GLU E 311 55.68 37.17 15.89
C GLU E 311 56.46 36.35 16.95
N GLU E 312 57.32 35.46 16.48
CA GLU E 312 58.05 34.57 17.37
C GLU E 312 58.97 35.33 18.33
N ALA E 313 59.39 36.55 17.99
CA ALA E 313 60.17 37.37 18.94
C ALA E 313 59.28 37.92 20.06
N ARG E 314 58.04 38.32 19.72
CA ARG E 314 57.08 38.83 20.71
C ARG E 314 56.72 37.78 21.76
N LEU E 315 56.57 36.53 21.33
CA LEU E 315 56.35 35.42 22.26
C LEU E 315 57.59 35.19 23.17
N LYS E 316 58.78 35.21 22.58
CA LYS E 316 59.99 34.98 23.33
C LYS E 316 60.16 36.08 24.37
N LYS E 317 59.82 37.33 24.02
CA LYS E 317 59.92 38.45 24.97
C LYS E 317 58.94 38.31 26.15
N SER E 318 57.71 37.87 25.86
CA SER E 318 56.73 37.56 26.91
C SER E 318 57.26 36.54 27.88
N ALA E 319 57.82 35.46 27.35
CA ALA E 319 58.34 34.36 28.17
C ALA E 319 59.62 34.73 28.95
N ASP E 320 60.43 35.65 28.43
CA ASP E 320 61.53 36.22 29.23
C ASP E 320 60.93 37.05 30.36
N THR E 321 60.06 37.99 29.99
CA THR E 321 59.33 38.83 30.95
C THR E 321 58.63 38.02 32.05
N LEU E 322 57.92 36.97 31.65
CA LEU E 322 57.19 36.12 32.60
C LEU E 322 58.13 35.39 33.59
N TRP E 323 59.19 34.78 33.07
CA TRP E 323 60.16 34.05 33.91
C TRP E 323 60.93 34.96 34.86
N GLY E 324 61.12 36.22 34.46
CA GLY E 324 61.75 37.26 35.28
C GLY E 324 60.95 37.63 36.53
N ILE E 325 59.63 37.59 36.39
CA ILE E 325 58.70 37.77 37.52
C ILE E 325 58.60 36.48 38.34
N GLN E 326 58.41 35.36 37.65
CA GLN E 326 58.26 34.05 38.29
C GLN E 326 59.49 33.62 39.10
N LYS E 327 60.69 33.76 38.55
CA LYS E 327 61.90 33.30 39.26
C LYS E 327 62.09 33.97 40.64
N GLU E 328 61.29 35.01 40.91
CA GLU E 328 61.32 35.76 42.18
C GLU E 328 60.10 35.51 43.10
N LEU E 329 59.41 34.37 42.97
CA LEU E 329 58.16 34.14 43.72
C LEU E 329 58.36 33.25 44.97
N GLN E 330 57.26 32.89 45.65
CA GLN E 330 57.37 32.23 46.96
C GLN E 330 56.54 30.96 47.19
N PHE E 331 57.11 29.82 46.74
CA PHE E 331 56.65 28.47 47.11
C PHE E 331 57.83 27.50 47.27
N ALA F 1 39.55 50.17 -3.85
CA ALA F 1 38.87 48.88 -3.55
C ALA F 1 39.14 48.50 -2.09
N THR F 2 38.16 48.69 -1.21
CA THR F 2 38.36 48.38 0.22
C THR F 2 38.43 46.86 0.40
N LEU F 3 38.99 46.39 1.51
CA LEU F 3 39.12 44.96 1.75
C LEU F 3 37.73 44.31 1.91
N LYS F 4 36.84 44.94 2.66
CA LYS F 4 35.48 44.45 2.76
C LYS F 4 34.95 44.16 1.35
N ASP F 5 35.05 45.18 0.49
CA ASP F 5 34.46 45.13 -0.85
C ASP F 5 35.15 44.12 -1.76
N GLN F 6 36.43 43.84 -1.51
CA GLN F 6 37.14 42.83 -2.30
C GLN F 6 36.74 41.43 -1.90
N LEU F 7 36.29 41.25 -0.66
CA LEU F 7 35.94 39.94 -0.12
C LEU F 7 34.45 39.65 -0.23
N ILE F 8 33.63 40.65 0.09
CA ILE F 8 32.19 40.50 0.07
C ILE F 8 31.52 41.32 -1.02
N TYR F 9 30.79 40.62 -1.88
CA TYR F 9 29.95 41.22 -2.92
C TYR F 9 28.53 41.28 -2.41
N ASN F 10 27.94 42.47 -2.51
CA ASN F 10 26.69 42.78 -1.88
C ASN F 10 25.51 42.74 -2.83
N LEU F 11 24.44 42.07 -2.40
CA LEU F 11 23.25 41.79 -3.21
C LEU F 11 22.12 42.74 -2.87
N LEU F 12 22.02 43.12 -1.60
CA LEU F 12 21.07 44.15 -1.17
C LEU F 12 21.42 44.78 0.20
N LYS F 13 21.64 46.10 0.21
CA LYS F 13 21.95 46.85 1.45
C LYS F 13 20.65 47.19 2.15
N GLU F 14 19.55 46.62 1.65
CA GLU F 14 18.24 47.27 1.66
C GLU F 14 17.55 47.35 3.04
N GLU F 15 18.17 46.82 4.09
CA GLU F 15 17.63 46.95 5.44
C GLU F 15 16.33 46.16 5.65
N GLN F 16 15.86 46.13 6.89
CA GLN F 16 14.86 45.15 7.31
C GLN F 16 14.32 45.48 8.71
N THR F 17 13.03 45.21 8.90
CA THR F 17 12.38 45.34 10.21
C THR F 17 12.92 44.19 11.03
N PRO F 18 13.18 44.42 12.32
CA PRO F 18 13.47 43.24 13.15
C PRO F 18 12.19 42.44 13.43
N GLN F 19 12.36 41.15 13.68
CA GLN F 19 11.28 40.17 13.60
C GLN F 19 10.88 39.56 14.95
N ASN F 20 11.84 39.51 15.87
CA ASN F 20 11.64 38.94 17.19
C ASN F 20 12.41 39.75 18.22
N LYS F 21 12.10 41.04 18.27
CA LYS F 21 12.86 41.97 19.10
C LYS F 21 12.32 42.06 20.52
N ILE F 22 13.21 42.20 21.47
CA ILE F 22 12.86 42.43 22.85
C ILE F 22 13.66 43.61 23.39
N THR F 23 13.02 44.43 24.21
CA THR F 23 13.62 45.58 24.84
C THR F 23 13.53 45.36 26.35
N VAL F 24 14.63 45.59 27.07
CA VAL F 24 14.62 45.61 28.51
C VAL F 24 14.90 47.02 28.96
N VAL F 25 13.91 47.65 29.58
CA VAL F 25 14.05 48.98 30.16
C VAL F 25 14.55 48.88 31.61
N GLY F 26 15.73 49.47 31.84
CA GLY F 26 16.37 49.46 33.15
C GLY F 26 17.44 48.39 33.18
N VAL F 27 18.71 48.81 33.31
CA VAL F 27 19.86 47.90 33.26
C VAL F 27 20.54 47.73 34.61
N GLY F 28 19.73 47.61 35.65
CA GLY F 28 20.23 47.25 36.96
C GLY F 28 20.37 45.75 37.05
N ALA F 29 20.61 45.24 38.25
CA ALA F 29 20.81 43.81 38.45
C ALA F 29 19.65 43.02 37.86
N VAL F 30 18.43 43.40 38.23
CA VAL F 30 17.26 42.71 37.71
C VAL F 30 17.21 42.75 36.18
N GLY F 31 17.25 43.96 35.62
CA GLY F 31 17.24 44.14 34.15
C GLY F 31 18.30 43.35 33.38
N MET F 32 19.54 43.36 33.85
CA MET F 32 20.60 42.64 33.15
C MET F 32 20.45 41.14 33.34
N ALA F 33 19.91 40.73 34.48
CA ALA F 33 19.58 39.32 34.70
C ALA F 33 18.54 38.83 33.70
N CYS F 34 17.57 39.68 33.35
CA CYS F 34 16.58 39.29 32.37
C CYS F 34 17.25 39.22 31.01
N ALA F 35 18.19 40.12 30.75
CA ALA F 35 18.84 40.20 29.44
C ALA F 35 19.66 38.95 29.17
N ILE F 36 20.48 38.55 30.15
CA ILE F 36 21.37 37.42 29.94
C ILE F 36 20.54 36.15 29.79
N SER F 37 19.50 36.01 30.62
CA SER F 37 18.60 34.85 30.53
C SER F 37 17.89 34.81 29.20
N ILE F 38 17.50 35.95 28.68
CA ILE F 38 16.90 36.00 27.35
C ILE F 38 17.91 35.65 26.25
N LEU F 39 19.05 36.33 26.23
CA LEU F 39 20.09 35.96 25.26
C LEU F 39 20.40 34.45 25.26
N MET F 40 20.37 33.80 26.43
CA MET F 40 20.77 32.39 26.54
C MET F 40 19.68 31.42 26.16
N LYS F 41 18.45 31.88 25.98
CA LYS F 41 17.37 30.98 25.59
C LYS F 41 16.99 31.16 24.11
N ASP F 42 17.77 31.99 23.41
CA ASP F 42 17.57 32.31 22.01
C ASP F 42 16.14 32.70 21.73
N LEU F 43 15.65 33.70 22.46
CA LEU F 43 14.26 34.13 22.28
C LEU F 43 14.14 35.36 21.39
N ALA F 44 15.25 36.07 21.18
CA ALA F 44 15.22 37.31 20.43
C ALA F 44 16.24 37.29 19.29
N ASP F 45 15.95 38.04 18.23
CA ASP F 45 16.88 38.25 17.12
C ASP F 45 17.42 39.68 17.12
N GLU F 46 17.05 40.45 18.14
CA GLU F 46 17.57 41.81 18.39
C GLU F 46 17.19 42.16 19.83
N LEU F 47 18.17 42.62 20.59
CA LEU F 47 17.94 43.01 21.97
C LEU F 47 18.29 44.50 22.09
N ALA F 48 17.42 45.25 22.77
CA ALA F 48 17.62 46.68 23.01
C ALA F 48 17.60 46.95 24.48
N LEU F 49 18.52 47.80 24.94
CA LEU F 49 18.63 48.18 26.35
C LEU F 49 18.46 49.69 26.54
N VAL F 50 17.58 50.07 27.46
CA VAL F 50 17.28 51.47 27.68
C VAL F 50 17.33 51.79 29.17
N ASP F 51 17.96 52.92 29.49
CA ASP F 51 18.01 53.45 30.85
C ASP F 51 18.44 54.91 30.69
N VAL F 52 18.75 55.56 31.80
CA VAL F 52 19.16 56.96 31.80
C VAL F 52 20.63 57.19 32.17
N ILE F 53 21.37 56.15 32.53
CA ILE F 53 22.81 56.30 32.77
C ILE F 53 23.57 55.82 31.52
N GLU F 54 23.79 56.75 30.58
CA GLU F 54 24.52 56.51 29.33
C GLU F 54 25.69 55.56 29.40
N ASP F 55 26.58 55.79 30.36
CA ASP F 55 27.85 55.03 30.48
C ASP F 55 27.60 53.58 30.83
N LYS F 56 27.05 53.37 32.01
CA LYS F 56 26.60 52.05 32.48
C LYS F 56 25.88 51.28 31.39
N LEU F 57 24.94 51.96 30.76
CA LEU F 57 24.15 51.41 29.65
C LEU F 57 25.05 50.86 28.55
N LYS F 58 25.92 51.73 28.05
CA LYS F 58 26.85 51.40 26.98
C LYS F 58 27.86 50.35 27.45
N GLY F 59 28.33 50.48 28.67
CA GLY F 59 29.22 49.48 29.22
C GLY F 59 28.58 48.10 29.18
N GLU F 60 27.29 48.03 29.53
CA GLU F 60 26.61 46.74 29.63
C GLU F 60 26.44 46.16 28.22
N MET F 61 26.05 47.03 27.30
CA MET F 61 25.92 46.68 25.89
C MET F 61 27.20 46.09 25.32
N MET F 62 28.36 46.72 25.53
CA MET F 62 29.62 46.19 24.96
C MET F 62 29.98 44.83 25.55
N ASP F 63 29.72 44.68 26.84
CA ASP F 63 30.12 43.47 27.53
C ASP F 63 29.33 42.30 26.92
N LEU F 64 28.02 42.45 26.73
CA LEU F 64 27.22 41.40 26.05
C LEU F 64 27.74 41.16 24.62
N GLN F 65 27.82 42.25 23.84
CA GLN F 65 28.35 42.24 22.48
C GLN F 65 29.64 41.44 22.34
N HIS F 66 30.55 41.55 23.30
CA HIS F 66 31.82 40.80 23.21
C HIS F 66 31.65 39.29 23.40
N GLY F 67 30.51 38.87 23.92
CA GLY F 67 30.17 37.46 23.94
C GLY F 67 29.36 36.98 22.74
N SER F 68 29.07 37.86 21.78
CA SER F 68 28.33 37.50 20.56
C SER F 68 28.63 36.12 19.99
N LEU F 69 29.91 35.80 19.82
CA LEU F 69 30.33 34.53 19.26
C LEU F 69 29.72 33.35 20.01
N PHE F 70 29.45 33.50 21.30
CA PHE F 70 28.81 32.39 22.06
C PHE F 70 27.28 32.47 22.14
N LEU F 71 26.69 33.33 21.33
CA LEU F 71 25.25 33.57 21.34
C LEU F 71 24.66 33.57 19.91
N ARG F 72 23.33 33.51 19.82
CA ARG F 72 22.62 33.48 18.55
C ARG F 72 21.61 34.64 18.46
N THR F 73 21.99 35.78 19.03
CA THR F 73 21.17 36.97 19.04
C THR F 73 22.02 38.05 18.41
N PRO F 74 21.88 38.22 17.09
CA PRO F 74 22.91 38.88 16.31
C PRO F 74 22.99 40.38 16.49
N LYS F 75 22.05 40.98 17.20
CA LYS F 75 22.02 42.43 17.27
C LYS F 75 21.68 42.93 18.66
N ILE F 76 22.59 43.72 19.22
CA ILE F 76 22.43 44.23 20.56
C ILE F 76 22.61 45.73 20.50
N VAL F 77 21.57 46.45 20.94
CA VAL F 77 21.60 47.92 20.90
C VAL F 77 21.20 48.54 22.23
N SER F 78 21.68 49.74 22.51
CA SER F 78 21.39 50.44 23.77
C SER F 78 21.27 51.97 23.62
N GLY F 79 20.60 52.63 24.55
CA GLY F 79 20.46 54.08 24.45
C GLY F 79 19.39 54.73 25.30
N LYS F 80 19.56 56.03 25.54
CA LYS F 80 18.61 56.85 26.28
C LYS F 80 17.37 57.12 25.42
N ASP F 81 17.58 57.30 24.12
CA ASP F 81 16.48 57.55 23.17
C ASP F 81 15.71 56.27 22.89
N TYR F 82 14.39 56.34 23.01
CA TYR F 82 13.54 55.16 22.86
C TYR F 82 13.42 54.63 21.43
N ASN F 83 13.82 55.40 20.41
CA ASN F 83 13.90 54.89 19.02
C ASN F 83 14.72 53.61 18.83
N VAL F 84 15.64 53.29 19.75
CA VAL F 84 16.38 52.02 19.73
C VAL F 84 15.48 50.86 20.09
N THR F 85 14.26 51.15 20.57
CA THR F 85 13.30 50.11 20.95
C THR F 85 12.31 49.79 19.82
N ALA F 86 12.45 50.47 18.67
CA ALA F 86 11.44 50.36 17.62
C ALA F 86 11.13 48.91 17.25
N ASN F 87 9.85 48.64 17.01
CA ASN F 87 9.37 47.32 16.57
C ASN F 87 9.71 46.18 17.55
N SER F 88 9.49 46.42 18.84
CA SER F 88 9.72 45.36 19.79
C SER F 88 8.50 44.47 19.87
N LYS F 89 8.70 43.16 19.96
CA LYS F 89 7.58 42.26 20.24
C LYS F 89 7.17 42.37 21.70
N LEU F 90 8.15 42.62 22.54
CA LEU F 90 7.99 42.49 23.97
C LEU F 90 8.93 43.49 24.64
N VAL F 91 8.36 44.49 25.29
CA VAL F 91 9.12 45.42 26.11
C VAL F 91 8.94 45.10 27.58
N ILE F 92 10.05 44.74 28.22
CA ILE F 92 10.10 44.39 29.63
C ILE F 92 10.55 45.58 30.47
N ILE F 93 9.67 46.08 31.34
CA ILE F 93 9.97 47.24 32.15
C ILE F 93 10.55 46.87 33.52
N THR F 94 11.76 47.32 33.82
CA THR F 94 12.26 47.17 35.18
C THR F 94 12.49 48.50 35.84
N ALA F 95 12.24 49.59 35.11
CA ALA F 95 12.40 50.95 35.64
C ALA F 95 11.36 51.29 36.69
N GLY F 96 11.84 51.89 37.77
CA GLY F 96 10.95 52.48 38.76
C GLY F 96 11.76 53.40 39.64
N ALA F 97 11.12 53.85 40.71
CA ALA F 97 11.72 54.73 41.71
C ALA F 97 12.02 53.89 42.94
N ARG F 98 13.18 54.08 43.55
N ARG F 98 13.18 54.10 43.54
CA ARG F 98 13.49 53.34 44.76
CA ARG F 98 13.52 53.41 44.79
C ARG F 98 12.92 54.10 46.00
C ARG F 98 12.85 54.13 45.97
N GLN F 99 12.14 53.40 46.82
CA GLN F 99 11.43 54.02 47.94
C GLN F 99 12.43 54.61 48.89
N GLN F 100 12.19 55.86 49.26
CA GLN F 100 13.06 56.53 50.20
C GLN F 100 12.57 56.31 51.62
N GLU F 101 13.51 56.30 52.52
CA GLU F 101 13.19 56.24 53.93
C GLU F 101 12.09 57.22 54.29
N GLY F 102 11.01 56.70 54.86
CA GLY F 102 10.01 57.51 55.50
C GLY F 102 9.06 58.11 54.50
N GLU F 103 9.11 57.57 53.28
CA GLU F 103 8.23 57.97 52.17
C GLU F 103 6.97 57.12 52.19
N SER F 104 5.81 57.78 52.19
CA SER F 104 4.54 57.08 52.18
C SER F 104 4.43 56.22 50.93
N ARG F 105 3.48 55.28 50.94
CA ARG F 105 3.24 54.45 49.78
C ARG F 105 2.58 55.24 48.65
N LEU F 106 1.73 56.19 49.02
CA LEU F 106 1.05 57.03 48.05
C LEU F 106 2.08 57.84 47.25
N ASN F 107 2.97 58.55 47.95
N ASN F 107 2.98 58.57 47.95
CA ASN F 107 4.00 59.33 47.29
CA ASN F 107 4.08 59.33 47.27
C ASN F 107 4.99 58.46 46.47
C ASN F 107 4.93 58.40 46.41
N LEU F 108 5.30 57.24 46.94
CA LEU F 108 6.13 56.32 46.19
C LEU F 108 5.53 56.00 44.84
N VAL F 109 4.27 55.59 44.82
N VAL F 109 4.27 55.59 44.85
CA VAL F 109 3.64 55.18 43.57
CA VAL F 109 3.58 55.21 43.62
C VAL F 109 3.39 56.39 42.65
C VAL F 109 3.46 56.41 42.68
N GLN F 110 2.98 57.53 43.22
CA GLN F 110 2.82 58.76 42.44
C GLN F 110 4.09 59.12 41.65
N ARG F 111 5.25 58.92 42.28
CA ARG F 111 6.52 59.11 41.63
C ARG F 111 6.73 58.13 40.50
N ASN F 112 6.40 56.86 40.75
CA ASN F 112 6.46 55.87 39.67
C ASN F 112 5.57 56.26 38.51
N VAL F 113 4.38 56.77 38.83
CA VAL F 113 3.49 57.31 37.77
C VAL F 113 4.22 58.36 36.93
N ASN F 114 4.74 59.39 37.59
CA ASN F 114 5.49 60.44 36.89
C ASN F 114 6.53 59.84 35.95
N ILE F 115 7.31 58.87 36.45
CA ILE F 115 8.32 58.20 35.62
C ILE F 115 7.66 57.51 34.46
N PHE F 116 6.61 56.73 34.75
CA PHE F 116 5.93 55.95 33.73
C PHE F 116 5.24 56.85 32.67
N LYS F 117 4.81 58.04 33.08
CA LYS F 117 4.26 59.01 32.15
C LYS F 117 5.27 59.42 31.12
N PHE F 118 6.55 59.21 31.41
CA PHE F 118 7.59 59.40 30.41
C PHE F 118 7.90 58.10 29.67
N ILE F 119 8.16 57.02 30.39
CA ILE F 119 8.63 55.79 29.76
C ILE F 119 7.57 55.19 28.79
N ILE F 120 6.31 55.13 29.21
CA ILE F 120 5.33 54.29 28.55
C ILE F 120 4.84 54.88 27.23
N PRO F 121 4.51 56.18 27.19
CA PRO F 121 4.17 56.68 25.87
C PRO F 121 5.35 56.52 24.91
N ASN F 122 6.57 56.62 25.40
CA ASN F 122 7.74 56.48 24.55
C ASN F 122 7.83 55.09 24.00
N VAL F 123 7.57 54.11 24.85
CA VAL F 123 7.54 52.73 24.41
C VAL F 123 6.44 52.48 23.39
N VAL F 124 5.21 52.95 23.64
CA VAL F 124 4.07 52.71 22.71
C VAL F 124 4.31 53.44 21.40
N LYS F 125 4.94 54.60 21.48
CA LYS F 125 5.27 55.38 20.30
C LYS F 125 6.05 54.56 19.26
N TYR F 126 7.06 53.83 19.73
CA TYR F 126 7.98 53.09 18.86
C TYR F 126 7.66 51.61 18.66
N SER F 127 6.89 51.03 19.57
CA SER F 127 6.49 49.63 19.42
C SER F 127 5.01 49.49 19.74
N PRO F 128 4.13 50.10 18.92
CA PRO F 128 2.69 50.22 19.19
C PRO F 128 1.93 48.93 19.32
N ASN F 129 2.43 47.85 18.73
CA ASN F 129 1.80 46.54 18.93
C ASN F 129 2.58 45.65 19.90
N CYS F 130 3.44 46.20 20.74
CA CYS F 130 4.25 45.34 21.61
C CYS F 130 3.40 44.76 22.73
N LYS F 131 3.97 43.82 23.47
CA LYS F 131 3.42 43.41 24.78
C LYS F 131 4.28 44.03 25.85
N LEU F 132 3.66 44.56 26.90
CA LEU F 132 4.38 45.14 28.04
C LEU F 132 4.41 44.15 29.19
N LEU F 133 5.61 44.01 29.78
CA LEU F 133 5.85 43.07 30.87
C LEU F 133 6.47 43.85 31.99
N ILE F 134 5.65 44.22 32.95
CA ILE F 134 6.07 45.06 34.04
C ILE F 134 6.65 44.21 35.16
N VAL F 135 7.92 44.43 35.48
CA VAL F 135 8.64 43.77 36.60
C VAL F 135 8.88 44.74 37.77
N SER F 136 9.03 46.02 37.47
CA SER F 136 9.06 47.09 38.48
C SER F 136 8.14 46.82 39.67
N ASN F 137 8.54 47.30 40.85
CA ASN F 137 7.72 47.18 42.06
C ASN F 137 7.16 48.51 42.60
N PRO F 138 6.01 48.47 43.28
CA PRO F 138 5.10 47.33 43.46
C PRO F 138 4.37 46.96 42.15
N VAL F 139 4.52 45.70 41.76
CA VAL F 139 4.17 45.22 40.42
C VAL F 139 2.66 45.22 40.12
N ASP F 140 1.85 44.81 41.09
CA ASP F 140 0.43 44.76 40.83
C ASP F 140 -0.12 46.20 40.59
N ILE F 141 0.47 47.23 41.21
CA ILE F 141 0.00 48.62 40.97
C ILE F 141 0.60 49.27 39.73
N LEU F 142 1.86 48.95 39.45
CA LEU F 142 2.56 49.56 38.33
C LEU F 142 2.06 49.00 37.02
N THR F 143 1.65 47.74 37.03
CA THR F 143 1.02 47.16 35.87
C THR F 143 -0.23 47.95 35.52
N TYR F 144 -1.06 48.27 36.53
CA TYR F 144 -2.23 49.16 36.34
C TYR F 144 -1.85 50.52 35.74
N VAL F 145 -0.79 51.10 36.29
CA VAL F 145 -0.35 52.43 35.85
C VAL F 145 0.07 52.38 34.39
N ALA F 146 0.79 51.32 34.01
CA ALA F 146 1.25 51.13 32.65
C ALA F 146 0.06 50.88 31.72
N TRP F 147 -0.90 50.09 32.19
CA TRP F 147 -2.11 49.88 31.42
C TRP F 147 -2.82 51.23 31.22
N LYS F 148 -3.08 51.96 32.30
CA LYS F 148 -3.71 53.27 32.15
C LYS F 148 -3.04 54.16 31.12
N ILE F 149 -1.73 54.34 31.28
CA ILE F 149 -0.93 55.23 30.43
C ILE F 149 -0.73 54.72 29.01
N SER F 150 -0.49 53.41 28.83
CA SER F 150 -0.37 52.84 27.48
C SER F 150 -1.67 52.98 26.71
N GLY F 151 -2.81 52.73 27.38
CA GLY F 151 -4.10 52.66 26.71
C GLY F 151 -4.21 51.36 25.95
N PHE F 152 -3.20 50.52 26.06
CA PHE F 152 -3.22 49.18 25.51
C PHE F 152 -4.40 48.41 26.08
N PRO F 153 -4.91 47.39 25.35
CA PRO F 153 -5.78 46.41 25.94
C PRO F 153 -5.09 45.61 27.00
N LYS F 154 -5.86 45.20 27.99
CA LYS F 154 -5.35 44.58 29.19
C LYS F 154 -4.55 43.30 28.91
N ASN F 155 -4.92 42.60 27.84
CA ASN F 155 -4.19 41.37 27.45
C ASN F 155 -2.73 41.61 27.18
N ARG F 156 -2.42 42.79 26.67
CA ARG F 156 -1.06 43.20 26.33
C ARG F 156 -0.33 44.00 27.42
N VAL F 157 -0.83 43.98 28.65
CA VAL F 157 -0.10 44.58 29.78
C VAL F 157 -0.08 43.61 30.93
N ILE F 158 1.06 42.95 31.09
CA ILE F 158 1.23 41.82 31.97
C ILE F 158 2.20 42.19 33.08
N GLY F 159 1.99 41.70 34.28
CA GLY F 159 2.90 41.94 35.39
C GLY F 159 3.46 40.61 35.88
N SER F 160 4.74 40.57 36.28
CA SER F 160 5.35 39.33 36.74
C SER F 160 4.61 38.80 37.99
N GLY F 161 4.01 39.68 38.77
CA GLY F 161 3.20 39.27 39.93
C GLY F 161 3.81 38.11 40.70
N CYS F 162 3.07 36.99 40.82
CA CYS F 162 3.52 35.81 41.58
C CYS F 162 4.15 34.65 40.75
N ASN F 163 4.66 34.96 39.55
CA ASN F 163 5.33 33.94 38.73
C ASN F 163 6.59 33.48 39.45
N LEU F 164 7.41 34.41 39.91
CA LEU F 164 8.61 34.04 40.66
C LEU F 164 8.24 33.42 42.01
N ASP F 165 7.31 34.07 42.72
CA ASP F 165 6.81 33.54 43.99
C ASP F 165 6.36 32.09 43.88
N SER F 166 5.62 31.78 42.82
CA SER F 166 5.16 30.40 42.61
C SER F 166 6.32 29.43 42.34
N ALA F 167 7.33 29.87 41.56
CA ALA F 167 8.59 29.11 41.41
C ALA F 167 9.34 28.88 42.73
N ARG F 168 9.40 29.91 43.58
CA ARG F 168 10.10 29.76 44.86
C ARG F 168 9.39 28.72 45.68
N PHE F 169 8.05 28.76 45.60
CA PHE F 169 7.17 27.82 46.30
C PHE F 169 7.45 26.38 45.88
N ARG F 170 7.55 26.19 44.57
CA ARG F 170 7.83 24.86 43.99
C ARG F 170 9.21 24.33 44.35
N TYR F 171 10.22 25.20 44.34
CA TYR F 171 11.57 24.82 44.79
C TYR F 171 11.53 24.29 46.23
N LEU F 172 10.85 25.01 47.11
CA LEU F 172 10.79 24.70 48.54
C LEU F 172 9.92 23.49 48.83
N MET F 173 8.91 23.29 48.01
CA MET F 173 8.15 22.06 48.07
C MET F 173 9.06 20.88 47.70
N GLY F 174 9.75 21.03 46.58
CA GLY F 174 10.69 20.02 46.11
C GLY F 174 11.78 19.66 47.09
N GLU F 175 12.26 20.64 47.83
CA GLU F 175 13.32 20.43 48.83
C GLU F 175 12.86 19.43 49.87
N ARG F 176 11.71 19.71 50.48
CA ARG F 176 11.09 18.86 51.50
C ARG F 176 10.82 17.43 51.04
N LEU F 177 10.37 17.28 49.79
CA LEU F 177 9.87 15.99 49.30
C LEU F 177 10.94 15.13 48.61
N GLY F 178 11.95 15.77 48.04
CA GLY F 178 13.01 15.06 47.31
C GLY F 178 12.62 14.84 45.88
N VAL F 179 12.02 15.87 45.29
CA VAL F 179 11.46 15.81 43.94
C VAL F 179 11.85 17.11 43.26
N HIS F 180 12.30 17.04 42.02
CA HIS F 180 12.51 18.25 41.21
C HIS F 180 11.26 19.17 41.27
N PRO F 181 11.48 20.48 41.37
CA PRO F 181 10.36 21.44 41.28
C PRO F 181 9.41 21.23 40.09
N LEU F 182 9.93 20.89 38.93
CA LEU F 182 9.13 20.55 37.77
C LEU F 182 7.95 19.62 38.09
N SER F 183 8.18 18.61 38.93
CA SER F 183 7.12 17.67 39.32
C SER F 183 6.41 18.00 40.61
N CYS F 184 6.60 19.21 41.13
CA CYS F 184 5.95 19.65 42.37
C CYS F 184 5.04 20.78 41.97
N HIS F 185 3.78 20.75 42.40
CA HIS F 185 2.78 21.65 41.86
C HIS F 185 2.08 22.40 42.98
N GLY F 186 1.89 23.70 42.75
CA GLY F 186 1.50 24.64 43.79
C GLY F 186 1.64 26.07 43.28
N TRP F 187 0.69 26.89 43.71
CA TRP F 187 0.40 28.18 43.11
C TRP F 187 0.28 29.20 44.23
N VAL F 188 1.10 30.23 44.14
CA VAL F 188 0.94 31.42 44.95
C VAL F 188 0.24 32.44 44.06
N LEU F 189 -0.91 32.93 44.53
CA LEU F 189 -1.79 33.82 43.78
C LEU F 189 -1.98 35.14 44.53
N GLY F 190 -2.62 36.11 43.89
CA GLY F 190 -3.04 37.32 44.57
C GLY F 190 -2.09 38.47 44.36
N GLU F 191 -2.03 39.33 45.38
CA GLU F 191 -1.08 40.44 45.42
C GLU F 191 0.32 39.93 45.72
N HIS F 192 1.31 40.37 44.93
CA HIS F 192 2.74 39.98 45.12
C HIS F 192 3.35 40.63 46.32
N GLY F 193 3.64 39.84 47.34
CA GLY F 193 4.10 40.37 48.59
C GLY F 193 3.64 39.58 49.78
N ASP F 194 3.50 40.27 50.90
CA ASP F 194 3.19 39.61 52.16
C ASP F 194 1.78 39.03 52.17
N SER F 195 0.88 39.61 51.37
CA SER F 195 -0.53 39.22 51.44
C SER F 195 -0.88 38.14 50.41
N SER F 196 0.08 37.82 49.53
CA SER F 196 -0.05 36.75 48.51
C SER F 196 -0.56 35.44 49.11
N VAL F 197 -1.41 34.74 48.35
CA VAL F 197 -2.18 33.55 48.83
C VAL F 197 -1.63 32.23 48.29
N PRO F 198 -1.23 31.34 49.19
CA PRO F 198 -0.82 30.03 48.75
C PRO F 198 -2.04 29.09 48.73
N VAL F 199 -2.40 28.62 47.53
CA VAL F 199 -3.57 27.76 47.34
C VAL F 199 -3.27 26.29 47.68
N TRP F 200 -3.61 25.91 48.91
CA TRP F 200 -3.23 24.60 49.44
C TRP F 200 -3.91 23.43 48.73
N SER F 201 -5.14 23.64 48.28
CA SER F 201 -5.89 22.60 47.57
C SER F 201 -5.20 22.11 46.28
N GLY F 202 -4.57 23.01 45.56
CA GLY F 202 -3.81 22.66 44.37
C GLY F 202 -2.38 22.12 44.53
N MET F 203 -1.84 22.06 45.74
CA MET F 203 -0.55 21.38 45.99
C MET F 203 -0.63 19.86 45.77
N ASN F 204 0.06 19.39 44.73
CA ASN F 204 0.10 17.98 44.37
C ASN F 204 1.49 17.59 43.85
N VAL F 205 1.69 16.28 43.75
CA VAL F 205 2.80 15.68 43.01
C VAL F 205 2.16 14.49 42.31
N ALA F 206 2.30 14.42 41.00
CA ALA F 206 1.71 13.35 40.16
C ALA F 206 0.20 13.24 40.32
N GLY F 207 -0.41 14.39 40.58
CA GLY F 207 -1.85 14.51 40.66
C GLY F 207 -2.44 14.19 42.01
N VAL F 208 -1.62 13.78 42.98
CA VAL F 208 -2.15 13.43 44.30
C VAL F 208 -2.07 14.63 45.25
N SER F 209 -3.24 15.17 45.55
CA SER F 209 -3.45 16.28 46.46
C SER F 209 -2.84 15.99 47.83
N LEU F 210 -1.99 16.90 48.28
CA LEU F 210 -1.33 16.74 49.57
C LEU F 210 -2.31 17.11 50.66
N LYS F 211 -3.15 18.10 50.36
CA LYS F 211 -4.17 18.55 51.30
C LYS F 211 -5.13 17.43 51.72
N THR F 212 -5.51 16.52 50.83
CA THR F 212 -6.38 15.40 51.22
C THR F 212 -5.54 14.39 52.03
N LEU F 213 -4.38 14.05 51.48
CA LEU F 213 -3.44 13.10 52.10
C LEU F 213 -3.13 13.47 53.57
N HIS F 214 -2.73 14.73 53.77
CA HIS F 214 -2.51 15.34 55.10
C HIS F 214 -3.59 16.43 55.34
N PRO F 215 -4.78 16.02 55.87
CA PRO F 215 -5.97 16.88 56.04
C PRO F 215 -5.66 18.28 56.57
N ASP F 216 -4.78 18.37 57.56
CA ASP F 216 -4.50 19.62 58.27
C ASP F 216 -3.35 20.47 57.65
N LEU F 217 -3.05 20.22 56.36
CA LEU F 217 -2.01 20.98 55.65
C LEU F 217 -2.43 22.44 55.50
N GLY F 218 -1.49 23.35 55.79
CA GLY F 218 -1.71 24.80 55.71
C GLY F 218 -2.07 25.45 57.04
N THR F 219 -2.75 24.71 57.91
CA THR F 219 -3.42 25.32 59.06
C THR F 219 -2.48 25.66 60.22
N ASP F 220 -2.98 26.46 61.16
CA ASP F 220 -2.24 26.87 62.37
C ASP F 220 -2.09 25.74 63.39
N LYS F 221 -2.65 24.55 63.11
CA LYS F 221 -2.33 23.36 63.89
C LYS F 221 -1.58 22.28 63.10
N ASP F 222 -0.98 22.68 61.97
CA ASP F 222 -0.18 21.75 61.12
C ASP F 222 1.09 21.25 61.86
N LYS F 223 1.22 19.93 61.94
CA LYS F 223 2.34 19.30 62.64
C LYS F 223 3.64 19.55 61.88
N GLU F 224 3.66 19.22 60.60
CA GLU F 224 4.81 19.53 59.72
C GLU F 224 5.03 21.05 59.46
N GLN F 225 4.05 21.86 59.86
N GLN F 225 4.05 21.87 59.81
CA GLN F 225 4.08 23.33 59.77
CA GLN F 225 4.18 23.33 59.77
C GLN F 225 4.47 23.79 58.36
C GLN F 225 4.49 23.80 58.34
N TRP F 226 3.62 23.46 57.39
CA TRP F 226 3.83 23.82 55.97
C TRP F 226 3.61 25.30 55.68
N LYS F 227 2.98 26.00 56.62
CA LYS F 227 2.80 27.44 56.46
C LYS F 227 4.14 28.14 56.25
N GLU F 228 5.19 27.63 56.90
CA GLU F 228 6.53 28.26 56.83
C GLU F 228 7.05 28.33 55.39
N VAL F 229 6.69 27.34 54.58
CA VAL F 229 7.08 27.35 53.17
C VAL F 229 6.54 28.61 52.46
N HIS F 230 5.32 29.02 52.81
CA HIS F 230 4.79 30.28 52.31
C HIS F 230 5.47 31.51 52.94
N LYS F 231 5.76 31.41 54.25
N LYS F 231 5.78 31.45 54.23
CA LYS F 231 6.50 32.47 54.95
CA LYS F 231 6.47 32.59 54.86
C LYS F 231 7.84 32.70 54.26
C LYS F 231 7.88 32.73 54.27
N GLN F 232 8.58 31.61 54.04
CA GLN F 232 9.83 31.66 53.32
C GLN F 232 9.67 32.34 51.95
N VAL F 233 8.67 31.92 51.17
CA VAL F 233 8.44 32.49 49.83
C VAL F 233 8.35 34.01 49.81
N VAL F 234 7.55 34.56 50.72
CA VAL F 234 7.40 36.00 50.93
C VAL F 234 8.71 36.65 51.39
N GLU F 235 9.36 36.03 52.39
CA GLU F 235 10.58 36.58 53.00
C GLU F 235 11.89 36.31 52.25
N SER F 236 11.82 35.73 51.06
CA SER F 236 13.02 35.26 50.40
C SER F 236 13.80 36.39 49.80
N ALA F 237 13.15 37.26 49.04
CA ALA F 237 13.83 38.43 48.48
C ALA F 237 14.51 39.20 49.61
N TYR F 238 13.79 39.39 50.72
CA TYR F 238 14.35 40.11 51.86
C TYR F 238 15.59 39.35 52.43
N GLU F 239 15.49 38.02 52.61
CA GLU F 239 16.66 37.23 53.09
C GLU F 239 17.82 37.25 52.10
N VAL F 240 17.54 37.06 50.81
CA VAL F 240 18.60 37.20 49.79
C VAL F 240 19.22 38.61 49.78
N ILE F 241 18.37 39.63 49.76
CA ILE F 241 18.82 41.04 49.76
C ILE F 241 19.70 41.26 50.97
N LYS F 242 19.20 40.89 52.13
CA LYS F 242 19.98 40.96 53.36
C LYS F 242 21.37 40.36 53.19
N LEU F 243 21.47 39.27 52.41
CA LEU F 243 22.71 38.48 52.30
C LEU F 243 23.68 38.91 51.20
N LYS F 244 23.17 39.32 50.04
CA LYS F 244 24.03 39.64 48.88
C LYS F 244 23.86 41.05 48.34
N GLY F 245 22.89 41.81 48.87
CA GLY F 245 22.64 43.17 48.43
C GLY F 245 21.31 43.35 47.73
N TYR F 246 20.88 42.36 46.94
CA TYR F 246 19.78 42.53 45.95
C TYR F 246 19.36 41.14 45.45
N THR F 247 18.34 41.04 44.60
CA THR F 247 18.10 39.77 43.85
C THR F 247 18.15 40.02 42.36
N SER F 248 18.46 38.96 41.62
CA SER F 248 18.58 39.06 40.18
C SER F 248 18.29 37.72 39.50
N TRP F 249 19.11 36.71 39.77
CA TRP F 249 19.14 35.49 38.93
C TRP F 249 17.79 34.81 38.83
N ALA F 250 17.07 34.77 39.94
CA ALA F 250 15.78 34.11 39.96
C ALA F 250 14.77 34.94 39.20
N ILE F 251 14.65 36.22 39.51
CA ILE F 251 13.68 37.06 38.81
C ILE F 251 13.97 37.04 37.29
N GLY F 252 15.25 37.01 36.92
CA GLY F 252 15.68 36.95 35.51
C GLY F 252 15.34 35.67 34.79
N LEU F 253 15.60 34.53 35.44
CA LEU F 253 15.21 33.24 34.86
C LEU F 253 13.68 33.11 34.70
N SER F 254 12.97 33.57 35.72
CA SER F 254 11.52 33.69 35.74
C SER F 254 10.98 34.59 34.62
N VAL F 255 11.58 35.76 34.44
CA VAL F 255 11.09 36.66 33.38
C VAL F 255 11.42 36.08 31.98
N ALA F 256 12.53 35.34 31.90
CA ALA F 256 12.85 34.65 30.65
C ALA F 256 11.79 33.60 30.28
N ASP F 257 11.34 32.82 31.26
CA ASP F 257 10.23 31.88 31.08
C ASP F 257 8.96 32.54 30.56
N LEU F 258 8.59 33.68 31.11
CA LEU F 258 7.38 34.34 30.64
C LEU F 258 7.59 34.75 29.18
N ALA F 259 8.74 35.35 28.94
CA ALA F 259 9.13 35.76 27.59
C ALA F 259 9.05 34.61 26.62
N GLU F 260 9.46 33.41 27.05
CA GLU F 260 9.45 32.29 26.14
C GLU F 260 8.00 31.99 25.71
N SER F 261 7.11 31.79 26.68
CA SER F 261 5.70 31.57 26.35
C SER F 261 5.13 32.61 25.38
N ILE F 262 5.50 33.87 25.52
CA ILE F 262 4.97 34.97 24.69
C ILE F 262 5.60 34.89 23.30
N MET F 263 6.92 34.88 23.26
CA MET F 263 7.62 34.90 21.99
C MET F 263 7.41 33.62 21.19
N LYS F 264 7.14 32.47 21.81
CA LYS F 264 6.95 31.20 21.08
C LYS F 264 5.48 30.74 21.02
N ASN F 265 4.57 31.56 21.58
CA ASN F 265 3.14 31.31 21.57
C ASN F 265 2.75 29.98 22.18
N LEU F 266 3.42 29.64 23.27
CA LEU F 266 3.21 28.36 23.91
C LEU F 266 1.80 28.12 24.53
N ARG F 267 1.18 29.14 25.08
CA ARG F 267 -0.11 28.98 25.78
C ARG F 267 0.04 28.09 27.04
N ARG F 268 1.19 28.26 27.69
CA ARG F 268 1.40 27.80 29.04
C ARG F 268 0.70 28.71 30.04
N VAL F 269 0.38 28.15 31.20
CA VAL F 269 -0.25 28.89 32.25
C VAL F 269 0.83 29.40 33.18
N HIS F 270 0.80 30.68 33.50
CA HIS F 270 1.71 31.27 34.48
C HIS F 270 0.93 32.19 35.46
N PRO F 271 1.27 32.17 36.76
CA PRO F 271 0.58 33.09 37.68
C PRO F 271 1.11 34.45 37.47
N VAL F 272 0.38 35.31 36.79
CA VAL F 272 0.87 36.64 36.57
C VAL F 272 -0.22 37.65 36.83
N SER F 273 0.24 38.84 37.18
CA SER F 273 -0.60 39.96 37.51
C SER F 273 -1.42 40.41 36.31
N THR F 274 -2.73 40.30 36.42
CA THR F 274 -3.63 40.78 35.38
C THR F 274 -4.87 41.42 35.98
N MET F 275 -5.56 42.23 35.17
CA MET F 275 -6.79 42.93 35.61
C MET F 275 -7.83 41.89 35.97
N ILE F 276 -8.43 42.00 37.16
CA ILE F 276 -9.43 41.04 37.57
C ILE F 276 -10.69 41.69 38.15
N LYS F 277 -11.12 42.81 37.58
CA LYS F 277 -12.49 43.28 37.80
C LYS F 277 -13.35 42.03 37.55
N GLY F 278 -14.43 41.85 38.31
CA GLY F 278 -15.40 40.79 38.04
C GLY F 278 -15.20 39.54 38.87
N LEU F 279 -13.98 39.01 38.87
CA LEU F 279 -13.69 37.76 39.58
C LEU F 279 -13.68 37.97 41.10
N TYR F 280 -14.04 36.91 41.81
CA TYR F 280 -13.97 36.87 43.28
C TYR F 280 -14.73 38.03 43.96
N GLY F 281 -15.82 38.47 43.32
CA GLY F 281 -16.52 39.67 43.75
C GLY F 281 -15.57 40.85 44.03
N ILE F 282 -14.88 41.29 42.98
CA ILE F 282 -14.03 42.48 43.00
C ILE F 282 -14.56 43.42 41.93
N LYS F 283 -14.93 44.63 42.32
CA LYS F 283 -15.46 45.61 41.34
C LYS F 283 -14.64 46.89 41.26
N ASP F 284 -13.33 46.73 41.30
CA ASP F 284 -12.41 47.84 41.13
C ASP F 284 -11.31 47.51 40.11
N ASP F 285 -10.88 48.50 39.32
CA ASP F 285 -9.83 48.27 38.32
C ASP F 285 -8.50 47.93 39.00
N VAL F 286 -8.21 46.64 39.10
CA VAL F 286 -7.19 46.19 40.02
C VAL F 286 -6.54 44.94 39.46
N PHE F 287 -5.21 45.01 39.31
CA PHE F 287 -4.44 43.86 38.82
C PHE F 287 -3.97 42.99 39.98
N LEU F 288 -4.07 41.68 39.80
CA LEU F 288 -3.66 40.71 40.79
C LEU F 288 -3.19 39.44 40.06
N SER F 289 -2.42 38.59 40.72
CA SER F 289 -1.92 37.43 40.01
C SER F 289 -2.93 36.29 40.07
N VAL F 290 -3.11 35.68 38.91
CA VAL F 290 -4.04 34.62 38.66
C VAL F 290 -3.37 33.75 37.57
N PRO F 291 -3.60 32.41 37.56
CA PRO F 291 -3.00 31.65 36.45
C PRO F 291 -3.55 32.14 35.12
N CYS F 292 -2.68 32.52 34.19
CA CYS F 292 -3.10 33.04 32.88
C CYS F 292 -2.47 32.26 31.75
N ILE F 293 -3.19 32.12 30.65
N ILE F 293 -3.19 32.13 30.65
CA ILE F 293 -2.64 31.49 29.46
CA ILE F 293 -2.66 31.50 29.46
C ILE F 293 -1.87 32.54 28.67
C ILE F 293 -1.87 32.54 28.67
N LEU F 294 -0.57 32.31 28.50
CA LEU F 294 0.31 33.28 27.88
C LEU F 294 0.66 32.89 26.49
N GLY F 295 0.57 33.84 25.56
CA GLY F 295 0.94 33.56 24.18
C GLY F 295 1.26 34.83 23.43
N GLN F 296 1.26 34.73 22.11
CA GLN F 296 1.78 35.79 21.27
C GLN F 296 1.02 37.11 21.33
N ASN F 297 -0.22 37.09 21.84
CA ASN F 297 -0.99 38.31 21.99
C ASN F 297 -1.02 38.66 23.46
N GLY F 298 -0.16 38.04 24.24
CA GLY F 298 -0.12 38.28 25.67
C GLY F 298 -1.02 37.32 26.41
N ILE F 299 -1.73 37.84 27.39
CA ILE F 299 -2.73 37.04 28.13
C ILE F 299 -3.97 36.80 27.25
N SER F 300 -4.30 35.53 27.00
CA SER F 300 -5.46 35.21 26.17
C SER F 300 -6.66 34.78 26.98
N ASP F 301 -6.43 34.01 28.04
CA ASP F 301 -7.48 33.48 28.91
C ASP F 301 -6.96 33.40 30.38
N LEU F 302 -7.87 33.36 31.36
CA LEU F 302 -7.48 33.17 32.77
C LEU F 302 -8.01 31.85 33.24
N VAL F 303 -7.29 31.19 34.15
CA VAL F 303 -7.91 30.12 34.91
C VAL F 303 -8.60 30.66 36.16
N LYS F 304 -9.83 30.20 36.36
CA LYS F 304 -10.64 30.54 37.51
C LYS F 304 -10.30 29.51 38.54
N VAL F 305 -9.47 29.86 39.50
CA VAL F 305 -9.16 28.92 40.56
C VAL F 305 -10.28 29.05 41.60
N THR F 306 -10.75 27.90 42.14
CA THR F 306 -11.72 27.90 43.21
C THR F 306 -10.97 28.18 44.50
N LEU F 307 -11.46 29.14 45.27
CA LEU F 307 -10.78 29.58 46.48
C LEU F 307 -11.70 29.38 47.69
N THR F 308 -11.15 29.03 48.85
CA THR F 308 -11.92 29.11 50.11
C THR F 308 -12.32 30.57 50.33
N SER F 309 -13.29 30.83 51.20
CA SER F 309 -13.75 32.23 51.42
C SER F 309 -12.77 33.03 52.29
N GLU F 310 -11.82 32.31 52.92
CA GLU F 310 -10.62 32.92 53.53
C GLU F 310 -9.72 33.45 52.45
N GLU F 311 -9.40 32.58 51.50
CA GLU F 311 -8.57 32.88 50.34
C GLU F 311 -9.15 34.03 49.52
N GLU F 312 -10.48 34.04 49.36
CA GLU F 312 -11.18 35.08 48.63
C GLU F 312 -11.19 36.39 49.43
N ALA F 313 -11.19 36.28 50.75
CA ALA F 313 -11.17 37.45 51.63
C ALA F 313 -9.81 38.15 51.56
N ARG F 314 -8.71 37.38 51.54
CA ARG F 314 -7.38 37.98 51.37
C ARG F 314 -7.29 38.74 50.03
N LEU F 315 -7.72 38.08 48.94
CA LEU F 315 -7.71 38.69 47.59
C LEU F 315 -8.52 39.97 47.53
N LYS F 316 -9.70 39.93 48.15
CA LYS F 316 -10.60 41.07 48.21
C LYS F 316 -9.96 42.24 48.96
N LYS F 317 -9.28 41.95 50.07
CA LYS F 317 -8.63 42.99 50.87
C LYS F 317 -7.44 43.61 50.11
N SER F 318 -6.63 42.78 49.46
CA SER F 318 -5.55 43.26 48.60
C SER F 318 -6.11 44.30 47.67
N ALA F 319 -7.21 43.93 47.02
CA ALA F 319 -7.83 44.77 46.02
C ALA F 319 -8.41 46.06 46.59
N ASP F 320 -9.00 46.02 47.77
CA ASP F 320 -9.46 47.26 48.42
C ASP F 320 -8.29 48.21 48.69
N THR F 321 -7.22 47.66 49.28
CA THR F 321 -5.99 48.41 49.56
C THR F 321 -5.44 49.03 48.28
N LEU F 322 -5.35 48.22 47.23
CA LEU F 322 -4.80 48.69 45.96
C LEU F 322 -5.69 49.75 45.33
N TRP F 323 -7.00 49.57 45.36
CA TRP F 323 -7.85 50.57 44.78
C TRP F 323 -7.80 51.88 45.58
N GLY F 324 -7.67 51.80 46.90
CA GLY F 324 -7.60 52.99 47.77
C GLY F 324 -6.42 53.89 47.47
N ILE F 325 -5.32 53.27 47.08
CA ILE F 325 -4.17 54.01 46.56
C ILE F 325 -4.44 54.47 45.13
N GLN F 326 -4.79 53.52 44.27
CA GLN F 326 -4.96 53.79 42.83
C GLN F 326 -5.91 54.98 42.56
N LYS F 327 -7.00 55.07 43.32
CA LYS F 327 -7.97 56.13 43.10
C LYS F 327 -7.43 57.53 43.34
N GLU F 328 -6.24 57.63 43.92
CA GLU F 328 -5.67 58.92 44.30
C GLU F 328 -4.57 59.41 43.36
N LEU F 329 -4.25 58.64 42.32
CA LEU F 329 -3.13 58.98 41.46
C LEU F 329 -3.46 60.06 40.41
N GLN F 330 -2.58 61.06 40.31
CA GLN F 330 -2.59 62.07 39.25
C GLN F 330 -2.06 61.53 37.90
N PHE F 331 -2.89 61.60 36.84
CA PHE F 331 -2.57 61.04 35.50
C PHE F 331 -2.63 62.03 34.33
N ALA G 1 -23.30 25.34 31.98
CA ALA G 1 -21.84 25.60 31.78
C ALA G 1 -21.10 24.28 31.53
N THR G 2 -20.17 24.28 30.58
CA THR G 2 -19.31 23.13 30.43
C THR G 2 -18.23 23.13 31.52
N LEU G 3 -17.26 22.23 31.40
CA LEU G 3 -16.07 22.24 32.29
C LEU G 3 -15.23 23.40 31.82
N LYS G 4 -14.94 23.44 30.53
CA LYS G 4 -14.22 24.56 29.97
C LYS G 4 -14.84 25.91 30.36
N ASP G 5 -16.16 25.98 30.47
CA ASP G 5 -16.78 27.22 30.93
C ASP G 5 -16.31 27.48 32.35
N GLN G 6 -16.48 26.48 33.21
CA GLN G 6 -16.19 26.59 34.64
C GLN G 6 -14.72 26.83 35.01
N LEU G 7 -13.82 26.34 34.17
CA LEU G 7 -12.37 26.40 34.40
C LEU G 7 -11.70 27.62 33.78
N ILE G 8 -12.19 28.10 32.66
CA ILE G 8 -11.43 29.09 31.92
C ILE G 8 -12.22 30.32 31.54
N TYR G 9 -11.85 31.46 32.13
CA TYR G 9 -12.40 32.76 31.73
C TYR G 9 -11.70 33.22 30.46
N ASN G 10 -12.47 33.44 29.41
CA ASN G 10 -11.91 33.76 28.10
C ASN G 10 -11.84 35.27 27.88
N LEU G 11 -10.67 35.74 27.45
CA LEU G 11 -10.52 37.14 27.08
C LEU G 11 -10.62 37.26 25.57
N LEU G 12 -11.03 38.43 25.10
CA LEU G 12 -11.20 38.64 23.68
C LEU G 12 -9.91 38.37 22.96
N LYS G 13 -10.01 37.84 21.75
CA LYS G 13 -8.86 37.43 20.93
C LYS G 13 -8.56 38.43 19.82
N GLU G 14 -7.39 39.08 19.91
CA GLU G 14 -6.83 39.81 18.78
C GLU G 14 -6.36 38.72 17.79
N GLU G 15 -6.38 39.03 16.49
CA GLU G 15 -6.10 38.02 15.46
C GLU G 15 -4.63 37.72 15.51
N GLN G 16 -4.29 36.46 15.31
CA GLN G 16 -2.90 36.06 15.33
C GLN G 16 -2.53 35.35 14.04
N THR G 17 -1.80 36.03 13.16
CA THR G 17 -1.12 35.32 12.08
C THR G 17 0.19 34.77 12.71
N PRO G 18 0.66 33.57 12.30
CA PRO G 18 1.81 33.06 13.05
C PRO G 18 3.11 33.80 12.67
N GLN G 19 4.09 33.76 13.57
CA GLN G 19 5.22 34.70 13.53
C GLN G 19 6.49 34.12 12.96
N ASN G 20 6.69 32.82 13.14
CA ASN G 20 7.91 32.17 12.71
C ASN G 20 7.54 30.84 12.09
N LYS G 21 6.75 30.87 11.04
CA LYS G 21 6.27 29.64 10.47
C LYS G 21 7.26 29.00 9.48
N ILE G 22 7.37 27.68 9.51
CA ILE G 22 8.09 26.96 8.48
C ILE G 22 7.22 25.86 7.89
N THR G 23 7.24 25.75 6.56
CA THR G 23 6.59 24.66 5.80
C THR G 23 7.69 23.77 5.25
N VAL G 24 7.45 22.46 5.29
CA VAL G 24 8.28 21.48 4.56
C VAL G 24 7.38 20.79 3.55
N VAL G 25 7.69 20.88 2.27
CA VAL G 25 6.99 20.12 1.24
C VAL G 25 7.75 18.81 1.03
N GLY G 26 7.05 17.70 1.19
CA GLY G 26 7.60 16.36 1.00
C GLY G 26 7.95 15.72 2.31
N VAL G 27 7.22 14.65 2.67
CA VAL G 27 7.41 13.97 3.95
C VAL G 27 8.02 12.55 3.89
N GLY G 28 8.93 12.35 2.96
CA GLY G 28 9.77 11.18 2.97
C GLY G 28 10.91 11.43 3.93
N ALA G 29 11.82 10.48 4.01
CA ALA G 29 12.87 10.50 5.04
C ALA G 29 13.55 11.86 5.19
N VAL G 30 13.92 12.45 4.06
CA VAL G 30 14.63 13.71 4.03
C VAL G 30 13.76 14.78 4.63
N GLY G 31 12.58 14.96 4.07
CA GLY G 31 11.63 15.95 4.58
C GLY G 31 11.32 15.85 6.07
N MET G 32 11.01 14.63 6.55
CA MET G 32 10.82 14.42 7.99
C MET G 32 12.09 14.65 8.87
N ALA G 33 13.29 14.39 8.34
CA ALA G 33 14.49 14.66 9.12
C ALA G 33 14.69 16.17 9.29
N CYS G 34 14.39 16.95 8.25
CA CYS G 34 14.33 18.39 8.41
C CYS G 34 13.26 18.75 9.45
N ALA G 35 12.12 18.11 9.36
CA ALA G 35 11.01 18.46 10.22
C ALA G 35 11.38 18.24 11.68
N ILE G 36 11.91 17.07 12.01
CA ILE G 36 12.23 16.77 13.39
C ILE G 36 13.39 17.63 13.88
N SER G 37 14.40 17.85 13.02
CA SER G 37 15.58 18.64 13.41
C SER G 37 15.13 20.04 13.70
N ILE G 38 14.28 20.57 12.81
CA ILE G 38 13.74 21.92 12.97
C ILE G 38 12.94 22.10 14.26
N LEU G 39 12.09 21.12 14.59
CA LEU G 39 11.30 21.12 15.84
C LEU G 39 12.17 21.06 17.07
N MET G 40 13.29 20.35 16.96
CA MET G 40 14.14 20.20 18.11
C MET G 40 15.15 21.34 18.28
N LYS G 41 15.13 22.34 17.42
CA LYS G 41 15.94 23.54 17.68
C LYS G 41 15.03 24.76 17.80
N ASP G 42 13.77 24.53 18.17
CA ASP G 42 12.80 25.60 18.33
C ASP G 42 12.95 26.76 17.38
N LEU G 43 12.95 26.52 16.06
CA LEU G 43 13.02 27.64 15.12
C LEU G 43 11.63 28.10 14.63
N ALA G 44 10.57 27.37 14.98
CA ALA G 44 9.26 27.70 14.45
C ALA G 44 8.21 27.68 15.54
N ASP G 45 7.21 28.55 15.41
CA ASP G 45 6.00 28.49 16.28
C ASP G 45 4.89 27.68 15.61
N GLU G 46 5.09 27.38 14.33
CA GLU G 46 4.17 26.57 13.56
C GLU G 46 5.00 25.86 12.49
N LEU G 47 4.77 24.56 12.34
CA LEU G 47 5.31 23.75 11.26
C LEU G 47 4.16 23.24 10.42
N ALA G 48 4.28 23.36 9.09
CA ALA G 48 3.30 22.79 8.16
C ALA G 48 3.98 21.81 7.22
N LEU G 49 3.40 20.61 7.11
CA LEU G 49 3.85 19.57 6.19
C LEU G 49 2.88 19.48 5.03
N VAL G 50 3.45 19.39 3.81
CA VAL G 50 2.66 19.13 2.62
C VAL G 50 3.20 18.03 1.72
N ASP G 51 2.34 17.11 1.33
CA ASP G 51 2.72 16.05 0.39
C ASP G 51 1.48 15.62 -0.42
N VAL G 52 1.54 14.49 -1.09
CA VAL G 52 0.42 14.08 -1.88
C VAL G 52 -0.23 12.80 -1.40
N ILE G 53 0.29 12.18 -0.35
CA ILE G 53 -0.30 10.93 0.10
C ILE G 53 -0.90 11.24 1.46
N GLU G 54 -2.21 11.50 1.46
CA GLU G 54 -2.92 12.01 2.63
C GLU G 54 -2.70 11.17 3.86
N ASP G 55 -2.66 9.86 3.71
CA ASP G 55 -2.50 8.98 4.87
C ASP G 55 -1.15 9.22 5.54
N LYS G 56 -0.07 8.90 4.85
CA LYS G 56 1.29 9.14 5.35
C LYS G 56 1.42 10.51 6.05
N LEU G 57 0.81 11.50 5.42
CA LEU G 57 0.91 12.87 5.84
C LEU G 57 0.17 13.08 7.15
N LYS G 58 -1.07 12.62 7.25
CA LYS G 58 -1.85 12.76 8.47
C LYS G 58 -1.18 11.98 9.62
N GLY G 59 -0.51 10.90 9.28
CA GLY G 59 0.19 10.05 10.25
C GLY G 59 1.44 10.71 10.82
N GLU G 60 2.26 11.32 9.96
CA GLU G 60 3.43 12.07 10.43
C GLU G 60 3.00 13.26 11.29
N MET G 61 1.98 13.97 10.86
CA MET G 61 1.49 15.10 11.63
C MET G 61 1.12 14.66 13.05
N MET G 62 0.38 13.56 13.16
CA MET G 62 -0.15 13.10 14.46
C MET G 62 0.99 12.63 15.33
N ASP G 63 1.96 11.95 14.69
CA ASP G 63 3.08 11.37 15.43
C ASP G 63 3.84 12.50 16.05
N LEU G 64 4.00 13.60 15.33
CA LEU G 64 4.71 14.74 15.88
C LEU G 64 3.88 15.38 16.97
N GLN G 65 2.62 15.68 16.66
CA GLN G 65 1.66 16.17 17.64
C GLN G 65 1.75 15.48 18.99
N HIS G 66 1.90 14.16 18.98
CA HIS G 66 1.91 13.38 20.22
C HIS G 66 3.19 13.50 21.07
N GLY G 67 4.21 14.10 20.48
CA GLY G 67 5.43 14.47 21.19
C GLY G 67 5.39 15.91 21.69
N SER G 68 4.36 16.68 21.30
CA SER G 68 4.13 18.08 21.73
C SER G 68 4.54 18.45 23.13
N LEU G 69 4.16 17.62 24.10
CA LEU G 69 4.58 17.84 25.48
C LEU G 69 6.08 18.12 25.65
N PHE G 70 6.89 17.59 24.75
CA PHE G 70 8.33 17.63 24.83
C PHE G 70 8.94 18.66 23.90
N LEU G 71 8.10 19.37 23.16
CA LEU G 71 8.52 20.36 22.17
C LEU G 71 8.05 21.78 22.56
N ARG G 72 8.44 22.76 21.76
CA ARG G 72 8.09 24.17 22.01
C ARG G 72 7.64 24.82 20.69
N THR G 73 6.94 24.02 19.88
CA THR G 73 6.33 24.44 18.63
C THR G 73 4.85 24.10 18.74
N PRO G 74 4.01 25.06 19.13
CA PRO G 74 2.65 24.73 19.51
C PRO G 74 1.68 24.39 18.38
N LYS G 75 2.10 24.34 17.13
CA LYS G 75 1.17 24.03 16.05
C LYS G 75 1.79 23.31 14.86
N ILE G 76 1.32 22.10 14.63
CA ILE G 76 1.77 21.26 13.57
C ILE G 76 0.56 20.95 12.71
N VAL G 77 0.63 21.34 11.45
CA VAL G 77 -0.45 21.10 10.51
C VAL G 77 0.05 20.33 9.31
N SER G 78 -0.86 19.70 8.57
CA SER G 78 -0.48 19.09 7.32
C SER G 78 -1.68 18.90 6.41
N GLY G 79 -1.43 18.83 5.10
CA GLY G 79 -2.50 18.65 4.13
C GLY G 79 -1.94 18.66 2.73
N LYS G 80 -2.71 18.13 1.78
CA LYS G 80 -2.27 18.20 0.37
C LYS G 80 -2.57 19.56 -0.18
N ASP G 81 -3.42 20.33 0.50
CA ASP G 81 -3.83 21.68 0.07
C ASP G 81 -2.91 22.76 0.61
N TYR G 82 -2.30 23.53 -0.28
CA TYR G 82 -1.30 24.51 0.14
C TYR G 82 -1.82 25.62 1.05
N ASN G 83 -3.11 25.62 1.38
CA ASN G 83 -3.64 26.61 2.32
C ASN G 83 -3.07 26.44 3.73
N VAL G 84 -2.66 25.23 4.10
CA VAL G 84 -2.03 25.00 5.40
C VAL G 84 -0.62 25.60 5.49
N THR G 85 -0.11 26.15 4.40
CA THR G 85 1.25 26.70 4.39
C THR G 85 1.25 28.20 4.51
N ALA G 86 0.10 28.81 4.79
CA ALA G 86 -0.01 30.26 4.66
C ALA G 86 0.90 30.99 5.66
N ASN G 87 1.37 32.16 5.25
CA ASN G 87 2.30 32.97 6.04
C ASN G 87 3.55 32.28 6.50
N SER G 88 4.16 31.51 5.62
CA SER G 88 5.40 30.88 5.97
C SER G 88 6.54 31.89 5.80
N LYS G 89 7.51 31.83 6.70
CA LYS G 89 8.72 32.64 6.57
C LYS G 89 9.67 31.91 5.64
N LEU G 90 9.72 30.60 5.78
CA LEU G 90 10.63 29.80 5.04
C LEU G 90 9.91 28.52 4.59
N VAL G 91 9.91 28.27 3.30
CA VAL G 91 9.38 27.04 2.77
C VAL G 91 10.50 26.22 2.18
N ILE G 92 10.76 25.07 2.81
CA ILE G 92 11.73 24.06 2.37
C ILE G 92 11.12 23.06 1.36
N ILE G 93 11.60 23.08 0.11
CA ILE G 93 11.15 22.13 -0.89
C ILE G 93 12.07 20.89 -0.96
N THR G 94 11.52 19.71 -0.68
CA THR G 94 12.22 18.44 -0.88
C THR G 94 11.60 17.56 -1.96
N ALA G 95 10.45 17.95 -2.49
CA ALA G 95 9.71 17.18 -3.49
C ALA G 95 10.43 17.07 -4.83
N GLY G 96 10.19 15.98 -5.55
CA GLY G 96 10.67 15.83 -6.93
C GLY G 96 10.35 14.44 -7.45
N ALA G 97 11.05 13.99 -8.47
CA ALA G 97 10.89 12.64 -9.00
C ALA G 97 12.25 11.97 -9.13
N ARG G 98 12.33 10.67 -8.83
CA ARG G 98 13.54 9.88 -9.06
C ARG G 98 13.73 9.66 -10.56
N GLN G 99 14.98 9.63 -11.01
CA GLN G 99 15.28 9.36 -12.42
C GLN G 99 14.93 7.92 -12.72
N GLN G 100 14.46 7.66 -13.93
CA GLN G 100 14.03 6.32 -14.33
C GLN G 100 15.08 5.53 -15.11
N GLU G 101 14.77 4.25 -15.28
CA GLU G 101 15.65 3.26 -15.89
C GLU G 101 16.63 3.66 -16.99
N GLY G 102 16.20 4.44 -17.97
CA GLY G 102 17.12 4.83 -19.06
C GLY G 102 16.76 6.17 -19.67
N GLU G 103 16.54 7.14 -18.78
CA GLU G 103 15.89 8.41 -19.07
C GLU G 103 16.92 9.51 -19.15
N SER G 104 16.84 10.36 -20.17
CA SER G 104 17.79 11.45 -20.31
C SER G 104 17.64 12.44 -19.15
N ARG G 105 18.77 12.98 -18.72
CA ARG G 105 18.88 13.94 -17.61
C ARG G 105 17.97 15.16 -17.88
N LEU G 106 17.95 15.61 -19.13
CA LEU G 106 16.99 16.64 -19.58
C LEU G 106 15.51 16.28 -19.33
N ASN G 107 15.03 15.14 -19.85
CA ASN G 107 13.66 14.65 -19.53
C ASN G 107 13.31 14.67 -18.05
N LEU G 108 14.26 14.26 -17.22
CA LEU G 108 14.04 14.18 -15.78
C LEU G 108 13.93 15.55 -15.12
N VAL G 109 14.78 16.50 -15.46
CA VAL G 109 14.60 17.78 -14.79
C VAL G 109 13.31 18.44 -15.31
N GLN G 110 12.93 18.12 -16.54
CA GLN G 110 11.65 18.61 -17.08
C GLN G 110 10.45 18.09 -16.33
N ARG G 111 10.48 16.83 -15.89
CA ARG G 111 9.36 16.29 -15.12
C ARG G 111 9.35 17.04 -13.82
N ASN G 112 10.53 17.28 -13.24
CA ASN G 112 10.63 18.05 -12.02
C ASN G 112 10.17 19.48 -12.24
N VAL G 113 10.49 20.06 -13.39
CA VAL G 113 9.98 21.38 -13.71
C VAL G 113 8.46 21.37 -13.65
N ASN G 114 7.85 20.38 -14.27
CA ASN G 114 6.39 20.23 -14.27
C ASN G 114 5.75 20.07 -12.91
N ILE G 115 6.44 19.36 -12.02
CA ILE G 115 6.00 19.23 -10.66
C ILE G 115 6.06 20.59 -9.97
N PHE G 116 7.18 21.28 -10.14
CA PHE G 116 7.36 22.62 -9.56
C PHE G 116 6.34 23.62 -10.12
N LYS G 117 5.89 23.44 -11.36
CA LYS G 117 4.84 24.34 -11.92
C LYS G 117 3.56 24.26 -11.10
N PHE G 118 3.39 23.18 -10.36
CA PHE G 118 2.27 23.04 -9.44
C PHE G 118 2.67 23.51 -8.06
N ILE G 119 3.77 23.00 -7.53
CA ILE G 119 4.13 23.31 -6.17
C ILE G 119 4.45 24.80 -5.98
N ILE G 120 5.30 25.32 -6.85
CA ILE G 120 5.90 26.61 -6.56
C ILE G 120 4.88 27.75 -6.59
N PRO G 121 3.99 27.78 -7.59
CA PRO G 121 2.95 28.83 -7.60
C PRO G 121 2.02 28.78 -6.41
N ASN G 122 1.72 27.58 -5.93
CA ASN G 122 0.93 27.42 -4.70
C ASN G 122 1.60 27.90 -3.45
N VAL G 123 2.89 27.65 -3.35
CA VAL G 123 3.66 28.20 -2.25
C VAL G 123 3.57 29.72 -2.22
N VAL G 124 3.73 30.38 -3.37
CA VAL G 124 3.80 31.86 -3.37
C VAL G 124 2.41 32.45 -3.25
N LYS G 125 1.39 31.72 -3.66
CA LYS G 125 0.01 32.18 -3.45
C LYS G 125 -0.26 32.40 -1.96
N TYR G 126 0.10 31.43 -1.13
CA TYR G 126 -0.18 31.50 0.30
C TYR G 126 0.92 32.11 1.18
N SER G 127 2.10 32.40 0.62
CA SER G 127 3.23 33.02 1.36
C SER G 127 4.09 33.81 0.39
N PRO G 128 3.59 34.96 -0.06
CA PRO G 128 4.31 35.76 -1.07
C PRO G 128 5.65 36.33 -0.60
N ASN G 129 5.86 36.35 0.72
CA ASN G 129 7.08 36.91 1.27
C ASN G 129 8.01 35.89 1.91
N CYS G 130 7.80 34.60 1.62
CA CYS G 130 8.64 33.56 2.19
C CYS G 130 9.97 33.50 1.47
N LYS G 131 10.88 32.71 2.03
CA LYS G 131 12.14 32.39 1.39
C LYS G 131 12.03 30.94 0.99
N LEU G 132 12.51 30.62 -0.19
CA LEU G 132 12.53 29.26 -0.70
C LEU G 132 13.90 28.63 -0.40
N LEU G 133 13.86 27.47 0.25
CA LEU G 133 15.03 26.64 0.44
C LEU G 133 14.75 25.34 -0.29
N ILE G 134 15.47 25.15 -1.40
CA ILE G 134 15.29 24.01 -2.30
C ILE G 134 16.31 22.97 -1.94
N VAL G 135 15.86 21.74 -1.80
CA VAL G 135 16.71 20.61 -1.42
C VAL G 135 16.63 19.51 -2.44
N SER G 136 15.50 19.48 -3.14
CA SER G 136 15.28 18.59 -4.26
C SER G 136 16.49 18.52 -5.23
N ASN G 137 16.86 17.31 -5.65
CA ASN G 137 17.90 17.14 -6.66
C ASN G 137 17.35 17.00 -8.04
N PRO G 138 18.15 17.35 -9.07
CA PRO G 138 19.46 18.01 -8.99
C PRO G 138 19.29 19.46 -8.49
N VAL G 139 19.85 19.73 -7.32
CA VAL G 139 19.55 20.95 -6.57
C VAL G 139 19.90 22.29 -7.25
N ASP G 140 21.04 22.34 -7.95
CA ASP G 140 21.47 23.60 -8.59
C ASP G 140 20.47 24.01 -9.71
N ILE G 141 19.99 23.05 -10.50
CA ILE G 141 19.04 23.40 -11.55
C ILE G 141 17.67 23.68 -10.92
N LEU G 142 17.23 22.84 -10.00
CA LEU G 142 15.90 23.03 -9.42
C LEU G 142 15.81 24.28 -8.54
N THR G 143 16.94 24.81 -8.11
CA THR G 143 16.95 26.14 -7.52
C THR G 143 16.67 27.22 -8.60
N TYR G 144 17.32 27.11 -9.76
CA TYR G 144 17.03 27.95 -10.94
C TYR G 144 15.56 27.86 -11.32
N VAL G 145 15.02 26.66 -11.33
CA VAL G 145 13.62 26.43 -11.71
C VAL G 145 12.68 27.10 -10.72
N ALA G 146 12.90 26.86 -9.44
CA ALA G 146 12.07 27.47 -8.42
C ALA G 146 12.14 28.97 -8.50
N TRP G 147 13.32 29.47 -8.82
CA TRP G 147 13.50 30.89 -8.98
C TRP G 147 12.70 31.41 -10.16
N LYS G 148 12.78 30.75 -11.31
CA LYS G 148 12.13 31.26 -12.54
C LYS G 148 10.60 31.27 -12.43
N ILE G 149 10.05 30.24 -11.80
CA ILE G 149 8.63 30.09 -11.60
C ILE G 149 8.11 31.03 -10.50
N SER G 150 8.79 31.13 -9.37
CA SER G 150 8.30 31.97 -8.25
C SER G 150 8.24 33.45 -8.63
N GLY G 151 9.12 33.86 -9.54
CA GLY G 151 9.29 35.27 -9.86
C GLY G 151 9.86 36.06 -8.71
N PHE G 152 10.47 35.37 -7.76
CA PHE G 152 11.09 35.96 -6.57
C PHE G 152 12.45 36.55 -6.95
N PRO G 153 12.92 37.53 -6.16
CA PRO G 153 14.27 38.03 -6.34
C PRO G 153 15.27 37.02 -5.81
N LYS G 154 16.47 37.11 -6.33
CA LYS G 154 17.44 36.04 -6.21
C LYS G 154 17.80 35.77 -4.75
N ASN G 155 17.78 36.81 -3.92
CA ASN G 155 18.13 36.65 -2.51
C ASN G 155 17.19 35.76 -1.73
N ARG G 156 15.94 35.66 -2.15
CA ARG G 156 14.97 34.85 -1.46
C ARG G 156 14.74 33.50 -2.10
N VAL G 157 15.66 33.03 -2.96
CA VAL G 157 15.57 31.66 -3.50
C VAL G 157 16.90 30.95 -3.43
N ILE G 158 17.01 30.02 -2.51
CA ILE G 158 18.27 29.48 -2.07
C ILE G 158 18.35 27.97 -2.25
N GLY G 159 19.44 27.47 -2.84
CA GLY G 159 19.65 26.04 -2.99
C GLY G 159 20.49 25.51 -1.84
N SER G 160 20.19 24.30 -1.38
CA SER G 160 20.90 23.67 -0.28
C SER G 160 22.34 23.34 -0.71
N GLY G 161 22.53 23.19 -2.02
CA GLY G 161 23.86 23.15 -2.64
C GLY G 161 24.89 22.27 -1.98
N CYS G 162 26.03 22.86 -1.64
CA CYS G 162 27.17 22.16 -1.06
C CYS G 162 27.29 22.34 0.47
N ASN G 163 26.19 22.68 1.12
CA ASN G 163 26.20 22.92 2.56
C ASN G 163 26.43 21.63 3.41
N LEU G 164 25.99 20.50 2.87
CA LEU G 164 26.15 19.24 3.56
C LEU G 164 27.47 18.65 3.11
N ASP G 165 27.79 18.86 1.84
CA ASP G 165 29.06 18.45 1.27
C ASP G 165 30.19 18.98 2.14
N SER G 166 30.09 20.26 2.45
CA SER G 166 31.10 20.93 3.24
C SER G 166 31.15 20.39 4.67
N ALA G 167 30.00 20.05 5.27
CA ALA G 167 29.98 19.51 6.64
C ALA G 167 30.49 18.10 6.68
N ARG G 168 30.30 17.38 5.59
CA ARG G 168 30.83 16.02 5.49
C ARG G 168 32.31 16.12 5.37
N PHE G 169 32.74 17.16 4.64
CA PHE G 169 34.14 17.43 4.39
C PHE G 169 34.87 17.70 5.70
N ARG G 170 34.24 18.54 6.52
CA ARG G 170 34.79 18.89 7.82
C ARG G 170 34.75 17.74 8.82
N TYR G 171 33.67 16.97 8.81
CA TYR G 171 33.61 15.74 9.59
C TYR G 171 34.82 14.86 9.27
N LEU G 172 35.13 14.74 7.96
CA LEU G 172 36.13 13.79 7.46
C LEU G 172 37.56 14.27 7.69
N MET G 173 37.75 15.56 7.46
CA MET G 173 38.95 16.29 7.88
C MET G 173 39.18 16.00 9.37
N GLY G 174 38.12 16.22 10.15
CA GLY G 174 38.16 15.97 11.59
C GLY G 174 38.58 14.58 12.02
N GLU G 175 38.08 13.55 11.31
N GLU G 175 38.12 13.54 11.30
CA GLU G 175 38.43 12.14 11.54
CA GLU G 175 38.44 12.16 11.65
C GLU G 175 39.93 11.95 11.45
C GLU G 175 39.93 11.86 11.40
N ARG G 176 40.53 12.56 10.43
CA ARG G 176 41.98 12.44 10.15
C ARG G 176 42.83 13.17 11.21
N LEU G 177 42.47 14.42 11.50
CA LEU G 177 43.27 15.23 12.44
C LEU G 177 43.01 14.92 13.92
N GLY G 178 41.88 14.30 14.23
CA GLY G 178 41.52 13.98 15.61
C GLY G 178 40.97 15.22 16.29
N VAL G 179 40.31 16.05 15.48
CA VAL G 179 39.80 17.35 15.89
C VAL G 179 38.33 17.45 15.49
N HIS G 180 37.53 18.05 16.36
CA HIS G 180 36.10 18.21 16.11
C HIS G 180 35.93 19.08 14.89
N PRO G 181 34.92 18.77 14.04
CA PRO G 181 34.74 19.47 12.75
C PRO G 181 34.46 20.98 12.85
N LEU G 182 33.84 21.41 13.94
CA LEU G 182 33.77 22.81 14.31
C LEU G 182 35.12 23.54 14.16
N SER G 183 36.18 22.98 14.72
CA SER G 183 37.53 23.57 14.65
C SER G 183 38.29 23.29 13.33
N CYS G 184 37.79 22.34 12.52
CA CYS G 184 38.31 22.07 11.17
C CYS G 184 37.59 22.89 10.14
N HIS G 185 38.31 23.48 9.19
CA HIS G 185 37.74 24.41 8.24
C HIS G 185 38.07 24.01 6.78
N GLY G 186 37.05 24.05 5.93
CA GLY G 186 37.12 23.55 4.56
C GLY G 186 35.84 23.80 3.76
N TRP G 187 36.02 24.01 2.45
CA TRP G 187 34.90 24.40 1.61
C TRP G 187 34.81 23.61 0.31
N VAL G 188 33.60 23.11 0.08
CA VAL G 188 33.25 22.48 -1.17
C VAL G 188 32.30 23.47 -1.86
N LEU G 189 32.65 23.83 -3.07
CA LEU G 189 32.01 24.89 -3.78
C LEU G 189 31.55 24.36 -5.13
N GLY G 190 30.94 25.21 -5.94
CA GLY G 190 30.53 24.85 -7.29
C GLY G 190 29.23 24.05 -7.41
N GLU G 191 29.21 23.14 -8.38
CA GLU G 191 28.06 22.29 -8.61
C GLU G 191 27.99 21.08 -7.66
N HIS G 192 26.88 20.95 -6.91
CA HIS G 192 26.69 19.84 -5.95
C HIS G 192 26.71 18.50 -6.66
N GLY G 193 27.66 17.65 -6.27
CA GLY G 193 27.81 16.34 -6.87
C GLY G 193 29.20 16.13 -7.44
N ASP G 194 29.26 15.43 -8.56
CA ASP G 194 30.54 14.94 -9.06
C ASP G 194 31.58 16.02 -9.29
N SER G 195 31.20 17.23 -9.69
CA SER G 195 32.21 18.27 -10.00
C SER G 195 32.17 19.46 -9.09
N SER G 196 31.92 19.18 -7.81
CA SER G 196 32.14 20.17 -6.77
C SER G 196 33.67 20.42 -6.61
N VAL G 197 34.02 21.66 -6.22
CA VAL G 197 35.42 22.05 -6.11
C VAL G 197 35.86 22.21 -4.66
N PRO G 198 36.70 21.28 -4.15
CA PRO G 198 37.23 21.45 -2.79
C PRO G 198 38.38 22.46 -2.79
N VAL G 199 38.13 23.65 -2.27
CA VAL G 199 39.13 24.70 -2.22
C VAL G 199 40.21 24.37 -1.19
N TRP G 200 41.31 23.88 -1.71
CA TRP G 200 42.39 23.36 -0.91
C TRP G 200 43.09 24.50 -0.14
N SER G 201 43.23 25.66 -0.81
CA SER G 201 43.92 26.81 -0.21
C SER G 201 43.31 27.10 1.16
N GLY G 202 41.98 27.03 1.23
CA GLY G 202 41.23 27.38 2.44
C GLY G 202 41.18 26.38 3.58
N MET G 203 41.66 25.17 3.39
CA MET G 203 41.68 24.23 4.49
C MET G 203 42.69 24.65 5.58
N ASN G 204 42.22 24.65 6.82
CA ASN G 204 43.05 25.02 7.97
C ASN G 204 42.46 24.57 9.30
N VAL G 205 43.30 24.61 10.33
CA VAL G 205 42.90 24.51 11.72
C VAL G 205 43.62 25.65 12.42
N ALA G 206 42.89 26.38 13.24
CA ALA G 206 43.40 27.53 14.01
C ALA G 206 43.99 28.61 13.09
N GLY G 207 43.50 28.65 11.86
CA GLY G 207 44.00 29.58 10.87
C GLY G 207 45.33 29.21 10.22
N VAL G 208 45.94 28.07 10.60
CA VAL G 208 47.20 27.65 9.94
C VAL G 208 46.82 26.88 8.67
N SER G 209 47.17 27.46 7.53
CA SER G 209 46.92 26.90 6.20
C SER G 209 47.57 25.51 6.03
N LEU G 210 46.76 24.53 5.63
CA LEU G 210 47.23 23.14 5.45
C LEU G 210 48.00 22.90 4.12
N LYS G 211 47.60 23.62 3.08
CA LYS G 211 48.31 23.65 1.79
C LYS G 211 49.70 24.32 1.87
N THR G 212 49.88 25.30 2.77
CA THR G 212 51.20 25.89 3.01
C THR G 212 52.09 24.81 3.63
N LEU G 213 51.52 24.07 4.57
CA LEU G 213 52.24 23.15 5.45
C LEU G 213 52.64 21.85 4.75
N HIS G 214 51.94 21.55 3.66
CA HIS G 214 51.95 20.25 2.99
C HIS G 214 51.61 20.49 1.51
N PRO G 215 52.56 21.04 0.74
CA PRO G 215 52.29 21.58 -0.61
C PRO G 215 51.56 20.62 -1.59
N ASP G 216 51.66 19.32 -1.35
CA ASP G 216 51.04 18.30 -2.21
C ASP G 216 49.55 18.02 -1.91
N LEU G 217 49.01 18.60 -0.84
CA LEU G 217 47.58 18.52 -0.55
C LEU G 217 46.79 18.83 -1.81
N GLY G 218 45.87 17.94 -2.18
CA GLY G 218 45.04 18.12 -3.38
C GLY G 218 45.56 17.33 -4.57
N THR G 219 46.87 17.13 -4.65
CA THR G 219 47.48 16.49 -5.82
C THR G 219 47.38 14.96 -5.80
N ASP G 220 47.75 14.35 -6.92
CA ASP G 220 47.70 12.90 -7.08
C ASP G 220 48.95 12.21 -6.53
N LYS G 221 50.04 12.96 -6.38
CA LYS G 221 51.26 12.39 -5.81
C LYS G 221 51.20 12.27 -4.29
N ASP G 222 50.22 12.96 -3.69
CA ASP G 222 50.11 13.09 -2.22
C ASP G 222 50.16 11.75 -1.51
N LYS G 223 51.22 11.57 -0.71
CA LYS G 223 51.47 10.33 0.01
C LYS G 223 50.32 9.97 0.97
N GLU G 224 49.69 10.98 1.61
CA GLU G 224 48.51 10.78 2.47
C GLU G 224 47.17 10.90 1.71
N GLN G 225 47.28 10.96 0.39
CA GLN G 225 46.14 11.02 -0.53
C GLN G 225 44.90 11.74 0.02
N TRP G 226 44.99 13.07 0.14
CA TRP G 226 43.89 13.90 0.69
C TRP G 226 42.78 14.22 -0.29
N LYS G 227 43.07 14.15 -1.59
CA LYS G 227 42.07 14.26 -2.64
C LYS G 227 40.90 13.29 -2.40
N GLU G 228 41.20 12.13 -1.79
CA GLU G 228 40.18 11.10 -1.42
C GLU G 228 39.02 11.67 -0.59
N VAL G 229 39.34 12.64 0.29
CA VAL G 229 38.33 13.24 1.17
C VAL G 229 37.22 13.79 0.30
N HIS G 230 37.59 14.51 -0.75
CA HIS G 230 36.62 15.03 -1.69
C HIS G 230 35.89 13.90 -2.38
N LYS G 231 36.62 12.92 -2.91
CA LYS G 231 35.99 11.76 -3.54
C LYS G 231 34.94 11.16 -2.57
N GLN G 232 35.33 10.98 -1.30
CA GLN G 232 34.41 10.48 -0.23
C GLN G 232 33.23 11.38 0.06
N VAL G 233 33.47 12.69 0.08
CA VAL G 233 32.39 13.63 0.18
C VAL G 233 31.42 13.40 -0.95
N VAL G 234 31.95 13.25 -2.15
CA VAL G 234 31.14 13.06 -3.34
C VAL G 234 30.36 11.73 -3.36
N GLU G 235 30.90 10.69 -2.74
CA GLU G 235 30.28 9.36 -2.77
C GLU G 235 29.47 8.97 -1.51
N SER G 236 29.37 9.88 -0.53
N SER G 236 29.36 9.89 -0.55
CA SER G 236 28.85 9.51 0.77
CA SER G 236 28.83 9.55 0.77
C SER G 236 27.32 9.24 0.77
C SER G 236 27.33 9.23 0.73
N ALA G 237 26.56 10.01 0.00
CA ALA G 237 25.12 9.72 -0.17
C ALA G 237 24.98 8.31 -0.80
N TYR G 238 25.56 8.11 -1.98
CA TYR G 238 25.51 6.80 -2.62
C TYR G 238 25.89 5.67 -1.61
N GLU G 239 26.93 5.88 -0.81
CA GLU G 239 27.45 4.86 0.14
C GLU G 239 26.55 4.55 1.32
N VAL G 240 25.89 5.59 1.83
CA VAL G 240 24.80 5.43 2.81
C VAL G 240 23.55 4.77 2.16
N ILE G 241 23.13 5.31 1.01
CA ILE G 241 22.00 4.78 0.28
C ILE G 241 22.18 3.29 0.07
N LYS G 242 23.33 2.91 -0.46
CA LYS G 242 23.63 1.50 -0.67
C LYS G 242 23.47 0.67 0.63
N LEU G 243 23.81 1.24 1.79
CA LEU G 243 23.83 0.51 3.07
C LEU G 243 22.50 0.48 3.85
N LYS G 244 21.78 1.59 3.89
CA LYS G 244 20.50 1.64 4.61
C LYS G 244 19.30 2.03 3.70
N GLY G 245 19.55 2.32 2.43
CA GLY G 245 18.48 2.49 1.45
C GLY G 245 18.20 3.93 1.06
N TYR G 246 18.34 4.84 2.02
CA TYR G 246 18.14 6.29 1.79
C TYR G 246 19.12 7.03 2.71
N THR G 247 19.24 8.34 2.57
CA THR G 247 19.91 9.18 3.58
C THR G 247 18.85 10.11 4.15
N SER G 248 19.07 10.61 5.37
CA SER G 248 18.06 11.47 5.98
C SER G 248 18.59 12.32 7.09
N TRP G 249 19.34 11.76 8.04
CA TRP G 249 19.72 12.52 9.26
C TRP G 249 20.64 13.69 8.98
N ALA G 250 21.67 13.46 8.17
CA ALA G 250 22.69 14.50 7.94
C ALA G 250 22.12 15.67 7.15
N ILE G 251 21.33 15.32 6.13
CA ILE G 251 20.67 16.31 5.31
C ILE G 251 19.74 17.12 6.21
N GLY G 252 19.01 16.47 7.09
CA GLY G 252 18.05 17.14 8.00
C GLY G 252 18.66 18.14 8.97
N LEU G 253 19.73 17.70 9.64
CA LEU G 253 20.50 18.53 10.56
C LEU G 253 21.13 19.72 9.83
N SER G 254 21.57 19.49 8.59
CA SER G 254 22.21 20.51 7.78
C SER G 254 21.17 21.56 7.36
N VAL G 255 20.02 21.09 6.87
CA VAL G 255 18.95 21.96 6.47
C VAL G 255 18.48 22.76 7.68
N ALA G 256 18.44 22.14 8.85
CA ALA G 256 18.00 22.84 10.06
C ALA G 256 18.94 23.99 10.41
N ASP G 257 20.24 23.76 10.25
CA ASP G 257 21.28 24.78 10.42
C ASP G 257 21.02 25.98 9.50
N LEU G 258 20.87 25.75 8.19
CA LEU G 258 20.50 26.83 7.26
C LEU G 258 19.26 27.63 7.76
N ALA G 259 18.27 26.91 8.27
CA ALA G 259 17.07 27.54 8.80
C ALA G 259 17.35 28.41 10.05
N GLU G 260 18.23 27.93 10.92
CA GLU G 260 18.66 28.75 12.03
C GLU G 260 19.25 30.08 11.55
N SER G 261 20.09 30.04 10.52
CA SER G 261 20.71 31.29 10.08
C SER G 261 19.68 32.22 9.45
N ILE G 262 18.70 31.65 8.78
CA ILE G 262 17.67 32.44 8.11
C ILE G 262 16.68 33.00 9.12
N MET G 263 16.15 32.13 9.96
CA MET G 263 15.13 32.52 10.90
C MET G 263 15.66 33.49 11.98
N LYS G 264 16.85 33.28 12.51
CA LYS G 264 17.32 34.16 13.57
C LYS G 264 18.28 35.26 13.05
N ASN G 265 18.26 35.50 11.73
CA ASN G 265 19.08 36.54 11.07
C ASN G 265 20.56 36.56 11.47
N LEU G 266 21.20 35.41 11.43
CA LEU G 266 22.49 35.30 12.04
C LEU G 266 23.61 35.88 11.20
N ARG G 267 23.37 36.07 9.90
CA ARG G 267 24.45 36.44 8.97
C ARG G 267 25.72 35.57 9.10
N ARG G 268 25.50 34.25 9.18
CA ARG G 268 26.55 33.26 9.03
C ARG G 268 26.74 32.97 7.56
N VAL G 269 27.87 32.33 7.25
CA VAL G 269 28.31 32.10 5.89
C VAL G 269 28.19 30.62 5.63
N HIS G 270 27.41 30.24 4.62
CA HIS G 270 27.24 28.86 4.22
C HIS G 270 27.48 28.72 2.72
N PRO G 271 28.05 27.58 2.28
CA PRO G 271 28.19 27.38 0.86
C PRO G 271 26.91 26.78 0.32
N VAL G 272 26.03 27.66 -0.19
CA VAL G 272 24.68 27.30 -0.64
C VAL G 272 24.52 27.75 -2.08
N SER G 273 23.52 27.21 -2.76
CA SER G 273 23.42 27.44 -4.18
C SER G 273 22.71 28.74 -4.47
N THR G 274 23.48 29.74 -4.92
CA THR G 274 22.94 31.04 -5.31
C THR G 274 23.27 31.33 -6.77
N MET G 275 22.81 32.46 -7.32
CA MET G 275 23.14 32.81 -8.70
C MET G 275 24.46 33.56 -8.88
N ILE G 276 25.41 32.97 -9.60
CA ILE G 276 26.75 33.57 -9.79
C ILE G 276 26.99 34.19 -11.16
N LYS G 277 25.94 34.70 -11.80
CA LYS G 277 26.07 35.45 -13.05
C LYS G 277 26.93 36.67 -12.81
N GLY G 278 28.01 36.84 -13.58
CA GLY G 278 28.94 37.96 -13.43
C GLY G 278 30.21 37.60 -12.68
N LEU G 279 30.08 36.76 -11.65
CA LEU G 279 31.23 36.25 -10.89
C LEU G 279 31.91 35.08 -11.63
N TYR G 280 33.23 34.99 -11.49
CA TYR G 280 34.09 33.97 -12.12
C TYR G 280 33.99 33.84 -13.65
N GLY G 281 33.78 34.97 -14.33
CA GLY G 281 33.68 34.99 -15.80
C GLY G 281 32.51 34.18 -16.34
N ILE G 282 31.50 33.95 -15.49
CA ILE G 282 30.31 33.14 -15.82
C ILE G 282 29.19 34.06 -16.28
N LYS G 283 28.61 33.78 -17.44
CA LYS G 283 27.72 34.74 -18.10
C LYS G 283 26.25 34.33 -18.25
N ASP G 284 25.92 33.10 -17.87
CA ASP G 284 24.57 32.59 -18.03
C ASP G 284 23.87 32.53 -16.69
N ASP G 285 22.53 32.45 -16.72
CA ASP G 285 21.68 32.46 -15.53
C ASP G 285 21.78 31.13 -14.81
N VAL G 286 22.70 31.02 -13.88
CA VAL G 286 23.06 29.72 -13.37
C VAL G 286 23.28 29.79 -11.88
N PHE G 287 22.90 28.73 -11.16
CA PHE G 287 23.02 28.65 -9.72
C PHE G 287 24.12 27.67 -9.30
N LEU G 288 25.03 28.16 -8.48
CA LEU G 288 26.16 27.39 -7.96
C LEU G 288 26.47 27.76 -6.51
N SER G 289 27.07 26.84 -5.77
CA SER G 289 27.30 27.07 -4.34
C SER G 289 28.60 27.85 -4.21
N VAL G 290 28.67 28.68 -3.18
CA VAL G 290 29.61 29.79 -3.09
C VAL G 290 29.31 30.34 -1.69
N PRO G 291 30.34 30.75 -0.92
CA PRO G 291 29.91 31.07 0.45
C PRO G 291 29.04 32.33 0.51
N CYS G 292 27.83 32.17 1.06
CA CYS G 292 26.81 33.22 1.09
C CYS G 292 26.46 33.53 2.54
N ILE G 293 26.15 34.80 2.77
CA ILE G 293 25.78 35.31 4.09
C ILE G 293 24.29 35.22 4.21
N LEU G 294 23.84 34.29 5.04
CA LEU G 294 22.42 34.01 5.21
C LEU G 294 21.81 34.80 6.35
N GLY G 295 20.64 35.35 6.12
CA GLY G 295 19.89 36.01 7.18
C GLY G 295 18.42 36.06 6.83
N GLN G 296 17.70 36.97 7.43
CA GLN G 296 16.26 36.96 7.25
C GLN G 296 15.79 37.39 5.87
N ASN G 297 16.63 38.07 5.09
CA ASN G 297 16.28 38.37 3.70
C ASN G 297 16.82 37.29 2.73
N GLY G 298 17.23 36.18 3.30
CA GLY G 298 17.83 35.10 2.56
C GLY G 298 19.29 35.40 2.39
N ILE G 299 19.74 35.44 1.14
CA ILE G 299 21.15 35.67 0.80
C ILE G 299 21.40 37.16 0.56
N SER G 300 22.13 37.81 1.46
CA SER G 300 22.27 39.27 1.40
C SER G 300 23.50 39.69 0.65
N ASP G 301 24.49 38.80 0.67
CA ASP G 301 25.88 39.07 0.34
C ASP G 301 26.52 37.73 0.09
N LEU G 302 27.56 37.72 -0.71
CA LEU G 302 28.32 36.49 -0.86
C LEU G 302 29.79 36.79 -0.85
N VAL G 303 30.58 35.78 -0.53
CA VAL G 303 32.03 35.91 -0.43
C VAL G 303 32.71 35.55 -1.76
N LYS G 304 33.62 36.42 -2.19
CA LYS G 304 34.33 36.24 -3.44
C LYS G 304 35.58 35.45 -3.16
N VAL G 305 35.47 34.13 -3.25
CA VAL G 305 36.60 33.25 -2.94
C VAL G 305 37.58 33.25 -4.10
N THR G 306 38.87 33.37 -3.75
CA THR G 306 39.96 33.36 -4.71
C THR G 306 40.24 31.93 -5.15
N LEU G 307 40.25 31.72 -6.46
CA LEU G 307 40.28 30.39 -7.03
C LEU G 307 41.38 30.28 -8.03
N THR G 308 42.06 29.13 -8.09
CA THR G 308 43.14 28.89 -9.05
C THR G 308 42.42 28.66 -10.37
N SER G 309 43.00 29.02 -11.51
CA SER G 309 42.24 28.92 -12.77
C SER G 309 41.82 27.47 -13.14
N GLU G 310 42.53 26.46 -12.63
CA GLU G 310 42.04 25.06 -12.57
C GLU G 310 40.63 24.99 -11.96
N GLU G 311 40.47 25.67 -10.82
CA GLU G 311 39.22 25.71 -10.06
C GLU G 311 38.19 26.64 -10.72
N GLU G 312 38.62 27.81 -11.16
CA GLU G 312 37.74 28.75 -11.85
C GLU G 312 37.18 28.11 -13.10
N ALA G 313 37.98 27.26 -13.74
CA ALA G 313 37.53 26.48 -14.90
C ALA G 313 36.43 25.45 -14.57
N ARG G 314 36.58 24.73 -13.47
CA ARG G 314 35.60 23.68 -13.12
C ARG G 314 34.23 24.35 -13.06
N LEU G 315 34.17 25.53 -12.43
CA LEU G 315 32.93 26.31 -12.30
C LEU G 315 32.35 26.77 -13.62
N LYS G 316 33.17 27.34 -14.49
CA LYS G 316 32.69 27.77 -15.81
C LYS G 316 32.10 26.58 -16.63
N LYS G 317 32.63 25.37 -16.45
CA LYS G 317 32.16 24.18 -17.17
C LYS G 317 30.87 23.60 -16.54
N SER G 318 30.78 23.64 -15.21
CA SER G 318 29.53 23.30 -14.54
C SER G 318 28.41 24.24 -15.04
N ALA G 319 28.72 25.52 -15.15
CA ALA G 319 27.75 26.50 -15.58
C ALA G 319 27.35 26.27 -17.03
N ASP G 320 28.31 25.92 -17.88
CA ASP G 320 28.00 25.59 -19.28
C ASP G 320 27.04 24.41 -19.35
N THR G 321 27.33 23.35 -18.60
CA THR G 321 26.47 22.17 -18.55
C THR G 321 25.07 22.55 -18.06
N LEU G 322 25.00 23.14 -16.87
CA LEU G 322 23.73 23.59 -16.33
C LEU G 322 22.95 24.39 -17.36
N TRP G 323 23.55 25.43 -17.92
CA TRP G 323 22.83 26.26 -18.87
C TRP G 323 22.40 25.45 -20.09
N GLY G 324 23.21 24.49 -20.51
CA GLY G 324 22.91 23.67 -21.69
C GLY G 324 21.59 22.94 -21.55
N ILE G 325 21.37 22.44 -20.33
CA ILE G 325 20.09 21.87 -19.92
C ILE G 325 19.02 22.94 -19.76
N GLN G 326 19.30 23.97 -18.97
CA GLN G 326 18.28 24.98 -18.68
C GLN G 326 17.70 25.65 -19.92
N LYS G 327 18.49 25.89 -20.95
CA LYS G 327 17.93 26.52 -22.14
C LYS G 327 16.98 25.62 -22.90
N GLU G 328 16.76 24.38 -22.46
CA GLU G 328 15.77 23.50 -23.11
C GLU G 328 14.50 23.26 -22.26
N LEU G 329 14.51 23.73 -21.02
CA LEU G 329 13.37 23.56 -20.16
C LEU G 329 12.16 24.35 -20.67
N GLN G 330 10.95 23.93 -20.29
CA GLN G 330 9.71 24.62 -20.69
C GLN G 330 8.81 24.89 -19.51
N PHE G 331 8.29 26.13 -19.43
CA PHE G 331 7.71 26.67 -18.19
C PHE G 331 6.27 27.16 -18.35
N ALA H 1 57.47 13.92 8.19
CA ALA H 1 56.37 13.73 9.17
C ALA H 1 55.02 13.86 8.47
N THR H 2 54.02 13.19 9.00
CA THR H 2 52.67 13.31 8.48
C THR H 2 52.13 14.74 8.77
N LEU H 3 51.04 15.11 8.13
CA LEU H 3 50.45 16.45 8.32
C LEU H 3 49.94 16.60 9.75
N LYS H 4 49.21 15.60 10.23
CA LYS H 4 48.73 15.60 11.60
C LYS H 4 49.85 15.96 12.61
N ASP H 5 51.00 15.30 12.52
CA ASP H 5 52.18 15.63 13.34
C ASP H 5 52.73 17.06 13.18
N GLN H 6 52.65 17.60 11.97
CA GLN H 6 53.17 18.94 11.70
C GLN H 6 52.26 19.98 12.30
N LEU H 7 50.96 19.73 12.19
CA LEU H 7 49.93 20.64 12.67
C LEU H 7 49.84 20.60 14.18
N ILE H 8 49.83 19.38 14.72
CA ILE H 8 49.40 19.14 16.10
C ILE H 8 50.45 18.41 16.92
N TYR H 9 50.93 19.05 17.98
CA TYR H 9 51.80 18.36 18.93
C TYR H 9 50.96 17.70 20.04
N ASN H 10 51.28 16.46 20.36
CA ASN H 10 50.52 15.61 21.30
C ASN H 10 51.01 15.70 22.75
N LEU H 11 50.13 15.50 23.72
CA LEU H 11 50.53 15.45 25.14
C LEU H 11 50.30 14.08 25.79
N LEU H 12 49.27 13.34 25.39
CA LEU H 12 48.92 12.10 26.08
C LEU H 12 48.16 11.03 25.25
N LYS H 13 48.38 9.77 25.64
CA LYS H 13 47.97 8.55 24.91
C LYS H 13 46.46 8.41 24.75
N GLU H 14 46.08 7.50 23.85
CA GLU H 14 44.69 6.95 23.74
C GLU H 14 44.09 6.58 25.10
N GLU H 15 43.79 7.61 25.88
CA GLU H 15 43.46 7.45 27.31
C GLU H 15 41.95 7.37 27.56
N GLN H 16 41.18 7.59 26.49
CA GLN H 16 39.73 7.89 26.62
C GLN H 16 38.93 6.76 27.29
N THR H 17 38.23 7.09 28.36
CA THR H 17 37.22 6.20 28.90
C THR H 17 35.91 6.98 29.08
N PRO H 18 34.83 6.54 28.41
CA PRO H 18 33.66 7.39 28.09
C PRO H 18 32.78 7.65 29.30
N GLN H 19 32.32 8.89 29.51
CA GLN H 19 31.70 9.24 30.81
C GLN H 19 30.17 9.27 30.87
N ASN H 20 29.54 9.72 29.79
CA ASN H 20 28.08 9.78 29.74
C ASN H 20 27.50 9.10 28.50
N LYS H 21 27.89 7.84 28.34
CA LYS H 21 27.55 7.01 27.18
C LYS H 21 26.18 6.39 27.27
N ILE H 22 25.50 6.31 26.13
CA ILE H 22 24.19 5.66 26.00
C ILE H 22 24.16 4.67 24.82
N THR H 23 23.73 3.43 25.07
CA THR H 23 23.46 2.51 23.98
C THR H 23 21.97 2.44 23.66
N VAL H 24 21.66 2.39 22.37
CA VAL H 24 20.31 2.08 21.91
C VAL H 24 20.38 0.79 21.11
N VAL H 25 19.65 -0.22 21.56
CA VAL H 25 19.61 -1.52 20.91
C VAL H 25 18.42 -1.60 19.96
N GLY H 26 18.76 -1.74 18.68
CA GLY H 26 17.79 -1.88 17.61
C GLY H 26 17.68 -0.57 16.85
N VAL H 27 17.89 -0.61 15.54
CA VAL H 27 17.76 0.60 14.71
C VAL H 27 16.57 0.54 13.75
N GLY H 28 15.44 0.09 14.29
CA GLY H 28 14.18 0.31 13.63
C GLY H 28 13.88 1.80 13.67
N ALA H 29 12.66 2.15 13.27
CA ALA H 29 12.19 3.51 13.36
C ALA H 29 12.21 4.06 14.78
N VAL H 30 11.82 3.22 15.73
CA VAL H 30 11.70 3.62 17.12
C VAL H 30 13.10 3.83 17.67
N GLY H 31 14.00 2.92 17.32
CA GLY H 31 15.37 2.97 17.80
C GLY H 31 16.06 4.23 17.35
N MET H 32 15.97 4.51 16.05
CA MET H 32 16.60 5.71 15.46
C MET H 32 15.94 7.01 15.87
N ALA H 33 14.65 6.97 16.20
CA ALA H 33 14.01 8.16 16.72
C ALA H 33 14.51 8.45 18.12
N CYS H 34 14.81 7.42 18.92
CA CYS H 34 15.45 7.67 20.21
C CYS H 34 16.83 8.22 19.91
N ALA H 35 17.54 7.56 19.03
CA ALA H 35 18.90 7.94 18.75
C ALA H 35 19.03 9.42 18.38
N ILE H 36 18.22 9.90 17.44
CA ILE H 36 18.30 11.30 16.99
C ILE H 36 17.88 12.29 18.09
N SER H 37 16.85 11.93 18.87
CA SER H 37 16.28 12.80 19.91
C SER H 37 17.28 13.00 21.03
N ILE H 38 17.93 11.92 21.43
CA ILE H 38 19.02 11.95 22.39
C ILE H 38 20.22 12.78 21.90
N LEU H 39 20.59 12.61 20.63
CA LEU H 39 21.68 13.35 19.99
C LEU H 39 21.47 14.85 20.03
N MET H 40 20.27 15.26 19.66
CA MET H 40 19.87 16.68 19.71
C MET H 40 19.55 17.22 21.09
N LYS H 41 19.58 16.39 22.13
CA LYS H 41 19.35 16.89 23.49
C LYS H 41 20.62 16.88 24.30
N ASP H 42 21.72 16.59 23.62
CA ASP H 42 23.02 16.63 24.27
C ASP H 42 22.99 15.89 25.61
N LEU H 43 22.58 14.63 25.63
CA LEU H 43 22.54 13.87 26.89
C LEU H 43 23.72 12.93 27.03
N ALA H 44 24.46 12.74 25.93
CA ALA H 44 25.49 11.72 25.86
C ALA H 44 26.73 12.28 25.22
N ASP H 45 27.91 11.84 25.69
CA ASP H 45 29.22 12.09 25.03
C ASP H 45 29.66 10.92 24.14
N GLU H 46 28.95 9.80 24.24
CA GLU H 46 29.08 8.69 23.29
C GLU H 46 27.75 7.96 23.10
N LEU H 47 27.40 7.68 21.85
CA LEU H 47 26.21 6.90 21.52
C LEU H 47 26.65 5.65 20.77
N ALA H 48 26.20 4.48 21.22
CA ALA H 48 26.43 3.22 20.50
C ALA H 48 25.12 2.62 20.05
N LEU H 49 25.10 2.10 18.82
CA LEU H 49 23.92 1.45 18.25
C LEU H 49 24.24 -0.01 18.01
N VAL H 50 23.33 -0.91 18.39
CA VAL H 50 23.51 -2.35 18.07
C VAL H 50 22.25 -2.93 17.45
N ASP H 51 22.44 -3.74 16.40
CA ASP H 51 21.34 -4.48 15.76
C ASP H 51 21.93 -5.73 15.15
N VAL H 52 21.11 -6.51 14.45
CA VAL H 52 21.61 -7.71 13.75
C VAL H 52 21.90 -7.44 12.27
N ILE H 53 21.21 -6.49 11.65
CA ILE H 53 21.45 -6.21 10.23
C ILE H 53 22.66 -5.25 10.13
N GLU H 54 23.78 -5.77 9.63
CA GLU H 54 25.06 -5.03 9.59
C GLU H 54 25.05 -3.77 8.71
N ASP H 55 24.35 -3.82 7.58
CA ASP H 55 24.39 -2.75 6.59
C ASP H 55 23.55 -1.57 7.02
N LYS H 56 22.29 -1.85 7.32
CA LYS H 56 21.38 -0.91 7.97
C LYS H 56 22.05 -0.17 9.15
N LEU H 57 22.86 -0.90 9.90
CA LEU H 57 23.48 -0.38 11.11
C LEU H 57 24.69 0.52 10.79
N LYS H 58 25.55 0.07 9.88
CA LYS H 58 26.65 0.88 9.40
C LYS H 58 26.14 2.20 8.74
N GLY H 59 25.07 2.05 7.94
CA GLY H 59 24.44 3.18 7.28
C GLY H 59 23.83 4.24 8.20
N GLU H 60 23.11 3.83 9.23
CA GLU H 60 22.51 4.77 10.16
C GLU H 60 23.64 5.51 10.86
N MET H 61 24.63 4.76 11.34
CA MET H 61 25.82 5.31 12.00
C MET H 61 26.57 6.32 11.12
N MET H 62 26.93 5.95 9.88
CA MET H 62 27.56 6.92 8.96
C MET H 62 26.69 8.18 8.77
N ASP H 63 25.38 8.00 8.61
CA ASP H 63 24.49 9.11 8.35
C ASP H 63 24.58 10.12 9.50
N LEU H 64 24.42 9.62 10.73
CA LEU H 64 24.48 10.50 11.89
C LEU H 64 25.86 11.13 12.02
N GLN H 65 26.90 10.32 11.77
CA GLN H 65 28.30 10.78 11.81
C GLN H 65 28.57 11.95 10.91
N HIS H 66 28.01 11.91 9.70
CA HIS H 66 28.14 13.01 8.74
C HIS H 66 27.48 14.31 9.25
N GLY H 67 26.51 14.20 10.15
CA GLY H 67 25.93 15.38 10.77
C GLY H 67 26.69 15.93 11.96
N SER H 68 27.82 15.33 12.34
CA SER H 68 28.57 15.71 13.56
C SER H 68 28.83 17.20 13.80
N LEU H 69 29.02 17.97 12.73
CA LEU H 69 29.28 19.41 12.83
C LEU H 69 28.16 20.15 13.55
N PHE H 70 26.97 19.56 13.46
CA PHE H 70 25.75 20.13 14.01
C PHE H 70 25.44 19.62 15.42
N LEU H 71 26.25 18.70 15.94
CA LEU H 71 25.96 18.05 17.22
C LEU H 71 27.08 18.18 18.27
N ARG H 72 26.79 17.76 19.48
CA ARG H 72 27.71 17.93 20.59
C ARG H 72 27.95 16.57 21.28
N THR H 73 28.03 15.54 20.43
CA THR H 73 28.09 14.17 20.84
C THR H 73 29.17 13.50 19.99
N PRO H 74 30.46 13.61 20.43
CA PRO H 74 31.67 13.43 19.60
C PRO H 74 32.03 12.03 19.17
N LYS H 75 31.33 11.01 19.63
CA LYS H 75 31.67 9.67 19.17
C LYS H 75 30.42 8.85 18.98
N ILE H 76 30.23 8.36 17.77
CA ILE H 76 29.09 7.52 17.48
C ILE H 76 29.58 6.18 16.93
N VAL H 77 29.07 5.07 17.45
CA VAL H 77 29.58 3.77 17.05
C VAL H 77 28.50 2.71 16.92
N SER H 78 28.85 1.63 16.22
CA SER H 78 27.93 0.54 16.01
C SER H 78 28.61 -0.79 15.71
N GLY H 79 27.85 -1.86 15.87
CA GLY H 79 28.30 -3.20 15.50
C GLY H 79 27.25 -4.19 15.93
N LYS H 80 27.31 -5.40 15.38
CA LYS H 80 26.46 -6.51 15.85
C LYS H 80 27.04 -7.02 17.17
N ASP H 81 28.33 -6.77 17.36
CA ASP H 81 29.05 -7.15 18.58
C ASP H 81 28.81 -6.18 19.75
N TYR H 82 28.37 -6.75 20.87
CA TYR H 82 27.95 -5.97 22.02
C TYR H 82 29.10 -5.33 22.77
N ASN H 83 30.34 -5.66 22.39
CA ASN H 83 31.46 -4.93 22.98
C ASN H 83 31.41 -3.41 22.73
N VAL H 84 30.70 -2.99 21.69
CA VAL H 84 30.61 -1.58 21.36
C VAL H 84 29.74 -0.83 22.38
N THR H 85 29.12 -1.54 23.30
CA THR H 85 28.23 -0.92 24.26
C THR H 85 28.89 -0.76 25.64
N ALA H 86 30.20 -1.02 25.69
CA ALA H 86 30.93 -1.10 26.96
C ALA H 86 30.87 0.21 27.75
N ASN H 87 30.51 0.11 29.02
CA ASN H 87 30.41 1.26 29.94
C ASN H 87 29.26 2.18 29.67
N SER H 88 28.21 1.71 29.02
CA SER H 88 27.04 2.56 28.86
C SER H 88 26.48 2.86 30.26
N LYS H 89 26.01 4.08 30.48
CA LYS H 89 25.27 4.41 31.72
C LYS H 89 23.85 3.91 31.60
N LEU H 90 23.32 4.08 30.39
CA LEU H 90 21.96 3.78 30.06
C LEU H 90 22.00 2.91 28.83
N VAL H 91 21.17 1.88 28.80
CA VAL H 91 21.02 1.05 27.62
C VAL H 91 19.53 0.91 27.39
N ILE H 92 19.12 1.25 26.16
CA ILE H 92 17.72 1.35 25.78
C ILE H 92 17.38 0.24 24.79
N ILE H 93 16.49 -0.66 25.18
CA ILE H 93 16.16 -1.81 24.35
C ILE H 93 14.88 -1.53 23.58
N THR H 94 14.98 -1.60 22.25
CA THR H 94 13.81 -1.50 21.34
C THR H 94 13.64 -2.75 20.49
N ALA H 95 14.55 -3.70 20.65
CA ALA H 95 14.54 -4.94 19.89
C ALA H 95 13.40 -5.82 20.31
N GLY H 96 12.93 -6.63 19.40
CA GLY H 96 11.88 -7.60 19.70
C GLY H 96 11.56 -8.36 18.44
N ALA H 97 10.52 -9.18 18.49
CA ALA H 97 10.12 -9.99 17.35
C ALA H 97 8.93 -9.32 16.71
N ARG H 98 8.81 -9.47 15.40
CA ARG H 98 7.68 -8.91 14.66
C ARG H 98 6.48 -9.82 14.87
N GLN H 99 5.30 -9.23 14.99
CA GLN H 99 4.11 -10.02 15.21
C GLN H 99 3.79 -10.79 13.94
N GLN H 100 3.05 -11.91 14.09
CA GLN H 100 2.58 -12.69 12.94
C GLN H 100 1.11 -13.13 13.15
N GLU H 101 0.39 -13.38 12.08
CA GLU H 101 -1.09 -13.40 12.10
C GLU H 101 -1.84 -14.45 12.88
N GLY H 102 -1.36 -15.66 12.93
CA GLY H 102 -2.09 -16.63 13.70
C GLY H 102 -1.57 -16.78 15.10
N GLU H 103 -0.64 -15.92 15.50
CA GLU H 103 0.20 -16.24 16.64
C GLU H 103 -0.56 -16.00 17.92
N SER H 104 -0.47 -16.94 18.86
CA SER H 104 -1.04 -16.74 20.18
C SER H 104 -0.21 -15.70 20.91
N ARG H 105 -0.83 -15.05 21.88
CA ARG H 105 -0.17 -13.97 22.58
C ARG H 105 1.01 -14.53 23.40
N LEU H 106 0.78 -15.70 24.00
CA LEU H 106 1.80 -16.40 24.77
C LEU H 106 3.00 -16.64 23.85
N ASN H 107 2.72 -17.22 22.71
CA ASN H 107 3.75 -17.53 21.72
C ASN H 107 4.60 -16.31 21.32
N LEU H 108 3.99 -15.14 21.21
CA LEU H 108 4.73 -13.94 20.77
C LEU H 108 5.75 -13.54 21.82
N VAL H 109 5.26 -13.34 23.03
CA VAL H 109 6.06 -13.06 24.21
C VAL H 109 7.25 -14.03 24.31
N GLN H 110 7.01 -15.31 24.00
CA GLN H 110 8.07 -16.31 24.03
C GLN H 110 9.17 -16.02 23.03
N ARG H 111 8.81 -15.61 21.82
CA ARG H 111 9.81 -15.32 20.79
C ARG H 111 10.63 -14.14 21.23
N ASN H 112 9.98 -13.15 21.84
CA ASN H 112 10.64 -11.99 22.41
C ASN H 112 11.56 -12.32 23.58
N VAL H 113 11.15 -13.31 24.38
CA VAL H 113 11.94 -13.76 25.52
C VAL H 113 13.23 -14.42 25.06
N ASN H 114 13.15 -15.26 24.04
CA ASN H 114 14.35 -15.92 23.52
C ASN H 114 15.33 -14.92 22.90
N ILE H 115 14.82 -13.80 22.39
CA ILE H 115 15.70 -12.73 21.93
C ILE H 115 16.40 -12.10 23.14
N PHE H 116 15.61 -11.62 24.09
CA PHE H 116 16.14 -11.04 25.30
C PHE H 116 17.15 -11.99 25.94
N LYS H 117 16.90 -13.29 25.85
CA LYS H 117 17.86 -14.28 26.36
C LYS H 117 19.25 -14.13 25.74
N PHE H 118 19.35 -13.62 24.52
CA PHE H 118 20.65 -13.33 23.89
C PHE H 118 21.13 -11.91 24.14
N ILE H 119 20.21 -10.96 24.06
CA ILE H 119 20.57 -9.56 24.26
C ILE H 119 20.98 -9.36 25.71
N ILE H 120 20.05 -9.58 26.63
CA ILE H 120 20.21 -9.06 27.98
C ILE H 120 21.53 -9.48 28.64
N PRO H 121 21.90 -10.77 28.55
CA PRO H 121 23.21 -11.15 29.09
C PRO H 121 24.34 -10.34 28.47
N ASN H 122 24.38 -10.20 27.15
CA ASN H 122 25.45 -9.43 26.50
C ASN H 122 25.49 -7.97 26.95
N VAL H 123 24.32 -7.39 27.20
CA VAL H 123 24.27 -6.03 27.72
C VAL H 123 24.89 -5.93 29.11
N VAL H 124 24.56 -6.87 30.01
CA VAL H 124 25.10 -6.76 31.37
C VAL H 124 26.60 -7.10 31.40
N LYS H 125 27.00 -8.03 30.56
CA LYS H 125 28.41 -8.41 30.45
C LYS H 125 29.27 -7.17 30.20
N TYR H 126 28.88 -6.33 29.25
CA TYR H 126 29.68 -5.14 28.93
C TYR H 126 29.22 -3.86 29.63
N SER H 127 28.11 -3.88 30.35
CA SER H 127 27.70 -2.67 31.08
C SER H 127 27.07 -2.99 32.44
N PRO H 128 27.77 -3.77 33.26
CA PRO H 128 27.17 -4.32 34.48
C PRO H 128 26.50 -3.31 35.40
N ASN H 129 26.89 -2.05 35.32
CA ASN H 129 26.29 -1.01 36.17
C ASN H 129 25.32 -0.07 35.50
N CYS H 130 24.82 -0.44 34.32
CA CYS H 130 23.92 0.44 33.59
C CYS H 130 22.50 0.47 34.18
N LYS H 131 21.69 1.44 33.76
CA LYS H 131 20.24 1.34 33.89
C LYS H 131 19.71 0.77 32.61
N LEU H 132 18.77 -0.16 32.73
CA LEU H 132 18.08 -0.71 31.57
C LEU H 132 16.74 -0.01 31.39
N LEU H 133 16.46 0.35 30.14
CA LEU H 133 15.23 1.04 29.73
C LEU H 133 14.56 0.22 28.61
N ILE H 134 13.52 -0.51 28.95
CA ILE H 134 12.82 -1.35 27.99
C ILE H 134 11.68 -0.58 27.30
N VAL H 135 11.77 -0.53 25.98
CA VAL H 135 10.76 0.10 25.13
C VAL H 135 9.95 -0.98 24.41
N SER H 136 10.65 -2.06 24.06
CA SER H 136 10.08 -3.20 23.36
C SER H 136 8.72 -3.64 23.91
N ASN H 137 7.80 -3.98 23.00
CA ASN H 137 6.47 -4.41 23.38
C ASN H 137 6.27 -5.93 23.36
N PRO H 138 5.33 -6.44 24.18
CA PRO H 138 4.56 -5.76 25.24
C PRO H 138 5.46 -5.33 26.40
N VAL H 139 5.35 -4.09 26.82
CA VAL H 139 6.41 -3.48 27.63
C VAL H 139 6.43 -3.90 29.08
N ASP H 140 5.28 -4.16 29.71
CA ASP H 140 5.29 -4.49 31.15
C ASP H 140 5.74 -5.95 31.36
N ILE H 141 5.64 -6.78 30.32
CA ILE H 141 6.11 -8.17 30.40
C ILE H 141 7.61 -8.26 30.11
N LEU H 142 8.05 -7.63 29.03
CA LEU H 142 9.46 -7.71 28.68
C LEU H 142 10.32 -7.01 29.72
N THR H 143 9.80 -5.98 30.37
CA THR H 143 10.54 -5.33 31.45
C THR H 143 10.75 -6.34 32.59
N TYR H 144 9.75 -7.19 32.84
CA TYR H 144 9.92 -8.31 33.80
C TYR H 144 10.94 -9.34 33.31
N VAL H 145 10.93 -9.62 32.01
CA VAL H 145 11.90 -10.55 31.45
C VAL H 145 13.32 -10.01 31.60
N ALA H 146 13.48 -8.73 31.32
CA ALA H 146 14.81 -8.15 31.33
C ALA H 146 15.33 -8.18 32.73
N TRP H 147 14.43 -8.03 33.69
CA TRP H 147 14.78 -8.03 35.12
C TRP H 147 15.27 -9.40 35.61
N LYS H 148 14.49 -10.45 35.35
CA LYS H 148 14.90 -11.83 35.64
C LYS H 148 16.25 -12.18 34.99
N ILE H 149 16.37 -11.97 33.68
CA ILE H 149 17.58 -12.39 32.96
C ILE H 149 18.82 -11.63 33.46
N SER H 150 18.68 -10.33 33.69
CA SER H 150 19.80 -9.47 34.10
C SER H 150 20.32 -9.68 35.53
N GLY H 151 19.40 -10.01 36.43
CA GLY H 151 19.70 -10.06 37.85
C GLY H 151 19.92 -8.70 38.47
N PHE H 152 19.55 -7.64 37.76
CA PHE H 152 19.78 -6.27 38.25
C PHE H 152 18.75 -6.00 39.33
N PRO H 153 19.11 -5.13 40.30
CA PRO H 153 18.09 -4.64 41.24
C PRO H 153 16.90 -3.98 40.51
N LYS H 154 15.75 -3.93 41.19
CA LYS H 154 14.52 -3.45 40.56
C LYS H 154 14.54 -2.00 40.08
N ASN H 155 15.42 -1.20 40.69
CA ASN H 155 15.54 0.21 40.38
C ASN H 155 16.32 0.52 39.09
N ARG H 156 17.20 -0.39 38.68
CA ARG H 156 17.99 -0.20 37.46
C ARG H 156 17.34 -0.84 36.24
N VAL H 157 16.14 -1.37 36.40
CA VAL H 157 15.40 -1.96 35.28
C VAL H 157 14.06 -1.25 35.14
N ILE H 158 13.98 -0.41 34.12
CA ILE H 158 12.85 0.47 33.87
C ILE H 158 12.18 0.16 32.53
N GLY H 159 10.87 -0.05 32.56
CA GLY H 159 10.07 -0.15 31.33
C GLY H 159 9.42 1.18 31.01
N SER H 160 9.38 1.57 29.73
CA SER H 160 8.83 2.88 29.37
C SER H 160 7.31 3.00 29.61
N GLY H 161 6.63 1.86 29.74
CA GLY H 161 5.25 1.83 30.20
C GLY H 161 4.29 2.87 29.65
N CYS H 162 3.65 3.60 30.57
CA CYS H 162 2.62 4.59 30.23
C CYS H 162 3.16 6.01 30.21
N ASN H 163 4.44 6.16 29.94
CA ASN H 163 5.01 7.48 29.75
C ASN H 163 4.44 8.13 28.47
N LEU H 164 4.54 7.46 27.32
CA LEU H 164 4.06 8.05 26.08
C LEU H 164 2.57 8.19 26.16
N ASP H 165 1.91 7.17 26.73
CA ASP H 165 0.46 7.18 26.95
C ASP H 165 -0.02 8.43 27.66
N SER H 166 0.66 8.81 28.73
CA SER H 166 0.30 9.99 29.48
C SER H 166 0.64 11.29 28.73
N ALA H 167 1.66 11.27 27.88
CA ALA H 167 1.97 12.42 27.04
C ALA H 167 0.86 12.68 25.98
N ARG H 168 0.37 11.60 25.37
CA ARG H 168 -0.74 11.68 24.41
C ARG H 168 -2.00 12.21 25.09
N PHE H 169 -2.18 11.80 26.34
CA PHE H 169 -3.32 12.21 27.15
C PHE H 169 -3.27 13.68 27.46
N ARG H 170 -2.08 14.16 27.77
CA ARG H 170 -1.88 15.57 28.10
C ARG H 170 -2.05 16.43 26.85
N TYR H 171 -1.48 15.97 25.72
CA TYR H 171 -1.75 16.56 24.41
C TYR H 171 -3.26 16.68 24.15
N LEU H 172 -3.97 15.55 24.23
CA LEU H 172 -5.40 15.54 23.87
C LEU H 172 -6.23 16.38 24.82
N MET H 173 -5.84 16.33 26.09
CA MET H 173 -6.47 17.15 27.11
C MET H 173 -6.27 18.62 26.75
N GLY H 174 -5.04 18.95 26.37
CA GLY H 174 -4.66 20.30 25.96
C GLY H 174 -5.40 20.78 24.71
N GLU H 175 -5.53 19.90 23.74
CA GLU H 175 -6.40 20.18 22.59
C GLU H 175 -7.80 20.59 23.07
N ARG H 176 -8.44 19.74 23.88
CA ARG H 176 -9.77 20.07 24.38
C ARG H 176 -9.80 21.44 25.04
N LEU H 177 -8.87 21.69 25.95
CA LEU H 177 -8.93 22.88 26.79
C LEU H 177 -8.38 24.19 26.20
N GLY H 178 -7.67 24.11 25.08
CA GLY H 178 -7.00 25.29 24.50
C GLY H 178 -5.72 25.71 25.24
N VAL H 179 -4.99 24.74 25.78
CA VAL H 179 -3.86 24.99 26.67
C VAL H 179 -2.73 24.03 26.31
N HIS H 180 -1.49 24.45 26.55
CA HIS H 180 -0.33 23.66 26.18
C HIS H 180 -0.22 22.43 27.08
N PRO H 181 0.14 21.26 26.51
CA PRO H 181 0.24 20.03 27.29
C PRO H 181 1.07 20.13 28.56
N LEU H 182 2.12 20.96 28.53
CA LEU H 182 2.93 21.29 29.70
C LEU H 182 2.13 21.76 30.87
N SER H 183 1.05 22.49 30.61
CA SER H 183 0.19 22.98 31.68
C SER H 183 -1.05 22.13 31.96
N CYS H 184 -1.25 21.06 31.20
CA CYS H 184 -2.36 20.14 31.43
C CYS H 184 -1.83 18.92 32.14
N HIS H 185 -2.46 18.52 33.24
CA HIS H 185 -1.96 17.48 34.10
C HIS H 185 -2.94 16.35 34.18
N GLY H 186 -2.42 15.14 34.18
CA GLY H 186 -3.21 13.93 34.02
C GLY H 186 -2.28 12.75 33.88
N TRP H 187 -2.70 11.62 34.46
CA TRP H 187 -1.87 10.43 34.52
C TRP H 187 -2.60 9.18 34.00
N VAL H 188 -1.93 8.47 33.09
CA VAL H 188 -2.35 7.14 32.67
C VAL H 188 -1.41 6.14 33.32
N LEU H 189 -1.97 5.17 34.05
CA LEU H 189 -1.22 4.25 34.93
C LEU H 189 -1.52 2.79 34.66
N GLY H 190 -0.76 1.91 35.30
CA GLY H 190 -0.94 0.47 35.16
C GLY H 190 -0.36 -0.14 33.88
N GLU H 191 -1.10 -1.05 33.28
CA GLU H 191 -0.60 -1.83 32.15
C GLU H 191 -0.73 -1.00 30.88
N HIS H 192 0.32 -1.01 30.06
CA HIS H 192 0.33 -0.32 28.75
C HIS H 192 -0.67 -0.98 27.83
N GLY H 193 -1.49 -0.18 27.14
CA GLY H 193 -2.46 -0.66 26.17
C GLY H 193 -3.93 -0.57 26.61
N ASP H 194 -4.72 -1.57 26.21
CA ASP H 194 -6.18 -1.51 26.31
C ASP H 194 -6.72 -1.31 27.71
N SER H 195 -6.01 -1.79 28.74
CA SER H 195 -6.53 -1.71 30.10
C SER H 195 -5.78 -0.72 31.02
N SER H 196 -4.98 0.17 30.44
CA SER H 196 -4.40 1.27 31.21
C SER H 196 -5.48 2.09 31.92
N VAL H 197 -5.17 2.64 33.09
CA VAL H 197 -6.15 3.41 33.88
C VAL H 197 -5.89 4.94 33.81
N PRO H 198 -6.87 5.71 33.34
CA PRO H 198 -6.80 7.17 33.46
C PRO H 198 -7.26 7.66 34.85
N VAL H 199 -6.35 8.26 35.60
CA VAL H 199 -6.67 8.68 36.98
C VAL H 199 -7.34 10.07 37.00
N TRP H 200 -8.63 10.07 36.65
CA TRP H 200 -9.51 11.27 36.61
C TRP H 200 -9.38 12.24 37.79
N SER H 201 -9.32 11.69 39.02
CA SER H 201 -9.14 12.49 40.26
C SER H 201 -7.98 13.47 40.10
N GLY H 202 -6.82 12.92 39.74
CA GLY H 202 -5.63 13.71 39.47
C GLY H 202 -5.60 14.73 38.34
N MET H 203 -6.48 14.63 37.35
CA MET H 203 -6.48 15.61 36.26
C MET H 203 -6.84 17.01 36.72
N ASN H 204 -5.96 17.96 36.38
CA ASN H 204 -6.01 19.35 36.84
C ASN H 204 -5.35 20.33 35.88
N VAL H 205 -5.69 21.60 36.06
CA VAL H 205 -5.00 22.67 35.37
C VAL H 205 -4.75 23.71 36.44
N ALA H 206 -3.50 24.19 36.52
CA ALA H 206 -3.12 25.14 37.56
C ALA H 206 -3.67 24.74 38.89
N GLY H 207 -3.56 23.46 39.24
CA GLY H 207 -3.98 22.99 40.55
C GLY H 207 -5.47 22.77 40.70
N VAL H 208 -6.29 23.35 39.81
CA VAL H 208 -7.75 23.27 39.97
C VAL H 208 -8.28 22.01 39.31
N SER H 209 -8.82 21.13 40.14
CA SER H 209 -9.24 19.77 39.77
C SER H 209 -10.46 19.72 38.87
N LEU H 210 -10.30 19.03 37.75
CA LEU H 210 -11.32 18.97 36.74
C LEU H 210 -12.50 18.13 37.21
N LYS H 211 -12.18 17.09 37.99
CA LYS H 211 -13.16 16.16 38.61
C LYS H 211 -14.04 16.80 39.70
N THR H 212 -13.50 17.76 40.45
CA THR H 212 -14.30 18.46 41.48
C THR H 212 -15.27 19.45 40.83
N LEU H 213 -14.82 20.01 39.73
CA LEU H 213 -15.45 21.16 39.11
C LEU H 213 -16.61 20.67 38.27
N HIS H 214 -16.54 19.39 37.91
CA HIS H 214 -17.42 18.77 36.96
C HIS H 214 -17.38 17.30 37.34
N PRO H 215 -18.27 16.87 38.27
CA PRO H 215 -18.01 15.57 38.90
C PRO H 215 -18.42 14.39 38.04
N ASP H 216 -19.21 14.64 36.99
CA ASP H 216 -19.54 13.58 36.02
C ASP H 216 -18.32 13.09 35.19
N LEU H 217 -17.21 13.82 35.23
CA LEU H 217 -15.97 13.47 34.50
C LEU H 217 -15.56 12.00 34.58
N GLY H 218 -15.41 11.37 33.41
CA GLY H 218 -14.89 10.01 33.32
C GLY H 218 -15.94 8.94 33.58
N THR H 219 -17.17 9.34 33.88
CA THR H 219 -18.23 8.38 34.07
C THR H 219 -18.92 8.21 32.74
N ASP H 220 -19.80 7.21 32.66
CA ASP H 220 -20.45 6.90 31.40
C ASP H 220 -21.57 7.87 31.07
N LYS H 221 -22.12 8.58 32.06
CA LYS H 221 -23.19 9.54 31.77
C LYS H 221 -22.62 10.92 31.42
N ASP H 222 -21.32 11.13 31.67
CA ASP H 222 -20.59 12.36 31.31
C ASP H 222 -21.08 12.99 30.02
N LYS H 223 -21.90 14.04 30.14
CA LYS H 223 -22.33 14.81 28.98
C LYS H 223 -21.16 15.06 27.97
N GLU H 224 -20.03 15.59 28.43
CA GLU H 224 -18.86 15.83 27.54
C GLU H 224 -18.01 14.61 27.16
N GLN H 225 -18.46 13.40 27.53
CA GLN H 225 -17.80 12.16 27.10
C GLN H 225 -16.27 12.27 27.21
N TRP H 226 -15.76 12.53 28.41
CA TRP H 226 -14.31 12.65 28.62
C TRP H 226 -13.59 11.29 28.60
N LYS H 227 -14.35 10.21 28.74
CA LYS H 227 -13.81 8.87 28.56
C LYS H 227 -13.21 8.68 27.17
N GLU H 228 -13.87 9.22 26.15
CA GLU H 228 -13.34 9.20 24.77
C GLU H 228 -11.87 9.58 24.69
N VAL H 229 -11.46 10.56 25.49
CA VAL H 229 -10.08 11.04 25.52
C VAL H 229 -9.13 9.91 25.88
N HIS H 230 -9.52 9.03 26.79
CA HIS H 230 -8.68 7.90 27.14
C HIS H 230 -8.75 6.77 26.10
N LYS H 231 -9.90 6.64 25.44
CA LYS H 231 -10.04 5.66 24.37
C LYS H 231 -9.06 6.01 23.22
N GLN H 232 -8.98 7.30 22.91
CA GLN H 232 -8.06 7.84 21.91
C GLN H 232 -6.60 7.60 22.30
N VAL H 233 -6.31 7.67 23.60
CA VAL H 233 -4.95 7.40 24.11
C VAL H 233 -4.51 5.96 23.86
N VAL H 234 -5.42 5.03 24.04
CA VAL H 234 -5.16 3.62 23.78
C VAL H 234 -5.05 3.37 22.28
N GLU H 235 -6.01 3.91 21.56
CA GLU H 235 -6.10 3.72 20.13
C GLU H 235 -5.22 4.62 19.25
N SER H 236 -4.45 5.56 19.78
CA SER H 236 -3.75 6.47 18.86
C SER H 236 -2.51 5.83 18.25
N ALA H 237 -1.89 4.90 18.96
CA ALA H 237 -0.76 4.16 18.37
C ALA H 237 -1.25 3.37 17.15
N TYR H 238 -2.31 2.58 17.32
CA TYR H 238 -2.89 1.84 16.22
C TYR H 238 -3.26 2.80 15.07
N GLU H 239 -4.01 3.85 15.37
CA GLU H 239 -4.39 4.86 14.38
C GLU H 239 -3.21 5.51 13.63
N VAL H 240 -2.08 5.66 14.29
CA VAL H 240 -0.91 6.25 13.62
C VAL H 240 -0.28 5.19 12.72
N ILE H 241 -0.28 3.95 13.18
CA ILE H 241 0.24 2.83 12.39
C ILE H 241 -0.65 2.55 11.17
N LYS H 242 -1.94 2.82 11.29
CA LYS H 242 -2.81 2.67 10.12
C LYS H 242 -2.45 3.69 9.04
N LEU H 243 -1.96 4.85 9.42
CA LEU H 243 -1.74 5.91 8.46
C LEU H 243 -0.32 5.98 7.90
N LYS H 244 0.72 5.67 8.67
CA LYS H 244 2.09 5.77 8.15
C LYS H 244 2.90 4.49 8.30
N GLY H 245 2.23 3.45 8.78
CA GLY H 245 2.84 2.13 8.95
C GLY H 245 3.55 1.88 10.27
N TYR H 246 3.63 2.87 11.15
CA TYR H 246 4.45 2.71 12.38
C TYR H 246 4.44 3.97 13.22
N THR H 247 5.04 3.90 14.40
CA THR H 247 5.25 5.10 15.19
C THR H 247 6.75 5.23 15.50
N SER H 248 7.22 6.47 15.55
CA SER H 248 8.63 6.75 15.81
C SER H 248 8.77 8.03 16.62
N TRP H 249 8.34 9.14 16.03
CA TRP H 249 8.64 10.45 16.58
C TRP H 249 8.22 10.61 18.03
N ALA H 250 6.96 10.37 18.33
CA ALA H 250 6.46 10.52 19.71
C ALA H 250 7.23 9.65 20.72
N ILE H 251 7.37 8.37 20.42
CA ILE H 251 8.08 7.46 21.33
C ILE H 251 9.54 7.90 21.51
N GLY H 252 10.25 8.20 20.43
CA GLY H 252 11.60 8.78 20.49
C GLY H 252 11.74 9.99 21.40
N LEU H 253 10.80 10.94 21.32
CA LEU H 253 10.86 12.13 22.19
C LEU H 253 10.72 11.74 23.65
N SER H 254 9.66 11.00 23.99
CA SER H 254 9.41 10.49 25.36
C SER H 254 10.58 9.66 25.93
N VAL H 255 11.19 8.80 25.12
CA VAL H 255 12.34 8.04 25.58
C VAL H 255 13.54 8.97 25.90
N ALA H 256 13.77 9.98 25.07
CA ALA H 256 14.77 11.00 25.36
C ALA H 256 14.46 11.76 26.63
N ASP H 257 13.19 11.92 26.97
CA ASP H 257 12.81 12.62 28.21
C ASP H 257 13.18 11.79 29.42
N LEU H 258 12.96 10.46 29.36
CA LEU H 258 13.35 9.59 30.47
C LEU H 258 14.86 9.61 30.53
N ALA H 259 15.48 9.54 29.36
CA ALA H 259 16.93 9.56 29.23
C ALA H 259 17.50 10.79 29.88
N GLU H 260 16.88 11.95 29.66
CA GLU H 260 17.29 13.22 30.31
C GLU H 260 17.26 13.14 31.84
N SER H 261 16.13 12.73 32.40
CA SER H 261 16.03 12.62 33.86
C SER H 261 17.07 11.66 34.45
N ILE H 262 17.37 10.58 33.74
CA ILE H 262 18.34 9.62 34.23
C ILE H 262 19.77 10.17 34.16
N MET H 263 20.19 10.58 32.97
CA MET H 263 21.53 11.10 32.77
C MET H 263 21.87 12.36 33.58
N LYS H 264 20.88 13.18 33.93
CA LYS H 264 21.16 14.43 34.66
C LYS H 264 20.69 14.38 36.11
N ASN H 265 20.34 13.18 36.57
CA ASN H 265 19.91 12.92 37.93
C ASN H 265 18.89 13.94 38.41
N LEU H 266 17.82 14.11 37.65
CA LEU H 266 16.87 15.21 37.89
C LEU H 266 15.84 14.96 38.98
N ARG H 267 15.49 13.70 39.23
CA ARG H 267 14.42 13.32 40.15
C ARG H 267 13.09 13.95 39.74
N ARG H 268 12.83 13.97 38.45
CA ARG H 268 11.48 14.23 37.95
C ARG H 268 10.64 12.98 38.06
N VAL H 269 9.32 13.18 38.00
CA VAL H 269 8.35 12.10 38.20
C VAL H 269 7.77 11.69 36.87
N HIS H 270 7.96 10.42 36.52
CA HIS H 270 7.48 9.82 35.28
C HIS H 270 6.63 8.55 35.51
N PRO H 271 5.52 8.40 34.75
CA PRO H 271 4.80 7.15 34.80
C PRO H 271 5.56 6.14 33.95
N VAL H 272 6.32 5.27 34.62
CA VAL H 272 7.09 4.21 33.97
C VAL H 272 6.76 2.87 34.62
N SER H 273 7.26 1.77 34.05
CA SER H 273 6.90 0.43 34.52
C SER H 273 7.96 -0.08 35.45
N THR H 274 7.53 -0.51 36.64
CA THR H 274 8.43 -1.07 37.64
C THR H 274 7.72 -2.09 38.53
N MET H 275 8.51 -2.93 39.20
CA MET H 275 8.02 -3.94 40.14
C MET H 275 7.05 -3.25 41.10
N ILE H 276 5.87 -3.84 41.34
CA ILE H 276 4.87 -3.31 42.29
C ILE H 276 4.35 -4.32 43.31
N LYS H 277 5.07 -5.43 43.50
CA LYS H 277 4.77 -6.33 44.63
C LYS H 277 4.63 -5.49 45.92
N GLY H 278 3.52 -5.65 46.64
CA GLY H 278 3.27 -4.93 47.90
C GLY H 278 2.34 -3.72 47.81
N LEU H 279 1.97 -3.31 46.58
CA LEU H 279 1.11 -2.11 46.34
C LEU H 279 -0.25 -2.50 45.72
N TYR H 280 -1.32 -1.93 46.26
CA TYR H 280 -2.70 -2.16 45.80
C TYR H 280 -3.19 -3.61 45.98
N GLY H 281 -2.69 -4.29 47.00
CA GLY H 281 -2.99 -5.72 47.17
C GLY H 281 -2.58 -6.54 45.96
N ILE H 282 -1.35 -6.29 45.46
CA ILE H 282 -0.75 -7.10 44.40
C ILE H 282 0.35 -7.97 45.01
N LYS H 283 0.26 -9.29 44.80
CA LYS H 283 1.20 -10.22 45.40
C LYS H 283 2.25 -10.80 44.43
N ASP H 284 1.91 -10.94 43.15
CA ASP H 284 2.81 -11.59 42.17
C ASP H 284 3.95 -10.65 41.66
N ASP H 285 5.01 -11.24 41.10
CA ASP H 285 6.18 -10.48 40.56
C ASP H 285 5.87 -9.78 39.24
N VAL H 286 5.21 -8.63 39.30
CA VAL H 286 4.67 -7.98 38.11
C VAL H 286 5.15 -6.53 37.97
N PHE H 287 5.22 -6.03 36.73
CA PHE H 287 5.62 -4.66 36.46
C PHE H 287 4.42 -3.87 35.95
N LEU H 288 4.17 -2.70 36.53
CA LEU H 288 3.13 -1.79 36.02
C LEU H 288 3.57 -0.34 36.09
N SER H 289 2.99 0.52 35.25
CA SER H 289 3.29 1.94 35.31
C SER H 289 2.66 2.56 36.56
N VAL H 290 3.42 3.41 37.20
CA VAL H 290 3.02 4.13 38.40
C VAL H 290 4.02 5.30 38.41
N PRO H 291 3.71 6.42 39.09
CA PRO H 291 4.66 7.56 38.99
C PRO H 291 5.92 7.32 39.79
N CYS H 292 7.06 7.32 39.11
CA CYS H 292 8.35 7.01 39.72
C CYS H 292 9.29 8.19 39.61
N ILE H 293 10.29 8.20 40.46
CA ILE H 293 11.22 9.31 40.50
C ILE H 293 12.50 8.86 39.84
N LEU H 294 12.83 9.51 38.73
CA LEU H 294 13.97 9.09 37.91
C LEU H 294 15.26 9.84 38.16
N GLY H 295 16.34 9.11 38.29
CA GLY H 295 17.63 9.70 38.52
C GLY H 295 18.75 8.79 38.06
N GLN H 296 19.96 9.10 38.53
CA GLN H 296 21.17 8.42 38.11
C GLN H 296 21.24 7.00 38.62
N ASN H 297 20.47 6.69 39.66
CA ASN H 297 20.31 5.31 40.13
C ASN H 297 19.05 4.62 39.59
N GLY H 298 18.40 5.19 38.60
CA GLY H 298 17.17 4.60 38.10
C GLY H 298 15.99 5.06 38.92
N ILE H 299 15.14 4.11 39.33
CA ILE H 299 13.92 4.46 40.04
C ILE H 299 14.20 4.46 41.51
N SER H 300 14.41 5.63 42.09
CA SER H 300 14.82 5.71 43.49
C SER H 300 13.63 5.66 44.45
N ASP H 301 12.53 6.28 44.07
CA ASP H 301 11.33 6.29 44.89
C ASP H 301 10.14 6.20 43.96
N LEU H 302 8.95 6.07 44.53
CA LEU H 302 7.71 6.15 43.73
C LEU H 302 6.55 6.78 44.47
N VAL H 303 5.64 7.37 43.72
CA VAL H 303 4.52 8.06 44.32
C VAL H 303 3.46 7.01 44.54
N LYS H 304 2.72 7.14 45.64
CA LYS H 304 1.63 6.23 45.97
C LYS H 304 0.33 6.90 45.61
N VAL H 305 -0.05 6.85 44.35
CA VAL H 305 -1.27 7.52 43.92
C VAL H 305 -2.48 6.86 44.58
N THR H 306 -3.46 7.67 44.97
CA THR H 306 -4.60 7.19 45.75
C THR H 306 -5.77 6.83 44.80
N LEU H 307 -6.04 5.53 44.68
CA LEU H 307 -7.00 5.03 43.72
C LEU H 307 -8.35 4.71 44.34
N THR H 308 -9.38 4.65 43.50
CA THR H 308 -10.71 4.22 43.92
C THR H 308 -10.70 2.70 44.02
N SER H 309 -11.76 2.08 44.52
CA SER H 309 -11.80 0.61 44.51
C SER H 309 -11.77 0.13 43.07
N GLU H 310 -12.62 0.80 42.28
CA GLU H 310 -12.69 0.66 40.82
C GLU H 310 -11.30 0.52 40.18
N GLU H 311 -10.46 1.55 40.36
CA GLU H 311 -9.14 1.64 39.71
C GLU H 311 -8.13 0.63 40.26
N GLU H 312 -8.20 0.38 41.56
CA GLU H 312 -7.36 -0.63 42.22
C GLU H 312 -7.56 -2.01 41.57
N ALA H 313 -8.82 -2.35 41.27
CA ALA H 313 -9.16 -3.66 40.69
C ALA H 313 -8.67 -3.82 39.23
N ARG H 314 -8.66 -2.74 38.43
CA ARG H 314 -8.16 -2.81 37.05
C ARG H 314 -6.69 -3.19 37.09
N LEU H 315 -5.93 -2.42 37.86
CA LEU H 315 -4.53 -2.71 38.15
C LEU H 315 -4.33 -4.11 38.69
N LYS H 316 -5.25 -4.56 39.55
CA LYS H 316 -5.21 -5.93 40.07
C LYS H 316 -5.34 -6.96 38.94
N LYS H 317 -6.37 -6.79 38.11
CA LYS H 317 -6.62 -7.71 37.00
C LYS H 317 -5.54 -7.70 35.92
N SER H 318 -4.91 -6.56 35.68
CA SER H 318 -3.70 -6.52 34.84
C SER H 318 -2.59 -7.38 35.47
N ALA H 319 -2.36 -7.22 36.77
CA ALA H 319 -1.37 -8.01 37.51
C ALA H 319 -1.69 -9.50 37.54
N ASP H 320 -2.99 -9.86 37.58
CA ASP H 320 -3.41 -11.26 37.43
C ASP H 320 -3.13 -11.74 35.99
N THR H 321 -3.63 -11.01 35.01
CA THR H 321 -3.38 -11.32 33.62
C THR H 321 -1.89 -11.53 33.35
N LEU H 322 -1.09 -10.52 33.68
CA LEU H 322 0.35 -10.58 33.38
C LEU H 322 1.02 -11.79 33.98
N TRP H 323 0.79 -12.04 35.27
CA TRP H 323 1.36 -13.23 35.92
C TRP H 323 0.92 -14.54 35.27
N GLY H 324 -0.35 -14.62 34.83
CA GLY H 324 -0.87 -15.78 34.09
C GLY H 324 -0.04 -16.12 32.88
N ILE H 325 0.41 -15.11 32.15
CA ILE H 325 1.30 -15.28 31.00
C ILE H 325 2.74 -15.53 31.46
N GLN H 326 3.28 -14.62 32.27
CA GLN H 326 4.65 -14.73 32.75
C GLN H 326 4.98 -16.15 33.26
N LYS H 327 4.08 -16.71 34.06
CA LYS H 327 4.31 -18.00 34.70
C LYS H 327 4.35 -19.20 33.75
N GLU H 328 4.22 -18.96 32.44
CA GLU H 328 4.31 -20.04 31.44
C GLU H 328 5.64 -20.02 30.66
N LEU H 329 6.50 -19.04 30.91
CA LEU H 329 7.68 -18.80 30.06
C LEU H 329 8.91 -19.69 30.37
N GLN H 330 9.52 -20.22 29.31
CA GLN H 330 10.81 -20.92 29.42
C GLN H 330 11.96 -19.91 29.41
N PHE H 331 12.86 -20.03 30.40
CA PHE H 331 14.08 -19.18 30.52
C PHE H 331 15.38 -20.00 30.37
#